data_1C7N
#
_entry.id   1C7N
#
_cell.length_a   89.470
_cell.length_b   108.440
_cell.length_c   176.090
_cell.angle_alpha   90.00
_cell.angle_beta   90.17
_cell.angle_gamma   90.00
#
_symmetry.space_group_name_H-M   'P 1 21 1'
#
loop_
_entity.id
_entity.type
_entity.pdbx_description
1 polymer CYSTALYSIN
2 non-polymer "PYRIDOXAL-5'-PHOSPHATE"
3 water water
#
_entity_poly.entity_id   1
_entity_poly.type   'polypeptide(L)'
_entity_poly.pdbx_seq_one_letter_code
;MIYDFTTKISRKNLGSLKWDLMYSQNPEVGNEVVPLSVADMEFKNPPELIEGLKKYLDETVLGYTGPTEEYKKTVKKWMK
DRHQWDIQTDWIINTAGVVPAVFNAVREFTKPGDGVIIITPVYYPFFMAIKNQERKIIECELLEKDGYYTIDFQKLEKLS
KDKNNKALLFCSPHNPVGRVWKKDELQKIKDIVLKSDLMLWSDEIHFDLIMPGYEHTVFQSIDEQLADKTITFTAPSKTF
NIAGMGMSNIIIKNPDIRERFTKSRDATSGMPFTTLGYKACEICYKECGKWLDGCIKVIDKNQRIVKDFFEVNHPEIKAP
LIEGTYLQWIDFRALKMDHKAMEEFMIHKAQIFFDEGYIFGDGGIGFERINLAAPSSVIQESLERLNKALKDLKNRHLK
;
_entity_poly.pdbx_strand_id   A,B,C,D,E,F,G,H
#
loop_
_chem_comp.id
_chem_comp.type
_chem_comp.name
_chem_comp.formula
PLP non-polymer PYRIDOXAL-5'-PHOSPHATE 'C8 H10 N O6 P'
#
# COMPACT_ATOMS: atom_id res chain seq x y z
N MET A 1 -2.41 47.59 -79.78
CA MET A 1 -1.26 48.48 -80.10
C MET A 1 -0.67 48.10 -81.47
N ILE A 2 -0.21 49.11 -82.22
CA ILE A 2 0.40 48.84 -83.51
C ILE A 2 1.90 48.97 -83.29
N TYR A 3 2.66 48.00 -83.79
CA TYR A 3 4.11 48.01 -83.59
C TYR A 3 4.90 48.39 -84.85
N ASP A 4 6.08 48.94 -84.64
CA ASP A 4 6.93 49.37 -85.74
C ASP A 4 8.32 48.71 -85.76
N PHE A 5 8.55 47.85 -86.74
CA PHE A 5 9.84 47.18 -86.89
C PHE A 5 10.36 47.49 -88.29
N THR A 6 9.81 48.54 -88.89
CA THR A 6 10.17 48.92 -90.24
C THR A 6 10.86 50.28 -90.40
N THR A 7 10.58 51.22 -89.51
CA THR A 7 11.20 52.54 -89.62
C THR A 7 12.71 52.46 -89.42
N LYS A 8 13.46 53.01 -90.36
CA LYS A 8 14.92 53.02 -90.26
C LYS A 8 15.30 54.20 -89.39
N ILE A 9 15.79 53.92 -88.18
CA ILE A 9 16.17 54.98 -87.25
C ILE A 9 17.67 55.26 -87.30
N SER A 10 18.07 56.39 -86.72
CA SER A 10 19.46 56.78 -86.66
C SER A 10 19.80 57.09 -85.22
N ARG A 11 20.96 56.61 -84.76
CA ARG A 11 21.40 56.86 -83.40
C ARG A 11 22.75 57.56 -83.36
N LYS A 12 23.04 58.29 -84.43
CA LYS A 12 24.29 59.04 -84.55
C LYS A 12 24.28 60.16 -83.51
N ASN A 13 25.43 60.41 -82.90
CA ASN A 13 25.57 61.47 -81.89
C ASN A 13 24.46 61.48 -80.84
N LEU A 14 24.12 60.30 -80.31
CA LEU A 14 23.08 60.17 -79.29
C LEU A 14 23.60 59.40 -78.07
N GLY A 15 24.91 59.19 -78.01
CA GLY A 15 25.48 58.48 -76.88
C GLY A 15 25.44 56.97 -77.01
N SER A 16 25.02 56.48 -78.18
CA SER A 16 24.97 55.04 -78.40
C SER A 16 26.39 54.51 -78.49
N LEU A 17 26.79 53.64 -77.58
CA LEU A 17 28.14 53.10 -77.62
C LEU A 17 28.39 52.36 -78.92
N LYS A 18 27.35 51.69 -79.41
CA LYS A 18 27.43 50.92 -80.64
C LYS A 18 27.70 51.82 -81.85
N TRP A 19 26.95 52.91 -81.95
CA TRP A 19 27.13 53.82 -83.08
C TRP A 19 28.41 54.64 -82.96
N ASP A 20 28.75 55.09 -81.75
CA ASP A 20 29.98 55.87 -81.58
C ASP A 20 31.18 54.98 -81.92
N LEU A 21 31.05 53.69 -81.64
CA LEU A 21 32.13 52.74 -81.92
C LEU A 21 32.35 52.64 -83.43
N MET A 22 31.25 52.63 -84.18
CA MET A 22 31.32 52.54 -85.63
C MET A 22 32.06 53.74 -86.21
N TYR A 23 31.63 54.94 -85.81
CA TYR A 23 32.26 56.16 -86.31
C TYR A 23 33.73 56.23 -85.90
N SER A 24 34.05 55.68 -84.74
CA SER A 24 35.43 55.69 -84.25
C SER A 24 36.28 54.74 -85.09
N GLN A 25 35.69 53.63 -85.51
CA GLN A 25 36.39 52.65 -86.32
C GLN A 25 36.55 53.11 -87.76
N ASN A 26 35.55 53.81 -88.28
CA ASN A 26 35.60 54.28 -89.65
C ASN A 26 34.94 55.65 -89.75
N PRO A 27 35.73 56.72 -89.53
CA PRO A 27 35.21 58.10 -89.60
C PRO A 27 34.57 58.44 -90.95
N GLU A 28 34.92 57.68 -91.98
CA GLU A 28 34.39 57.91 -93.33
C GLU A 28 33.10 57.14 -93.63
N VAL A 29 32.58 56.40 -92.64
CA VAL A 29 31.38 55.62 -92.84
C VAL A 29 30.24 56.48 -93.39
N GLY A 30 29.51 55.95 -94.37
CA GLY A 30 28.40 56.68 -94.96
C GLY A 30 27.29 56.97 -93.98
N ASN A 31 26.47 57.97 -94.27
CA ASN A 31 25.36 58.34 -93.39
C ASN A 31 24.22 57.32 -93.42
N GLU A 32 24.17 56.51 -94.46
CA GLU A 32 23.12 55.50 -94.61
C GLU A 32 23.44 54.20 -93.88
N VAL A 33 24.68 54.08 -93.40
CA VAL A 33 25.12 52.87 -92.72
C VAL A 33 24.59 52.71 -91.30
N VAL A 34 24.23 51.47 -90.96
CA VAL A 34 23.73 51.12 -89.63
C VAL A 34 24.59 49.97 -89.12
N PRO A 35 25.17 50.11 -87.92
CA PRO A 35 26.01 49.04 -87.36
C PRO A 35 25.20 47.81 -86.96
N LEU A 36 25.75 46.62 -87.17
CA LEU A 36 25.06 45.37 -86.82
C LEU A 36 25.97 44.59 -85.87
N SER A 37 26.56 45.33 -84.93
CA SER A 37 27.49 44.77 -83.97
C SER A 37 26.96 44.50 -82.56
N VAL A 38 27.18 45.48 -81.67
CA VAL A 38 26.75 45.41 -80.28
C VAL A 38 25.30 44.97 -80.12
N ALA A 39 25.05 44.10 -79.15
CA ALA A 39 23.74 43.56 -78.91
C ALA A 39 22.65 44.41 -78.24
N ASP A 40 22.18 45.42 -78.95
CA ASP A 40 21.04 46.23 -78.51
C ASP A 40 20.30 46.45 -79.83
N MET A 41 18.99 46.61 -79.78
CA MET A 41 18.18 46.73 -81.01
C MET A 41 18.07 48.06 -81.75
N GLU A 42 17.90 47.94 -83.06
CA GLU A 42 17.73 49.10 -83.92
C GLU A 42 16.23 49.30 -84.16
N PHE A 43 15.47 49.09 -83.09
CA PHE A 43 14.01 49.24 -83.10
C PHE A 43 13.66 50.18 -81.95
N LYS A 44 12.58 50.94 -82.09
CA LYS A 44 12.19 51.78 -80.98
C LYS A 44 11.67 50.76 -79.94
N ASN A 45 11.70 51.13 -78.67
CA ASN A 45 11.23 50.24 -77.62
C ASN A 45 9.72 50.01 -77.73
N PRO A 46 9.18 48.99 -77.03
CA PRO A 46 7.75 48.73 -77.10
C PRO A 46 6.94 49.98 -76.73
N PRO A 47 5.89 50.29 -77.51
CA PRO A 47 5.06 51.47 -77.22
C PRO A 47 4.51 51.46 -75.80
N GLU A 48 4.07 50.29 -75.32
CA GLU A 48 3.53 50.16 -73.98
C GLU A 48 4.56 50.60 -72.94
N LEU A 49 5.81 50.22 -73.14
CA LEU A 49 6.87 50.59 -72.21
C LEU A 49 7.05 52.10 -72.19
N ILE A 50 7.19 52.71 -73.36
CA ILE A 50 7.37 54.15 -73.45
C ILE A 50 6.18 54.88 -72.82
N GLU A 51 4.97 54.50 -73.22
CA GLU A 51 3.78 55.14 -72.66
C GLU A 51 3.69 54.85 -71.16
N GLY A 52 4.10 53.64 -70.78
CA GLY A 52 4.07 53.26 -69.37
C GLY A 52 5.06 54.06 -68.54
N LEU A 53 6.26 54.30 -69.08
CA LEU A 53 7.27 55.07 -68.35
C LEU A 53 6.84 56.53 -68.22
N LYS A 54 6.24 57.07 -69.27
CA LYS A 54 5.76 58.44 -69.24
C LYS A 54 4.64 58.59 -68.20
N LYS A 55 3.76 57.61 -68.15
CA LYS A 55 2.66 57.63 -67.18
C LYS A 55 3.25 57.61 -65.77
N TYR A 56 4.25 56.76 -65.57
CA TYR A 56 4.90 56.63 -64.27
C TYR A 56 5.61 57.92 -63.86
N LEU A 57 6.26 58.57 -64.83
CA LEU A 57 6.97 59.82 -64.54
C LEU A 57 6.02 60.88 -64.01
N ASP A 58 4.75 60.81 -64.42
CA ASP A 58 3.76 61.77 -63.97
C ASP A 58 3.23 61.47 -62.56
N GLU A 59 3.46 60.26 -62.08
CA GLU A 59 2.97 59.84 -60.76
C GLU A 59 4.01 59.77 -59.65
N THR A 60 5.15 59.18 -59.97
CA THR A 60 6.22 58.93 -59.00
C THR A 60 7.20 60.04 -58.60
N VAL A 61 7.98 59.72 -57.57
CA VAL A 61 9.02 60.58 -57.03
C VAL A 61 10.29 59.78 -57.31
N LEU A 62 11.28 60.39 -57.96
CA LEU A 62 12.49 59.66 -58.32
C LEU A 62 13.52 59.52 -57.19
N GLY A 63 13.06 59.14 -56.01
CA GLY A 63 13.95 58.99 -54.87
C GLY A 63 14.57 57.61 -54.70
N TYR A 64 15.04 57.31 -53.49
CA TYR A 64 15.64 56.01 -53.21
C TYR A 64 14.56 54.96 -53.37
N THR A 65 14.75 54.10 -54.36
CA THR A 65 13.77 53.09 -54.71
C THR A 65 14.24 51.65 -54.67
N GLY A 66 13.33 50.76 -54.29
CA GLY A 66 13.60 49.35 -54.23
C GLY A 66 12.46 48.61 -54.89
N PRO A 67 12.56 47.28 -55.05
CA PRO A 67 11.51 46.47 -55.68
C PRO A 67 10.29 46.30 -54.79
N THR A 68 9.10 46.42 -55.37
CA THR A 68 7.86 46.24 -54.61
C THR A 68 7.55 44.74 -54.62
N GLU A 69 6.66 44.31 -53.74
CA GLU A 69 6.29 42.90 -53.71
C GLU A 69 5.64 42.57 -55.05
N GLU A 70 4.90 43.54 -55.59
CA GLU A 70 4.24 43.35 -56.88
C GLU A 70 5.29 43.12 -57.96
N TYR A 71 6.42 43.84 -57.86
CA TYR A 71 7.50 43.69 -58.83
C TYR A 71 8.02 42.27 -58.78
N LYS A 72 8.29 41.79 -57.57
CA LYS A 72 8.79 40.43 -57.39
C LYS A 72 7.77 39.42 -57.88
N LYS A 73 6.50 39.66 -57.60
CA LYS A 73 5.46 38.75 -58.04
C LYS A 73 5.43 38.67 -59.56
N THR A 74 5.63 39.83 -60.20
CA THR A 74 5.61 39.91 -61.66
C THR A 74 6.78 39.13 -62.29
N VAL A 75 7.94 39.17 -61.65
CA VAL A 75 9.09 38.45 -62.16
C VAL A 75 8.87 36.95 -61.95
N LYS A 76 8.34 36.60 -60.79
CA LYS A 76 8.04 35.21 -60.45
C LYS A 76 6.99 34.68 -61.44
N LYS A 77 6.00 35.50 -61.74
CA LYS A 77 4.95 35.11 -62.67
C LYS A 77 5.51 34.90 -64.08
N TRP A 78 6.45 35.75 -64.49
CA TRP A 78 7.05 35.61 -65.81
C TRP A 78 7.80 34.28 -65.91
N MET A 79 8.55 33.93 -64.88
CA MET A 79 9.29 32.67 -64.90
C MET A 79 8.34 31.48 -65.01
N LYS A 80 7.19 31.57 -64.34
CA LYS A 80 6.22 30.49 -64.36
C LYS A 80 5.55 30.33 -65.71
N ASP A 81 4.85 31.38 -66.15
CA ASP A 81 4.15 31.36 -67.42
C ASP A 81 5.03 31.15 -68.64
N ARG A 82 6.19 31.80 -68.67
CA ARG A 82 7.10 31.72 -69.80
C ARG A 82 8.10 30.56 -69.79
N HIS A 83 8.49 30.09 -68.61
CA HIS A 83 9.46 29.03 -68.54
C HIS A 83 9.17 27.82 -67.64
N GLN A 84 7.91 27.66 -67.21
CA GLN A 84 7.56 26.53 -66.34
C GLN A 84 8.56 26.46 -65.21
N TRP A 85 8.96 27.62 -64.71
CA TRP A 85 9.96 27.70 -63.65
C TRP A 85 9.35 28.26 -62.38
N ASP A 86 9.37 27.44 -61.32
CA ASP A 86 8.81 27.82 -60.04
C ASP A 86 9.85 28.42 -59.09
N ILE A 87 9.84 29.74 -58.93
CA ILE A 87 10.78 30.39 -58.03
C ILE A 87 9.98 31.11 -56.95
N GLN A 88 10.68 31.62 -55.95
CA GLN A 88 9.99 32.36 -54.89
C GLN A 88 10.44 33.81 -54.95
N THR A 89 9.66 34.70 -54.38
CA THR A 89 9.99 36.12 -54.39
C THR A 89 11.31 36.48 -53.74
N ASP A 90 11.63 35.82 -52.63
CA ASP A 90 12.87 36.13 -51.93
C ASP A 90 14.12 35.52 -52.56
N TRP A 91 13.96 34.88 -53.71
CA TRP A 91 15.09 34.29 -54.44
C TRP A 91 15.71 35.32 -55.38
N ILE A 92 14.97 36.40 -55.64
CA ILE A 92 15.40 37.45 -56.56
C ILE A 92 16.32 38.53 -55.98
N ILE A 93 17.54 38.61 -56.52
CA ILE A 93 18.50 39.63 -56.09
C ILE A 93 18.76 40.52 -57.31
N ASN A 94 18.71 41.83 -57.11
CA ASN A 94 18.90 42.77 -58.22
C ASN A 94 20.30 43.37 -58.36
N THR A 95 20.71 43.56 -59.62
CA THR A 95 22.00 44.17 -59.93
C THR A 95 21.77 45.02 -61.16
N ALA A 96 22.64 46.00 -61.38
CA ALA A 96 22.52 46.88 -62.54
C ALA A 96 23.26 46.21 -63.69
N GLY A 97 22.67 45.16 -64.24
CA GLY A 97 23.30 44.48 -65.35
C GLY A 97 23.82 43.10 -64.98
N VAL A 98 23.85 42.22 -65.96
CA VAL A 98 24.32 40.85 -65.76
C VAL A 98 25.83 40.77 -65.61
N VAL A 99 26.58 41.53 -66.40
CA VAL A 99 28.04 41.48 -66.31
C VAL A 99 28.50 41.79 -64.89
N PRO A 100 27.99 42.89 -64.29
CA PRO A 100 28.43 43.19 -62.92
C PRO A 100 28.08 42.03 -61.97
N ALA A 101 26.96 41.37 -62.24
CA ALA A 101 26.53 40.25 -61.40
C ALA A 101 27.52 39.10 -61.56
N VAL A 102 28.00 38.89 -62.79
CA VAL A 102 28.96 37.82 -63.04
C VAL A 102 30.29 38.15 -62.34
N PHE A 103 30.75 39.39 -62.48
CA PHE A 103 31.98 39.81 -61.83
C PHE A 103 31.86 39.57 -60.34
N ASN A 104 30.68 39.87 -59.79
CA ASN A 104 30.42 39.70 -58.37
C ASN A 104 30.45 38.22 -58.00
N ALA A 105 29.96 37.36 -58.88
CA ALA A 105 29.96 35.92 -58.61
C ALA A 105 31.39 35.42 -58.45
N VAL A 106 32.26 35.81 -59.39
CA VAL A 106 33.66 35.40 -59.34
C VAL A 106 34.32 35.95 -58.08
N ARG A 107 34.07 37.23 -57.83
CA ARG A 107 34.65 37.90 -56.68
C ARG A 107 34.34 37.19 -55.36
N GLU A 108 33.07 36.84 -55.17
CA GLU A 108 32.62 36.19 -53.93
C GLU A 108 32.86 34.71 -53.76
N PHE A 109 32.61 33.91 -54.80
CA PHE A 109 32.76 32.47 -54.65
C PHE A 109 34.06 31.80 -55.13
N THR A 110 35.06 32.61 -55.45
CA THR A 110 36.36 32.08 -55.85
C THR A 110 37.44 33.02 -55.31
N LYS A 111 38.69 32.56 -55.36
CA LYS A 111 39.81 33.36 -54.90
C LYS A 111 40.84 33.40 -56.02
N PRO A 112 41.75 34.38 -55.99
CA PRO A 112 42.75 34.43 -57.06
C PRO A 112 43.41 33.07 -57.22
N GLY A 113 43.64 32.67 -58.47
CA GLY A 113 44.25 31.38 -58.71
C GLY A 113 43.23 30.30 -59.00
N ASP A 114 42.01 30.47 -58.48
CA ASP A 114 40.95 29.49 -58.71
C ASP A 114 40.56 29.48 -60.19
N GLY A 115 40.11 28.33 -60.66
CA GLY A 115 39.71 28.21 -62.05
C GLY A 115 38.20 28.30 -62.20
N VAL A 116 37.77 28.86 -63.33
CA VAL A 116 36.35 28.99 -63.66
C VAL A 116 36.19 28.44 -65.08
N ILE A 117 35.28 27.48 -65.24
CA ILE A 117 35.06 26.86 -66.53
C ILE A 117 34.00 27.56 -67.38
N ILE A 118 34.37 27.83 -68.63
CA ILE A 118 33.48 28.45 -69.60
C ILE A 118 33.54 27.65 -70.90
N ILE A 119 32.44 27.62 -71.62
CA ILE A 119 32.36 26.90 -72.89
C ILE A 119 32.56 27.94 -73.99
N THR A 120 33.64 27.77 -74.74
CA THR A 120 34.03 28.71 -75.80
C THR A 120 33.89 28.19 -77.24
N PRO A 121 33.84 29.12 -78.22
CA PRO A 121 33.91 30.57 -78.05
C PRO A 121 32.66 31.06 -77.35
N VAL A 122 32.69 32.27 -76.79
CA VAL A 122 31.53 32.78 -76.07
C VAL A 122 31.62 34.27 -75.74
N TYR A 123 30.46 34.85 -75.43
CA TYR A 123 30.31 36.26 -75.04
C TYR A 123 31.58 36.68 -74.30
N TYR A 124 32.38 37.56 -74.90
CA TYR A 124 33.66 37.99 -74.35
C TYR A 124 33.76 38.50 -72.91
N PRO A 125 32.73 39.20 -72.39
CA PRO A 125 32.86 39.67 -71.00
C PRO A 125 33.09 38.52 -70.01
N PHE A 126 32.79 37.30 -70.41
CA PHE A 126 33.01 36.15 -69.55
C PHE A 126 34.50 36.03 -69.25
N PHE A 127 35.31 36.15 -70.30
CA PHE A 127 36.76 36.07 -70.15
C PHE A 127 37.25 37.14 -69.19
N MET A 128 36.76 38.35 -69.40
CA MET A 128 37.13 39.50 -68.59
C MET A 128 36.80 39.32 -67.11
N ALA A 129 35.57 38.89 -66.82
CA ALA A 129 35.13 38.70 -65.45
C ALA A 129 36.06 37.78 -64.66
N ILE A 130 36.68 36.84 -65.38
CA ILE A 130 37.56 35.88 -64.76
C ILE A 130 39.01 36.36 -64.59
N LYS A 131 39.73 36.53 -65.70
CA LYS A 131 41.13 36.93 -65.60
C LYS A 131 41.38 38.34 -65.06
N ASN A 132 40.46 39.26 -65.31
CA ASN A 132 40.63 40.62 -64.81
C ASN A 132 40.64 40.64 -63.28
N GLN A 133 40.13 39.58 -62.67
CA GLN A 133 40.11 39.48 -61.22
C GLN A 133 41.14 38.42 -60.79
N GLU A 134 42.05 38.14 -61.72
CA GLU A 134 43.13 37.18 -61.52
C GLU A 134 42.74 35.74 -61.19
N ARG A 135 41.63 35.28 -61.77
CA ARG A 135 41.21 33.91 -61.59
C ARG A 135 41.69 33.23 -62.87
N LYS A 136 41.60 31.90 -62.95
CA LYS A 136 42.08 31.23 -64.16
C LYS A 136 40.94 30.82 -65.10
N ILE A 137 41.03 31.25 -66.36
CA ILE A 137 40.02 30.90 -67.35
C ILE A 137 40.25 29.47 -67.82
N ILE A 138 39.30 28.59 -67.55
CA ILE A 138 39.41 27.19 -67.95
C ILE A 138 38.46 26.98 -69.13
N GLU A 139 39.03 26.83 -70.32
CA GLU A 139 38.24 26.66 -71.54
C GLU A 139 37.86 25.24 -71.91
N CYS A 140 36.57 25.06 -72.20
CA CYS A 140 36.05 23.77 -72.62
C CYS A 140 35.44 24.06 -74.00
N GLU A 141 36.31 24.18 -74.99
CA GLU A 141 35.92 24.50 -76.37
C GLU A 141 34.78 23.67 -76.93
N LEU A 142 33.88 24.35 -77.64
CA LEU A 142 32.74 23.70 -78.27
C LEU A 142 33.21 22.90 -79.48
N LEU A 143 32.53 21.79 -79.75
CA LEU A 143 32.86 20.97 -80.90
C LEU A 143 32.00 21.50 -82.03
N GLU A 144 32.58 21.63 -83.22
CA GLU A 144 31.82 22.16 -84.35
C GLU A 144 31.89 21.26 -85.57
N LYS A 145 30.73 21.00 -86.16
CA LYS A 145 30.62 20.16 -87.35
C LYS A 145 29.63 20.80 -88.30
N ASP A 146 30.13 21.28 -89.44
CA ASP A 146 29.31 21.92 -90.46
C ASP A 146 28.41 23.00 -89.86
N GLY A 147 28.98 23.83 -88.98
CA GLY A 147 28.23 24.89 -88.37
C GLY A 147 27.45 24.56 -87.11
N TYR A 148 27.28 23.27 -86.79
CA TYR A 148 26.54 22.92 -85.58
C TYR A 148 27.47 22.74 -84.38
N TYR A 149 27.16 23.45 -83.31
CA TYR A 149 27.96 23.41 -82.09
C TYR A 149 27.41 22.51 -80.99
N THR A 150 28.28 21.69 -80.41
CA THR A 150 27.90 20.78 -79.34
C THR A 150 28.94 20.78 -78.21
N ILE A 151 28.54 20.28 -77.05
CA ILE A 151 29.39 20.23 -75.86
C ILE A 151 30.39 19.06 -75.86
N ASP A 152 31.62 19.33 -75.44
CA ASP A 152 32.63 18.28 -75.35
C ASP A 152 32.50 17.73 -73.93
N PHE A 153 31.59 16.77 -73.75
CA PHE A 153 31.35 16.21 -72.42
C PHE A 153 32.53 15.49 -71.77
N GLN A 154 33.31 14.75 -72.55
CA GLN A 154 34.45 14.05 -72.00
C GLN A 154 35.42 15.05 -71.37
N LYS A 155 35.73 16.11 -72.12
CA LYS A 155 36.64 17.14 -71.62
C LYS A 155 36.01 17.88 -70.43
N LEU A 156 34.72 18.17 -70.52
CA LEU A 156 34.04 18.88 -69.44
C LEU A 156 34.07 18.08 -68.14
N GLU A 157 33.83 16.78 -68.23
CA GLU A 157 33.84 15.94 -67.02
C GLU A 157 35.25 15.92 -66.44
N LYS A 158 36.25 15.91 -67.32
CA LYS A 158 37.64 15.91 -66.89
C LYS A 158 37.93 17.17 -66.09
N LEU A 159 37.55 18.31 -66.64
CA LEU A 159 37.78 19.59 -65.98
C LEU A 159 37.05 19.73 -64.64
N SER A 160 35.86 19.16 -64.55
CA SER A 160 35.07 19.24 -63.32
C SER A 160 35.75 18.48 -62.19
N LYS A 161 36.60 17.52 -62.53
CA LYS A 161 37.29 16.73 -61.54
C LYS A 161 38.48 17.47 -60.94
N ASP A 162 38.89 18.57 -61.59
CA ASP A 162 40.00 19.38 -61.11
C ASP A 162 39.51 20.25 -59.96
N LYS A 163 39.91 19.87 -58.75
CA LYS A 163 39.55 20.56 -57.52
C LYS A 163 39.73 22.08 -57.52
N ASN A 164 40.73 22.56 -58.26
CA ASN A 164 40.98 24.00 -58.31
C ASN A 164 39.87 24.75 -59.04
N ASN A 165 39.14 24.05 -59.90
CA ASN A 165 38.04 24.66 -60.63
C ASN A 165 36.87 24.74 -59.68
N LYS A 166 36.35 25.96 -59.48
CA LYS A 166 35.27 26.18 -58.54
C LYS A 166 33.87 26.32 -59.13
N ALA A 167 33.76 26.59 -60.42
CA ALA A 167 32.45 26.75 -61.01
C ALA A 167 32.43 26.68 -62.53
N LEU A 168 31.21 26.50 -63.06
CA LEU A 168 30.97 26.44 -64.48
C LEU A 168 30.13 27.66 -64.87
N LEU A 169 30.71 28.55 -65.65
CA LEU A 169 30.01 29.75 -66.12
C LEU A 169 29.37 29.35 -67.44
N PHE A 170 28.05 29.17 -67.42
CA PHE A 170 27.30 28.72 -68.57
C PHE A 170 26.45 29.79 -69.27
N CYS A 171 26.40 29.74 -70.59
CA CYS A 171 25.61 30.71 -71.37
C CYS A 171 24.49 29.93 -72.06
N SER A 172 23.23 30.28 -71.75
CA SER A 172 22.09 29.57 -72.33
C SER A 172 20.83 30.43 -72.45
N PRO A 173 20.41 30.75 -73.69
CA PRO A 173 21.01 30.40 -74.99
C PRO A 173 22.47 30.86 -75.03
N HIS A 174 23.27 30.19 -75.86
CA HIS A 174 24.68 30.48 -75.99
C HIS A 174 25.06 31.51 -77.06
N ASN A 175 25.52 32.68 -76.60
CA ASN A 175 25.96 33.78 -77.45
C ASN A 175 27.43 33.42 -77.68
N PRO A 176 27.93 33.53 -78.92
CA PRO A 176 27.34 33.95 -80.21
C PRO A 176 26.88 32.89 -81.21
N VAL A 177 26.91 31.61 -80.86
CA VAL A 177 26.51 30.57 -81.81
C VAL A 177 25.01 30.34 -81.93
N GLY A 178 24.23 30.98 -81.06
CA GLY A 178 22.79 30.82 -81.10
C GLY A 178 22.21 29.48 -80.67
N ARG A 179 22.96 28.70 -79.92
CA ARG A 179 22.47 27.40 -79.44
C ARG A 179 21.50 27.51 -78.27
N VAL A 180 20.43 26.74 -78.34
CA VAL A 180 19.44 26.64 -77.27
C VAL A 180 19.62 25.20 -76.85
N TRP A 181 20.24 24.99 -75.69
CA TRP A 181 20.55 23.65 -75.20
C TRP A 181 19.40 22.69 -75.01
N LYS A 182 19.57 21.49 -75.58
CA LYS A 182 18.54 20.46 -75.47
C LYS A 182 18.51 19.86 -74.07
N LYS A 183 17.37 19.28 -73.71
CA LYS A 183 17.21 18.68 -72.39
C LYS A 183 18.23 17.58 -72.08
N ASP A 184 18.58 16.78 -73.09
CA ASP A 184 19.55 15.71 -72.87
C ASP A 184 20.94 16.26 -72.59
N GLU A 185 21.27 17.36 -73.27
CA GLU A 185 22.56 18.01 -73.09
C GLU A 185 22.65 18.58 -71.68
N LEU A 186 21.58 19.24 -71.24
CA LEU A 186 21.53 19.81 -69.90
C LEU A 186 21.60 18.74 -68.82
N GLN A 187 21.06 17.56 -69.11
CA GLN A 187 21.08 16.45 -68.16
C GLN A 187 22.52 15.97 -67.95
N LYS A 188 23.24 15.79 -69.05
CA LYS A 188 24.63 15.35 -68.99
C LYS A 188 25.48 16.34 -68.20
N ILE A 189 25.24 17.62 -68.41
CA ILE A 189 26.00 18.65 -67.70
C ILE A 189 25.59 18.63 -66.22
N LYS A 190 24.31 18.45 -65.97
CA LYS A 190 23.81 18.41 -64.59
C LYS A 190 24.50 17.30 -63.81
N ASP A 191 24.62 16.13 -64.43
CA ASP A 191 25.26 14.99 -63.77
C ASP A 191 26.72 15.29 -63.45
N ILE A 192 27.43 15.88 -64.41
CA ILE A 192 28.83 16.24 -64.22
C ILE A 192 28.96 17.25 -63.07
N VAL A 193 28.05 18.20 -63.02
CA VAL A 193 28.08 19.22 -61.97
C VAL A 193 27.80 18.66 -60.58
N LEU A 194 26.72 17.89 -60.44
CA LEU A 194 26.36 17.31 -59.15
C LEU A 194 27.38 16.30 -58.66
N LYS A 195 28.14 15.74 -59.61
CA LYS A 195 29.18 14.75 -59.34
C LYS A 195 30.45 15.41 -58.77
N SER A 196 30.61 16.69 -59.01
CA SER A 196 31.78 17.43 -58.54
C SER A 196 31.37 18.51 -57.55
N ASP A 197 32.32 19.36 -57.18
CA ASP A 197 32.04 20.44 -56.24
C ASP A 197 31.87 21.76 -56.98
N LEU A 198 31.59 21.66 -58.28
CA LEU A 198 31.39 22.84 -59.10
C LEU A 198 30.07 23.53 -58.80
N MET A 199 30.10 24.85 -58.82
CA MET A 199 28.92 25.65 -58.60
C MET A 199 28.41 25.90 -60.01
N LEU A 200 27.16 26.29 -60.17
CA LEU A 200 26.65 26.56 -61.51
C LEU A 200 26.18 28.01 -61.65
N TRP A 201 26.81 28.74 -62.56
CA TRP A 201 26.44 30.14 -62.82
C TRP A 201 25.89 30.14 -64.25
N SER A 202 24.57 30.11 -64.37
CA SER A 202 23.91 30.07 -65.67
C SER A 202 23.36 31.42 -66.15
N ASP A 203 23.98 31.93 -67.21
CA ASP A 203 23.57 33.21 -67.80
C ASP A 203 22.52 32.91 -68.87
N GLU A 204 21.27 33.22 -68.56
CA GLU A 204 20.18 32.96 -69.48
C GLU A 204 19.47 34.27 -69.86
N ILE A 205 20.25 35.32 -70.06
CA ILE A 205 19.67 36.60 -70.40
C ILE A 205 18.91 36.56 -71.73
N HIS A 206 19.31 35.66 -72.62
CA HIS A 206 18.64 35.52 -73.91
C HIS A 206 17.51 34.50 -73.89
N PHE A 207 17.08 34.06 -72.70
CA PHE A 207 16.06 33.00 -72.71
C PHE A 207 14.66 33.33 -73.24
N ASP A 208 14.37 34.59 -73.55
CA ASP A 208 13.05 34.94 -74.10
C ASP A 208 13.15 35.09 -75.61
N LEU A 209 14.37 35.09 -76.14
CA LEU A 209 14.60 35.26 -77.57
C LEU A 209 14.92 33.92 -78.24
N ILE A 210 13.88 33.10 -78.36
CA ILE A 210 14.00 31.77 -78.96
C ILE A 210 13.31 31.75 -80.32
N MET A 211 13.95 31.14 -81.31
CA MET A 211 13.36 31.06 -82.64
C MET A 211 12.28 29.98 -82.64
N PRO A 212 11.29 30.10 -83.55
CA PRO A 212 10.20 29.13 -83.65
C PRO A 212 10.68 27.69 -83.72
N GLY A 213 10.01 26.81 -82.97
CA GLY A 213 10.39 25.41 -82.96
C GLY A 213 11.25 24.98 -81.80
N TYR A 214 12.11 25.89 -81.33
CA TYR A 214 13.00 25.55 -80.22
C TYR A 214 12.38 25.87 -78.87
N GLU A 215 12.86 25.19 -77.85
CA GLU A 215 12.35 25.34 -76.48
C GLU A 215 13.48 25.53 -75.49
N HIS A 216 13.44 26.62 -74.73
CA HIS A 216 14.47 26.87 -73.71
C HIS A 216 14.08 26.18 -72.41
N THR A 217 15.09 25.62 -71.75
CA THR A 217 14.89 24.95 -70.47
C THR A 217 15.76 25.66 -69.43
N VAL A 218 15.13 26.27 -68.43
CA VAL A 218 15.89 26.95 -67.38
C VAL A 218 16.68 25.83 -66.71
N PHE A 219 18.00 25.92 -66.77
CA PHE A 219 18.88 24.91 -66.21
C PHE A 219 18.55 24.43 -64.80
N GLN A 220 18.43 25.36 -63.85
CA GLN A 220 18.15 24.97 -62.47
C GLN A 220 16.73 24.47 -62.22
N SER A 221 15.91 24.45 -63.25
CA SER A 221 14.53 23.99 -63.10
C SER A 221 14.39 22.48 -63.28
N ILE A 222 15.46 21.83 -63.72
CA ILE A 222 15.41 20.39 -63.94
C ILE A 222 15.82 19.53 -62.74
N ASP A 223 16.30 20.16 -61.68
CA ASP A 223 16.74 19.43 -60.49
C ASP A 223 16.88 20.38 -59.31
N GLU A 224 16.24 20.06 -58.19
CA GLU A 224 16.30 20.92 -57.01
C GLU A 224 17.67 20.94 -56.34
N GLN A 225 18.38 19.81 -56.38
CA GLN A 225 19.70 19.76 -55.78
C GLN A 225 20.68 20.59 -56.60
N LEU A 226 20.46 20.62 -57.92
CA LEU A 226 21.31 21.42 -58.79
C LEU A 226 21.00 22.88 -58.45
N ALA A 227 19.71 23.19 -58.34
CA ALA A 227 19.26 24.54 -58.01
C ALA A 227 19.85 25.01 -56.67
N ASP A 228 20.13 24.07 -55.79
CA ASP A 228 20.71 24.36 -54.48
C ASP A 228 22.09 25.02 -54.58
N LYS A 229 22.79 24.80 -55.69
CA LYS A 229 24.09 25.42 -55.86
C LYS A 229 24.24 26.14 -57.19
N THR A 230 23.13 26.70 -57.68
CA THR A 230 23.12 27.43 -58.94
C THR A 230 22.76 28.91 -58.75
N ILE A 231 23.36 29.75 -59.57
CA ILE A 231 23.08 31.18 -59.60
C ILE A 231 22.65 31.40 -61.04
N THR A 232 21.41 31.82 -61.24
CA THR A 232 20.91 32.04 -62.60
C THR A 232 20.72 33.53 -62.87
N PHE A 233 21.39 34.01 -63.91
CA PHE A 233 21.30 35.43 -64.29
C PHE A 233 20.23 35.67 -65.34
N THR A 234 19.27 36.52 -65.03
CA THR A 234 18.21 36.84 -66.00
C THR A 234 17.99 38.35 -65.97
N ALA A 235 17.32 38.84 -66.99
CA ALA A 235 17.03 40.26 -67.09
C ALA A 235 16.12 40.49 -68.29
N PRO A 236 15.39 41.62 -68.29
CA PRO A 236 14.50 41.94 -69.41
C PRO A 236 15.20 42.77 -70.49
N SER A 237 16.45 43.18 -70.22
CA SER A 237 17.22 44.03 -71.14
C SER A 237 17.42 43.55 -72.58
N LYS A 238 17.88 42.33 -72.79
CA LYS A 238 18.06 41.85 -74.15
C LYS A 238 16.70 41.65 -74.81
N THR A 239 15.76 41.09 -74.06
CA THR A 239 14.42 40.82 -74.57
C THR A 239 13.68 42.06 -75.08
N PHE A 240 13.70 43.15 -74.31
CA PHE A 240 12.97 44.36 -74.69
C PHE A 240 13.83 45.57 -75.07
N ASN A 241 15.10 45.33 -75.36
CA ASN A 241 16.03 46.38 -75.77
C ASN A 241 16.15 47.51 -74.74
N ILE A 242 16.33 47.13 -73.47
CA ILE A 242 16.49 48.13 -72.41
C ILE A 242 17.77 47.96 -71.58
N ALA A 243 18.87 47.75 -72.29
CA ALA A 243 20.17 47.61 -71.63
C ALA A 243 20.48 48.92 -70.93
N GLY A 244 19.88 50.01 -71.43
CA GLY A 244 20.09 51.33 -70.85
C GLY A 244 19.18 51.65 -69.67
N MET A 245 18.46 50.63 -69.20
CA MET A 245 17.55 50.77 -68.07
C MET A 245 18.15 50.08 -66.85
N GLY A 246 19.32 49.48 -67.05
CA GLY A 246 20.05 48.80 -65.99
C GLY A 246 19.30 48.14 -64.84
N MET A 247 18.74 46.97 -65.09
CA MET A 247 18.03 46.23 -64.04
C MET A 247 18.04 44.74 -64.36
N SER A 248 18.62 43.96 -63.45
CA SER A 248 18.71 42.52 -63.64
C SER A 248 18.06 41.74 -62.49
N ASN A 249 17.60 40.54 -62.80
CA ASN A 249 16.98 39.69 -61.80
C ASN A 249 17.80 38.42 -61.64
N ILE A 250 18.72 38.45 -60.69
CA ILE A 250 19.60 37.31 -60.43
C ILE A 250 18.85 36.40 -59.46
N ILE A 251 18.60 35.16 -59.89
CA ILE A 251 17.87 34.22 -59.07
C ILE A 251 18.78 33.25 -58.32
N ILE A 252 18.66 33.24 -57.00
CA ILE A 252 19.47 32.38 -56.14
C ILE A 252 18.61 31.74 -55.07
N LYS A 253 18.36 30.44 -55.22
CA LYS A 253 17.54 29.68 -54.26
C LYS A 253 18.16 29.50 -52.88
N ASN A 254 19.44 29.11 -52.83
CA ASN A 254 20.11 28.89 -51.56
C ASN A 254 20.34 30.16 -50.75
N PRO A 255 19.80 30.22 -49.53
CA PRO A 255 19.93 31.38 -48.64
C PRO A 255 21.38 31.75 -48.35
N ASP A 256 22.23 30.75 -48.19
CA ASP A 256 23.64 30.99 -47.90
C ASP A 256 24.33 31.63 -49.10
N ILE A 257 24.13 31.05 -50.28
CA ILE A 257 24.73 31.60 -51.50
C ILE A 257 24.12 32.97 -51.80
N ARG A 258 22.81 33.08 -51.66
CA ARG A 258 22.12 34.33 -51.91
C ARG A 258 22.65 35.45 -51.03
N GLU A 259 22.78 35.18 -49.74
CA GLU A 259 23.28 36.17 -48.79
C GLU A 259 24.75 36.53 -49.02
N ARG A 260 25.52 35.61 -49.59
CA ARG A 260 26.93 35.89 -49.86
C ARG A 260 27.05 36.77 -51.10
N PHE A 261 26.20 36.50 -52.09
CA PHE A 261 26.18 37.25 -53.33
C PHE A 261 25.76 38.68 -53.02
N THR A 262 24.77 38.81 -52.14
CA THR A 262 24.25 40.11 -51.75
C THR A 262 25.26 40.94 -50.96
N LYS A 263 25.96 40.31 -50.03
CA LYS A 263 26.96 41.00 -49.23
C LYS A 263 28.03 41.55 -50.18
N SER A 264 28.51 40.69 -51.07
CA SER A 264 29.54 41.08 -52.02
C SER A 264 29.07 42.23 -52.90
N ARG A 265 27.84 42.13 -53.40
CA ARG A 265 27.30 43.19 -54.24
C ARG A 265 27.24 44.50 -53.45
N ASP A 266 26.88 44.41 -52.17
CA ASP A 266 26.77 45.61 -51.34
C ASP A 266 28.11 46.28 -51.04
N ALA A 267 29.21 45.58 -51.31
CA ALA A 267 30.53 46.15 -51.09
C ALA A 267 31.05 46.71 -52.41
N THR A 268 30.44 46.27 -53.50
CA THR A 268 30.80 46.71 -54.85
C THR A 268 29.51 46.90 -55.65
N SER A 269 29.20 48.14 -55.99
CA SER A 269 28.00 48.50 -56.75
C SER A 269 26.86 48.88 -55.81
N GLY A 270 26.63 48.03 -54.80
CA GLY A 270 25.54 48.30 -53.88
C GLY A 270 24.20 47.96 -54.52
N MET A 271 23.13 48.19 -53.78
CA MET A 271 21.78 47.92 -54.26
C MET A 271 21.33 48.94 -55.30
N PRO A 272 20.65 48.49 -56.38
CA PRO A 272 20.18 49.41 -57.41
C PRO A 272 19.00 50.23 -56.88
N PHE A 273 19.09 51.55 -56.97
CA PHE A 273 18.01 52.42 -56.50
C PHE A 273 17.27 53.04 -57.68
N THR A 274 17.56 52.56 -58.89
CA THR A 274 16.95 53.09 -60.11
C THR A 274 15.48 52.77 -60.28
N THR A 275 14.63 53.71 -59.85
CA THR A 275 13.18 53.57 -59.92
C THR A 275 12.60 53.18 -61.27
N LEU A 276 13.11 53.78 -62.35
CA LEU A 276 12.61 53.47 -63.68
C LEU A 276 13.02 52.07 -64.12
N GLY A 277 14.15 51.59 -63.60
CA GLY A 277 14.61 50.26 -63.95
C GLY A 277 13.62 49.23 -63.43
N TYR A 278 13.18 49.39 -62.20
CA TYR A 278 12.23 48.45 -61.64
C TYR A 278 10.92 48.48 -62.42
N LYS A 279 10.40 49.68 -62.68
CA LYS A 279 9.13 49.83 -63.40
C LYS A 279 9.18 49.34 -64.85
N ALA A 280 10.31 49.56 -65.51
CA ALA A 280 10.49 49.14 -66.89
C ALA A 280 10.34 47.63 -67.02
N CYS A 281 10.96 46.89 -66.10
CA CYS A 281 10.88 45.43 -66.11
C CYS A 281 9.45 44.96 -65.88
N GLU A 282 8.76 45.60 -64.94
CA GLU A 282 7.39 45.24 -64.64
C GLU A 282 6.47 45.51 -65.83
N ILE A 283 6.59 46.69 -66.43
CA ILE A 283 5.78 47.04 -67.58
C ILE A 283 6.00 46.05 -68.74
N CYS A 284 7.26 45.71 -69.00
CA CYS A 284 7.58 44.79 -70.08
C CYS A 284 6.94 43.42 -69.93
N TYR A 285 7.12 42.82 -68.75
CA TYR A 285 6.56 41.50 -68.47
C TYR A 285 5.04 41.50 -68.49
N LYS A 286 4.44 42.58 -68.00
CA LYS A 286 2.98 42.68 -67.96
C LYS A 286 2.30 43.11 -69.26
N GLU A 287 2.93 44.00 -70.02
CA GLU A 287 2.31 44.54 -71.22
C GLU A 287 2.96 44.36 -72.59
N CYS A 288 4.24 44.02 -72.63
CA CYS A 288 4.92 43.93 -73.91
C CYS A 288 5.04 42.57 -74.57
N GLY A 289 4.15 41.65 -74.21
CA GLY A 289 4.18 40.31 -74.80
C GLY A 289 3.94 40.29 -76.30
N LYS A 290 2.95 41.04 -76.77
CA LYS A 290 2.63 41.08 -78.19
C LYS A 290 3.76 41.70 -79.00
N TRP A 291 4.42 42.69 -78.41
CA TRP A 291 5.53 43.35 -79.10
C TRP A 291 6.65 42.33 -79.31
N LEU A 292 6.93 41.55 -78.27
CA LEU A 292 7.98 40.54 -78.33
C LEU A 292 7.69 39.50 -79.42
N ASP A 293 6.43 39.11 -79.57
CA ASP A 293 6.07 38.13 -80.59
C ASP A 293 6.40 38.68 -81.97
N GLY A 294 6.04 39.94 -82.18
CA GLY A 294 6.32 40.59 -83.46
C GLY A 294 7.80 40.74 -83.70
N CYS A 295 8.56 41.03 -82.65
CA CYS A 295 10.01 41.20 -82.76
C CYS A 295 10.66 39.89 -83.21
N ILE A 296 10.29 38.80 -82.55
CA ILE A 296 10.82 37.49 -82.87
C ILE A 296 10.52 37.12 -84.32
N LYS A 297 9.34 37.49 -84.80
CA LYS A 297 8.96 37.20 -86.18
C LYS A 297 9.92 37.89 -87.14
N VAL A 298 10.20 39.17 -86.89
CA VAL A 298 11.12 39.91 -87.75
C VAL A 298 12.54 39.32 -87.71
N ILE A 299 12.99 38.92 -86.52
CA ILE A 299 14.31 38.33 -86.35
C ILE A 299 14.39 37.04 -87.16
N ASP A 300 13.36 36.21 -87.05
CA ASP A 300 13.29 34.95 -87.78
C ASP A 300 13.34 35.25 -89.29
N LYS A 301 12.62 36.28 -89.72
CA LYS A 301 12.63 36.67 -91.13
C LYS A 301 14.04 37.07 -91.55
N ASN A 302 14.70 37.86 -90.71
CA ASN A 302 16.06 38.33 -91.00
C ASN A 302 17.14 37.25 -91.08
N GLN A 303 17.10 36.25 -90.19
CA GLN A 303 18.12 35.20 -90.24
C GLN A 303 17.94 34.43 -91.56
N ARG A 304 16.70 34.34 -92.05
CA ARG A 304 16.46 33.64 -93.30
C ARG A 304 16.92 34.51 -94.47
N ILE A 305 16.79 35.82 -94.33
CA ILE A 305 17.24 36.73 -95.39
C ILE A 305 18.76 36.58 -95.55
N VAL A 306 19.47 36.52 -94.43
CA VAL A 306 20.92 36.37 -94.42
C VAL A 306 21.31 35.03 -95.04
N LYS A 307 20.73 33.96 -94.53
CA LYS A 307 21.01 32.62 -95.03
C LYS A 307 20.81 32.58 -96.54
N ASP A 308 19.68 33.08 -97.00
CA ASP A 308 19.37 33.09 -98.42
C ASP A 308 20.35 33.91 -99.23
N PHE A 309 20.74 35.07 -98.69
CA PHE A 309 21.67 35.94 -99.39
C PHE A 309 22.95 35.23 -99.80
N PHE A 310 23.55 34.49 -98.87
CA PHE A 310 24.78 33.78 -99.20
C PHE A 310 24.57 32.57 -100.11
N GLU A 311 23.45 31.87 -99.96
CA GLU A 311 23.18 30.72 -100.81
C GLU A 311 23.05 31.18 -102.26
N VAL A 312 22.51 32.39 -102.43
CA VAL A 312 22.29 32.95 -103.76
C VAL A 312 23.48 33.71 -104.37
N ASN A 313 24.20 34.45 -103.55
CA ASN A 313 25.31 35.28 -104.05
C ASN A 313 26.73 34.80 -103.78
N HIS A 314 26.97 34.24 -102.59
CA HIS A 314 28.30 33.77 -102.23
C HIS A 314 28.13 32.50 -101.40
N PRO A 315 27.79 31.38 -102.07
CA PRO A 315 27.56 30.03 -101.53
C PRO A 315 28.61 29.46 -100.57
N GLU A 316 29.87 29.89 -100.72
CA GLU A 316 30.92 29.37 -99.86
C GLU A 316 30.85 29.91 -98.44
N ILE A 317 30.12 31.01 -98.27
CA ILE A 317 29.94 31.61 -96.94
C ILE A 317 28.65 31.01 -96.40
N LYS A 318 28.68 30.52 -95.16
CA LYS A 318 27.49 29.90 -94.57
C LYS A 318 26.88 30.68 -93.41
N ALA A 319 25.57 30.91 -93.48
CA ALA A 319 24.83 31.61 -92.44
C ALA A 319 23.66 30.72 -92.03
N PRO A 320 23.92 29.72 -91.18
CA PRO A 320 22.89 28.79 -90.70
C PRO A 320 21.88 29.48 -89.79
N LEU A 321 20.66 28.96 -89.76
CA LEU A 321 19.64 29.54 -88.89
C LEU A 321 20.08 29.28 -87.45
N ILE A 322 19.65 30.13 -86.53
CA ILE A 322 20.00 29.97 -85.13
C ILE A 322 18.78 29.48 -84.35
N GLU A 323 19.01 29.00 -83.13
CA GLU A 323 17.92 28.50 -82.31
C GLU A 323 17.42 29.57 -81.33
N GLY A 324 18.32 30.44 -80.91
CA GLY A 324 17.98 31.50 -79.96
C GLY A 324 18.85 32.73 -80.12
N THR A 325 18.49 33.80 -79.41
CA THR A 325 19.16 35.10 -79.47
C THR A 325 18.84 35.68 -80.85
N TYR A 326 19.15 36.96 -81.07
CA TYR A 326 18.95 37.57 -82.38
C TYR A 326 20.32 37.83 -83.03
N LEU A 327 21.30 37.05 -82.59
CA LEU A 327 22.68 37.17 -83.08
C LEU A 327 23.07 35.93 -83.91
N GLN A 328 23.22 36.12 -85.22
CA GLN A 328 23.54 35.03 -86.14
C GLN A 328 25.04 34.86 -86.37
N TRP A 329 25.48 33.60 -86.45
CA TRP A 329 26.88 33.25 -86.61
C TRP A 329 27.18 32.90 -88.06
N ILE A 330 27.91 33.78 -88.73
CA ILE A 330 28.24 33.59 -90.15
C ILE A 330 29.67 33.09 -90.34
N ASP A 331 29.80 31.97 -91.04
CA ASP A 331 31.08 31.34 -91.32
C ASP A 331 31.72 31.86 -92.60
N PHE A 332 32.71 32.74 -92.47
CA PHE A 332 33.42 33.32 -93.61
C PHE A 332 34.76 32.62 -93.89
N ARG A 333 35.03 31.54 -93.19
CA ARG A 333 36.30 30.83 -93.34
C ARG A 333 36.71 30.51 -94.78
N ALA A 334 35.74 30.32 -95.67
CA ALA A 334 36.06 29.99 -97.06
C ALA A 334 36.70 31.15 -97.81
N LEU A 335 36.68 32.34 -97.22
CA LEU A 335 37.29 33.51 -97.84
C LEU A 335 38.80 33.43 -97.72
N LYS A 336 39.27 32.57 -96.82
CA LYS A 336 40.70 32.38 -96.58
C LYS A 336 41.37 33.71 -96.21
N MET A 337 40.75 34.45 -95.30
CA MET A 337 41.28 35.72 -94.82
C MET A 337 41.46 35.62 -93.31
N ASP A 338 42.64 35.93 -92.78
CA ASP A 338 42.84 35.85 -91.33
C ASP A 338 41.92 36.89 -90.68
N HIS A 339 41.62 36.73 -89.39
CA HIS A 339 40.67 37.65 -88.77
C HIS A 339 40.97 39.14 -88.83
N LYS A 340 42.24 39.53 -88.82
CA LYS A 340 42.57 40.96 -88.89
C LYS A 340 42.20 41.51 -90.27
N ALA A 341 42.50 40.73 -91.32
CA ALA A 341 42.19 41.15 -92.68
C ALA A 341 40.68 41.22 -92.87
N MET A 342 39.94 40.26 -92.30
CA MET A 342 38.48 40.23 -92.41
C MET A 342 37.90 41.49 -91.81
N GLU A 343 38.32 41.78 -90.58
CA GLU A 343 37.86 42.95 -89.85
C GLU A 343 38.08 44.22 -90.66
N GLU A 344 39.28 44.35 -91.22
CA GLU A 344 39.65 45.50 -92.03
C GLU A 344 38.73 45.61 -93.23
N PHE A 345 38.50 44.48 -93.89
CA PHE A 345 37.63 44.44 -95.07
C PHE A 345 36.19 44.82 -94.76
N MET A 346 35.63 44.22 -93.71
CA MET A 346 34.25 44.51 -93.36
C MET A 346 34.03 45.97 -93.03
N ILE A 347 34.91 46.54 -92.21
CA ILE A 347 34.80 47.93 -91.80
C ILE A 347 35.04 48.96 -92.90
N HIS A 348 36.09 48.76 -93.70
CA HIS A 348 36.43 49.74 -94.73
C HIS A 348 35.98 49.46 -96.15
N LYS A 349 35.79 48.20 -96.52
CA LYS A 349 35.36 47.90 -97.88
C LYS A 349 33.86 47.70 -97.95
N ALA A 350 33.29 46.96 -97.00
CA ALA A 350 31.86 46.69 -96.98
C ALA A 350 31.09 47.64 -96.07
N GLN A 351 31.80 48.32 -95.19
CA GLN A 351 31.17 49.22 -94.23
C GLN A 351 30.03 48.50 -93.54
N ILE A 352 30.30 47.25 -93.19
CA ILE A 352 29.34 46.43 -92.49
C ILE A 352 30.04 46.16 -91.16
N PHE A 353 29.40 46.56 -90.06
CA PHE A 353 30.00 46.41 -88.76
C PHE A 353 29.43 45.28 -87.92
N PHE A 354 30.10 44.14 -88.00
CA PHE A 354 29.70 42.95 -87.25
C PHE A 354 30.45 42.97 -85.93
N ASP A 355 30.23 41.93 -85.15
CA ASP A 355 30.99 41.77 -83.93
C ASP A 355 31.91 40.68 -84.45
N GLU A 356 33.14 41.06 -84.79
CA GLU A 356 34.11 40.11 -85.35
C GLU A 356 34.19 38.84 -84.52
N GLY A 357 34.08 37.71 -85.20
CA GLY A 357 34.11 36.42 -84.54
C GLY A 357 35.22 36.17 -83.55
N TYR A 358 36.43 36.61 -83.87
CA TYR A 358 37.58 36.37 -82.99
C TYR A 358 37.50 36.96 -81.59
N ILE A 359 36.67 37.98 -81.39
CA ILE A 359 36.58 38.58 -80.06
C ILE A 359 35.92 37.64 -79.05
N PHE A 360 35.29 36.58 -79.54
CA PHE A 360 34.63 35.60 -78.68
C PHE A 360 35.52 34.42 -78.35
N GLY A 361 36.77 34.47 -78.79
CA GLY A 361 37.70 33.39 -78.54
C GLY A 361 38.29 32.94 -79.86
N ASP A 362 39.41 32.21 -79.81
CA ASP A 362 40.03 31.76 -81.04
C ASP A 362 39.10 30.88 -81.87
N GLY A 363 38.12 30.27 -81.22
CA GLY A 363 37.18 29.42 -81.94
C GLY A 363 36.26 30.24 -82.82
N GLY A 364 36.29 31.56 -82.65
CA GLY A 364 35.44 32.42 -83.45
C GLY A 364 36.20 33.00 -84.64
N ILE A 365 37.48 32.67 -84.77
CA ILE A 365 38.29 33.16 -85.86
C ILE A 365 37.72 32.67 -87.18
N GLY A 366 37.45 33.60 -88.09
CA GLY A 366 36.89 33.22 -89.38
C GLY A 366 35.39 33.43 -89.43
N PHE A 367 34.78 33.67 -88.27
CA PHE A 367 33.33 33.88 -88.19
C PHE A 367 32.99 35.36 -87.96
N GLU A 368 31.72 35.69 -88.15
CA GLU A 368 31.20 37.03 -87.96
C GLU A 368 29.85 36.94 -87.29
N ARG A 369 29.61 37.76 -86.27
CA ARG A 369 28.32 37.74 -85.59
C ARG A 369 27.52 38.95 -86.05
N ILE A 370 26.35 38.70 -86.63
CA ILE A 370 25.51 39.78 -87.13
C ILE A 370 24.30 40.01 -86.23
N ASN A 371 24.03 41.27 -85.90
CA ASN A 371 22.88 41.62 -85.05
C ASN A 371 21.64 41.71 -85.94
N LEU A 372 20.75 40.72 -85.84
CA LEU A 372 19.53 40.66 -86.65
C LEU A 372 18.40 41.58 -86.19
N ALA A 373 18.58 42.23 -85.04
CA ALA A 373 17.54 43.11 -84.51
C ALA A 373 17.49 44.48 -85.19
N ALA A 374 17.08 44.48 -86.45
CA ALA A 374 16.96 45.69 -87.24
C ALA A 374 15.89 45.46 -88.30
N PRO A 375 15.41 46.52 -88.96
CA PRO A 375 14.39 46.32 -89.99
C PRO A 375 14.96 45.47 -91.11
N SER A 376 14.12 44.61 -91.70
CA SER A 376 14.55 43.74 -92.78
C SER A 376 15.20 44.55 -93.91
N SER A 377 14.60 45.70 -94.23
CA SER A 377 15.15 46.56 -95.29
C SER A 377 16.57 46.98 -94.96
N VAL A 378 16.84 47.20 -93.67
CA VAL A 378 18.17 47.61 -93.23
C VAL A 378 19.16 46.47 -93.41
N ILE A 379 18.72 45.26 -93.09
CA ILE A 379 19.57 44.08 -93.25
C ILE A 379 19.90 43.91 -94.74
N GLN A 380 18.90 44.14 -95.59
CA GLN A 380 19.07 44.02 -97.05
C GLN A 380 20.06 45.05 -97.59
N GLU A 381 19.95 46.28 -97.10
CA GLU A 381 20.86 47.36 -97.53
C GLU A 381 22.29 46.95 -97.23
N SER A 382 22.50 46.43 -96.02
CA SER A 382 23.82 46.02 -95.56
C SER A 382 24.38 44.88 -96.38
N LEU A 383 23.56 43.87 -96.66
CA LEU A 383 24.00 42.72 -97.43
C LEU A 383 24.37 43.12 -98.84
N GLU A 384 23.66 44.10 -99.41
CA GLU A 384 23.98 44.54 -100.76
C GLU A 384 25.31 45.28 -100.79
N ARG A 385 25.63 46.01 -99.73
CA ARG A 385 26.92 46.70 -99.66
C ARG A 385 28.02 45.64 -99.63
N LEU A 386 27.76 44.60 -98.84
CA LEU A 386 28.68 43.48 -98.67
C LEU A 386 28.82 42.78 -100.02
N ASN A 387 27.69 42.60 -100.70
CA ASN A 387 27.64 41.94 -102.00
C ASN A 387 28.59 42.61 -102.98
N LYS A 388 28.50 43.93 -103.11
CA LYS A 388 29.37 44.66 -104.03
C LYS A 388 30.83 44.58 -103.59
N ALA A 389 31.06 44.64 -102.27
CA ALA A 389 32.41 44.57 -101.73
C ALA A 389 33.05 43.21 -102.00
N LEU A 390 32.27 42.14 -101.81
CA LEU A 390 32.77 40.79 -102.06
C LEU A 390 33.07 40.61 -103.54
N LYS A 391 32.18 41.12 -104.40
CA LYS A 391 32.39 41.00 -105.84
C LYS A 391 33.67 41.71 -106.24
N ASP A 392 33.84 42.94 -105.75
CA ASP A 392 35.05 43.71 -106.05
C ASP A 392 36.28 42.93 -105.60
N LEU A 393 36.21 42.38 -104.39
CA LEU A 393 37.31 41.59 -103.86
C LEU A 393 37.62 40.51 -104.89
N LYS A 394 36.63 40.23 -105.73
CA LYS A 394 36.73 39.24 -106.80
C LYS A 394 37.02 37.86 -106.25
N MET B 1 7.79 78.51 -63.58
CA MET B 1 6.54 77.69 -63.59
C MET B 1 5.90 77.60 -62.22
N ILE B 2 4.83 76.82 -62.15
CA ILE B 2 4.12 76.61 -60.91
C ILE B 2 4.79 75.42 -60.23
N TYR B 3 5.62 75.70 -59.23
CA TYR B 3 6.32 74.66 -58.50
C TYR B 3 5.52 74.29 -57.26
N ASP B 4 5.26 73.00 -57.11
CA ASP B 4 4.47 72.50 -55.98
C ASP B 4 5.29 71.98 -54.82
N PHE B 5 5.29 72.73 -53.72
CA PHE B 5 6.02 72.32 -52.52
C PHE B 5 5.02 72.20 -51.36
N THR B 6 3.74 72.15 -51.69
CA THR B 6 2.68 72.06 -50.67
C THR B 6 1.89 70.75 -50.61
N THR B 7 1.66 70.12 -51.75
CA THR B 7 0.88 68.88 -51.77
C THR B 7 1.46 67.78 -50.91
N LYS B 8 0.67 67.31 -49.95
CA LYS B 8 1.12 66.22 -49.09
C LYS B 8 1.03 64.96 -49.93
N ILE B 9 2.15 64.30 -50.17
CA ILE B 9 2.15 63.10 -50.99
C ILE B 9 2.24 61.83 -50.15
N SER B 10 1.91 60.71 -50.79
CA SER B 10 1.96 59.42 -50.15
C SER B 10 2.81 58.50 -51.02
N ARG B 11 3.73 57.78 -50.41
CA ARG B 11 4.59 56.87 -51.16
C ARG B 11 4.47 55.46 -50.60
N LYS B 12 3.28 55.12 -50.10
CA LYS B 12 3.04 53.80 -49.54
C LYS B 12 2.94 52.77 -50.66
N ASN B 13 3.60 51.63 -50.47
CA ASN B 13 3.59 50.55 -51.45
C ASN B 13 4.07 50.97 -52.83
N LEU B 14 5.06 51.84 -52.90
CA LEU B 14 5.59 52.29 -54.18
C LEU B 14 7.07 51.96 -54.34
N GLY B 15 7.62 51.23 -53.38
CA GLY B 15 9.02 50.86 -53.44
C GLY B 15 9.95 51.88 -52.81
N SER B 16 9.39 52.84 -52.09
CA SER B 16 10.19 53.85 -51.43
C SER B 16 10.90 53.21 -50.24
N LEU B 17 12.23 53.28 -50.22
CA LEU B 17 13.01 52.70 -49.12
C LEU B 17 12.64 53.32 -47.79
N LYS B 18 12.48 54.65 -47.80
CA LYS B 18 12.13 55.37 -46.59
C LYS B 18 10.79 54.91 -46.02
N TRP B 19 9.74 54.96 -46.83
CA TRP B 19 8.42 54.55 -46.39
C TRP B 19 8.30 53.09 -45.96
N ASP B 20 8.90 52.18 -46.72
CA ASP B 20 8.84 50.77 -46.37
C ASP B 20 9.55 50.52 -45.04
N LEU B 21 10.64 51.24 -44.81
CA LEU B 21 11.37 51.09 -43.55
C LEU B 21 10.45 51.49 -42.41
N MET B 22 9.70 52.57 -42.62
CA MET B 22 8.77 53.07 -41.63
C MET B 22 7.75 51.99 -41.24
N TYR B 23 7.10 51.40 -42.24
CA TYR B 23 6.10 50.37 -41.99
C TYR B 23 6.71 49.15 -41.33
N SER B 24 7.94 48.82 -41.73
CA SER B 24 8.65 47.68 -41.17
C SER B 24 8.89 47.90 -39.67
N GLN B 25 9.20 49.15 -39.31
CA GLN B 25 9.46 49.51 -37.92
C GLN B 25 8.20 49.63 -37.08
N ASN B 26 7.12 50.11 -37.69
CA ASN B 26 5.85 50.28 -36.98
C ASN B 26 4.68 49.94 -37.90
N PRO B 27 4.31 48.65 -37.96
CA PRO B 27 3.19 48.20 -38.81
C PRO B 27 1.90 48.95 -38.47
N GLU B 28 1.81 49.47 -37.25
CA GLU B 28 0.63 50.19 -36.80
C GLU B 28 0.67 51.68 -37.05
N VAL B 29 1.73 52.16 -37.70
CA VAL B 29 1.86 53.59 -37.97
C VAL B 29 0.60 54.10 -38.63
N GLY B 30 0.18 55.31 -38.28
CA GLY B 30 -1.03 55.88 -38.87
C GLY B 30 -0.84 56.28 -40.32
N ASN B 31 -1.92 56.28 -41.10
CA ASN B 31 -1.86 56.63 -42.51
C ASN B 31 -1.62 58.11 -42.77
N GLU B 32 -1.66 58.92 -41.72
CA GLU B 32 -1.44 60.35 -41.87
C GLU B 32 0.04 60.67 -41.71
N VAL B 33 0.81 59.71 -41.20
CA VAL B 33 2.24 59.88 -40.96
C VAL B 33 3.14 59.85 -42.19
N VAL B 34 4.12 60.77 -42.18
CA VAL B 34 5.09 60.88 -43.25
C VAL B 34 6.48 60.75 -42.60
N PRO B 35 7.34 59.88 -43.14
CA PRO B 35 8.68 59.68 -42.59
C PRO B 35 9.53 60.93 -42.87
N LEU B 36 10.46 61.21 -41.96
CA LEU B 36 11.36 62.35 -42.09
C LEU B 36 12.76 61.83 -41.81
N SER B 37 13.04 60.64 -42.33
CA SER B 37 14.30 59.97 -42.13
C SER B 37 15.21 60.04 -43.35
N VAL B 38 15.20 58.98 -44.16
CA VAL B 38 16.02 58.87 -45.37
C VAL B 38 16.06 60.17 -46.16
N ALA B 39 17.25 60.52 -46.65
CA ALA B 39 17.42 61.76 -47.39
C ALA B 39 17.03 61.83 -48.86
N ASP B 40 15.73 61.85 -49.11
CA ASP B 40 15.20 62.08 -50.45
C ASP B 40 13.97 62.92 -50.13
N MET B 41 13.54 63.76 -51.06
CA MET B 41 12.45 64.68 -50.81
C MET B 41 11.00 64.22 -50.93
N GLU B 42 10.16 64.77 -50.06
CA GLU B 42 8.74 64.45 -50.09
C GLU B 42 8.06 65.52 -50.94
N PHE B 43 8.70 65.78 -52.07
CA PHE B 43 8.27 66.76 -53.06
C PHE B 43 8.32 66.05 -54.41
N LYS B 44 7.48 66.45 -55.36
CA LYS B 44 7.54 65.85 -56.68
C LYS B 44 8.74 66.52 -57.37
N ASN B 45 9.30 65.85 -58.36
CA ASN B 45 10.45 66.37 -59.07
C ASN B 45 10.16 67.61 -59.89
N PRO B 46 11.21 68.35 -60.29
CA PRO B 46 11.05 69.58 -61.10
C PRO B 46 10.23 69.31 -62.36
N PRO B 47 9.22 70.16 -62.62
CA PRO B 47 8.37 70.01 -63.81
C PRO B 47 9.18 69.93 -65.09
N GLU B 48 10.24 70.73 -65.18
CA GLU B 48 11.10 70.74 -66.36
C GLU B 48 11.76 69.39 -66.60
N LEU B 49 12.18 68.75 -65.51
CA LEU B 49 12.81 67.44 -65.62
C LEU B 49 11.82 66.41 -66.16
N ILE B 50 10.65 66.33 -65.55
CA ILE B 50 9.64 65.36 -65.97
C ILE B 50 9.24 65.55 -67.43
N GLU B 51 8.94 66.79 -67.82
CA GLU B 51 8.56 67.04 -69.20
C GLU B 51 9.74 66.71 -70.13
N GLY B 52 10.95 67.01 -69.67
CA GLY B 52 12.13 66.72 -70.47
C GLY B 52 12.38 65.23 -70.63
N LEU B 53 12.21 64.46 -69.56
CA LEU B 53 12.42 63.02 -69.65
C LEU B 53 11.35 62.36 -70.52
N LYS B 54 10.11 62.82 -70.42
CA LYS B 54 9.04 62.27 -71.23
C LYS B 54 9.35 62.52 -72.70
N LYS B 55 9.79 63.73 -73.01
CA LYS B 55 10.14 64.11 -74.37
C LYS B 55 11.28 63.24 -74.89
N TYR B 56 12.29 63.06 -74.05
CA TYR B 56 13.46 62.26 -74.42
C TYR B 56 13.05 60.82 -74.75
N LEU B 57 12.09 60.30 -74.00
CA LEU B 57 11.60 58.94 -74.21
C LEU B 57 10.96 58.74 -75.58
N ASP B 58 10.29 59.78 -76.09
CA ASP B 58 9.65 59.68 -77.41
C ASP B 58 10.68 59.66 -78.51
N GLU B 59 11.89 60.11 -78.23
CA GLU B 59 12.94 60.20 -79.24
C GLU B 59 14.13 59.25 -79.14
N THR B 60 14.30 58.57 -78.02
CA THR B 60 15.45 57.69 -77.86
C THR B 60 15.19 56.19 -77.86
N VAL B 61 16.29 55.45 -77.93
CA VAL B 61 16.29 53.99 -77.89
C VAL B 61 17.03 53.68 -76.57
N LEU B 62 16.41 52.87 -75.72
CA LEU B 62 17.01 52.56 -74.42
C LEU B 62 18.14 51.52 -74.40
N GLY B 63 19.05 51.62 -75.36
CA GLY B 63 20.16 50.68 -75.44
C GLY B 63 21.39 51.11 -74.67
N TYR B 64 22.53 50.48 -74.94
CA TYR B 64 23.79 50.81 -74.26
C TYR B 64 24.10 52.28 -74.58
N THR B 65 24.18 53.08 -73.52
CA THR B 65 24.41 54.51 -73.65
C THR B 65 25.55 55.05 -72.81
N GLY B 66 26.24 56.05 -73.35
CA GLY B 66 27.34 56.69 -72.64
C GLY B 66 27.12 58.19 -72.66
N PRO B 67 27.96 58.98 -71.97
CA PRO B 67 27.76 60.43 -71.95
C PRO B 67 28.19 61.11 -73.26
N THR B 68 27.43 62.13 -73.66
CA THR B 68 27.77 62.88 -74.86
C THR B 68 28.71 63.98 -74.43
N GLU B 69 29.34 64.65 -75.39
CA GLU B 69 30.25 65.74 -75.07
C GLU B 69 29.45 66.89 -74.47
N GLU B 70 28.22 67.06 -74.96
CA GLU B 70 27.34 68.11 -74.46
C GLU B 70 27.07 67.87 -72.98
N TYR B 71 26.88 66.61 -72.61
CA TYR B 71 26.65 66.25 -71.22
C TYR B 71 27.81 66.75 -70.38
N LYS B 72 29.02 66.40 -70.80
CA LYS B 72 30.22 66.79 -70.08
C LYS B 72 30.36 68.30 -69.95
N LYS B 73 30.13 69.03 -71.04
CA LYS B 73 30.21 70.49 -71.02
C LYS B 73 29.18 71.09 -70.07
N THR B 74 28.02 70.46 -69.99
CA THR B 74 26.96 70.95 -69.11
C THR B 74 27.36 70.79 -67.66
N VAL B 75 28.01 69.67 -67.34
CA VAL B 75 28.47 69.42 -65.97
C VAL B 75 29.53 70.46 -65.63
N LYS B 76 30.41 70.72 -66.60
CA LYS B 76 31.48 71.69 -66.44
C LYS B 76 30.90 73.10 -66.25
N LYS B 77 29.86 73.43 -67.01
CA LYS B 77 29.25 74.76 -66.92
C LYS B 77 28.62 74.99 -65.54
N TRP B 78 28.03 73.94 -64.98
CA TRP B 78 27.40 74.02 -63.68
C TRP B 78 28.45 74.31 -62.58
N MET B 79 29.60 73.66 -62.67
CA MET B 79 30.65 73.87 -61.69
C MET B 79 31.18 75.30 -61.81
N LYS B 80 31.24 75.79 -63.04
CA LYS B 80 31.73 77.15 -63.29
C LYS B 80 30.72 78.20 -62.83
N ASP B 81 29.47 78.07 -63.27
CA ASP B 81 28.44 79.04 -62.91
C ASP B 81 27.97 79.02 -61.47
N ARG B 82 27.89 77.84 -60.88
CA ARG B 82 27.40 77.69 -59.51
C ARG B 82 28.47 77.65 -58.43
N HIS B 83 29.70 77.28 -58.77
CA HIS B 83 30.73 77.19 -57.75
C HIS B 83 32.05 77.85 -58.09
N GLN B 84 32.08 78.66 -59.15
CA GLN B 84 33.31 79.33 -59.55
C GLN B 84 34.45 78.33 -59.59
N TRP B 85 34.14 77.13 -60.05
CA TRP B 85 35.10 76.05 -60.12
C TRP B 85 35.39 75.62 -61.56
N ASP B 86 36.64 75.79 -62.00
CA ASP B 86 37.03 75.45 -63.36
C ASP B 86 37.50 74.01 -63.48
N ILE B 87 36.71 73.16 -64.12
CA ILE B 87 37.11 71.77 -64.29
C ILE B 87 37.23 71.49 -65.77
N GLN B 88 37.89 70.40 -66.13
CA GLN B 88 38.02 70.02 -67.52
C GLN B 88 37.07 68.84 -67.71
N THR B 89 36.51 68.68 -68.91
CA THR B 89 35.58 67.59 -69.15
C THR B 89 36.18 66.21 -68.93
N ASP B 90 37.45 66.02 -69.29
CA ASP B 90 38.08 64.71 -69.10
C ASP B 90 38.35 64.37 -67.63
N TRP B 91 38.01 65.29 -66.73
CA TRP B 91 38.17 65.07 -65.30
C TRP B 91 36.97 64.27 -64.76
N ILE B 92 35.89 64.24 -65.54
CA ILE B 92 34.65 63.58 -65.13
C ILE B 92 34.54 62.08 -65.32
N ILE B 93 34.39 61.35 -64.22
CA ILE B 93 34.21 59.89 -64.26
C ILE B 93 32.83 59.64 -63.67
N ASN B 94 32.02 58.84 -64.35
CA ASN B 94 30.67 58.54 -63.89
C ASN B 94 30.55 57.22 -63.14
N THR B 95 29.73 57.23 -62.09
CA THR B 95 29.47 56.02 -61.31
C THR B 95 27.97 56.05 -61.04
N ALA B 96 27.42 54.94 -60.55
CA ALA B 96 26.00 54.89 -60.27
C ALA B 96 25.77 55.16 -58.79
N GLY B 97 26.06 56.39 -58.39
CA GLY B 97 25.90 56.78 -56.99
C GLY B 97 27.23 57.15 -56.36
N VAL B 98 27.18 58.04 -55.37
CA VAL B 98 28.39 58.46 -54.69
C VAL B 98 28.92 57.39 -53.72
N VAL B 99 28.03 56.65 -53.09
CA VAL B 99 28.50 55.61 -52.17
C VAL B 99 29.38 54.61 -52.90
N PRO B 100 28.94 54.11 -54.07
CA PRO B 100 29.78 53.15 -54.78
C PRO B 100 31.14 53.76 -55.14
N ALA B 101 31.14 55.07 -55.43
CA ALA B 101 32.39 55.75 -55.76
C ALA B 101 33.32 55.74 -54.55
N VAL B 102 32.75 55.92 -53.36
CA VAL B 102 33.56 55.91 -52.15
C VAL B 102 34.13 54.52 -51.92
N PHE B 103 33.32 53.49 -52.13
CA PHE B 103 33.80 52.11 -51.95
C PHE B 103 34.94 51.89 -52.92
N ASN B 104 34.79 52.45 -54.11
CA ASN B 104 35.79 52.35 -55.17
C ASN B 104 37.10 52.99 -54.75
N ALA B 105 37.02 54.17 -54.14
CA ALA B 105 38.21 54.88 -53.69
C ALA B 105 38.95 54.07 -52.64
N VAL B 106 38.20 53.56 -51.67
CA VAL B 106 38.78 52.75 -50.60
C VAL B 106 39.44 51.49 -51.16
N ARG B 107 38.76 50.83 -52.09
CA ARG B 107 39.30 49.60 -52.67
C ARG B 107 40.54 49.79 -53.53
N GLU B 108 40.63 50.92 -54.23
CA GLU B 108 41.76 51.16 -55.11
C GLU B 108 42.96 51.91 -54.51
N PHE B 109 42.71 52.83 -53.58
CA PHE B 109 43.80 53.59 -53.01
C PHE B 109 44.27 53.25 -51.60
N THR B 110 43.82 52.11 -51.09
CA THR B 110 44.23 51.64 -49.77
C THR B 110 44.20 50.12 -49.81
N LYS B 111 44.81 49.50 -48.81
CA LYS B 111 44.81 48.05 -48.72
C LYS B 111 44.31 47.63 -47.36
N PRO B 112 43.90 46.35 -47.21
CA PRO B 112 43.41 45.88 -45.92
C PRO B 112 44.32 46.32 -44.78
N GLY B 113 43.74 46.79 -43.69
CA GLY B 113 44.54 47.23 -42.57
C GLY B 113 44.85 48.72 -42.59
N ASP B 114 44.79 49.35 -43.77
CA ASP B 114 45.06 50.78 -43.89
C ASP B 114 43.98 51.56 -43.16
N GLY B 115 44.31 52.79 -42.76
CA GLY B 115 43.32 53.60 -42.08
C GLY B 115 42.79 54.70 -42.97
N VAL B 116 41.51 55.01 -42.82
CA VAL B 116 40.88 56.09 -43.57
C VAL B 116 40.27 57.01 -42.51
N ILE B 117 40.67 58.27 -42.52
CA ILE B 117 40.17 59.23 -41.53
C ILE B 117 38.83 59.86 -41.91
N ILE B 118 37.90 59.87 -40.96
CA ILE B 118 36.60 60.50 -41.18
C ILE B 118 36.32 61.40 -39.99
N ILE B 119 35.53 62.44 -40.24
CA ILE B 119 35.16 63.39 -39.19
C ILE B 119 33.76 63.04 -38.73
N THR B 120 33.68 62.57 -37.49
CA THR B 120 32.41 62.12 -36.92
C THR B 120 31.76 63.09 -35.92
N PRO B 121 30.42 62.99 -35.76
CA PRO B 121 29.49 62.06 -36.41
C PRO B 121 29.35 62.41 -37.88
N VAL B 122 29.10 61.41 -38.72
CA VAL B 122 28.95 61.64 -40.15
C VAL B 122 28.13 60.56 -40.86
N TYR B 123 27.69 60.89 -42.06
CA TYR B 123 26.92 60.02 -42.96
C TYR B 123 27.43 58.58 -42.75
N TYR B 124 26.58 57.72 -42.18
CA TYR B 124 26.98 56.35 -41.87
C TYR B 124 27.54 55.45 -42.96
N PRO B 125 27.16 55.64 -44.23
CA PRO B 125 27.75 54.73 -45.23
C PRO B 125 29.28 54.86 -45.27
N PHE B 126 29.80 55.97 -44.77
CA PHE B 126 31.24 56.19 -44.75
C PHE B 126 31.88 55.08 -43.91
N PHE B 127 31.32 54.83 -42.74
CA PHE B 127 31.83 53.80 -41.85
C PHE B 127 31.86 52.46 -42.59
N MET B 128 30.74 52.12 -43.22
CA MET B 128 30.61 50.86 -43.97
C MET B 128 31.64 50.72 -45.10
N ALA B 129 31.79 51.77 -45.91
CA ALA B 129 32.72 51.73 -47.03
C ALA B 129 34.13 51.33 -46.61
N ILE B 130 34.53 51.78 -45.43
CA ILE B 130 35.85 51.49 -44.89
C ILE B 130 35.87 50.12 -44.20
N LYS B 131 35.12 50.00 -43.10
CA LYS B 131 35.05 48.78 -42.30
C LYS B 131 34.68 47.50 -43.04
N ASN B 132 33.70 47.57 -43.94
CA ASN B 132 33.28 46.37 -44.67
C ASN B 132 34.29 45.92 -45.73
N GLN B 133 35.38 46.65 -45.87
CA GLN B 133 36.40 46.27 -46.85
C GLN B 133 37.70 45.94 -46.13
N GLU B 134 37.60 45.78 -44.81
CA GLU B 134 38.74 45.42 -43.98
C GLU B 134 39.76 46.53 -43.81
N ARG B 135 39.28 47.77 -43.84
CA ARG B 135 40.14 48.94 -43.66
C ARG B 135 39.80 49.48 -42.28
N LYS B 136 40.68 50.28 -41.71
CA LYS B 136 40.43 50.82 -40.37
C LYS B 136 39.79 52.20 -40.38
N ILE B 137 38.68 52.32 -39.65
CA ILE B 137 37.99 53.60 -39.54
C ILE B 137 38.74 54.42 -38.49
N ILE B 138 39.29 55.55 -38.90
CA ILE B 138 40.03 56.43 -37.99
C ILE B 138 39.17 57.66 -37.72
N GLU B 139 38.50 57.66 -36.57
CA GLU B 139 37.62 58.77 -36.21
C GLU B 139 38.31 60.02 -35.67
N CYS B 140 37.88 61.17 -36.17
CA CYS B 140 38.40 62.45 -35.71
C CYS B 140 37.16 63.24 -35.33
N GLU B 141 36.63 62.91 -34.16
CA GLU B 141 35.41 63.52 -33.64
C GLU B 141 35.35 65.03 -33.66
N LEU B 142 34.23 65.55 -34.15
CA LEU B 142 33.99 66.97 -34.22
C LEU B 142 33.85 67.49 -32.80
N LEU B 143 34.21 68.74 -32.60
CA LEU B 143 34.08 69.36 -31.30
C LEU B 143 32.72 70.06 -31.35
N GLU B 144 31.96 69.96 -30.27
CA GLU B 144 30.65 70.58 -30.22
C GLU B 144 30.47 71.48 -29.00
N LYS B 145 29.99 72.70 -29.25
CA LYS B 145 29.76 73.67 -28.19
C LYS B 145 28.49 74.44 -28.50
N ASP B 146 27.48 74.25 -27.66
CA ASP B 146 26.19 74.90 -27.83
C ASP B 146 25.60 74.67 -29.22
N GLY B 147 25.79 73.46 -29.74
CA GLY B 147 25.24 73.10 -31.03
C GLY B 147 26.12 73.28 -32.26
N TYR B 148 27.13 74.16 -32.19
CA TYR B 148 27.97 74.38 -33.36
C TYR B 148 29.15 73.42 -33.41
N TYR B 149 29.32 72.77 -34.55
CA TYR B 149 30.40 71.81 -34.75
C TYR B 149 31.62 72.38 -35.46
N THR B 150 32.79 72.07 -34.93
CA THR B 150 34.07 72.52 -35.49
C THR B 150 35.07 71.38 -35.59
N ILE B 151 36.08 71.57 -36.42
CA ILE B 151 37.13 70.57 -36.64
C ILE B 151 38.17 70.56 -35.52
N ASP B 152 38.54 69.36 -35.09
CA ASP B 152 39.57 69.24 -34.05
C ASP B 152 40.86 69.16 -34.85
N PHE B 153 41.38 70.33 -35.23
CA PHE B 153 42.61 70.40 -36.03
C PHE B 153 43.80 69.72 -35.37
N GLN B 154 43.91 69.86 -34.05
CA GLN B 154 45.02 69.24 -33.35
C GLN B 154 44.96 67.72 -33.51
N LYS B 155 43.79 67.14 -33.35
CA LYS B 155 43.66 65.70 -33.50
C LYS B 155 43.88 65.29 -34.95
N LEU B 156 43.34 66.07 -35.88
CA LEU B 156 43.49 65.77 -37.29
C LEU B 156 44.96 65.71 -37.67
N GLU B 157 45.73 66.69 -37.20
CA GLU B 157 47.17 66.72 -37.48
C GLU B 157 47.85 65.50 -36.90
N LYS B 158 47.53 65.17 -35.65
CA LYS B 158 48.12 64.01 -35.00
C LYS B 158 47.87 62.76 -35.84
N LEU B 159 46.61 62.53 -36.20
CA LEU B 159 46.25 61.37 -37.00
C LEU B 159 46.92 61.37 -38.37
N SER B 160 47.18 62.55 -38.92
CA SER B 160 47.80 62.66 -40.23
C SER B 160 49.25 62.19 -40.21
N LYS B 161 49.83 62.10 -39.02
CA LYS B 161 51.21 61.67 -38.88
C LYS B 161 51.36 60.16 -38.92
N ASP B 162 50.27 59.45 -38.65
CA ASP B 162 50.28 57.99 -38.68
C ASP B 162 50.31 57.56 -40.15
N LYS B 163 51.46 57.08 -40.60
CA LYS B 163 51.60 56.66 -41.99
C LYS B 163 50.64 55.56 -42.44
N ASN B 164 50.00 54.90 -41.48
CA ASN B 164 49.06 53.84 -41.81
C ASN B 164 47.74 54.40 -42.34
N ASN B 165 47.47 55.66 -42.02
CA ASN B 165 46.26 56.32 -42.49
C ASN B 165 46.57 56.83 -43.88
N LYS B 166 45.76 56.43 -44.85
CA LYS B 166 45.98 56.79 -46.26
C LYS B 166 45.16 57.92 -46.85
N ALA B 167 44.08 58.32 -46.20
CA ALA B 167 43.28 59.39 -46.77
C ALA B 167 42.27 59.97 -45.79
N LEU B 168 41.77 61.15 -46.15
CA LEU B 168 40.77 61.83 -45.36
C LEU B 168 39.50 61.83 -46.21
N LEU B 169 38.45 61.18 -45.71
CA LEU B 169 37.18 61.11 -46.41
C LEU B 169 36.35 62.20 -45.76
N PHE B 170 36.25 63.34 -46.45
CA PHE B 170 35.57 64.54 -46.00
C PHE B 170 34.14 64.68 -46.55
N CYS B 171 33.25 65.28 -45.76
CA CYS B 171 31.86 65.48 -46.16
C CYS B 171 31.58 66.99 -46.12
N SER B 172 31.30 67.58 -47.27
CA SER B 172 31.10 69.02 -47.35
C SER B 172 30.09 69.46 -48.42
N PRO B 173 28.91 69.98 -48.01
CA PRO B 173 28.41 70.21 -46.65
C PRO B 173 28.39 68.92 -45.83
N HIS B 174 28.50 69.06 -44.51
CA HIS B 174 28.56 67.92 -43.61
C HIS B 174 27.23 67.39 -43.07
N ASN B 175 26.90 66.18 -43.51
CA ASN B 175 25.70 65.45 -43.09
C ASN B 175 26.17 64.62 -41.89
N PRO B 176 25.41 64.61 -40.79
CA PRO B 176 24.13 65.26 -40.48
C PRO B 176 24.10 66.59 -39.73
N VAL B 177 25.26 67.18 -39.41
CA VAL B 177 25.26 68.42 -38.63
C VAL B 177 24.92 69.71 -39.38
N GLY B 178 24.91 69.64 -40.70
CA GLY B 178 24.57 70.81 -41.50
C GLY B 178 25.61 71.90 -41.68
N ARG B 179 26.87 71.59 -41.41
CA ARG B 179 27.93 72.59 -41.55
C ARG B 179 28.39 72.80 -42.99
N VAL B 180 28.53 74.08 -43.37
CA VAL B 180 29.05 74.43 -44.68
C VAL B 180 30.40 75.02 -44.26
N TRP B 181 31.47 74.33 -44.60
CA TRP B 181 32.80 74.76 -44.20
C TRP B 181 33.29 76.10 -44.75
N LYS B 182 33.89 76.88 -43.87
CA LYS B 182 34.41 78.19 -44.24
C LYS B 182 35.79 77.99 -44.87
N LYS B 183 36.18 78.91 -45.75
CA LYS B 183 37.48 78.82 -46.39
C LYS B 183 38.60 78.70 -45.33
N ASP B 184 38.43 79.41 -44.21
CA ASP B 184 39.43 79.38 -43.15
C ASP B 184 39.63 77.95 -42.63
N GLU B 185 38.53 77.23 -42.47
CA GLU B 185 38.59 75.86 -41.98
C GLU B 185 39.22 74.94 -43.03
N LEU B 186 38.84 75.10 -44.29
CA LEU B 186 39.37 74.27 -45.37
C LEU B 186 40.87 74.53 -45.59
N GLN B 187 41.29 75.79 -45.50
CA GLN B 187 42.70 76.10 -45.68
C GLN B 187 43.53 75.45 -44.58
N LYS B 188 43.01 75.43 -43.36
CA LYS B 188 43.72 74.83 -42.24
C LYS B 188 43.85 73.31 -42.42
N ILE B 189 42.79 72.70 -42.93
CA ILE B 189 42.79 71.26 -43.16
C ILE B 189 43.78 70.96 -44.30
N LYS B 190 43.77 71.82 -45.32
CA LYS B 190 44.65 71.65 -46.47
C LYS B 190 46.13 71.57 -46.09
N ASP B 191 46.58 72.50 -45.25
CA ASP B 191 47.98 72.51 -44.84
C ASP B 191 48.36 71.21 -44.14
N ILE B 192 47.43 70.69 -43.35
CA ILE B 192 47.66 69.45 -42.65
C ILE B 192 47.75 68.32 -43.67
N VAL B 193 46.86 68.35 -44.66
CA VAL B 193 46.85 67.33 -45.69
C VAL B 193 48.07 67.41 -46.60
N LEU B 194 48.42 68.60 -47.06
CA LEU B 194 49.57 68.73 -47.95
C LEU B 194 50.90 68.37 -47.28
N LYS B 195 50.99 68.52 -45.96
CA LYS B 195 52.22 68.17 -45.26
C LYS B 195 52.29 66.67 -44.97
N SER B 196 51.25 65.94 -45.36
CA SER B 196 51.21 64.49 -45.14
C SER B 196 51.06 63.76 -46.47
N ASP B 197 50.93 62.45 -46.42
CA ASP B 197 50.76 61.68 -47.64
C ASP B 197 49.29 61.34 -47.81
N LEU B 198 48.45 62.01 -47.02
CA LEU B 198 47.02 61.79 -47.07
C LEU B 198 46.40 62.25 -48.39
N MET B 199 45.49 61.43 -48.89
CA MET B 199 44.77 61.74 -50.12
C MET B 199 43.50 62.40 -49.61
N LEU B 200 42.84 63.21 -50.43
CA LEU B 200 41.60 63.86 -50.02
C LEU B 200 40.42 63.37 -50.85
N TRP B 201 39.40 62.84 -50.19
CA TRP B 201 38.19 62.39 -50.88
C TRP B 201 37.09 63.26 -50.33
N SER B 202 36.72 64.28 -51.10
CA SER B 202 35.70 65.21 -50.67
C SER B 202 34.33 64.92 -51.27
N ASP B 203 33.42 64.45 -50.41
CA ASP B 203 32.06 64.14 -50.83
C ASP B 203 31.24 65.42 -50.75
N GLU B 204 31.01 66.07 -51.89
CA GLU B 204 30.26 67.31 -51.91
C GLU B 204 28.89 67.21 -52.58
N ILE B 205 28.21 66.09 -52.34
CA ILE B 205 26.89 65.83 -52.90
C ILE B 205 25.88 66.90 -52.50
N HIS B 206 26.05 67.51 -51.34
CA HIS B 206 25.11 68.54 -50.89
C HIS B 206 25.48 69.98 -51.26
N PHE B 207 26.53 70.18 -52.07
CA PHE B 207 26.94 71.56 -52.36
C PHE B 207 26.01 72.52 -53.12
N ASP B 208 24.82 72.06 -53.51
CA ASP B 208 23.86 72.93 -54.18
C ASP B 208 22.73 73.29 -53.23
N LEU B 209 22.70 72.62 -52.08
CA LEU B 209 21.66 72.86 -51.09
C LEU B 209 22.22 73.69 -49.94
N ILE B 210 22.47 74.97 -50.23
CA ILE B 210 23.04 75.90 -49.25
C ILE B 210 21.99 76.89 -48.80
N MET B 211 21.86 77.06 -47.48
CA MET B 211 20.89 77.99 -46.93
C MET B 211 21.29 79.43 -47.18
N PRO B 212 20.32 80.34 -47.25
CA PRO B 212 20.64 81.75 -47.49
C PRO B 212 21.56 82.29 -46.39
N GLY B 213 22.59 83.01 -46.81
CA GLY B 213 23.54 83.55 -45.85
C GLY B 213 24.86 82.80 -45.86
N TYR B 214 24.92 81.66 -46.54
CA TYR B 214 26.14 80.88 -46.59
C TYR B 214 26.57 80.57 -48.02
N GLU B 215 27.84 80.22 -48.19
CA GLU B 215 28.37 79.92 -49.51
C GLU B 215 29.33 78.74 -49.43
N HIS B 216 29.09 77.75 -50.27
CA HIS B 216 29.94 76.57 -50.28
C HIS B 216 31.21 76.86 -51.07
N THR B 217 32.31 76.22 -50.68
CA THR B 217 33.57 76.37 -51.37
C THR B 217 34.03 74.96 -51.76
N VAL B 218 34.18 74.70 -53.05
CA VAL B 218 34.65 73.39 -53.47
C VAL B 218 36.06 73.26 -52.92
N PHE B 219 36.30 72.22 -52.13
CA PHE B 219 37.58 72.02 -51.49
C PHE B 219 38.81 72.08 -52.41
N GLN B 220 38.83 71.26 -53.45
CA GLN B 220 39.98 71.24 -54.34
C GLN B 220 40.18 72.51 -55.15
N SER B 221 39.24 73.45 -55.10
CA SER B 221 39.37 74.68 -55.87
C SER B 221 40.23 75.75 -55.19
N ILE B 222 40.53 75.56 -53.91
CA ILE B 222 41.34 76.54 -53.17
C ILE B 222 42.84 76.41 -53.39
N ASP B 223 43.30 75.28 -53.89
CA ASP B 223 44.73 75.07 -54.10
C ASP B 223 45.00 73.99 -55.15
N GLU B 224 45.79 74.34 -56.17
CA GLU B 224 46.12 73.40 -57.24
C GLU B 224 46.83 72.12 -56.80
N GLN B 225 47.77 72.25 -55.87
CA GLN B 225 48.50 71.09 -55.37
C GLN B 225 47.58 70.13 -54.60
N LEU B 226 46.60 70.67 -53.89
CA LEU B 226 45.66 69.83 -53.16
C LEU B 226 44.83 69.09 -54.20
N ALA B 227 44.39 69.82 -55.21
CA ALA B 227 43.58 69.25 -56.28
C ALA B 227 44.31 68.10 -56.97
N ASP B 228 45.64 68.16 -56.94
CA ASP B 228 46.45 67.13 -57.56
C ASP B 228 46.28 65.76 -56.92
N LYS B 229 45.81 65.74 -55.67
CA LYS B 229 45.59 64.46 -54.99
C LYS B 229 44.22 64.42 -54.33
N THR B 230 43.24 65.03 -55.00
CA THR B 230 41.88 65.07 -54.50
C THR B 230 40.89 64.38 -55.45
N ILE B 231 39.93 63.68 -54.87
CA ILE B 231 38.87 63.04 -55.63
C ILE B 231 37.61 63.70 -55.08
N THR B 232 36.88 64.41 -55.93
CA THR B 232 35.67 65.11 -55.50
C THR B 232 34.41 64.41 -56.00
N PHE B 233 33.57 63.97 -55.08
CA PHE B 233 32.33 63.30 -55.46
C PHE B 233 31.20 64.30 -55.55
N THR B 234 30.53 64.32 -56.70
CA THR B 234 29.38 65.19 -56.91
C THR B 234 28.32 64.43 -57.69
N ALA B 235 27.09 64.92 -57.63
CA ALA B 235 25.96 64.32 -58.32
C ALA B 235 24.79 65.28 -58.20
N PRO B 236 23.78 65.15 -59.08
CA PRO B 236 22.60 66.03 -59.04
C PRO B 236 21.47 65.43 -58.21
N SER B 237 21.67 64.22 -57.71
CA SER B 237 20.65 63.49 -56.96
C SER B 237 20.06 64.15 -55.72
N LYS B 238 20.90 64.61 -54.80
CA LYS B 238 20.38 65.24 -53.59
C LYS B 238 19.73 66.58 -53.96
N THR B 239 20.39 67.32 -54.84
CA THR B 239 19.92 68.63 -55.29
C THR B 239 18.52 68.62 -55.91
N PHE B 240 18.28 67.73 -56.86
CA PHE B 240 16.98 67.67 -57.53
C PHE B 240 16.11 66.46 -57.18
N ASN B 241 16.44 65.79 -56.07
CA ASN B 241 15.69 64.64 -55.61
C ASN B 241 15.65 63.49 -56.62
N ILE B 242 16.79 63.17 -57.20
CA ILE B 242 16.81 62.08 -58.17
C ILE B 242 17.80 60.97 -57.83
N ALA B 243 17.80 60.55 -56.57
CA ALA B 243 18.66 59.47 -56.11
C ALA B 243 18.23 58.20 -56.85
N GLY B 244 17.06 58.26 -57.46
CA GLY B 244 16.55 57.10 -58.19
C GLY B 244 16.91 57.09 -59.66
N MET B 245 17.78 57.99 -60.08
CA MET B 245 18.21 58.06 -61.47
C MET B 245 19.63 57.52 -61.67
N GLY B 246 20.28 57.20 -60.56
CA GLY B 246 21.63 56.64 -60.57
C GLY B 246 22.69 57.22 -61.48
N MET B 247 23.11 58.46 -61.22
CA MET B 247 24.15 59.09 -62.03
C MET B 247 24.96 60.07 -61.20
N SER B 248 26.25 59.80 -61.07
CA SER B 248 27.14 60.67 -60.31
C SER B 248 28.29 61.19 -61.17
N ASN B 249 28.79 62.38 -60.84
CA ASN B 249 29.91 62.95 -61.57
C ASN B 249 31.11 63.07 -60.63
N ILE B 250 32.04 62.14 -60.78
CA ILE B 250 33.23 62.11 -59.95
C ILE B 250 34.34 62.89 -60.65
N ILE B 251 34.77 63.96 -60.01
CA ILE B 251 35.79 64.83 -60.59
C ILE B 251 37.18 64.51 -60.07
N ILE B 252 38.06 64.08 -60.97
CA ILE B 252 39.43 63.75 -60.61
C ILE B 252 40.40 64.40 -61.59
N LYS B 253 41.09 65.44 -61.12
CA LYS B 253 42.04 66.19 -61.94
C LYS B 253 43.26 65.39 -62.38
N ASN B 254 43.93 64.77 -61.42
CA ASN B 254 45.14 63.99 -61.69
C ASN B 254 44.91 62.78 -62.58
N PRO B 255 45.57 62.75 -63.75
CA PRO B 255 45.47 61.67 -64.73
C PRO B 255 45.66 60.26 -64.18
N ASP B 256 46.65 60.08 -63.33
CA ASP B 256 46.94 58.77 -62.78
C ASP B 256 45.91 58.30 -61.76
N ILE B 257 45.51 59.21 -60.88
CA ILE B 257 44.51 58.85 -59.87
C ILE B 257 43.21 58.51 -60.61
N ARG B 258 42.88 59.30 -61.62
CA ARG B 258 41.67 59.11 -62.40
C ARG B 258 41.68 57.76 -63.12
N GLU B 259 42.78 57.45 -63.78
CA GLU B 259 42.90 56.19 -64.50
C GLU B 259 42.72 55.01 -63.54
N ARG B 260 43.36 55.09 -62.37
CA ARG B 260 43.25 54.02 -61.39
C ARG B 260 41.80 53.88 -60.90
N PHE B 261 41.16 55.01 -60.60
CA PHE B 261 39.79 55.00 -60.12
C PHE B 261 38.89 54.32 -61.14
N THR B 262 39.06 54.68 -62.40
CA THR B 262 38.28 54.13 -63.49
C THR B 262 38.52 52.62 -63.63
N LYS B 263 39.78 52.22 -63.53
CA LYS B 263 40.13 50.81 -63.62
C LYS B 263 39.45 50.03 -62.50
N SER B 264 39.41 50.61 -61.30
CA SER B 264 38.77 49.95 -60.17
C SER B 264 37.27 49.84 -60.40
N ARG B 265 36.69 50.90 -60.96
CA ARG B 265 35.27 50.90 -61.25
C ARG B 265 34.91 49.82 -62.25
N ASP B 266 35.71 49.74 -63.32
CA ASP B 266 35.45 48.77 -64.37
C ASP B 266 35.59 47.31 -63.97
N ALA B 267 36.28 47.05 -62.87
CA ALA B 267 36.45 45.68 -62.40
C ALA B 267 35.36 45.29 -61.41
N THR B 268 34.53 46.25 -61.04
CA THR B 268 33.45 45.96 -60.09
C THR B 268 32.05 46.25 -60.62
N SER B 269 31.78 47.51 -60.96
CA SER B 269 30.46 47.90 -61.45
C SER B 269 30.41 48.20 -62.95
N GLY B 270 31.57 48.47 -63.54
CA GLY B 270 31.59 48.83 -64.94
C GLY B 270 31.04 50.23 -65.04
N MET B 271 30.99 50.78 -66.25
CA MET B 271 30.46 52.13 -66.42
C MET B 271 28.94 52.10 -66.44
N PRO B 272 28.30 53.23 -66.12
CA PRO B 272 26.84 53.30 -66.13
C PRO B 272 26.33 53.37 -67.56
N PHE B 273 25.39 52.50 -67.92
CA PHE B 273 24.84 52.51 -69.27
C PHE B 273 23.46 53.14 -69.26
N THR B 274 23.06 53.63 -68.10
CA THR B 274 21.76 54.25 -67.92
C THR B 274 21.51 55.45 -68.84
N THR B 275 20.62 55.27 -69.81
CA THR B 275 20.30 56.33 -70.76
C THR B 275 19.68 57.55 -70.08
N LEU B 276 18.67 57.32 -69.25
CA LEU B 276 18.00 58.42 -68.56
C LEU B 276 18.81 59.08 -67.46
N GLY B 277 19.81 58.38 -66.95
CA GLY B 277 20.65 58.94 -65.91
C GLY B 277 21.42 60.16 -66.43
N TYR B 278 22.01 60.01 -67.61
CA TYR B 278 22.77 61.10 -68.22
C TYR B 278 21.89 62.27 -68.61
N LYS B 279 20.74 61.95 -69.21
CA LYS B 279 19.81 62.98 -69.64
C LYS B 279 19.19 63.77 -68.47
N ALA B 280 18.87 63.08 -67.39
CA ALA B 280 18.28 63.74 -66.23
C ALA B 280 19.19 64.78 -65.60
N CYS B 281 20.48 64.48 -65.55
CA CYS B 281 21.45 65.41 -64.97
C CYS B 281 21.60 66.63 -65.87
N GLU B 282 21.61 66.41 -67.18
CA GLU B 282 21.73 67.51 -68.13
C GLU B 282 20.50 68.42 -68.10
N ILE B 283 19.31 67.83 -67.97
CA ILE B 283 18.09 68.62 -67.93
C ILE B 283 18.04 69.49 -66.68
N CYS B 284 18.32 68.88 -65.53
CA CYS B 284 18.30 69.59 -64.26
C CYS B 284 19.22 70.81 -64.24
N TYR B 285 20.45 70.62 -64.68
CA TYR B 285 21.44 71.69 -64.72
C TYR B 285 21.05 72.80 -65.69
N LYS B 286 20.45 72.42 -66.81
CA LYS B 286 20.04 73.39 -67.82
C LYS B 286 18.70 74.07 -67.57
N GLU B 287 17.75 73.33 -66.99
CA GLU B 287 16.41 73.88 -66.81
C GLU B 287 15.78 73.96 -65.43
N CYS B 288 16.37 73.31 -64.44
CA CYS B 288 15.73 73.31 -63.12
C CYS B 288 16.28 74.22 -62.03
N GLY B 289 17.03 75.25 -62.43
CA GLY B 289 17.60 76.16 -61.45
C GLY B 289 16.56 76.92 -60.64
N LYS B 290 15.49 77.35 -61.29
CA LYS B 290 14.45 78.10 -60.58
C LYS B 290 13.71 77.23 -59.59
N TRP B 291 13.50 75.97 -59.95
CA TRP B 291 12.81 75.05 -59.07
C TRP B 291 13.62 74.91 -57.79
N LEU B 292 14.93 74.75 -57.95
CA LEU B 292 15.84 74.60 -56.82
C LEU B 292 15.78 75.80 -55.88
N ASP B 293 15.68 77.01 -56.45
CA ASP B 293 15.59 78.21 -55.62
C ASP B 293 14.35 78.14 -54.73
N GLY B 294 13.22 77.74 -55.32
CA GLY B 294 11.98 77.63 -54.57
C GLY B 294 12.06 76.57 -53.50
N CYS B 295 12.76 75.48 -53.80
CA CYS B 295 12.91 74.38 -52.86
C CYS B 295 13.72 74.81 -51.63
N ILE B 296 14.83 75.49 -51.85
CA ILE B 296 15.67 75.95 -50.75
C ILE B 296 14.92 76.90 -49.82
N LYS B 297 13.99 77.67 -50.37
CA LYS B 297 13.22 78.59 -49.54
C LYS B 297 12.33 77.86 -48.55
N VAL B 298 11.70 76.78 -49.00
CA VAL B 298 10.83 76.01 -48.12
C VAL B 298 11.65 75.32 -47.05
N ILE B 299 12.82 74.82 -47.43
CA ILE B 299 13.71 74.16 -46.50
C ILE B 299 14.14 75.14 -45.41
N ASP B 300 14.47 76.36 -45.82
CA ASP B 300 14.90 77.41 -44.88
C ASP B 300 13.70 77.74 -43.99
N LYS B 301 12.53 77.84 -44.62
CA LYS B 301 11.30 78.13 -43.92
C LYS B 301 11.04 77.06 -42.86
N ASN B 302 11.26 75.80 -43.22
CA ASN B 302 11.02 74.68 -42.31
C ASN B 302 12.01 74.55 -41.15
N GLN B 303 13.30 74.71 -41.40
CA GLN B 303 14.28 74.58 -40.34
C GLN B 303 13.97 75.58 -39.22
N ARG B 304 13.41 76.73 -39.60
CA ARG B 304 13.06 77.75 -38.62
C ARG B 304 11.80 77.34 -37.86
N ILE B 305 10.95 76.54 -38.49
CA ILE B 305 9.74 76.07 -37.83
C ILE B 305 10.17 75.09 -36.75
N VAL B 306 11.07 74.19 -37.09
CA VAL B 306 11.58 73.20 -36.15
C VAL B 306 12.26 73.89 -34.96
N LYS B 307 13.19 74.79 -35.25
CA LYS B 307 13.90 75.52 -34.22
C LYS B 307 12.94 76.16 -33.23
N ASP B 308 12.05 77.00 -33.75
CA ASP B 308 11.09 77.68 -32.89
C ASP B 308 10.19 76.73 -32.12
N PHE B 309 9.85 75.60 -32.73
CA PHE B 309 8.98 74.62 -32.10
C PHE B 309 9.47 74.18 -30.74
N PHE B 310 10.74 73.77 -30.68
CA PHE B 310 11.31 73.30 -29.43
C PHE B 310 11.51 74.43 -28.42
N GLU B 311 11.96 75.59 -28.88
CA GLU B 311 12.16 76.73 -27.99
C GLU B 311 10.88 77.08 -27.23
N VAL B 312 9.74 76.93 -27.90
CA VAL B 312 8.46 77.25 -27.28
C VAL B 312 7.84 76.12 -26.46
N ASN B 313 7.90 74.88 -26.95
CA ASN B 313 7.30 73.75 -26.25
C ASN B 313 8.24 72.88 -25.44
N HIS B 314 9.47 72.69 -25.93
CA HIS B 314 10.43 71.86 -25.22
C HIS B 314 11.83 72.45 -25.38
N PRO B 315 12.06 73.62 -24.75
CA PRO B 315 13.33 74.36 -24.79
C PRO B 315 14.57 73.60 -24.34
N GLU B 316 14.40 72.48 -23.64
CA GLU B 316 15.55 71.70 -23.21
C GLU B 316 16.07 70.91 -24.41
N ILE B 317 15.27 70.86 -25.47
CA ILE B 317 15.64 70.17 -26.70
C ILE B 317 16.02 71.27 -27.70
N LYS B 318 17.19 71.13 -28.32
CA LYS B 318 17.65 72.15 -29.26
C LYS B 318 17.73 71.75 -30.74
N ALA B 319 17.25 72.64 -31.59
CA ALA B 319 17.26 72.44 -33.04
C ALA B 319 17.71 73.74 -33.70
N PRO B 320 19.02 74.00 -33.71
CA PRO B 320 19.56 75.22 -34.32
C PRO B 320 19.47 75.19 -35.84
N LEU B 321 19.52 76.36 -36.46
CA LEU B 321 19.48 76.46 -37.91
C LEU B 321 20.76 75.87 -38.48
N ILE B 322 20.65 75.32 -39.69
CA ILE B 322 21.82 74.72 -40.35
C ILE B 322 22.29 75.63 -41.47
N GLU B 323 23.46 75.34 -42.01
CA GLU B 323 24.03 76.16 -43.08
C GLU B 323 23.82 75.53 -44.45
N GLY B 324 23.77 74.20 -44.49
CA GLY B 324 23.59 73.48 -45.74
C GLY B 324 22.87 72.16 -45.56
N THR B 325 22.51 71.53 -46.70
CA THR B 325 21.76 70.28 -46.74
C THR B 325 20.37 70.61 -46.22
N TYR B 326 19.45 69.65 -46.27
CA TYR B 326 18.12 69.89 -45.76
C TYR B 326 17.85 68.95 -44.59
N LEU B 327 18.93 68.56 -43.94
CA LEU B 327 18.89 67.66 -42.79
C LEU B 327 19.28 68.42 -41.52
N GLN B 328 18.31 68.70 -40.67
CA GLN B 328 18.52 69.44 -39.44
C GLN B 328 18.89 68.50 -38.28
N TRP B 329 19.85 68.93 -37.46
CA TRP B 329 20.38 68.16 -36.34
C TRP B 329 19.76 68.61 -35.02
N ILE B 330 19.02 67.73 -34.34
CA ILE B 330 18.37 68.07 -33.07
C ILE B 330 18.99 67.38 -31.87
N ASP B 331 19.26 68.16 -30.82
CA ASP B 331 19.87 67.64 -29.59
C ASP B 331 18.77 67.19 -28.60
N PHE B 332 18.67 65.88 -28.39
CA PHE B 332 17.68 65.32 -27.46
C PHE B 332 18.29 64.69 -26.21
N ARG B 333 19.51 65.10 -25.86
CA ARG B 333 20.18 64.52 -24.69
C ARG B 333 19.58 64.95 -23.36
N ALA B 334 18.75 65.98 -23.37
CA ALA B 334 18.12 66.49 -22.15
C ALA B 334 17.00 65.56 -21.64
N LEU B 335 16.60 64.61 -22.46
CA LEU B 335 15.55 63.67 -22.07
C LEU B 335 16.11 62.54 -21.22
N LYS B 336 17.43 62.39 -21.25
CA LYS B 336 18.12 61.37 -20.48
C LYS B 336 17.72 59.94 -20.85
N MET B 337 17.26 59.75 -22.07
CA MET B 337 16.85 58.43 -22.55
C MET B 337 17.98 57.83 -23.37
N ASP B 338 18.36 56.58 -23.10
CA ASP B 338 19.42 55.97 -23.88
C ASP B 338 18.88 55.93 -25.30
N HIS B 339 19.77 55.97 -26.30
CA HIS B 339 19.34 55.99 -27.69
C HIS B 339 18.36 54.91 -28.13
N LYS B 340 18.68 53.64 -27.87
CA LYS B 340 17.77 52.57 -28.26
C LYS B 340 16.38 52.81 -27.69
N ALA B 341 16.34 53.30 -26.45
CA ALA B 341 15.08 53.58 -25.77
C ALA B 341 14.40 54.80 -26.39
N MET B 342 15.19 55.80 -26.78
CA MET B 342 14.63 57.00 -27.37
C MET B 342 14.08 56.72 -28.77
N GLU B 343 14.74 55.82 -29.49
CA GLU B 343 14.30 55.45 -30.82
C GLU B 343 12.94 54.78 -30.71
N GLU B 344 12.82 53.87 -29.73
CA GLU B 344 11.57 53.16 -29.50
C GLU B 344 10.43 54.15 -29.27
N PHE B 345 10.70 55.18 -28.46
CA PHE B 345 9.72 56.21 -28.15
C PHE B 345 9.31 56.99 -29.41
N MET B 346 10.29 57.37 -30.22
CA MET B 346 10.01 58.14 -31.43
C MET B 346 9.17 57.35 -32.42
N ILE B 347 9.51 56.08 -32.60
CA ILE B 347 8.82 55.21 -33.53
C ILE B 347 7.40 54.80 -33.14
N HIS B 348 7.16 54.59 -31.85
CA HIS B 348 5.84 54.14 -31.42
C HIS B 348 4.98 55.17 -30.68
N LYS B 349 5.57 55.91 -29.75
CA LYS B 349 4.80 56.90 -29.00
C LYS B 349 4.55 58.19 -29.78
N ALA B 350 5.55 58.67 -30.49
CA ALA B 350 5.40 59.91 -31.26
C ALA B 350 5.11 59.62 -32.72
N GLN B 351 5.50 58.43 -33.17
CA GLN B 351 5.30 58.04 -34.56
C GLN B 351 5.94 59.07 -35.48
N ILE B 352 7.16 59.47 -35.12
CA ILE B 352 7.95 60.42 -35.89
C ILE B 352 9.20 59.64 -36.27
N PHE B 353 9.49 59.56 -37.56
CA PHE B 353 10.64 58.79 -38.01
C PHE B 353 11.82 59.64 -38.47
N PHE B 354 12.76 59.82 -37.55
CA PHE B 354 13.97 60.58 -37.80
C PHE B 354 15.01 59.58 -38.26
N ASP B 355 16.24 60.06 -38.41
CA ASP B 355 17.35 59.20 -38.74
C ASP B 355 18.11 59.26 -37.42
N GLU B 356 17.72 58.40 -36.49
CA GLU B 356 18.32 58.35 -35.17
C GLU B 356 19.80 58.75 -35.20
N GLY B 357 20.14 59.74 -34.37
CA GLY B 357 21.51 60.24 -34.33
C GLY B 357 22.62 59.24 -34.12
N TYR B 358 22.40 58.24 -33.29
CA TYR B 358 23.43 57.25 -33.00
C TYR B 358 23.94 56.48 -34.22
N ILE B 359 23.13 56.42 -35.27
CA ILE B 359 23.55 55.70 -36.47
C ILE B 359 24.72 56.40 -37.17
N PHE B 360 24.92 57.68 -36.86
CA PHE B 360 26.01 58.44 -37.48
C PHE B 360 27.28 58.40 -36.64
N GLY B 361 27.29 57.55 -35.60
CA GLY B 361 28.44 57.43 -34.73
C GLY B 361 28.05 57.71 -33.29
N ASP B 362 28.89 57.34 -32.34
CA ASP B 362 28.55 57.57 -30.94
C ASP B 362 28.31 59.05 -30.65
N GLY B 363 28.99 59.92 -31.39
CA GLY B 363 28.82 61.35 -31.19
C GLY B 363 27.40 61.79 -31.49
N GLY B 364 26.65 60.94 -32.18
CA GLY B 364 25.27 61.26 -32.51
C GLY B 364 24.28 60.75 -31.48
N ILE B 365 24.77 59.95 -30.53
CA ILE B 365 23.91 59.40 -29.49
C ILE B 365 23.22 60.53 -28.72
N GLY B 366 21.91 60.56 -28.79
CA GLY B 366 21.16 61.60 -28.10
C GLY B 366 20.58 62.62 -29.05
N PHE B 367 21.04 62.58 -30.31
CA PHE B 367 20.54 63.51 -31.31
C PHE B 367 19.57 62.84 -32.29
N GLU B 368 18.86 63.65 -33.06
CA GLU B 368 17.91 63.18 -34.05
C GLU B 368 18.05 64.06 -35.29
N ARG B 369 18.07 63.44 -36.47
CA ARG B 369 18.19 64.19 -37.72
C ARG B 369 16.83 64.21 -38.41
N ILE B 370 16.30 65.40 -38.67
CA ILE B 370 15.01 65.55 -39.31
C ILE B 370 15.14 66.01 -40.77
N ASN B 371 14.42 65.34 -41.66
CA ASN B 371 14.43 65.68 -43.08
C ASN B 371 13.47 66.85 -43.33
N LEU B 372 14.03 68.01 -43.67
CA LEU B 372 13.23 69.20 -43.90
C LEU B 372 12.58 69.32 -45.28
N ALA B 373 12.97 68.46 -46.22
CA ALA B 373 12.41 68.52 -47.57
C ALA B 373 11.02 67.90 -47.67
N ALA B 374 10.03 68.65 -47.18
CA ALA B 374 8.64 68.23 -47.20
C ALA B 374 7.80 69.49 -47.03
N PRO B 375 6.51 69.42 -47.39
CA PRO B 375 5.66 70.60 -47.23
C PRO B 375 5.69 71.12 -45.79
N SER B 376 5.65 72.43 -45.61
CA SER B 376 5.68 72.98 -44.27
C SER B 376 4.57 72.37 -43.39
N SER B 377 3.39 72.19 -43.98
CA SER B 377 2.25 71.61 -43.26
C SER B 377 2.57 70.22 -42.72
N VAL B 378 3.38 69.47 -43.47
CA VAL B 378 3.75 68.12 -43.06
C VAL B 378 4.71 68.18 -41.87
N ILE B 379 5.60 69.17 -41.86
CA ILE B 379 6.53 69.32 -40.76
C ILE B 379 5.74 69.65 -39.49
N GLN B 380 4.77 70.56 -39.62
CA GLN B 380 3.92 70.98 -38.50
C GLN B 380 3.17 69.79 -37.91
N GLU B 381 2.55 69.00 -38.77
CA GLU B 381 1.81 67.82 -38.33
C GLU B 381 2.72 66.92 -37.51
N SER B 382 3.91 66.64 -38.06
CA SER B 382 4.86 65.77 -37.38
C SER B 382 5.25 66.32 -36.02
N LEU B 383 5.60 67.61 -35.98
CA LEU B 383 6.00 68.26 -34.74
C LEU B 383 4.87 68.23 -33.70
N GLU B 384 3.66 68.54 -34.12
CA GLU B 384 2.53 68.53 -33.20
C GLU B 384 2.32 67.14 -32.60
N ARG B 385 2.63 66.11 -33.38
CA ARG B 385 2.47 64.73 -32.93
C ARG B 385 3.52 64.40 -31.86
N LEU B 386 4.75 64.87 -32.08
CA LEU B 386 5.82 64.63 -31.10
C LEU B 386 5.53 65.44 -29.84
N ASN B 387 4.93 66.60 -30.04
CA ASN B 387 4.61 67.49 -28.92
C ASN B 387 3.75 66.75 -27.91
N LYS B 388 2.64 66.16 -28.36
CA LYS B 388 1.76 65.42 -27.47
C LYS B 388 2.51 64.28 -26.79
N ALA B 389 3.26 63.52 -27.58
CA ALA B 389 4.02 62.40 -27.06
C ALA B 389 4.98 62.85 -25.96
N LEU B 390 5.66 63.97 -26.20
CA LEU B 390 6.60 64.51 -25.22
C LEU B 390 5.89 64.91 -23.93
N LYS B 391 4.79 65.63 -24.05
CA LYS B 391 4.01 66.06 -22.88
C LYS B 391 3.56 64.85 -22.07
N ASP B 392 2.92 63.90 -22.74
CA ASP B 392 2.45 62.69 -22.07
C ASP B 392 3.60 61.97 -21.40
N LEU B 393 4.77 61.99 -22.03
CA LEU B 393 5.94 61.33 -21.49
C LEU B 393 6.17 61.76 -20.04
N LYS B 394 6.05 63.07 -19.79
CA LYS B 394 6.24 63.60 -18.45
C LYS B 394 7.67 63.38 -17.99
N MET C 1 30.09 -70.99 -58.12
CA MET C 1 30.96 -70.96 -56.91
C MET C 1 31.70 -72.30 -56.78
N ILE C 2 32.95 -72.24 -56.32
CA ILE C 2 33.74 -73.46 -56.14
C ILE C 2 33.47 -74.00 -54.74
N TYR C 3 32.94 -75.21 -54.66
CA TYR C 3 32.63 -75.80 -53.36
C TYR C 3 33.70 -76.75 -52.88
N ASP C 4 34.06 -76.62 -51.62
CA ASP C 4 35.10 -77.42 -50.99
C ASP C 4 34.54 -78.49 -50.06
N PHE C 5 34.65 -79.75 -50.47
CA PHE C 5 34.22 -80.89 -49.66
C PHE C 5 35.41 -81.85 -49.49
N THR C 6 36.62 -81.34 -49.74
CA THR C 6 37.83 -82.15 -49.65
C THR C 6 38.84 -81.74 -48.57
N THR C 7 38.89 -80.46 -48.23
CA THR C 7 39.84 -80.00 -47.24
C THR C 7 39.55 -80.56 -45.85
N LYS C 8 40.54 -81.23 -45.27
CA LYS C 8 40.40 -81.79 -43.93
C LYS C 8 40.53 -80.62 -42.95
N ILE C 9 39.45 -80.29 -42.26
CA ILE C 9 39.51 -79.17 -41.31
C ILE C 9 39.76 -79.64 -39.87
N SER C 10 40.16 -78.69 -39.03
CA SER C 10 40.41 -78.95 -37.63
C SER C 10 39.58 -77.96 -36.82
N ARG C 11 38.90 -78.44 -35.77
CA ARG C 11 38.09 -77.54 -34.95
C ARG C 11 38.48 -77.63 -33.48
N LYS C 12 39.75 -77.94 -33.24
CA LYS C 12 40.26 -78.06 -31.89
C LYS C 12 40.31 -76.71 -31.20
N ASN C 13 39.91 -76.69 -29.94
CA ASN C 13 39.92 -75.47 -29.13
C ASN C 13 39.21 -74.29 -29.78
N LEU C 14 38.16 -74.58 -30.55
CA LEU C 14 37.39 -73.53 -31.21
C LEU C 14 35.97 -73.46 -30.66
N GLY C 15 35.71 -74.18 -29.58
CA GLY C 15 34.38 -74.17 -28.99
C GLY C 15 33.43 -75.16 -29.61
N SER C 16 33.95 -76.08 -30.43
CA SER C 16 33.09 -77.09 -31.03
C SER C 16 32.70 -78.13 -29.99
N LEU C 17 31.41 -78.30 -29.77
CA LEU C 17 30.92 -79.28 -28.81
C LEU C 17 31.44 -80.66 -29.18
N LYS C 18 31.34 -81.01 -30.45
CA LYS C 18 31.80 -82.32 -30.90
C LYS C 18 33.27 -82.58 -30.63
N TRP C 19 34.13 -81.64 -31.02
CA TRP C 19 35.56 -81.79 -30.81
C TRP C 19 35.97 -81.80 -29.34
N ASP C 20 35.32 -80.95 -28.55
CA ASP C 20 35.63 -80.88 -27.13
C ASP C 20 35.22 -82.19 -26.44
N LEU C 21 34.12 -82.79 -26.89
CA LEU C 21 33.68 -84.06 -26.30
C LEU C 21 34.75 -85.11 -26.57
N MET C 22 35.29 -85.11 -27.78
CA MET C 22 36.32 -86.06 -28.15
C MET C 22 37.53 -85.96 -27.21
N TYR C 23 38.07 -84.75 -27.04
CA TYR C 23 39.22 -84.59 -26.15
C TYR C 23 38.88 -84.95 -24.71
N SER C 24 37.63 -84.71 -24.33
CA SER C 24 37.18 -85.02 -22.98
C SER C 24 37.23 -86.53 -22.74
N GLN C 25 36.78 -87.30 -23.72
CA GLN C 25 36.75 -88.76 -23.63
C GLN C 25 38.12 -89.41 -23.77
N ASN C 26 38.98 -88.82 -24.60
CA ASN C 26 40.32 -89.37 -24.79
C ASN C 26 41.32 -88.23 -24.93
N PRO C 27 41.84 -87.72 -23.80
CA PRO C 27 42.81 -86.62 -23.80
C PRO C 27 44.03 -86.91 -24.66
N GLU C 28 44.35 -88.19 -24.83
CA GLU C 28 45.51 -88.59 -25.61
C GLU C 28 45.23 -88.84 -27.09
N VAL C 29 44.04 -88.45 -27.55
CA VAL C 29 43.68 -88.64 -28.95
C VAL C 29 44.71 -87.95 -29.87
N GLY C 30 45.10 -88.63 -30.94
CA GLY C 30 46.06 -88.07 -31.87
C GLY C 30 45.54 -86.85 -32.62
N ASN C 31 46.43 -85.90 -32.90
CA ASN C 31 46.06 -84.66 -33.59
C ASN C 31 45.57 -84.83 -35.03
N GLU C 32 45.67 -86.04 -35.58
CA GLU C 32 45.23 -86.27 -36.94
C GLU C 32 43.80 -86.85 -36.95
N VAL C 33 43.27 -87.06 -35.75
CA VAL C 33 41.94 -87.62 -35.61
C VAL C 33 40.79 -86.60 -35.69
N VAL C 34 39.73 -87.01 -36.38
CA VAL C 34 38.54 -86.17 -36.52
C VAL C 34 37.36 -86.98 -35.98
N PRO C 35 36.55 -86.37 -35.10
CA PRO C 35 35.40 -87.08 -34.55
C PRO C 35 34.32 -87.25 -35.62
N LEU C 36 33.60 -88.36 -35.58
CA LEU C 36 32.53 -88.67 -36.54
C LEU C 36 31.28 -88.96 -35.72
N SER C 37 31.08 -88.14 -34.69
CA SER C 37 29.97 -88.34 -33.76
C SER C 37 28.79 -87.40 -33.93
N VAL C 38 28.80 -86.31 -33.16
CA VAL C 38 27.74 -85.31 -33.18
C VAL C 38 27.36 -84.87 -34.58
N ALA C 39 26.06 -84.67 -34.78
CA ALA C 39 25.54 -84.31 -36.08
C ALA C 39 25.69 -82.88 -36.59
N ASP C 40 26.92 -82.49 -36.90
CA ASP C 40 27.20 -81.22 -37.55
C ASP C 40 28.33 -81.60 -38.51
N MET C 41 28.46 -80.87 -39.62
CA MET C 41 29.42 -81.20 -40.67
C MET C 41 30.87 -80.77 -40.54
N GLU C 42 31.75 -81.62 -41.06
CA GLU C 42 33.17 -81.31 -41.08
C GLU C 42 33.50 -80.68 -42.42
N PHE C 43 32.63 -79.76 -42.84
CA PHE C 43 32.76 -79.01 -44.10
C PHE C 43 32.51 -77.54 -43.75
N LYS C 44 33.14 -76.62 -44.47
CA LYS C 44 32.89 -75.20 -44.23
C LYS C 44 31.49 -74.95 -44.83
N ASN C 45 30.82 -73.91 -44.34
CA ASN C 45 29.48 -73.55 -44.83
C ASN C 45 29.50 -73.02 -46.26
N PRO C 46 28.34 -72.96 -46.92
CA PRO C 46 28.27 -72.45 -48.30
C PRO C 46 28.94 -71.08 -48.42
N PRO C 47 29.82 -70.90 -49.40
CA PRO C 47 30.49 -69.59 -49.58
C PRO C 47 29.47 -68.46 -49.74
N GLU C 48 28.34 -68.78 -50.37
CA GLU C 48 27.29 -67.79 -50.57
C GLU C 48 26.74 -67.30 -49.23
N LEU C 49 26.60 -68.23 -48.29
CA LEU C 49 26.10 -67.87 -46.96
C LEU C 49 27.08 -66.94 -46.26
N ILE C 50 28.35 -67.34 -46.24
CA ILE C 50 29.39 -66.52 -45.59
C ILE C 50 29.44 -65.11 -46.19
N GLU C 51 29.50 -65.03 -47.51
CA GLU C 51 29.56 -63.71 -48.15
C GLU C 51 28.31 -62.87 -47.84
N GLY C 52 27.15 -63.51 -47.85
CA GLY C 52 25.91 -62.80 -47.57
C GLY C 52 25.78 -62.28 -46.14
N LEU C 53 26.24 -63.06 -45.16
CA LEU C 53 26.15 -62.63 -43.78
C LEU C 53 27.09 -61.45 -43.54
N LYS C 54 28.28 -61.52 -44.13
CA LYS C 54 29.25 -60.47 -43.99
C LYS C 54 28.67 -59.19 -44.58
N LYS C 55 28.02 -59.31 -45.73
CA LYS C 55 27.41 -58.16 -46.38
C LYS C 55 26.29 -57.59 -45.53
N TYR C 56 25.50 -58.47 -44.94
CA TYR C 56 24.37 -58.07 -44.08
C TYR C 56 24.85 -57.26 -42.87
N LEU C 57 25.99 -57.62 -42.31
CA LEU C 57 26.53 -56.91 -41.15
C LEU C 57 26.73 -55.41 -41.43
N ASP C 58 26.77 -55.05 -42.70
CA ASP C 58 26.94 -53.64 -43.08
C ASP C 58 25.60 -52.96 -43.36
N GLU C 59 24.52 -53.74 -43.34
CA GLU C 59 23.21 -53.17 -43.67
C GLU C 59 22.22 -53.07 -42.53
N THR C 60 22.52 -53.69 -41.40
CA THR C 60 21.58 -53.65 -40.29
C THR C 60 22.28 -53.49 -38.95
N VAL C 61 21.50 -53.30 -37.91
CA VAL C 61 22.00 -53.17 -36.56
C VAL C 61 21.56 -54.44 -35.83
N LEU C 62 22.39 -54.91 -34.89
CA LEU C 62 22.10 -56.15 -34.18
C LEU C 62 21.12 -56.07 -32.99
N GLY C 63 20.03 -55.34 -33.17
CA GLY C 63 19.04 -55.21 -32.11
C GLY C 63 17.97 -56.28 -32.13
N TYR C 64 16.85 -56.02 -31.44
CA TYR C 64 15.74 -56.96 -31.37
C TYR C 64 15.18 -57.16 -32.78
N THR C 65 15.30 -58.39 -33.27
CA THR C 65 14.91 -58.72 -34.62
C THR C 65 13.91 -59.86 -34.78
N GLY C 66 13.05 -59.74 -35.79
CA GLY C 66 12.06 -60.76 -36.08
C GLY C 66 12.08 -61.08 -37.57
N PRO C 67 11.24 -62.01 -38.04
CA PRO C 67 11.18 -62.39 -39.45
C PRO C 67 10.56 -61.31 -40.33
N THR C 68 11.12 -61.08 -41.51
CA THR C 68 10.55 -60.10 -42.46
C THR C 68 9.50 -60.86 -43.26
N GLU C 69 8.68 -60.16 -44.03
CA GLU C 69 7.68 -60.87 -44.82
C GLU C 69 8.39 -61.65 -45.93
N GLU C 70 9.50 -61.11 -46.41
CA GLU C 70 10.27 -61.79 -47.44
C GLU C 70 10.81 -63.12 -46.90
N TYR C 71 11.29 -63.08 -45.65
CA TYR C 71 11.82 -64.27 -45.00
C TYR C 71 10.77 -65.39 -45.02
N LYS C 72 9.56 -65.07 -44.59
CA LYS C 72 8.48 -66.04 -44.56
C LYS C 72 8.15 -66.55 -45.97
N LYS C 73 8.12 -65.66 -46.96
CA LYS C 73 7.81 -66.07 -48.32
C LYS C 73 8.89 -67.02 -48.84
N THR C 74 10.13 -66.79 -48.41
CA THR C 74 11.26 -67.61 -48.83
C THR C 74 11.14 -69.02 -48.24
N VAL C 75 10.71 -69.11 -46.99
CA VAL C 75 10.53 -70.41 -46.35
C VAL C 75 9.41 -71.13 -47.12
N LYS C 76 8.33 -70.40 -47.37
CA LYS C 76 7.19 -70.94 -48.11
C LYS C 76 7.61 -71.47 -49.48
N LYS C 77 8.45 -70.71 -50.16
CA LYS C 77 8.93 -71.10 -51.49
C LYS C 77 9.78 -72.36 -51.44
N TRP C 78 10.61 -72.48 -50.42
CA TRP C 78 11.45 -73.66 -50.28
C TRP C 78 10.60 -74.93 -50.11
N MET C 79 9.57 -74.85 -49.28
CA MET C 79 8.70 -76.00 -49.08
C MET C 79 8.01 -76.37 -50.38
N LYS C 80 7.62 -75.36 -51.14
CA LYS C 80 6.93 -75.58 -52.41
C LYS C 80 7.89 -76.17 -53.45
N ASP C 81 9.03 -75.51 -53.65
CA ASP C 81 10.00 -75.96 -54.66
C ASP C 81 10.71 -77.26 -54.33
N ARG C 82 11.13 -77.40 -53.08
CA ARG C 82 11.86 -78.59 -52.66
C ARG C 82 11.03 -79.76 -52.15
N HIS C 83 9.80 -79.50 -51.72
CA HIS C 83 8.98 -80.59 -51.19
C HIS C 83 7.54 -80.66 -51.71
N GLN C 84 7.21 -79.84 -52.70
CA GLN C 84 5.86 -79.83 -53.26
C GLN C 84 4.86 -79.75 -52.12
N TRP C 85 5.18 -78.90 -51.15
CA TRP C 85 4.36 -78.71 -49.96
C TRP C 85 3.88 -77.26 -49.90
N ASP C 86 2.57 -77.08 -49.94
CA ASP C 86 1.98 -75.76 -49.92
C ASP C 86 1.66 -75.32 -48.49
N ILE C 87 2.41 -74.35 -47.98
CA ILE C 87 2.15 -73.85 -46.64
C ILE C 87 1.81 -72.37 -46.73
N GLN C 88 1.24 -71.84 -45.66
CA GLN C 88 0.89 -70.43 -45.58
C GLN C 88 1.91 -69.80 -44.65
N THR C 89 2.29 -68.55 -44.91
CA THR C 89 3.28 -67.88 -44.09
C THR C 89 2.87 -67.75 -42.63
N ASP C 90 1.58 -67.64 -42.33
CA ASP C 90 1.20 -67.51 -40.94
C ASP C 90 1.30 -68.82 -40.16
N TRP C 91 1.61 -69.92 -40.85
CA TRP C 91 1.78 -71.21 -40.20
C TRP C 91 3.17 -71.27 -39.54
N ILE C 92 4.04 -70.36 -39.94
CA ILE C 92 5.41 -70.35 -39.42
C ILE C 92 5.66 -69.74 -38.05
N ILE C 93 6.13 -70.56 -37.12
CA ILE C 93 6.49 -70.10 -35.78
C ILE C 93 7.97 -70.43 -35.65
N ASN C 94 8.76 -69.48 -35.17
CA ASN C 94 10.19 -69.70 -35.03
C ASN C 94 10.65 -69.99 -33.61
N THR C 95 11.64 -70.86 -33.51
CA THR C 95 12.25 -71.23 -32.24
C THR C 95 13.75 -71.29 -32.50
N ALA C 96 14.55 -71.25 -31.43
CA ALA C 96 16.00 -71.32 -31.55
C ALA C 96 16.45 -72.78 -31.48
N GLY C 97 15.97 -73.57 -32.42
CA GLY C 97 16.33 -74.98 -32.46
C GLY C 97 15.11 -75.88 -32.37
N VAL C 98 15.22 -77.06 -32.94
CA VAL C 98 14.13 -78.01 -32.93
C VAL C 98 13.91 -78.70 -31.57
N VAL C 99 14.99 -78.97 -30.84
CA VAL C 99 14.82 -79.61 -29.54
C VAL C 99 13.97 -78.75 -28.62
N PRO C 100 14.26 -77.44 -28.53
CA PRO C 100 13.45 -76.59 -27.66
C PRO C 100 11.98 -76.59 -28.12
N ALA C 101 11.78 -76.72 -29.43
CA ALA C 101 10.42 -76.75 -29.97
C ALA C 101 9.74 -78.04 -29.52
N VAL C 102 10.47 -79.15 -29.58
CA VAL C 102 9.92 -80.43 -29.17
C VAL C 102 9.58 -80.38 -27.68
N PHE C 103 10.46 -79.78 -26.88
CA PHE C 103 10.20 -79.66 -25.45
C PHE C 103 8.97 -78.80 -25.23
N ASN C 104 8.79 -77.80 -26.07
CA ASN C 104 7.66 -76.89 -25.95
C ASN C 104 6.33 -77.58 -26.27
N ALA C 105 6.37 -78.54 -27.20
CA ALA C 105 5.14 -79.27 -27.56
C ALA C 105 4.70 -80.17 -26.40
N VAL C 106 5.66 -80.83 -25.77
CA VAL C 106 5.38 -81.70 -24.63
C VAL C 106 4.76 -80.86 -23.52
N ARG C 107 5.44 -79.78 -23.19
CA ARG C 107 4.99 -78.88 -22.14
C ARG C 107 3.55 -78.41 -22.34
N GLU C 108 3.24 -77.96 -23.55
CA GLU C 108 1.91 -77.43 -23.86
C GLU C 108 0.77 -78.41 -24.12
N PHE C 109 1.04 -79.49 -24.85
CA PHE C 109 -0.01 -80.43 -25.21
C PHE C 109 -0.18 -81.72 -24.41
N THR C 110 0.58 -81.86 -23.33
CA THR C 110 0.48 -83.03 -22.48
C THR C 110 0.69 -82.54 -21.06
N LYS C 111 0.43 -83.41 -20.09
CA LYS C 111 0.62 -83.10 -18.68
C LYS C 111 1.41 -84.23 -18.04
N PRO C 112 1.94 -84.01 -16.83
CA PRO C 112 2.71 -85.06 -16.16
C PRO C 112 1.89 -86.34 -16.10
N GLY C 113 2.52 -87.46 -16.44
CA GLY C 113 1.81 -88.72 -16.42
C GLY C 113 1.30 -89.14 -17.77
N ASP C 114 1.08 -88.19 -18.67
CA ASP C 114 0.60 -88.50 -20.01
C ASP C 114 1.67 -89.27 -20.77
N GLY C 115 1.26 -89.98 -21.81
CA GLY C 115 2.22 -90.71 -22.60
C GLY C 115 2.48 -90.04 -23.93
N VAL C 116 3.71 -90.22 -24.44
CA VAL C 116 4.10 -89.68 -25.73
C VAL C 116 4.75 -90.87 -26.42
N ILE C 117 4.24 -91.24 -27.59
CA ILE C 117 4.76 -92.38 -28.33
C ILE C 117 5.93 -92.00 -29.22
N ILE C 118 7.02 -92.77 -29.13
CA ILE C 118 8.17 -92.56 -29.97
C ILE C 118 8.54 -93.91 -30.57
N ILE C 119 9.11 -93.89 -31.75
CA ILE C 119 9.51 -95.09 -32.47
C ILE C 119 11.02 -95.24 -32.27
N THR C 120 11.40 -96.31 -31.56
CA THR C 120 12.79 -96.55 -31.19
C THR C 120 13.53 -97.67 -31.93
N PRO C 121 14.89 -97.61 -31.98
CA PRO C 121 15.75 -96.58 -31.39
C PRO C 121 15.62 -95.28 -32.16
N VAL C 122 15.87 -94.15 -31.49
CA VAL C 122 15.73 -92.85 -32.14
C VAL C 122 16.54 -91.76 -31.44
N TYR C 123 16.74 -90.65 -32.15
CA TYR C 123 17.43 -89.46 -31.68
C TYR C 123 17.15 -89.30 -30.18
N TYR C 124 18.18 -89.44 -29.35
CA TYR C 124 18.00 -89.39 -27.90
C TYR C 124 17.30 -88.22 -27.24
N PRO C 125 17.36 -87.00 -27.82
CA PRO C 125 16.65 -85.94 -27.11
C PRO C 125 15.15 -86.18 -27.04
N PHE C 126 14.64 -87.08 -27.89
CA PHE C 126 13.22 -87.40 -27.87
C PHE C 126 12.86 -87.96 -26.49
N PHE C 127 13.74 -88.83 -25.99
CA PHE C 127 13.53 -89.44 -24.67
C PHE C 127 13.55 -88.35 -23.59
N MET C 128 14.54 -87.47 -23.67
CA MET C 128 14.69 -86.39 -22.70
C MET C 128 13.50 -85.45 -22.65
N ALA C 129 13.04 -85.02 -23.83
CA ALA C 129 11.90 -84.11 -23.93
C ALA C 129 10.70 -84.62 -23.15
N ILE C 130 10.49 -85.93 -23.20
CA ILE C 130 9.38 -86.57 -22.53
C ILE C 130 9.60 -86.82 -21.03
N LYS C 131 10.56 -87.68 -20.71
CA LYS C 131 10.80 -88.04 -19.32
C LYS C 131 11.31 -86.93 -18.40
N ASN C 132 12.10 -85.99 -18.90
CA ASN C 132 12.59 -84.92 -18.05
C ASN C 132 11.48 -83.95 -17.68
N GLN C 133 10.31 -84.11 -18.29
CA GLN C 133 9.17 -83.25 -17.98
C GLN C 133 8.10 -84.11 -17.31
N GLU C 134 8.52 -85.27 -16.81
CA GLU C 134 7.66 -86.18 -16.10
C GLU C 134 6.47 -86.74 -16.89
N ARG C 135 6.68 -86.88 -18.19
CA ARG C 135 5.68 -87.48 -19.07
C ARG C 135 6.23 -88.90 -19.26
N LYS C 136 5.41 -89.81 -19.78
CA LYS C 136 5.86 -91.18 -19.94
C LYS C 136 6.30 -91.52 -21.35
N ILE C 137 7.47 -92.14 -21.46
CA ILE C 137 7.98 -92.55 -22.75
C ILE C 137 7.29 -93.85 -23.13
N ILE C 138 6.55 -93.85 -24.24
CA ILE C 138 5.86 -95.04 -24.70
C ILE C 138 6.55 -95.49 -25.98
N GLU C 139 7.43 -96.46 -25.84
CA GLU C 139 8.20 -96.95 -26.98
C GLU C 139 7.44 -97.91 -27.88
N CYS C 140 7.63 -97.72 -29.17
CA CYS C 140 7.05 -98.57 -30.20
C CYS C 140 8.29 -98.96 -31.01
N GLU C 141 8.99 -99.97 -30.52
CA GLU C 141 10.23 -100.42 -31.14
C GLU C 141 10.13 -100.75 -32.63
N LEU C 142 11.11 -100.27 -33.38
CA LEU C 142 11.19 -100.53 -34.80
C LEU C 142 11.53 -101.99 -35.03
N LEU C 143 11.00 -102.57 -36.10
CA LEU C 143 11.30 -103.95 -36.44
C LEU C 143 12.62 -103.89 -37.21
N GLU C 144 13.57 -104.76 -36.86
CA GLU C 144 14.85 -104.77 -37.54
C GLU C 144 15.04 -106.12 -38.21
N LYS C 145 14.94 -106.14 -39.53
CA LYS C 145 15.10 -107.37 -40.29
C LYS C 145 16.20 -107.25 -41.32
N ASP C 146 17.27 -108.00 -41.13
CA ASP C 146 18.39 -107.98 -42.05
C ASP C 146 18.90 -106.55 -42.26
N GLY C 147 19.01 -105.81 -41.15
CA GLY C 147 19.50 -104.45 -41.21
C GLY C 147 18.55 -103.36 -41.68
N TYR C 148 17.34 -103.73 -42.09
CA TYR C 148 16.37 -102.73 -42.54
C TYR C 148 15.28 -102.53 -41.49
N TYR C 149 15.01 -101.28 -41.14
CA TYR C 149 14.02 -100.94 -40.12
C TYR C 149 12.64 -100.54 -40.64
N THR C 150 11.60 -101.16 -40.09
CA THR C 150 10.22 -100.85 -40.47
C THR C 150 9.35 -100.66 -39.23
N ILE C 151 8.16 -100.09 -39.40
CA ILE C 151 7.25 -99.82 -38.30
C ILE C 151 6.47 -101.05 -37.84
N ASP C 152 6.28 -101.18 -36.53
CA ASP C 152 5.48 -102.28 -35.98
C ASP C 152 4.09 -101.67 -35.91
N PHE C 153 3.35 -101.76 -37.01
CA PHE C 153 2.02 -101.18 -37.08
C PHE C 153 1.03 -101.76 -36.07
N GLN C 154 1.09 -103.07 -35.85
CA GLN C 154 0.19 -103.69 -34.88
C GLN C 154 0.36 -103.02 -33.52
N LYS C 155 1.61 -102.88 -33.10
CA LYS C 155 1.91 -102.27 -31.81
C LYS C 155 1.54 -100.79 -31.81
N LEU C 156 1.86 -100.08 -32.88
CA LEU C 156 1.54 -98.67 -32.95
C LEU C 156 0.03 -98.50 -32.80
N GLU C 157 -0.74 -99.33 -33.47
CA GLU C 157 -2.19 -99.22 -33.37
C GLU C 157 -2.67 -99.49 -31.95
N LYS C 158 -2.12 -100.52 -31.32
CA LYS C 158 -2.49 -100.85 -29.94
C LYS C 158 -2.22 -99.66 -29.03
N LEU C 159 -1.03 -99.08 -29.14
CA LEU C 159 -0.64 -97.95 -28.33
C LEU C 159 -1.53 -96.73 -28.56
N SER C 160 -2.02 -96.55 -29.77
CA SER C 160 -2.87 -95.41 -30.11
C SER C 160 -4.24 -95.48 -29.47
N LYS C 161 -4.63 -96.66 -29.01
CA LYS C 161 -5.93 -96.84 -28.38
C LYS C 161 -5.89 -96.51 -26.88
N ASP C 162 -4.70 -96.33 -26.34
CA ASP C 162 -4.55 -95.99 -24.94
C ASP C 162 -4.72 -94.48 -24.84
N LYS C 163 -5.88 -94.06 -24.34
CA LYS C 163 -6.24 -92.66 -24.18
C LYS C 163 -5.22 -91.81 -23.41
N ASN C 164 -4.39 -92.45 -22.59
CA ASN C 164 -3.40 -91.71 -21.82
C ASN C 164 -2.29 -91.17 -22.72
N ASN C 165 -2.15 -91.77 -23.90
CA ASN C 165 -1.13 -91.34 -24.86
C ASN C 165 -1.72 -90.19 -25.66
N LYS C 166 -1.02 -89.06 -25.68
CA LYS C 166 -1.50 -87.85 -26.34
C LYS C 166 -0.89 -87.49 -27.68
N ALA C 167 0.24 -88.08 -28.03
CA ALA C 167 0.85 -87.74 -29.30
C ALA C 167 1.89 -88.76 -29.76
N LEU C 168 2.18 -88.69 -31.06
CA LEU C 168 3.18 -89.54 -31.68
C LEU C 168 4.32 -88.60 -32.07
N LEU C 169 5.48 -88.75 -31.44
CA LEU C 169 6.64 -87.94 -31.77
C LEU C 169 7.39 -88.75 -32.83
N PHE C 170 7.32 -88.30 -34.07
CA PHE C 170 7.89 -88.99 -35.24
C PHE C 170 9.15 -88.33 -35.79
N CYS C 171 10.09 -89.14 -36.26
CA CYS C 171 11.34 -88.64 -36.84
C CYS C 171 11.32 -89.04 -38.32
N SER C 172 11.37 -88.06 -39.22
CA SER C 172 11.30 -88.36 -40.65
C SER C 172 12.05 -87.35 -41.53
N PRO C 173 13.19 -87.74 -42.13
CA PRO C 173 13.86 -89.04 -42.07
C PRO C 173 14.19 -89.43 -40.62
N HIS C 174 14.32 -90.72 -40.37
CA HIS C 174 14.58 -91.24 -39.04
C HIS C 174 16.04 -91.42 -38.61
N ASN C 175 16.45 -90.57 -37.67
CA ASN C 175 17.80 -90.61 -37.08
C ASN C 175 17.65 -91.64 -35.94
N PRO C 176 18.61 -92.58 -35.80
CA PRO C 176 19.85 -92.86 -36.50
C PRO C 176 19.87 -93.94 -37.57
N VAL C 177 18.73 -94.52 -37.92
CA VAL C 177 18.74 -95.61 -38.90
C VAL C 177 18.68 -95.22 -40.37
N GLY C 178 18.56 -93.93 -40.65
CA GLY C 178 18.55 -93.46 -42.02
C GLY C 178 17.33 -93.73 -42.89
N ARG C 179 16.20 -94.08 -42.30
CA ARG C 179 14.99 -94.36 -43.08
C ARG C 179 14.31 -93.09 -43.57
N VAL C 180 13.85 -93.14 -44.82
CA VAL C 180 13.09 -92.06 -45.43
C VAL C 180 11.79 -92.81 -45.65
N TRP C 181 10.75 -92.46 -44.90
CA TRP C 181 9.50 -93.18 -44.97
C TRP C 181 8.81 -93.12 -46.33
N LYS C 182 8.29 -94.26 -46.76
CA LYS C 182 7.58 -94.34 -48.04
C LYS C 182 6.15 -93.88 -47.82
N LYS C 183 5.50 -93.43 -48.91
CA LYS C 183 4.12 -92.97 -48.80
C LYS C 183 3.21 -94.05 -48.21
N ASP C 184 3.44 -95.30 -48.59
CA ASP C 184 2.61 -96.41 -48.07
C ASP C 184 2.66 -96.49 -46.55
N GLU C 185 3.85 -96.31 -45.98
CA GLU C 185 4.03 -96.36 -44.53
C GLU C 185 3.37 -95.16 -43.85
N LEU C 186 3.57 -93.98 -44.43
CA LEU C 186 3.00 -92.75 -43.87
C LEU C 186 1.47 -92.81 -43.91
N GLN C 187 0.92 -93.32 -45.01
CA GLN C 187 -0.53 -93.43 -45.17
C GLN C 187 -1.09 -94.41 -44.13
N LYS C 188 -0.38 -95.48 -43.85
CA LYS C 188 -0.86 -96.46 -42.88
C LYS C 188 -0.83 -95.87 -41.47
N ILE C 189 0.22 -95.11 -41.15
CA ILE C 189 0.33 -94.47 -39.84
C ILE C 189 -0.78 -93.44 -39.71
N LYS C 190 -1.00 -92.68 -40.79
CA LYS C 190 -2.03 -91.65 -40.79
C LYS C 190 -3.40 -92.19 -40.38
N ASP C 191 -3.82 -93.28 -40.99
CA ASP C 191 -5.12 -93.86 -40.67
C ASP C 191 -5.21 -94.21 -39.19
N ILE C 192 -4.12 -94.72 -38.63
CA ILE C 192 -4.09 -95.08 -37.22
C ILE C 192 -4.23 -93.81 -36.36
N VAL C 193 -3.54 -92.74 -36.78
CA VAL C 193 -3.59 -91.49 -36.05
C VAL C 193 -4.94 -90.78 -36.12
N LEU C 194 -5.54 -90.75 -37.31
CA LEU C 194 -6.82 -90.08 -37.48
C LEU C 194 -7.94 -90.82 -36.79
N LYS C 195 -7.74 -92.12 -36.58
CA LYS C 195 -8.74 -92.95 -35.91
C LYS C 195 -8.63 -92.79 -34.41
N SER C 196 -7.52 -92.21 -33.95
CA SER C 196 -7.28 -92.02 -32.52
C SER C 196 -7.37 -90.55 -32.15
N ASP C 197 -6.98 -90.24 -30.92
CA ASP C 197 -6.99 -88.85 -30.46
C ASP C 197 -5.57 -88.32 -30.37
N LEU C 198 -4.65 -89.01 -31.05
CA LEU C 198 -3.25 -88.62 -31.06
C LEU C 198 -2.97 -87.39 -31.90
N MET C 199 -2.02 -86.59 -31.42
CA MET C 199 -1.59 -85.41 -32.13
C MET C 199 -0.33 -85.91 -32.81
N LEU C 200 0.01 -85.39 -33.98
CA LEU C 200 1.23 -85.82 -34.66
C LEU C 200 2.32 -84.74 -34.60
N TRP C 201 3.51 -85.11 -34.12
CA TRP C 201 4.63 -84.18 -34.06
C TRP C 201 5.68 -84.81 -34.97
N SER C 202 5.87 -84.27 -36.16
CA SER C 202 6.81 -84.82 -37.13
C SER C 202 8.07 -83.98 -37.25
N ASP C 203 9.18 -84.54 -36.77
CA ASP C 203 10.47 -83.85 -36.82
C ASP C 203 11.10 -84.17 -38.16
N GLU C 204 11.06 -83.21 -39.08
CA GLU C 204 11.60 -83.42 -40.40
C GLU C 204 12.85 -82.59 -40.67
N ILE C 205 13.68 -82.43 -39.65
CA ILE C 205 14.88 -81.63 -39.80
C ILE C 205 15.84 -82.16 -40.85
N HIS C 206 15.82 -83.47 -41.09
CA HIS C 206 16.69 -84.06 -42.10
C HIS C 206 16.05 -84.18 -43.47
N PHE C 207 14.91 -83.51 -43.70
CA PHE C 207 14.25 -83.71 -44.99
C PHE C 207 14.85 -83.18 -46.29
N ASP C 208 15.98 -82.46 -46.21
CA ASP C 208 16.66 -81.98 -47.42
C ASP C 208 17.84 -82.90 -47.70
N LEU C 209 18.19 -83.74 -46.74
CA LEU C 209 19.34 -84.63 -46.91
C LEU C 209 18.91 -86.04 -47.30
N ILE C 210 18.46 -86.17 -48.54
CA ILE C 210 17.99 -87.44 -49.07
C ILE C 210 18.97 -88.03 -50.07
N MET C 211 19.24 -89.33 -49.95
CA MET C 211 20.17 -89.98 -50.86
C MET C 211 19.56 -90.26 -52.21
N PRO C 212 20.40 -90.28 -53.26
CA PRO C 212 19.95 -90.54 -54.63
C PRO C 212 19.08 -91.80 -54.69
N GLY C 213 17.93 -91.70 -55.36
CA GLY C 213 17.05 -92.85 -55.49
C GLY C 213 15.88 -92.86 -54.53
N TYR C 214 15.90 -91.95 -53.56
CA TYR C 214 14.81 -91.88 -52.58
C TYR C 214 14.18 -90.49 -52.57
N GLU C 215 12.96 -90.41 -52.05
CA GLU C 215 12.25 -89.14 -52.00
C GLU C 215 11.54 -89.00 -50.67
N HIS C 216 11.66 -87.84 -50.05
CA HIS C 216 11.00 -87.58 -48.78
C HIS C 216 9.59 -87.08 -49.03
N THR C 217 8.68 -87.44 -48.14
CA THR C 217 7.31 -86.96 -48.25
C THR C 217 6.99 -86.22 -46.94
N VAL C 218 6.64 -84.95 -47.05
CA VAL C 218 6.28 -84.19 -45.86
C VAL C 218 4.99 -84.82 -45.34
N PHE C 219 5.07 -85.38 -44.13
CA PHE C 219 3.95 -86.10 -43.54
C PHE C 219 2.59 -85.40 -43.60
N GLN C 220 2.50 -84.19 -43.08
CA GLN C 220 1.21 -83.50 -43.09
C GLN C 220 0.72 -83.09 -44.48
N SER C 221 1.59 -83.21 -45.50
CA SER C 221 1.19 -82.84 -46.86
C SER C 221 0.30 -83.88 -47.55
N ILE C 222 0.22 -85.08 -46.98
CA ILE C 222 -0.58 -86.14 -47.60
C ILE C 222 -2.07 -86.09 -47.31
N ASP C 223 -2.47 -85.35 -46.28
CA ASP C 223 -3.88 -85.30 -45.92
C ASP C 223 -4.21 -84.05 -45.10
N GLU C 224 -5.21 -83.28 -45.53
CA GLU C 224 -5.55 -82.07 -44.80
C GLU C 224 -6.05 -82.33 -43.39
N GLN C 225 -6.81 -83.39 -43.19
CA GLN C 225 -7.30 -83.69 -41.84
C GLN C 225 -6.12 -83.97 -40.93
N LEU C 226 -5.12 -84.67 -41.46
CA LEU C 226 -3.93 -84.97 -40.67
C LEU C 226 -3.21 -83.66 -40.35
N ALA C 227 -3.05 -82.80 -41.34
CA ALA C 227 -2.37 -81.53 -41.16
C ALA C 227 -3.01 -80.74 -40.01
N ASP C 228 -4.32 -80.85 -39.88
CA ASP C 228 -5.07 -80.16 -38.83
C ASP C 228 -4.64 -80.51 -37.41
N LYS C 229 -3.94 -81.63 -37.24
CA LYS C 229 -3.46 -81.96 -35.91
C LYS C 229 -2.00 -82.38 -35.92
N THR C 230 -1.22 -81.71 -36.77
CA THR C 230 0.20 -81.97 -36.89
C THR C 230 1.02 -80.71 -36.61
N ILE C 231 2.20 -80.92 -36.05
CA ILE C 231 3.15 -79.84 -35.83
C ILE C 231 4.36 -80.41 -36.54
N THR C 232 4.89 -79.69 -37.51
CA THR C 232 6.05 -80.19 -38.24
C THR C 232 7.26 -79.32 -37.93
N PHE C 233 8.30 -79.97 -37.42
CA PHE C 233 9.53 -79.27 -37.10
C PHE C 233 10.48 -79.30 -38.28
N THR C 234 10.92 -78.13 -38.72
CA THR C 234 11.88 -78.01 -39.83
C THR C 234 12.89 -76.93 -39.49
N ALA C 235 14.03 -76.98 -40.16
CA ALA C 235 15.08 -76.00 -39.94
C ALA C 235 16.13 -76.16 -41.04
N PRO C 236 16.94 -75.12 -41.28
CA PRO C 236 17.98 -75.20 -42.32
C PRO C 236 19.31 -75.66 -41.70
N SER C 237 19.30 -75.82 -40.38
CA SER C 237 20.50 -76.20 -39.61
C SER C 237 21.20 -77.48 -40.04
N LYS C 238 20.48 -78.60 -40.05
CA LYS C 238 21.14 -79.83 -40.47
C LYS C 238 21.56 -79.77 -41.94
N THR C 239 20.66 -79.28 -42.78
CA THR C 239 20.89 -79.17 -44.21
C THR C 239 22.15 -78.38 -44.60
N PHE C 240 22.31 -77.20 -44.02
CA PHE C 240 23.44 -76.35 -44.37
C PHE C 240 24.53 -76.20 -43.30
N ASN C 241 24.55 -77.09 -42.32
CA ASN C 241 25.54 -77.06 -41.24
C ASN C 241 25.51 -75.75 -40.45
N ILE C 242 24.30 -75.30 -40.08
CA ILE C 242 24.20 -74.07 -39.30
C ILE C 242 23.45 -74.23 -37.99
N ALA C 243 23.77 -75.29 -37.26
CA ALA C 243 23.16 -75.53 -35.96
C ALA C 243 23.57 -74.40 -35.02
N GLY C 244 24.62 -73.68 -35.40
CA GLY C 244 25.10 -72.58 -34.58
C GLY C 244 24.47 -71.23 -34.88
N MET C 245 23.43 -71.21 -35.71
CA MET C 245 22.75 -69.96 -36.05
C MET C 245 21.38 -69.83 -35.39
N GLY C 246 21.06 -70.81 -34.54
CA GLY C 246 19.81 -70.81 -33.79
C GLY C 246 18.52 -70.34 -34.44
N MET C 247 18.10 -71.01 -35.50
CA MET C 247 16.84 -70.63 -36.17
C MET C 247 16.14 -71.87 -36.72
N SER C 248 14.85 -71.99 -36.40
CA SER C 248 14.03 -73.09 -36.86
C SER C 248 12.68 -72.56 -37.31
N ASN C 249 12.05 -73.30 -38.23
CA ASN C 249 10.74 -72.93 -38.73
C ASN C 249 9.74 -74.03 -38.39
N ILE C 250 8.96 -73.81 -37.34
CA ILE C 250 7.97 -74.80 -36.92
C ILE C 250 6.68 -74.48 -37.65
N ILE C 251 6.18 -75.46 -38.41
CA ILE C 251 5.00 -75.28 -39.22
C ILE C 251 3.74 -75.84 -38.58
N ILE C 252 2.82 -74.95 -38.23
CA ILE C 252 1.55 -75.36 -37.59
C ILE C 252 0.37 -74.71 -38.30
N LYS C 253 -0.41 -75.53 -39.01
CA LYS C 253 -1.57 -75.06 -39.76
C LYS C 253 -2.74 -74.69 -38.85
N ASN C 254 -3.01 -75.55 -37.88
CA ASN C 254 -4.12 -75.33 -36.95
C ASN C 254 -3.93 -74.06 -36.13
N PRO C 255 -4.83 -73.07 -36.30
CA PRO C 255 -4.74 -71.80 -35.57
C PRO C 255 -4.64 -71.95 -34.06
N ASP C 256 -5.46 -72.82 -33.49
CA ASP C 256 -5.49 -73.05 -32.05
C ASP C 256 -4.23 -73.75 -31.53
N ILE C 257 -3.76 -74.76 -32.26
CA ILE C 257 -2.55 -75.46 -31.85
C ILE C 257 -1.38 -74.50 -31.94
N ARG C 258 -1.35 -73.70 -33.00
CA ARG C 258 -0.28 -72.72 -33.22
C ARG C 258 -0.23 -71.67 -32.12
N GLU C 259 -1.39 -71.17 -31.72
CA GLU C 259 -1.46 -70.16 -30.67
C GLU C 259 -1.06 -70.71 -29.32
N ARG C 260 -1.42 -71.96 -29.04
CA ARG C 260 -1.05 -72.60 -27.78
C ARG C 260 0.45 -72.87 -27.76
N PHE C 261 0.97 -73.36 -28.87
CA PHE C 261 2.41 -73.66 -28.97
C PHE C 261 3.20 -72.39 -28.76
N THR C 262 2.71 -71.29 -29.33
CA THR C 262 3.38 -70.01 -29.22
C THR C 262 3.33 -69.46 -27.79
N LYS C 263 2.19 -69.63 -27.11
CA LYS C 263 2.08 -69.12 -25.75
C LYS C 263 3.02 -69.91 -24.84
N SER C 264 3.16 -71.20 -25.09
CA SER C 264 4.06 -72.01 -24.29
C SER C 264 5.50 -71.58 -24.57
N ARG C 265 5.81 -71.33 -25.84
CA ARG C 265 7.14 -70.87 -26.18
C ARG C 265 7.45 -69.52 -25.52
N ASP C 266 6.48 -68.61 -25.57
CA ASP C 266 6.68 -67.29 -24.98
C ASP C 266 6.85 -67.30 -23.46
N ALA C 267 6.67 -68.46 -22.83
CA ALA C 267 6.85 -68.56 -21.38
C ALA C 267 8.07 -69.43 -21.11
N THR C 268 8.81 -69.74 -22.18
CA THR C 268 10.01 -70.56 -22.14
C THR C 268 10.81 -70.25 -23.41
N SER C 269 11.92 -69.53 -23.26
CA SER C 269 12.77 -69.18 -24.41
C SER C 269 12.30 -67.93 -25.12
N GLY C 270 10.98 -67.83 -25.29
CA GLY C 270 10.44 -66.68 -25.99
C GLY C 270 10.78 -66.75 -27.47
N MET C 271 10.49 -65.67 -28.18
CA MET C 271 10.74 -65.56 -29.61
C MET C 271 12.24 -65.36 -29.87
N PRO C 272 12.78 -65.93 -30.96
CA PRO C 272 14.20 -65.77 -31.29
C PRO C 272 14.42 -64.34 -31.76
N PHE C 273 15.37 -63.63 -31.15
CA PHE C 273 15.66 -62.26 -31.52
C PHE C 273 16.90 -62.13 -32.38
N THR C 274 17.53 -63.26 -32.67
CA THR C 274 18.73 -63.29 -33.49
C THR C 274 18.53 -62.49 -34.78
N THR C 275 19.51 -61.66 -35.12
CA THR C 275 19.43 -60.85 -36.34
C THR C 275 19.92 -61.66 -37.55
N LEU C 276 21.05 -62.35 -37.39
CA LEU C 276 21.61 -63.15 -38.48
C LEU C 276 21.00 -64.53 -38.63
N GLY C 277 20.25 -64.97 -37.62
CA GLY C 277 19.62 -66.27 -37.69
C GLY C 277 18.61 -66.33 -38.83
N TYR C 278 17.74 -65.33 -38.89
CA TYR C 278 16.74 -65.25 -39.95
C TYR C 278 17.44 -65.10 -41.29
N LYS C 279 18.37 -64.16 -41.35
CA LYS C 279 19.10 -63.91 -42.59
C LYS C 279 19.83 -65.12 -43.14
N ALA C 280 20.43 -65.92 -42.26
CA ALA C 280 21.17 -67.11 -42.69
C ALA C 280 20.26 -68.11 -43.38
N CYS C 281 19.05 -68.25 -42.89
CA CYS C 281 18.09 -69.20 -43.45
C CYS C 281 17.63 -68.72 -44.83
N GLU C 282 17.31 -67.44 -44.92
CA GLU C 282 16.86 -66.85 -46.18
C GLU C 282 17.94 -67.03 -47.26
N ILE C 283 19.19 -66.73 -46.90
CA ILE C 283 20.31 -66.85 -47.83
C ILE C 283 20.52 -68.28 -48.31
N CYS C 284 20.49 -69.24 -47.39
CA CYS C 284 20.69 -70.63 -47.76
C CYS C 284 19.62 -71.10 -48.74
N TYR C 285 18.37 -70.76 -48.45
CA TYR C 285 17.27 -71.19 -49.32
C TYR C 285 17.33 -70.51 -50.68
N LYS C 286 17.70 -69.23 -50.71
CA LYS C 286 17.75 -68.51 -51.98
C LYS C 286 19.01 -68.76 -52.80
N GLU C 287 20.13 -69.04 -52.15
CA GLU C 287 21.38 -69.17 -52.88
C GLU C 287 22.24 -70.41 -52.74
N CYS C 288 21.93 -71.30 -51.81
CA CYS C 288 22.82 -72.43 -51.58
C CYS C 288 22.38 -73.81 -52.04
N GLY C 289 21.40 -73.87 -52.93
CA GLY C 289 20.91 -75.15 -53.41
C GLY C 289 21.97 -75.99 -54.11
N LYS C 290 22.85 -75.36 -54.87
CA LYS C 290 23.90 -76.08 -55.60
C LYS C 290 24.94 -76.68 -54.64
N TRP C 291 25.25 -75.94 -53.58
CA TRP C 291 26.21 -76.42 -52.59
C TRP C 291 25.62 -77.69 -51.98
N LEU C 292 24.35 -77.62 -51.59
CA LEU C 292 23.65 -78.76 -50.99
C LEU C 292 23.72 -79.98 -51.92
N ASP C 293 23.50 -79.75 -53.21
CA ASP C 293 23.57 -80.85 -54.18
C ASP C 293 24.95 -81.50 -54.15
N GLY C 294 25.99 -80.66 -54.06
CA GLY C 294 27.35 -81.16 -54.02
C GLY C 294 27.62 -81.90 -52.72
N CYS C 295 27.06 -81.41 -51.63
CA CYS C 295 27.25 -82.05 -50.33
C CYS C 295 26.64 -83.46 -50.35
N ILE C 296 25.43 -83.58 -50.88
CA ILE C 296 24.75 -84.87 -50.96
C ILE C 296 25.55 -85.88 -51.76
N LYS C 297 26.17 -85.45 -52.86
CA LYS C 297 26.98 -86.36 -53.67
C LYS C 297 28.14 -86.93 -52.87
N VAL C 298 28.76 -86.09 -52.02
CA VAL C 298 29.87 -86.54 -51.20
C VAL C 298 29.39 -87.52 -50.12
N ILE C 299 28.24 -87.20 -49.52
CA ILE C 299 27.68 -88.06 -48.49
C ILE C 299 27.38 -89.45 -49.06
N ASP C 300 26.82 -89.48 -50.27
CA ASP C 300 26.48 -90.74 -50.93
C ASP C 300 27.74 -91.53 -51.23
N LYS C 301 28.78 -90.86 -51.69
CA LYS C 301 30.04 -91.53 -51.99
C LYS C 301 30.59 -92.11 -50.68
N ASN C 302 30.47 -91.37 -49.59
CA ASN C 302 30.97 -91.83 -48.29
C ASN C 302 30.25 -93.05 -47.71
N GLN C 303 28.92 -93.12 -47.80
CA GLN C 303 28.24 -94.30 -47.25
C GLN C 303 28.65 -95.54 -48.05
N ARG C 304 28.91 -95.35 -49.34
CA ARG C 304 29.33 -96.45 -50.20
C ARG C 304 30.76 -96.88 -49.86
N ILE C 305 31.58 -95.92 -49.42
CA ILE C 305 32.96 -96.23 -49.03
C ILE C 305 32.93 -97.04 -47.72
N VAL C 306 32.09 -96.61 -46.78
CA VAL C 306 31.97 -97.31 -45.52
C VAL C 306 31.45 -98.74 -45.70
N LYS C 307 30.41 -98.89 -46.51
CA LYS C 307 29.83 -100.21 -46.77
C LYS C 307 30.89 -101.14 -47.36
N ASP C 308 31.59 -100.67 -48.37
CA ASP C 308 32.63 -101.46 -49.03
C ASP C 308 33.78 -101.79 -48.08
N PHE C 309 34.13 -100.84 -47.20
CA PHE C 309 35.22 -101.06 -46.26
C PHE C 309 35.01 -102.33 -45.45
N PHE C 310 33.83 -102.47 -44.86
CA PHE C 310 33.54 -103.64 -44.06
C PHE C 310 33.41 -104.92 -44.87
N GLU C 311 32.78 -104.85 -46.05
CA GLU C 311 32.62 -106.04 -46.88
C GLU C 311 33.99 -106.63 -47.21
N VAL C 312 34.95 -105.74 -47.45
CA VAL C 312 36.31 -106.13 -47.81
C VAL C 312 37.16 -106.61 -46.62
N ASN C 313 37.23 -105.79 -45.58
CA ASN C 313 38.06 -106.05 -44.42
C ASN C 313 37.50 -106.78 -43.19
N HIS C 314 36.23 -106.55 -42.87
CA HIS C 314 35.63 -107.20 -41.71
C HIS C 314 34.17 -107.48 -42.03
N PRO C 315 33.94 -108.43 -42.93
CA PRO C 315 32.64 -108.89 -43.44
C PRO C 315 31.55 -109.15 -42.42
N GLU C 316 31.92 -109.49 -41.18
CA GLU C 316 30.92 -109.77 -40.15
C GLU C 316 30.27 -108.50 -39.63
N ILE C 317 30.87 -107.36 -39.89
CA ILE C 317 30.33 -106.07 -39.48
C ILE C 317 29.59 -105.55 -40.72
N LYS C 318 28.42 -104.95 -40.53
CA LYS C 318 27.62 -104.48 -41.65
C LYS C 318 27.28 -102.99 -41.59
N ALA C 319 27.43 -102.31 -42.72
CA ALA C 319 27.12 -100.89 -42.84
C ALA C 319 26.28 -100.69 -44.10
N PRO C 320 24.97 -100.98 -44.02
CA PRO C 320 24.05 -100.83 -45.15
C PRO C 320 23.94 -99.39 -45.62
N LEU C 321 23.57 -99.19 -46.88
CA LEU C 321 23.39 -97.84 -47.40
C LEU C 321 22.15 -97.29 -46.70
N ILE C 322 22.05 -95.97 -46.59
CA ILE C 322 20.91 -95.33 -45.94
C ILE C 322 20.10 -94.58 -47.00
N GLU C 323 18.87 -94.15 -46.64
CA GLU C 323 18.03 -93.44 -47.60
C GLU C 323 18.05 -91.93 -47.38
N GLY C 324 18.30 -91.52 -46.14
CA GLY C 324 18.34 -90.10 -45.81
C GLY C 324 19.23 -89.82 -44.61
N THR C 325 19.48 -88.53 -44.37
CA THR C 325 20.36 -88.03 -43.29
C THR C 325 21.77 -88.39 -43.75
N TYR C 326 22.78 -87.88 -43.06
CA TYR C 326 24.15 -88.22 -43.40
C TYR C 326 24.74 -89.05 -42.25
N LEU C 327 23.86 -89.75 -41.54
CA LEU C 327 24.24 -90.59 -40.40
C LEU C 327 23.98 -92.06 -40.74
N GLN C 328 25.05 -92.82 -40.92
CA GLN C 328 24.95 -94.24 -41.28
C GLN C 328 25.00 -95.14 -40.03
N TRP C 329 24.16 -96.17 -40.03
CA TRP C 329 24.01 -97.11 -38.92
C TRP C 329 24.82 -98.38 -39.17
N ILE C 330 25.82 -98.64 -38.33
CA ILE C 330 26.69 -99.81 -38.48
C ILE C 330 26.42 -100.90 -37.45
N ASP C 331 26.19 -102.12 -37.93
CA ASP C 331 25.93 -103.25 -37.06
C ASP C 331 27.23 -103.95 -36.64
N PHE C 332 27.65 -103.73 -35.39
CA PHE C 332 28.88 -104.33 -34.87
C PHE C 332 28.57 -105.49 -33.94
N ARG C 333 27.32 -105.97 -33.92
CA ARG C 333 26.96 -107.05 -33.02
C ARG C 333 27.79 -108.33 -33.19
N ALA C 334 28.34 -108.55 -34.37
CA ALA C 334 29.15 -109.73 -34.63
C ALA C 334 30.44 -109.77 -33.82
N LEU C 335 30.81 -108.64 -33.22
CA LEU C 335 32.04 -108.58 -32.43
C LEU C 335 31.83 -109.24 -31.08
N LYS C 336 30.57 -109.35 -30.66
CA LYS C 336 30.23 -109.96 -29.38
C LYS C 336 30.78 -109.17 -28.19
N MET C 337 30.84 -107.85 -28.31
CA MET C 337 31.33 -107.00 -27.21
C MET C 337 30.15 -106.26 -26.59
N ASP C 338 30.02 -106.30 -25.27
CA ASP C 338 28.93 -105.57 -24.63
C ASP C 338 29.13 -104.12 -25.04
N HIS C 339 28.07 -103.33 -25.08
CA HIS C 339 28.18 -101.95 -25.53
C HIS C 339 29.19 -101.03 -24.85
N LYS C 340 29.39 -101.18 -23.54
CA LYS C 340 30.35 -100.32 -22.86
C LYS C 340 31.79 -100.70 -23.24
N ALA C 341 32.05 -101.99 -23.30
CA ALA C 341 33.39 -102.45 -23.67
C ALA C 341 33.71 -102.02 -25.10
N MET C 342 32.73 -102.15 -26.00
CA MET C 342 32.92 -101.76 -27.39
C MET C 342 33.22 -100.26 -27.49
N GLU C 343 32.49 -99.45 -26.72
CA GLU C 343 32.69 -98.00 -26.71
C GLU C 343 34.13 -97.71 -26.31
N GLU C 344 34.58 -98.37 -25.25
CA GLU C 344 35.95 -98.22 -24.73
C GLU C 344 36.96 -98.58 -25.82
N PHE C 345 36.65 -99.64 -26.56
CA PHE C 345 37.53 -100.09 -27.64
C PHE C 345 37.61 -99.05 -28.76
N MET C 346 36.46 -98.49 -29.14
CA MET C 346 36.43 -97.51 -30.23
C MET C 346 37.21 -96.25 -29.87
N ILE C 347 36.94 -95.69 -28.70
CA ILE C 347 37.59 -94.49 -28.25
C ILE C 347 39.09 -94.63 -27.98
N HIS C 348 39.47 -95.66 -27.22
CA HIS C 348 40.88 -95.84 -26.87
C HIS C 348 41.75 -96.70 -27.79
N LYS C 349 41.18 -97.71 -28.43
CA LYS C 349 41.96 -98.56 -29.31
C LYS C 349 42.01 -98.06 -30.75
N ALA C 350 40.85 -97.78 -31.34
CA ALA C 350 40.83 -97.32 -32.72
C ALA C 350 40.78 -95.81 -32.86
N GLN C 351 40.47 -95.13 -31.76
CA GLN C 351 40.36 -93.67 -31.77
C GLN C 351 39.36 -93.24 -32.84
N ILE C 352 38.24 -93.93 -32.87
CA ILE C 352 37.18 -93.62 -33.81
C ILE C 352 36.04 -93.20 -32.88
N PHE C 353 35.53 -92.00 -33.08
CA PHE C 353 34.47 -91.50 -32.22
C PHE C 353 33.12 -91.42 -32.91
N PHE C 354 32.33 -92.48 -32.74
CA PHE C 354 30.98 -92.56 -33.30
C PHE C 354 30.05 -92.01 -32.24
N ASP C 355 28.76 -92.14 -32.51
CA ASP C 355 27.73 -91.79 -31.53
C ASP C 355 27.33 -93.24 -31.23
N GLU C 356 27.78 -93.75 -30.09
CA GLU C 356 27.50 -95.14 -29.70
C GLU C 356 26.00 -95.46 -29.81
N GLY C 357 25.70 -96.57 -30.48
CA GLY C 357 24.32 -96.97 -30.70
C GLY C 357 23.41 -97.04 -29.50
N TYR C 358 23.91 -97.50 -28.37
CA TYR C 358 23.09 -97.65 -27.18
C TYR C 358 22.47 -96.34 -26.69
N ILE C 359 23.04 -95.19 -27.07
CA ILE C 359 22.48 -93.92 -26.60
C ILE C 359 21.12 -93.61 -27.24
N PHE C 360 20.78 -94.30 -28.31
CA PHE C 360 19.52 -94.09 -29.00
C PHE C 360 18.44 -95.04 -28.48
N GLY C 361 18.80 -95.82 -27.47
CA GLY C 361 17.88 -96.78 -26.89
C GLY C 361 18.50 -98.17 -26.91
N ASP C 362 17.93 -99.10 -26.16
CA ASP C 362 18.47 -100.45 -26.12
C ASP C 362 18.51 -101.12 -27.49
N GLY C 363 17.64 -100.69 -28.39
CA GLY C 363 17.62 -101.24 -29.74
C GLY C 363 18.89 -100.87 -30.50
N GLY C 364 19.66 -99.94 -29.95
CA GLY C 364 20.89 -99.52 -30.61
C GLY C 364 22.13 -100.22 -30.05
N ILE C 365 21.95 -101.05 -29.03
CA ILE C 365 23.07 -101.76 -28.42
C ILE C 365 23.74 -102.66 -29.46
N GLY C 366 25.05 -102.46 -29.66
CA GLY C 366 25.77 -103.25 -30.63
C GLY C 366 25.97 -102.50 -31.94
N PHE C 367 25.27 -101.38 -32.10
CA PHE C 367 25.39 -100.58 -33.32
C PHE C 367 26.25 -99.33 -33.08
N GLU C 368 26.65 -98.69 -34.17
CA GLU C 368 27.45 -97.47 -34.13
C GLU C 368 26.92 -96.54 -35.22
N ARG C 369 26.77 -95.25 -34.90
CA ARG C 369 26.31 -94.29 -35.88
C ARG C 369 27.50 -93.43 -36.28
N ILE C 370 27.82 -93.41 -37.57
CA ILE C 370 28.94 -92.65 -38.08
C ILE C 370 28.47 -91.44 -38.88
N ASN C 371 29.16 -90.31 -38.69
CA ASN C 371 28.84 -89.07 -39.40
C ASN C 371 29.60 -89.04 -40.74
N LEU C 372 28.84 -89.15 -41.83
CA LEU C 372 29.39 -89.17 -43.19
C LEU C 372 29.73 -87.79 -43.78
N ALA C 373 29.30 -86.73 -43.10
CA ALA C 373 29.55 -85.37 -43.57
C ALA C 373 30.98 -84.94 -43.29
N ALA C 374 31.90 -85.43 -44.11
CA ALA C 374 33.33 -85.12 -44.00
C ALA C 374 33.98 -85.53 -45.31
N PRO C 375 35.17 -85.00 -45.61
CA PRO C 375 35.83 -85.39 -46.86
C PRO C 375 35.98 -86.90 -46.92
N SER C 376 35.83 -87.47 -48.11
CA SER C 376 35.97 -88.92 -48.25
C SER C 376 37.32 -89.38 -47.73
N SER C 377 38.33 -88.53 -47.87
CA SER C 377 39.68 -88.86 -47.41
C SER C 377 39.72 -89.03 -45.91
N VAL C 378 38.95 -88.20 -45.20
CA VAL C 378 38.91 -88.27 -43.74
C VAL C 378 38.23 -89.57 -43.29
N ILE C 379 37.16 -89.94 -44.00
CA ILE C 379 36.44 -91.17 -43.70
C ILE C 379 37.41 -92.35 -43.85
N GLN C 380 38.11 -92.40 -44.98
CA GLN C 380 39.07 -93.47 -45.26
C GLN C 380 40.12 -93.58 -44.15
N GLU C 381 40.63 -92.42 -43.72
CA GLU C 381 41.63 -92.37 -42.67
C GLU C 381 41.12 -92.99 -41.38
N SER C 382 39.88 -92.66 -41.02
CA SER C 382 39.26 -93.18 -39.81
C SER C 382 39.07 -94.68 -39.89
N LEU C 383 38.61 -95.15 -41.06
CA LEU C 383 38.38 -96.57 -41.26
C LEU C 383 39.68 -97.36 -41.19
N GLU C 384 40.76 -96.82 -41.73
CA GLU C 384 42.02 -97.53 -41.68
C GLU C 384 42.50 -97.72 -40.24
N ARG C 385 42.14 -96.79 -39.35
CA ARG C 385 42.54 -96.91 -37.94
C ARG C 385 41.73 -98.03 -37.29
N LEU C 386 40.43 -98.05 -37.58
CA LEU C 386 39.54 -99.06 -37.04
C LEU C 386 40.04 -100.40 -37.58
N ASN C 387 40.46 -100.39 -38.84
CA ASN C 387 40.96 -101.59 -39.50
C ASN C 387 42.10 -102.20 -38.71
N LYS C 388 43.11 -101.39 -38.40
CA LYS C 388 44.25 -101.88 -37.63
C LYS C 388 43.83 -102.32 -36.23
N ALA C 389 42.92 -101.56 -35.61
CA ALA C 389 42.45 -101.88 -34.27
C ALA C 389 41.67 -103.19 -34.24
N LEU C 390 40.88 -103.44 -35.28
CA LEU C 390 40.11 -104.68 -35.36
C LEU C 390 41.01 -105.88 -35.62
N LYS C 391 42.03 -105.69 -36.45
CA LYS C 391 42.98 -106.77 -36.74
C LYS C 391 43.70 -107.13 -35.43
N ASP C 392 44.19 -106.11 -34.73
CA ASP C 392 44.89 -106.34 -33.47
C ASP C 392 43.98 -107.12 -32.54
N LEU C 393 42.73 -106.66 -32.42
CA LEU C 393 41.76 -107.33 -31.58
C LEU C 393 41.68 -108.79 -32.02
N LYS C 394 42.12 -109.03 -33.25
CA LYS C 394 42.14 -110.36 -33.87
C LYS C 394 40.76 -110.99 -33.87
N MET D 1 39.59 -46.24 -33.27
CA MET D 1 38.83 -45.97 -34.52
C MET D 1 37.94 -44.74 -34.41
N ILE D 2 37.07 -44.57 -35.41
CA ILE D 2 36.14 -43.45 -35.47
C ILE D 2 34.77 -43.95 -35.04
N TYR D 3 34.16 -43.28 -34.05
CA TYR D 3 32.85 -43.71 -33.58
C TYR D 3 31.72 -42.81 -34.04
N ASP D 4 30.76 -43.44 -34.71
CA ASP D 4 29.62 -42.76 -35.27
C ASP D 4 28.37 -42.81 -34.42
N PHE D 5 28.00 -41.67 -33.84
CA PHE D 5 26.79 -41.56 -33.03
C PHE D 5 25.97 -40.41 -33.60
N THR D 6 26.20 -40.10 -34.89
CA THR D 6 25.51 -39.00 -35.55
C THR D 6 24.65 -39.39 -36.76
N THR D 7 25.05 -40.42 -37.49
CA THR D 7 24.29 -40.84 -38.65
C THR D 7 22.88 -41.27 -38.28
N LYS D 8 21.90 -40.63 -38.90
CA LYS D 8 20.51 -40.99 -38.65
C LYS D 8 20.27 -42.22 -39.52
N ILE D 9 20.00 -43.37 -38.90
CA ILE D 9 19.77 -44.59 -39.66
C ILE D 9 18.30 -44.92 -39.82
N SER D 10 18.02 -45.85 -40.72
CA SER D 10 16.66 -46.31 -40.95
C SER D 10 16.64 -47.81 -40.82
N ARG D 11 15.69 -48.32 -40.07
CA ARG D 11 15.56 -49.76 -39.87
C ARG D 11 14.23 -50.25 -40.41
N LYS D 12 13.72 -49.57 -41.43
CA LYS D 12 12.45 -49.94 -42.05
C LYS D 12 12.62 -51.22 -42.88
N ASN D 13 11.63 -52.10 -42.81
CA ASN D 13 11.65 -53.36 -43.56
C ASN D 13 12.87 -54.25 -43.33
N LEU D 14 13.41 -54.22 -42.12
CA LEU D 14 14.58 -55.04 -41.80
C LEU D 14 14.30 -56.03 -40.66
N GLY D 15 13.05 -56.10 -40.23
CA GLY D 15 12.71 -57.02 -39.15
C GLY D 15 12.88 -56.44 -37.75
N SER D 16 13.13 -55.15 -37.66
CA SER D 16 13.27 -54.51 -36.35
C SER D 16 11.94 -54.55 -35.63
N LEU D 17 11.90 -55.22 -34.47
CA LEU D 17 10.65 -55.28 -33.70
C LEU D 17 10.13 -53.89 -33.37
N LYS D 18 11.04 -52.99 -33.03
CA LYS D 18 10.67 -51.62 -32.68
C LYS D 18 10.08 -50.83 -33.85
N TRP D 19 10.75 -50.85 -34.99
CA TRP D 19 10.24 -50.11 -36.14
C TRP D 19 8.95 -50.73 -36.66
N ASP D 20 8.88 -52.05 -36.72
CA ASP D 20 7.66 -52.70 -37.19
C ASP D 20 6.47 -52.40 -36.28
N LEU D 21 6.73 -52.29 -34.98
CA LEU D 21 5.66 -51.99 -34.03
C LEU D 21 5.12 -50.60 -34.34
N MET D 22 6.03 -49.68 -34.63
CA MET D 22 5.68 -48.31 -34.96
C MET D 22 4.73 -48.25 -36.16
N TYR D 23 5.09 -48.95 -37.24
CA TYR D 23 4.25 -48.96 -38.44
C TYR D 23 2.92 -49.63 -38.17
N SER D 24 2.92 -50.63 -37.31
CA SER D 24 1.70 -51.36 -36.96
C SER D 24 0.75 -50.47 -36.16
N GLN D 25 1.31 -49.65 -35.29
CA GLN D 25 0.50 -48.76 -34.47
C GLN D 25 0.03 -47.55 -35.28
N ASN D 26 0.88 -47.06 -36.16
CA ASN D 26 0.55 -45.91 -36.99
C ASN D 26 1.03 -46.12 -38.42
N PRO D 27 0.18 -46.73 -39.27
CA PRO D 27 0.60 -46.95 -40.65
C PRO D 27 0.85 -45.63 -41.40
N GLU D 28 0.35 -44.54 -40.84
CA GLU D 28 0.52 -43.22 -41.46
C GLU D 28 1.73 -42.42 -40.96
N VAL D 29 2.60 -43.06 -40.18
CA VAL D 29 3.78 -42.39 -39.64
C VAL D 29 4.67 -41.85 -40.77
N GLY D 30 5.29 -40.69 -40.54
CA GLY D 30 6.15 -40.09 -41.56
C GLY D 30 7.47 -40.83 -41.70
N ASN D 31 8.08 -40.76 -42.88
CA ASN D 31 9.34 -41.46 -43.08
C ASN D 31 10.53 -40.82 -42.40
N GLU D 32 10.33 -39.67 -41.77
CA GLU D 32 11.42 -38.99 -41.08
C GLU D 32 11.43 -39.38 -39.59
N VAL D 33 10.37 -40.05 -39.16
CA VAL D 33 10.22 -40.46 -37.77
C VAL D 33 11.07 -41.64 -37.35
N VAL D 34 11.62 -41.55 -36.14
CA VAL D 34 12.45 -42.59 -35.55
C VAL D 34 11.80 -42.93 -34.21
N PRO D 35 11.43 -44.20 -34.00
CA PRO D 35 10.79 -44.65 -32.77
C PRO D 35 11.75 -44.54 -31.59
N LEU D 36 11.24 -44.22 -30.41
CA LEU D 36 12.07 -44.09 -29.22
C LEU D 36 11.47 -44.94 -28.10
N SER D 37 11.05 -46.14 -28.45
CA SER D 37 10.40 -47.05 -27.50
C SER D 37 11.29 -48.19 -27.00
N VAL D 38 11.16 -49.33 -27.67
CA VAL D 38 11.92 -50.54 -27.35
C VAL D 38 13.38 -50.24 -27.07
N ALA D 39 13.93 -50.91 -26.06
CA ALA D 39 15.31 -50.70 -25.66
C ALA D 39 16.44 -51.36 -26.45
N ASP D 40 16.71 -50.84 -27.64
CA ASP D 40 17.85 -51.26 -28.46
C ASP D 40 18.25 -49.93 -29.10
N MET D 41 19.51 -49.79 -29.47
CA MET D 41 20.02 -48.52 -30.00
C MET D 41 19.85 -48.15 -31.46
N GLU D 42 19.68 -46.84 -31.70
CA GLU D 42 19.56 -46.34 -33.05
C GLU D 42 20.96 -45.88 -33.48
N PHE D 43 21.94 -46.67 -33.07
CA PHE D 43 23.35 -46.44 -33.39
C PHE D 43 23.87 -47.70 -34.08
N LYS D 44 24.85 -47.53 -34.96
CA LYS D 44 25.44 -48.71 -35.59
C LYS D 44 26.28 -49.37 -34.49
N ASN D 45 26.48 -50.68 -34.62
CA ASN D 45 27.27 -51.40 -33.63
C ASN D 45 28.75 -51.00 -33.74
N PRO D 46 29.52 -51.24 -32.68
CA PRO D 46 30.95 -50.90 -32.67
C PRO D 46 31.65 -51.42 -33.94
N PRO D 47 32.54 -50.61 -34.53
CA PRO D 47 33.26 -51.02 -35.73
C PRO D 47 34.10 -52.27 -35.47
N GLU D 48 34.71 -52.33 -34.29
CA GLU D 48 35.55 -53.46 -33.91
C GLU D 48 34.77 -54.77 -33.94
N LEU D 49 33.51 -54.72 -33.49
CA LEU D 49 32.64 -55.88 -33.48
C LEU D 49 32.33 -56.34 -34.90
N ILE D 50 31.83 -55.42 -35.73
CA ILE D 50 31.49 -55.75 -37.10
C ILE D 50 32.71 -56.31 -37.84
N GLU D 51 33.87 -55.70 -37.64
CA GLU D 51 35.07 -56.16 -38.32
C GLU D 51 35.45 -57.58 -37.86
N GLY D 52 35.48 -57.77 -36.55
CA GLY D 52 35.82 -59.07 -35.98
C GLY D 52 34.85 -60.16 -36.39
N LEU D 53 33.56 -59.84 -36.45
CA LEU D 53 32.57 -60.82 -36.84
C LEU D 53 32.77 -61.29 -38.28
N LYS D 54 33.05 -60.35 -39.18
CA LYS D 54 33.28 -60.69 -40.59
C LYS D 54 34.50 -61.58 -40.72
N LYS D 55 35.53 -61.24 -39.96
CA LYS D 55 36.77 -62.02 -39.98
C LYS D 55 36.52 -63.44 -39.44
N TYR D 56 35.73 -63.53 -38.38
CA TYR D 56 35.43 -64.82 -37.78
C TYR D 56 34.59 -65.67 -38.74
N LEU D 57 33.68 -65.02 -39.46
CA LEU D 57 32.84 -65.73 -40.42
C LEU D 57 33.66 -66.39 -41.54
N ASP D 58 34.78 -65.78 -41.91
CA ASP D 58 35.61 -66.35 -42.98
C ASP D 58 36.45 -67.53 -42.52
N GLU D 59 36.53 -67.73 -41.19
CA GLU D 59 37.33 -68.81 -40.62
C GLU D 59 36.53 -69.98 -40.03
N THR D 60 35.44 -69.66 -39.34
CA THR D 60 34.65 -70.66 -38.62
C THR D 60 33.70 -71.59 -39.36
N VAL D 61 33.19 -72.54 -38.58
CA VAL D 61 32.21 -73.53 -39.02
C VAL D 61 31.03 -73.22 -38.09
N LEU D 62 29.87 -72.95 -38.66
CA LEU D 62 28.71 -72.58 -37.86
C LEU D 62 27.90 -73.74 -37.24
N GLY D 63 28.62 -74.71 -36.66
CA GLY D 63 27.95 -75.85 -36.04
C GLY D 63 27.66 -75.69 -34.55
N TYR D 64 27.44 -76.81 -33.87
CA TYR D 64 27.15 -76.80 -32.42
C TYR D 64 28.34 -76.23 -31.68
N THR D 65 28.15 -75.06 -31.09
CA THR D 65 29.22 -74.36 -30.40
C THR D 65 28.94 -74.02 -28.95
N GLY D 66 30.00 -74.05 -28.14
CA GLY D 66 29.88 -73.72 -26.72
C GLY D 66 30.94 -72.71 -26.36
N PRO D 67 30.93 -72.16 -25.13
CA PRO D 67 31.95 -71.18 -24.75
C PRO D 67 33.35 -71.76 -24.57
N THR D 68 34.35 -71.00 -25.01
CA THR D 68 35.75 -71.42 -24.86
C THR D 68 36.22 -70.95 -23.49
N GLU D 69 37.37 -71.45 -23.06
CA GLU D 69 37.90 -71.02 -21.77
C GLU D 69 38.27 -69.56 -21.85
N GLU D 70 38.70 -69.11 -23.04
CA GLU D 70 39.05 -67.71 -23.22
C GLU D 70 37.79 -66.85 -23.08
N TYR D 71 36.65 -67.38 -23.55
CA TYR D 71 35.40 -66.66 -23.45
C TYR D 71 35.10 -66.42 -21.97
N LYS D 72 35.18 -67.50 -21.18
CA LYS D 72 34.90 -67.42 -19.75
C LYS D 72 35.87 -66.48 -19.04
N LYS D 73 37.15 -66.55 -19.40
CA LYS D 73 38.13 -65.68 -18.76
C LYS D 73 37.83 -64.21 -19.08
N THR D 74 37.37 -63.95 -20.30
CA THR D 74 37.04 -62.59 -20.73
C THR D 74 35.86 -62.01 -19.94
N VAL D 75 34.87 -62.85 -19.64
CA VAL D 75 33.72 -62.38 -18.88
C VAL D 75 34.19 -62.06 -17.47
N LYS D 76 35.01 -62.94 -16.91
CA LYS D 76 35.54 -62.76 -15.57
C LYS D 76 36.36 -61.48 -15.47
N LYS D 77 37.14 -61.18 -16.51
CA LYS D 77 37.97 -59.98 -16.51
C LYS D 77 37.12 -58.72 -16.57
N TRP D 78 36.05 -58.76 -17.35
CA TRP D 78 35.15 -57.62 -17.47
C TRP D 78 34.55 -57.32 -16.10
N MET D 79 34.09 -58.34 -15.40
CA MET D 79 33.50 -58.13 -14.07
C MET D 79 34.54 -57.54 -13.11
N LYS D 80 35.79 -57.96 -13.27
CA LYS D 80 36.86 -57.48 -12.42
C LYS D 80 37.23 -56.02 -12.74
N ASP D 81 37.54 -55.74 -14.00
CA ASP D 81 37.93 -54.38 -14.39
C ASP D 81 36.83 -53.32 -14.33
N ARG D 82 35.63 -53.68 -14.78
CA ARG D 82 34.52 -52.73 -14.83
C ARG D 82 33.62 -52.67 -13.60
N HIS D 83 33.63 -53.70 -12.78
CA HIS D 83 32.78 -53.70 -11.60
C HIS D 83 33.46 -54.15 -10.31
N GLN D 84 34.78 -54.28 -10.35
CA GLN D 84 35.53 -54.69 -9.16
C GLN D 84 34.82 -55.86 -8.51
N TRP D 85 34.41 -56.81 -9.34
CA TRP D 85 33.69 -57.99 -8.88
C TRP D 85 34.44 -59.25 -9.25
N ASP D 86 34.84 -60.00 -8.22
CA ASP D 86 35.59 -61.24 -8.37
C ASP D 86 34.72 -62.48 -8.54
N ILE D 87 34.65 -63.01 -9.75
CA ILE D 87 33.86 -64.20 -10.02
C ILE D 87 34.76 -65.33 -10.51
N GLN D 88 34.28 -66.56 -10.38
CA GLN D 88 35.00 -67.73 -10.85
C GLN D 88 34.37 -68.08 -12.20
N THR D 89 35.14 -68.69 -13.10
CA THR D 89 34.60 -69.04 -14.41
C THR D 89 33.49 -70.08 -14.38
N ASP D 90 33.47 -70.94 -13.38
CA ASP D 90 32.40 -71.93 -13.34
C ASP D 90 31.10 -71.40 -12.73
N TRP D 91 31.06 -70.12 -12.38
CA TRP D 91 29.84 -69.52 -11.85
C TRP D 91 28.99 -69.09 -13.06
N ILE D 92 29.62 -69.09 -14.23
CA ILE D 92 28.97 -68.64 -15.47
C ILE D 92 28.09 -69.65 -16.22
N ILE D 93 26.80 -69.38 -16.26
CA ILE D 93 25.85 -70.24 -16.97
C ILE D 93 25.26 -69.39 -18.10
N ASN D 94 25.16 -69.97 -19.29
CA ASN D 94 24.65 -69.20 -20.43
C ASN D 94 23.22 -69.52 -20.80
N THR D 95 22.51 -68.50 -21.30
CA THR D 95 21.13 -68.63 -21.72
C THR D 95 20.93 -67.68 -22.89
N ALA D 96 19.93 -67.94 -23.71
CA ALA D 96 19.66 -67.08 -24.85
C ALA D 96 18.75 -65.94 -24.42
N GLY D 97 19.30 -65.02 -23.63
CA GLY D 97 18.51 -63.88 -23.17
C GLY D 97 18.29 -63.88 -21.67
N VAL D 98 18.12 -62.70 -21.09
CA VAL D 98 17.91 -62.59 -19.66
C VAL D 98 16.47 -62.95 -19.25
N VAL D 99 15.49 -62.62 -20.09
CA VAL D 99 14.10 -62.93 -19.79
C VAL D 99 13.92 -64.45 -19.63
N PRO D 100 14.49 -65.24 -20.55
CA PRO D 100 14.35 -66.70 -20.44
C PRO D 100 15.02 -67.17 -19.13
N ALA D 101 16.11 -66.50 -18.76
CA ALA D 101 16.80 -66.85 -17.52
C ALA D 101 15.90 -66.57 -16.32
N VAL D 102 15.14 -65.49 -16.39
CA VAL D 102 14.22 -65.14 -15.29
C VAL D 102 13.09 -66.18 -15.26
N PHE D 103 12.61 -66.59 -16.42
CA PHE D 103 11.56 -67.60 -16.46
C PHE D 103 12.08 -68.90 -15.87
N ASN D 104 13.35 -69.21 -16.13
CA ASN D 104 14.00 -70.41 -15.61
C ASN D 104 14.04 -70.39 -14.08
N ALA D 105 14.36 -69.21 -13.54
CA ALA D 105 14.45 -69.06 -12.08
C ALA D 105 13.11 -69.28 -11.40
N VAL D 106 12.05 -68.68 -11.96
CA VAL D 106 10.71 -68.80 -11.39
C VAL D 106 10.29 -70.27 -11.44
N ARG D 107 10.50 -70.90 -12.59
CA ARG D 107 10.15 -72.28 -12.81
C ARG D 107 10.81 -73.27 -11.85
N GLU D 108 12.08 -73.03 -11.52
CA GLU D 108 12.83 -73.93 -10.65
C GLU D 108 12.79 -73.66 -9.14
N PHE D 109 12.85 -72.40 -8.74
CA PHE D 109 12.88 -72.09 -7.33
C PHE D 109 11.57 -71.69 -6.67
N THR D 110 10.46 -71.92 -7.36
CA THR D 110 9.14 -71.62 -6.81
C THR D 110 8.17 -72.60 -7.41
N LYS D 111 6.94 -72.58 -6.87
CA LYS D 111 5.89 -73.44 -7.37
C LYS D 111 4.62 -72.64 -7.47
N PRO D 112 3.65 -73.13 -8.25
CA PRO D 112 2.38 -72.43 -8.41
C PRO D 112 1.85 -72.00 -7.05
N GLY D 113 1.43 -70.74 -6.94
CA GLY D 113 0.91 -70.25 -5.69
C GLY D 113 1.94 -69.45 -4.92
N ASP D 114 3.22 -69.79 -5.09
CA ASP D 114 4.30 -69.08 -4.41
C ASP D 114 4.31 -67.63 -4.87
N GLY D 115 4.87 -66.77 -4.04
CA GLY D 115 4.93 -65.37 -4.42
C GLY D 115 6.34 -64.94 -4.78
N VAL D 116 6.44 -63.97 -5.69
CA VAL D 116 7.73 -63.43 -6.10
C VAL D 116 7.61 -61.92 -5.96
N ILE D 117 8.53 -61.35 -5.19
CA ILE D 117 8.52 -59.91 -4.95
C ILE D 117 9.26 -59.11 -6.03
N ILE D 118 8.59 -58.07 -6.52
CA ILE D 118 9.21 -57.17 -7.49
C ILE D 118 8.91 -55.76 -7.04
N ILE D 119 9.81 -54.84 -7.38
CA ILE D 119 9.67 -53.44 -7.02
C ILE D 119 9.13 -52.71 -8.25
N THR D 120 7.92 -52.18 -8.13
CA THR D 120 7.22 -51.52 -9.23
C THR D 120 7.09 -49.99 -9.12
N PRO D 121 6.94 -49.29 -10.26
CA PRO D 121 6.88 -49.77 -11.65
C PRO D 121 8.18 -50.41 -12.07
N VAL D 122 8.12 -51.36 -13.01
CA VAL D 122 9.33 -52.03 -13.47
C VAL D 122 9.17 -52.77 -14.80
N TYR D 123 10.31 -53.04 -15.43
CA TYR D 123 10.41 -53.79 -16.69
C TYR D 123 9.25 -54.79 -16.74
N TYR D 124 8.33 -54.57 -17.67
CA TYR D 124 7.13 -55.41 -17.74
C TYR D 124 7.28 -56.93 -17.85
N PRO D 125 8.34 -57.45 -18.49
CA PRO D 125 8.46 -58.90 -18.57
C PRO D 125 8.54 -59.56 -17.19
N PHE D 126 8.92 -58.79 -16.18
CA PHE D 126 9.00 -59.28 -14.80
C PHE D 126 7.63 -59.81 -14.36
N PHE D 127 6.58 -59.07 -14.71
CA PHE D 127 5.22 -59.47 -14.35
C PHE D 127 4.88 -60.79 -15.05
N MET D 128 5.11 -60.82 -16.35
CA MET D 128 4.84 -61.98 -17.17
C MET D 128 5.50 -63.26 -16.65
N ALA D 129 6.78 -63.16 -16.31
CA ALA D 129 7.54 -64.31 -15.82
C ALA D 129 6.90 -64.97 -14.59
N ILE D 130 6.25 -64.15 -13.77
CA ILE D 130 5.62 -64.66 -12.56
C ILE D 130 4.19 -65.14 -12.82
N LYS D 131 3.35 -64.22 -13.27
CA LYS D 131 1.94 -64.50 -13.52
C LYS D 131 1.67 -65.60 -14.55
N ASN D 132 2.42 -65.60 -15.64
CA ASN D 132 2.20 -66.62 -16.69
C ASN D 132 2.60 -68.03 -16.29
N GLN D 133 3.16 -68.19 -15.09
CA GLN D 133 3.56 -69.50 -14.62
C GLN D 133 2.78 -69.83 -13.36
N GLU D 134 1.71 -69.08 -13.14
CA GLU D 134 0.83 -69.29 -12.00
C GLU D 134 1.43 -69.02 -10.63
N ARG D 135 2.45 -68.15 -10.57
CA ARG D 135 3.04 -67.78 -9.29
C ARG D 135 2.38 -66.43 -9.00
N LYS D 136 2.50 -65.94 -7.77
CA LYS D 136 1.87 -64.67 -7.42
C LYS D 136 2.81 -63.48 -7.47
N ILE D 137 2.37 -62.42 -8.14
CA ILE D 137 3.17 -61.20 -8.23
C ILE D 137 2.94 -60.42 -6.94
N ILE D 138 4.00 -60.21 -6.18
CA ILE D 138 3.92 -59.47 -4.93
C ILE D 138 4.62 -58.14 -5.18
N GLU D 139 3.83 -57.09 -5.35
CA GLU D 139 4.37 -55.77 -5.64
C GLU D 139 4.75 -54.93 -4.43
N CYS D 140 5.94 -54.35 -4.48
CA CYS D 140 6.42 -53.46 -3.44
C CYS D 140 6.67 -52.14 -4.15
N GLU D 141 5.59 -51.39 -4.35
CA GLU D 141 5.63 -50.12 -5.06
C GLU D 141 6.65 -49.10 -4.56
N LEU D 142 7.36 -48.50 -5.51
CA LEU D 142 8.36 -47.50 -5.17
C LEU D 142 7.71 -46.22 -4.68
N LEU D 143 8.41 -45.51 -3.80
CA LEU D 143 7.92 -44.26 -3.28
C LEU D 143 8.44 -43.22 -4.26
N GLU D 144 7.64 -42.20 -4.57
CA GLU D 144 8.03 -41.18 -5.53
C GLU D 144 7.72 -39.76 -5.06
N LYS D 145 8.76 -38.92 -5.05
CA LYS D 145 8.64 -37.52 -4.63
C LYS D 145 9.37 -36.65 -5.67
N ASP D 146 8.62 -35.79 -6.35
CA ASP D 146 9.21 -34.91 -7.35
C ASP D 146 10.03 -35.68 -8.40
N GLY D 147 9.59 -36.89 -8.72
CA GLY D 147 10.29 -37.68 -9.72
C GLY D 147 11.41 -38.55 -9.21
N TYR D 148 11.74 -38.46 -7.92
CA TYR D 148 12.81 -39.31 -7.41
C TYR D 148 12.20 -40.54 -6.74
N TYR D 149 12.67 -41.71 -7.14
CA TYR D 149 12.17 -42.97 -6.63
C TYR D 149 13.06 -43.63 -5.57
N THR D 150 12.41 -44.13 -4.51
CA THR D 150 13.10 -44.81 -3.42
C THR D 150 12.30 -46.05 -3.03
N ILE D 151 12.95 -46.94 -2.30
CA ILE D 151 12.33 -48.19 -1.85
C ILE D 151 11.47 -48.00 -0.63
N ASP D 152 10.35 -48.72 -0.59
CA ASP D 152 9.46 -48.67 0.56
C ASP D 152 9.97 -49.79 1.46
N PHE D 153 11.02 -49.51 2.22
CA PHE D 153 11.61 -50.52 3.10
C PHE D 153 10.65 -51.14 4.12
N GLN D 154 9.78 -50.34 4.70
CA GLN D 154 8.83 -50.86 5.68
C GLN D 154 7.99 -51.97 5.02
N LYS D 155 7.46 -51.69 3.83
CA LYS D 155 6.66 -52.68 3.12
C LYS D 155 7.50 -53.88 2.71
N LEU D 156 8.70 -53.63 2.20
CA LEU D 156 9.57 -54.72 1.78
C LEU D 156 9.88 -55.69 2.92
N GLU D 157 10.14 -55.15 4.10
CA GLU D 157 10.44 -55.99 5.26
C GLU D 157 9.20 -56.82 5.61
N LYS D 158 8.04 -56.18 5.59
CA LYS D 158 6.78 -56.86 5.89
C LYS D 158 6.60 -58.04 4.92
N LEU D 159 6.78 -57.76 3.64
CA LEU D 159 6.63 -58.79 2.61
C LEU D 159 7.63 -59.96 2.74
N SER D 160 8.83 -59.67 3.23
CA SER D 160 9.83 -60.72 3.40
C SER D 160 9.46 -61.68 4.53
N LYS D 161 8.51 -61.26 5.37
CA LYS D 161 8.07 -62.09 6.49
C LYS D 161 7.00 -63.10 6.07
N ASP D 162 6.41 -62.92 4.89
CA ASP D 162 5.40 -63.85 4.40
C ASP D 162 6.16 -65.02 3.77
N LYS D 163 6.21 -66.14 4.49
CA LYS D 163 6.92 -67.32 4.02
C LYS D 163 6.51 -67.83 2.64
N ASN D 164 5.33 -67.43 2.17
CA ASN D 164 4.89 -67.88 0.84
C ASN D 164 5.70 -67.17 -0.25
N ASN D 165 6.33 -66.07 0.11
CA ASN D 165 7.16 -65.32 -0.85
C ASN D 165 8.55 -65.96 -0.84
N LYS D 166 8.97 -66.46 -1.99
CA LYS D 166 10.24 -67.18 -2.11
C LYS D 166 11.45 -66.39 -2.61
N ALA D 167 11.23 -65.27 -3.28
CA ALA D 167 12.36 -64.51 -3.77
C ALA D 167 12.04 -63.07 -4.14
N LEU D 168 13.07 -62.26 -4.17
CA LEU D 168 12.97 -60.86 -4.55
C LEU D 168 13.61 -60.74 -5.92
N LEU D 169 12.83 -60.33 -6.90
CA LEU D 169 13.30 -60.14 -8.27
C LEU D 169 13.63 -58.66 -8.38
N PHE D 170 14.93 -58.37 -8.32
CA PHE D 170 15.45 -57.02 -8.32
C PHE D 170 15.98 -56.53 -9.67
N CYS D 171 15.77 -55.25 -9.96
CA CYS D 171 16.24 -54.65 -11.20
C CYS D 171 17.25 -53.55 -10.83
N SER D 172 18.51 -53.74 -11.23
CA SER D 172 19.57 -52.79 -10.89
C SER D 172 20.68 -52.63 -11.94
N PRO D 173 20.73 -51.47 -12.64
CA PRO D 173 19.88 -50.28 -12.54
C PRO D 173 18.41 -50.63 -12.79
N HIS D 174 17.51 -49.83 -12.23
CA HIS D 174 16.08 -50.10 -12.34
C HIS D 174 15.39 -49.51 -13.57
N ASN D 175 14.94 -50.37 -14.48
CA ASN D 175 14.22 -49.99 -15.69
C ASN D 175 12.77 -49.94 -15.20
N PRO D 176 11.98 -48.89 -15.55
CA PRO D 176 12.22 -47.70 -16.37
C PRO D 176 12.50 -46.35 -15.71
N VAL D 177 12.77 -46.29 -14.41
CA VAL D 177 13.01 -44.99 -13.79
C VAL D 177 14.45 -44.52 -13.75
N GLY D 178 15.39 -45.36 -14.19
CA GLY D 178 16.79 -44.97 -14.22
C GLY D 178 17.57 -44.94 -12.91
N ARG D 179 17.02 -45.50 -11.84
CA ARG D 179 17.73 -45.50 -10.57
C ARG D 179 18.92 -46.45 -10.55
N VAL D 180 20.03 -45.98 -10.00
CA VAL D 180 21.24 -46.79 -9.81
C VAL D 180 21.28 -46.81 -8.28
N TRP D 181 20.96 -47.96 -7.70
CA TRP D 181 20.90 -48.08 -6.25
C TRP D 181 22.16 -47.73 -5.47
N LYS D 182 21.94 -46.96 -4.40
CA LYS D 182 23.04 -46.52 -3.53
C LYS D 182 23.45 -47.65 -2.60
N LYS D 183 24.71 -47.59 -2.17
CA LYS D 183 25.25 -48.59 -1.26
C LYS D 183 24.38 -48.74 0.00
N ASP D 184 23.85 -47.62 0.50
CA ASP D 184 23.00 -47.62 1.69
C ASP D 184 21.72 -48.43 1.44
N GLU D 185 21.14 -48.24 0.27
CA GLU D 185 19.91 -48.90 -0.11
C GLU D 185 20.10 -50.40 -0.29
N LEU D 186 21.21 -50.81 -0.88
CA LEU D 186 21.48 -52.23 -1.07
C LEU D 186 21.75 -52.89 0.28
N GLN D 187 22.41 -52.15 1.18
CA GLN D 187 22.69 -52.68 2.51
C GLN D 187 21.39 -53.00 3.24
N LYS D 188 20.42 -52.10 3.18
CA LYS D 188 19.14 -52.33 3.84
C LYS D 188 18.42 -53.53 3.24
N ILE D 189 18.43 -53.63 1.92
CA ILE D 189 17.78 -54.75 1.25
C ILE D 189 18.52 -56.04 1.61
N LYS D 190 19.84 -55.97 1.66
CA LYS D 190 20.64 -57.12 2.02
C LYS D 190 20.20 -57.64 3.38
N ASP D 191 20.09 -56.74 4.35
CA ASP D 191 19.68 -57.13 5.70
C ASP D 191 18.31 -57.79 5.71
N ILE D 192 17.39 -57.26 4.91
CA ILE D 192 16.04 -57.82 4.84
C ILE D 192 16.09 -59.22 4.21
N VAL D 193 16.90 -59.36 3.16
CA VAL D 193 17.01 -60.65 2.50
C VAL D 193 17.73 -61.69 3.36
N LEU D 194 18.82 -61.30 4.01
CA LEU D 194 19.56 -62.24 4.85
C LEU D 194 18.79 -62.68 6.09
N LYS D 195 17.90 -61.83 6.59
CA LYS D 195 17.11 -62.18 7.78
C LYS D 195 15.86 -62.97 7.41
N SER D 196 15.75 -63.35 6.14
CA SER D 196 14.59 -64.13 5.68
C SER D 196 15.07 -65.28 4.82
N ASP D 197 14.14 -66.08 4.32
CA ASP D 197 14.49 -67.21 3.46
C ASP D 197 14.37 -66.81 2.00
N LEU D 198 14.36 -65.51 1.74
CA LEU D 198 14.24 -65.01 0.38
C LEU D 198 15.50 -65.22 -0.42
N MET D 199 15.31 -65.60 -1.67
CA MET D 199 16.43 -65.80 -2.59
C MET D 199 16.56 -64.43 -3.27
N LEU D 200 17.74 -64.11 -3.79
CA LEU D 200 17.89 -62.84 -4.48
C LEU D 200 18.22 -63.08 -5.95
N TRP D 201 17.40 -62.51 -6.83
CA TRP D 201 17.59 -62.60 -8.27
C TRP D 201 17.81 -61.16 -8.72
N SER D 202 19.05 -60.79 -8.98
CA SER D 202 19.36 -59.43 -9.39
C SER D 202 19.66 -59.30 -10.87
N ASP D 203 18.75 -58.64 -11.59
CA ASP D 203 18.89 -58.41 -13.03
C ASP D 203 19.70 -57.12 -13.21
N GLU D 204 20.98 -57.27 -13.53
CA GLU D 204 21.86 -56.12 -13.70
C GLU D 204 22.32 -55.95 -15.15
N ILE D 205 21.42 -56.18 -16.10
CA ILE D 205 21.79 -56.07 -17.49
C ILE D 205 22.20 -54.66 -17.90
N HIS D 206 21.69 -53.65 -17.17
CA HIS D 206 22.03 -52.27 -17.47
C HIS D 206 23.23 -51.76 -16.70
N PHE D 207 23.96 -52.64 -16.02
CA PHE D 207 25.07 -52.18 -15.21
C PHE D 207 26.32 -51.59 -15.86
N ASP D 208 26.36 -51.53 -17.19
CA ASP D 208 27.50 -50.94 -17.90
C ASP D 208 27.06 -49.58 -18.46
N LEU D 209 25.78 -49.24 -18.28
CA LEU D 209 25.22 -48.00 -18.78
C LEU D 209 24.90 -47.04 -17.66
N ILE D 210 25.94 -46.58 -16.98
CA ILE D 210 25.80 -45.67 -15.86
C ILE D 210 26.13 -44.24 -16.25
N MET D 211 25.26 -43.31 -15.89
CA MET D 211 25.45 -41.91 -16.24
C MET D 211 26.51 -41.23 -15.38
N PRO D 212 27.24 -40.27 -15.97
CA PRO D 212 28.28 -39.58 -15.20
C PRO D 212 27.68 -38.99 -13.93
N GLY D 213 28.34 -39.24 -12.81
CA GLY D 213 27.86 -38.74 -11.54
C GLY D 213 27.43 -39.88 -10.62
N TYR D 214 27.36 -41.09 -11.17
CA TYR D 214 26.94 -42.26 -10.39
C TYR D 214 27.81 -43.49 -10.60
N GLU D 215 27.72 -44.42 -9.67
CA GLU D 215 28.50 -45.64 -9.72
C GLU D 215 27.63 -46.84 -9.32
N HIS D 216 27.71 -47.90 -10.13
CA HIS D 216 26.93 -49.10 -9.85
C HIS D 216 27.66 -50.07 -8.91
N THR D 217 26.88 -50.74 -8.07
CA THR D 217 27.42 -51.73 -7.13
C THR D 217 26.76 -53.07 -7.45
N VAL D 218 27.57 -54.09 -7.76
CA VAL D 218 27.00 -55.42 -8.02
C VAL D 218 26.44 -55.90 -6.68
N PHE D 219 25.15 -56.19 -6.64
CA PHE D 219 24.50 -56.60 -5.40
C PHE D 219 25.19 -57.73 -4.63
N GLN D 220 25.41 -58.86 -5.28
CA GLN D 220 26.02 -59.98 -4.57
C GLN D 220 27.47 -59.74 -4.15
N SER D 221 28.07 -58.66 -4.62
CA SER D 221 29.46 -58.37 -4.27
C SER D 221 29.63 -57.76 -2.88
N ILE D 222 28.54 -57.27 -2.28
CA ILE D 222 28.67 -56.64 -0.96
C ILE D 222 28.69 -57.62 0.22
N ASP D 223 28.19 -58.83 0.03
CA ASP D 223 28.15 -59.81 1.13
C ASP D 223 28.24 -61.24 0.60
N GLU D 224 29.19 -62.00 1.14
CA GLU D 224 29.41 -63.38 0.71
C GLU D 224 28.25 -64.34 1.02
N GLN D 225 27.52 -64.08 2.10
CA GLN D 225 26.39 -64.93 2.45
C GLN D 225 25.21 -64.63 1.53
N LEU D 226 25.06 -63.37 1.16
CA LEU D 226 23.99 -62.97 0.25
C LEU D 226 24.29 -63.64 -1.10
N ALA D 227 25.55 -63.59 -1.52
CA ALA D 227 25.96 -64.19 -2.79
C ALA D 227 25.64 -65.68 -2.81
N ASP D 228 25.71 -66.31 -1.64
CA ASP D 228 25.43 -67.74 -1.52
C ASP D 228 24.03 -68.14 -1.97
N LYS D 229 23.09 -67.19 -1.95
CA LYS D 229 21.74 -67.47 -2.39
C LYS D 229 21.25 -66.41 -3.39
N THR D 230 22.17 -65.98 -4.26
CA THR D 230 21.86 -64.98 -5.28
C THR D 230 22.16 -65.47 -6.70
N ILE D 231 21.31 -65.07 -7.63
CA ILE D 231 21.48 -65.36 -9.04
C ILE D 231 21.55 -63.96 -9.67
N THR D 232 22.66 -63.66 -10.34
CA THR D 232 22.81 -62.34 -10.97
C THR D 232 22.78 -62.46 -12.49
N PHE D 233 21.81 -61.79 -13.11
CA PHE D 233 21.67 -61.83 -14.55
C PHE D 233 22.47 -60.73 -15.21
N THR D 234 23.37 -61.10 -16.13
CA THR D 234 24.13 -60.10 -16.85
C THR D 234 24.19 -60.47 -18.32
N ALA D 235 24.56 -59.50 -19.16
CA ALA D 235 24.66 -59.73 -20.59
C ALA D 235 25.28 -58.52 -21.26
N PRO D 236 25.87 -58.71 -22.44
CA PRO D 236 26.49 -57.60 -23.18
C PRO D 236 25.49 -56.95 -24.15
N SER D 237 24.29 -57.51 -24.22
CA SER D 237 23.24 -57.04 -25.12
C SER D 237 22.82 -55.58 -25.04
N LYS D 238 22.42 -55.11 -23.86
CA LYS D 238 22.00 -53.73 -23.73
C LYS D 238 23.20 -52.80 -23.92
N THR D 239 24.31 -53.18 -23.30
CA THR D 239 25.55 -52.41 -23.36
C THR D 239 26.09 -52.10 -24.75
N PHE D 240 26.13 -53.12 -25.61
CA PHE D 240 26.66 -52.95 -26.95
C PHE D 240 25.68 -53.05 -28.10
N ASN D 241 24.39 -52.93 -27.80
CA ASN D 241 23.33 -53.00 -28.81
C ASN D 241 23.33 -54.31 -29.58
N ILE D 242 23.48 -55.43 -28.87
CA ILE D 242 23.47 -56.73 -29.53
C ILE D 242 22.42 -57.69 -28.97
N ALA D 243 21.19 -57.19 -28.86
CA ALA D 243 20.09 -58.00 -28.38
C ALA D 243 19.79 -59.06 -29.43
N GLY D 244 20.18 -58.79 -30.67
CA GLY D 244 19.96 -59.72 -31.76
C GLY D 244 21.12 -60.65 -31.98
N MET D 245 22.02 -60.67 -31.00
CA MET D 245 23.22 -61.50 -31.06
C MET D 245 23.50 -62.09 -29.68
N GLY D 246 23.38 -61.24 -28.69
CA GLY D 246 23.61 -61.54 -27.29
C GLY D 246 23.61 -62.93 -26.68
N MET D 247 24.63 -63.14 -25.86
CA MET D 247 24.81 -64.37 -25.11
C MET D 247 24.72 -63.89 -23.67
N SER D 248 23.75 -64.39 -22.92
CA SER D 248 23.60 -63.98 -21.54
C SER D 248 24.57 -64.74 -20.64
N ASN D 249 25.09 -64.05 -19.63
CA ASN D 249 26.01 -64.65 -18.66
C ASN D 249 25.36 -64.56 -17.28
N ILE D 250 24.71 -65.65 -16.88
CA ILE D 250 24.05 -65.73 -15.59
C ILE D 250 25.11 -66.20 -14.60
N ILE D 251 25.32 -65.41 -13.55
CA ILE D 251 26.35 -65.69 -12.54
C ILE D 251 25.77 -66.31 -11.28
N ILE D 252 26.18 -67.54 -10.98
CA ILE D 252 25.69 -68.22 -9.79
C ILE D 252 26.84 -68.88 -9.03
N LYS D 253 27.14 -68.33 -7.86
CA LYS D 253 28.23 -68.81 -7.00
C LYS D 253 27.96 -70.19 -6.39
N ASN D 254 26.78 -70.37 -5.82
CA ASN D 254 26.43 -71.62 -5.17
C ASN D 254 26.25 -72.80 -6.14
N PRO D 255 27.07 -73.85 -5.97
CA PRO D 255 26.96 -75.03 -6.86
C PRO D 255 25.56 -75.62 -6.96
N ASP D 256 24.91 -75.83 -5.81
CA ASP D 256 23.56 -76.42 -5.79
C ASP D 256 22.57 -75.58 -6.58
N ILE D 257 22.51 -74.29 -6.25
CA ILE D 257 21.60 -73.37 -6.92
C ILE D 257 21.96 -73.29 -8.40
N ARG D 258 23.26 -73.25 -8.70
CA ARG D 258 23.70 -73.19 -10.08
C ARG D 258 23.27 -74.44 -10.85
N GLU D 259 23.42 -75.60 -10.21
CA GLU D 259 23.03 -76.87 -10.80
C GLU D 259 21.52 -76.95 -11.03
N ARG D 260 20.74 -76.43 -10.08
CA ARG D 260 19.28 -76.44 -10.23
C ARG D 260 18.86 -75.54 -11.38
N PHE D 261 19.48 -74.36 -11.45
CA PHE D 261 19.17 -73.41 -12.50
C PHE D 261 19.50 -74.01 -13.87
N THR D 262 20.65 -74.65 -13.98
CA THR D 262 21.08 -75.25 -15.24
C THR D 262 20.10 -76.35 -15.67
N LYS D 263 19.66 -77.15 -14.71
CA LYS D 263 18.72 -78.23 -14.97
C LYS D 263 17.43 -77.65 -15.53
N SER D 264 16.96 -76.57 -14.90
CA SER D 264 15.74 -75.91 -15.34
C SER D 264 15.88 -75.38 -16.76
N ARG D 265 17.04 -74.80 -17.06
CA ARG D 265 17.30 -74.28 -18.40
C ARG D 265 17.31 -75.42 -19.41
N ASP D 266 17.88 -76.56 -19.02
CA ASP D 266 17.97 -77.70 -19.96
C ASP D 266 16.66 -78.40 -20.24
N ALA D 267 15.73 -78.33 -19.28
CA ALA D 267 14.43 -78.96 -19.43
C ALA D 267 13.50 -78.11 -20.28
N THR D 268 13.86 -76.85 -20.50
CA THR D 268 13.02 -75.97 -21.29
C THR D 268 13.63 -75.52 -22.62
N SER D 269 14.88 -75.08 -22.59
CA SER D 269 15.52 -74.59 -23.80
C SER D 269 16.87 -75.22 -24.14
N GLY D 270 17.55 -75.73 -23.12
CA GLY D 270 18.86 -76.32 -23.34
C GLY D 270 19.87 -75.19 -23.39
N MET D 271 21.12 -75.51 -23.69
CA MET D 271 22.15 -74.48 -23.75
C MET D 271 22.14 -73.83 -25.13
N PRO D 272 22.63 -72.57 -25.22
CA PRO D 272 22.69 -71.82 -26.46
C PRO D 272 23.88 -72.30 -27.28
N PHE D 273 23.66 -72.60 -28.55
CA PHE D 273 24.72 -73.06 -29.43
C PHE D 273 25.12 -71.97 -30.41
N THR D 274 24.57 -70.77 -30.22
CA THR D 274 24.83 -69.63 -31.10
C THR D 274 26.28 -69.15 -31.13
N THR D 275 27.02 -69.65 -32.12
CA THR D 275 28.43 -69.34 -32.33
C THR D 275 28.80 -67.86 -32.30
N LEU D 276 28.08 -67.04 -33.06
CA LEU D 276 28.38 -65.61 -33.12
C LEU D 276 28.09 -64.91 -31.80
N GLY D 277 27.16 -65.45 -31.02
CA GLY D 277 26.84 -64.86 -29.74
C GLY D 277 28.03 -64.88 -28.81
N TYR D 278 28.67 -66.04 -28.72
CA TYR D 278 29.85 -66.18 -27.86
C TYR D 278 30.96 -65.25 -28.35
N LYS D 279 31.17 -65.23 -29.66
CA LYS D 279 32.21 -64.39 -30.25
C LYS D 279 31.92 -62.90 -30.07
N ALA D 280 30.69 -62.48 -30.31
CA ALA D 280 30.32 -61.08 -30.18
C ALA D 280 30.59 -60.56 -28.75
N CYS D 281 30.25 -61.36 -27.75
CA CYS D 281 30.45 -60.96 -26.36
C CYS D 281 31.94 -60.76 -26.06
N GLU D 282 32.76 -61.71 -26.50
CA GLU D 282 34.19 -61.64 -26.28
C GLU D 282 34.81 -60.41 -26.93
N ILE D 283 34.47 -60.17 -28.19
CA ILE D 283 35.00 -59.02 -28.93
C ILE D 283 34.63 -57.68 -28.27
N CYS D 284 33.36 -57.54 -27.89
CA CYS D 284 32.91 -56.31 -27.26
C CYS D 284 33.65 -56.00 -25.96
N TYR D 285 33.70 -56.98 -25.06
CA TYR D 285 34.39 -56.79 -23.79
C TYR D 285 35.88 -56.52 -23.98
N LYS D 286 36.48 -57.14 -24.97
CA LYS D 286 37.91 -56.96 -25.25
C LYS D 286 38.29 -55.69 -26.00
N GLU D 287 37.45 -55.26 -26.93
CA GLU D 287 37.79 -54.11 -27.76
C GLU D 287 36.84 -52.90 -27.83
N CYS D 288 35.65 -53.00 -27.27
CA CYS D 288 34.72 -51.89 -27.43
C CYS D 288 34.45 -51.00 -26.23
N GLY D 289 35.35 -51.00 -25.26
CA GLY D 289 35.16 -50.17 -24.08
C GLY D 289 35.14 -48.69 -24.44
N LYS D 290 36.01 -48.30 -25.37
CA LYS D 290 36.09 -46.91 -25.80
C LYS D 290 34.79 -46.47 -26.49
N TRP D 291 34.25 -47.35 -27.33
CA TRP D 291 33.00 -47.03 -28.01
C TRP D 291 31.94 -46.81 -26.95
N LEU D 292 31.90 -47.70 -25.97
CA LEU D 292 30.94 -47.61 -24.88
C LEU D 292 31.04 -46.26 -24.14
N ASP D 293 32.25 -45.87 -23.77
CA ASP D 293 32.44 -44.61 -23.07
C ASP D 293 31.87 -43.47 -23.91
N GLY D 294 32.12 -43.53 -25.22
CA GLY D 294 31.61 -42.51 -26.12
C GLY D 294 30.10 -42.51 -26.22
N CYS D 295 29.52 -43.72 -26.26
CA CYS D 295 28.07 -43.87 -26.34
C CYS D 295 27.40 -43.26 -25.11
N ILE D 296 27.98 -43.54 -23.94
CA ILE D 296 27.43 -43.01 -22.70
C ILE D 296 27.43 -41.47 -22.70
N LYS D 297 28.45 -40.89 -23.30
CA LYS D 297 28.54 -39.43 -23.37
C LYS D 297 27.41 -38.82 -24.17
N VAL D 298 27.04 -39.48 -25.27
CA VAL D 298 25.96 -39.00 -26.12
C VAL D 298 24.61 -39.16 -25.39
N ILE D 299 24.45 -40.28 -24.69
CA ILE D 299 23.24 -40.56 -23.93
C ILE D 299 23.01 -39.50 -22.85
N ASP D 300 24.06 -39.16 -22.11
CA ASP D 300 23.94 -38.15 -21.05
C ASP D 300 23.61 -36.79 -21.68
N LYS D 301 24.22 -36.52 -22.83
CA LYS D 301 23.98 -35.28 -23.57
C LYS D 301 22.49 -35.20 -23.92
N ASN D 302 21.94 -36.30 -24.42
CA ASN D 302 20.54 -36.35 -24.80
C ASN D 302 19.54 -36.19 -23.66
N GLN D 303 19.81 -36.81 -22.51
CA GLN D 303 18.87 -36.68 -21.40
C GLN D 303 18.85 -35.24 -20.89
N ARG D 304 19.96 -34.53 -21.07
CA ARG D 304 20.03 -33.13 -20.64
C ARG D 304 19.31 -32.27 -21.67
N ILE D 305 19.37 -32.68 -22.93
CA ILE D 305 18.65 -31.96 -23.99
C ILE D 305 17.16 -32.09 -23.69
N VAL D 306 16.72 -33.31 -23.37
CA VAL D 306 15.33 -33.57 -23.07
C VAL D 306 14.86 -32.77 -21.85
N LYS D 307 15.63 -32.84 -20.77
CA LYS D 307 15.28 -32.11 -19.55
C LYS D 307 15.13 -30.63 -19.83
N ASP D 308 16.10 -30.06 -20.54
CA ASP D 308 16.10 -28.65 -20.89
C ASP D 308 14.92 -28.30 -21.80
N PHE D 309 14.64 -29.16 -22.77
CA PHE D 309 13.54 -28.93 -23.69
C PHE D 309 12.21 -28.61 -23.00
N PHE D 310 11.83 -29.44 -22.03
CA PHE D 310 10.58 -29.21 -21.33
C PHE D 310 10.60 -28.01 -20.39
N GLU D 311 11.72 -27.81 -19.70
CA GLU D 311 11.84 -26.68 -18.79
C GLU D 311 11.58 -25.38 -19.55
N VAL D 312 12.04 -25.34 -20.79
CA VAL D 312 11.89 -24.16 -21.63
C VAL D 312 10.55 -24.01 -22.36
N ASN D 313 10.02 -25.12 -22.87
CA ASN D 313 8.78 -25.10 -23.65
C ASN D 313 7.50 -25.53 -22.95
N HIS D 314 7.59 -26.51 -22.06
CA HIS D 314 6.41 -27.00 -21.36
C HIS D 314 6.81 -27.45 -19.96
N PRO D 315 7.27 -26.50 -19.13
CA PRO D 315 7.70 -26.76 -17.76
C PRO D 315 6.75 -27.56 -16.86
N GLU D 316 5.49 -27.73 -17.28
CA GLU D 316 4.58 -28.51 -16.44
C GLU D 316 4.90 -29.98 -16.59
N ILE D 317 5.66 -30.32 -17.63
CA ILE D 317 6.07 -31.70 -17.89
C ILE D 317 7.53 -31.75 -17.45
N LYS D 318 7.89 -32.71 -16.61
CA LYS D 318 9.27 -32.80 -16.15
C LYS D 318 10.00 -34.06 -16.60
N ALA D 319 11.25 -33.86 -17.00
CA ALA D 319 12.11 -34.94 -17.47
C ALA D 319 13.40 -34.91 -16.66
N PRO D 320 13.35 -35.39 -15.40
CA PRO D 320 14.54 -35.41 -14.55
C PRO D 320 15.62 -36.31 -15.14
N LEU D 321 16.87 -36.02 -14.82
CA LEU D 321 17.97 -36.82 -15.33
C LEU D 321 17.96 -38.19 -14.64
N ILE D 322 18.42 -39.21 -15.34
CA ILE D 322 18.47 -40.56 -14.77
C ILE D 322 19.90 -40.86 -14.37
N GLU D 323 20.08 -41.90 -13.56
CA GLU D 323 21.39 -42.29 -13.08
C GLU D 323 21.99 -43.44 -13.89
N GLY D 324 21.11 -44.28 -14.45
CA GLY D 324 21.57 -45.41 -15.24
C GLY D 324 20.59 -45.79 -16.32
N THR D 325 21.05 -46.62 -17.26
CA THR D 325 20.28 -47.07 -18.43
C THR D 325 20.24 -45.88 -19.37
N TYR D 326 19.73 -46.07 -20.59
CA TYR D 326 19.60 -44.95 -21.51
C TYR D 326 18.12 -44.67 -21.72
N LEU D 327 17.34 -45.02 -20.70
CA LEU D 327 15.89 -44.85 -20.75
C LEU D 327 15.41 -43.82 -19.73
N GLN D 328 15.08 -42.62 -20.23
CA GLN D 328 14.61 -41.52 -19.37
C GLN D 328 13.11 -41.61 -19.09
N TRP D 329 12.74 -41.30 -17.86
CA TRP D 329 11.35 -41.39 -17.38
C TRP D 329 10.73 -39.98 -17.32
N ILE D 330 9.79 -39.70 -18.22
CA ILE D 330 9.14 -38.40 -18.30
C ILE D 330 7.75 -38.38 -17.67
N ASP D 331 7.48 -37.37 -16.87
CA ASP D 331 6.20 -37.21 -16.18
C ASP D 331 5.26 -36.26 -16.94
N PHE D 332 4.22 -36.83 -17.56
CA PHE D 332 3.24 -36.05 -18.32
C PHE D 332 1.92 -35.97 -17.56
N ARG D 333 1.94 -36.24 -16.26
CA ARG D 333 0.72 -36.21 -15.47
C ARG D 333 -0.02 -34.88 -15.50
N ALA D 334 0.72 -33.79 -15.68
CA ALA D 334 0.11 -32.46 -15.72
C ALA D 334 -0.84 -32.28 -16.91
N LEU D 335 -0.68 -33.10 -17.94
CA LEU D 335 -1.54 -33.02 -19.12
C LEU D 335 -2.97 -33.42 -18.80
N LYS D 336 -3.16 -34.12 -17.68
CA LYS D 336 -4.48 -34.56 -17.26
C LYS D 336 -5.18 -35.45 -18.29
N MET D 337 -4.40 -36.24 -19.02
CA MET D 337 -4.96 -37.15 -20.02
C MET D 337 -4.89 -38.58 -19.50
N ASP D 338 -5.94 -39.36 -19.76
CA ASP D 338 -5.94 -40.75 -19.32
C ASP D 338 -4.86 -41.41 -20.19
N HIS D 339 -4.10 -42.34 -19.61
CA HIS D 339 -3.01 -42.98 -20.34
C HIS D 339 -3.30 -43.52 -21.74
N LYS D 340 -4.46 -44.13 -21.93
CA LYS D 340 -4.80 -44.66 -23.25
C LYS D 340 -4.96 -43.52 -24.26
N ALA D 341 -5.60 -42.44 -23.84
CA ALA D 341 -5.80 -41.28 -24.71
C ALA D 341 -4.47 -40.58 -24.94
N MET D 342 -3.63 -40.54 -23.92
CA MET D 342 -2.33 -39.89 -24.05
C MET D 342 -1.48 -40.67 -25.04
N GLU D 343 -1.64 -41.99 -25.02
CA GLU D 343 -0.90 -42.88 -25.92
C GLU D 343 -1.31 -42.58 -27.37
N GLU D 344 -2.61 -42.47 -27.59
CA GLU D 344 -3.18 -42.19 -28.91
C GLU D 344 -2.60 -40.86 -29.41
N PHE D 345 -2.55 -39.88 -28.51
CA PHE D 345 -2.03 -38.55 -28.82
C PHE D 345 -0.56 -38.61 -29.26
N MET D 346 0.27 -39.25 -28.45
CA MET D 346 1.69 -39.35 -28.78
C MET D 346 1.93 -40.03 -30.11
N ILE D 347 1.28 -41.17 -30.30
CA ILE D 347 1.43 -41.95 -31.52
C ILE D 347 0.89 -41.24 -32.77
N HIS D 348 -0.32 -40.71 -32.70
CA HIS D 348 -0.91 -40.06 -33.87
C HIS D 348 -0.79 -38.55 -34.04
N LYS D 349 -0.80 -37.80 -32.95
CA LYS D 349 -0.69 -36.35 -33.06
C LYS D 349 0.76 -35.89 -33.11
N ALA D 350 1.60 -36.45 -32.24
CA ALA D 350 3.00 -36.04 -32.22
C ALA D 350 3.92 -37.02 -32.95
N GLN D 351 3.41 -38.22 -33.26
CA GLN D 351 4.22 -39.24 -33.92
C GLN D 351 5.54 -39.47 -33.18
N ILE D 352 5.44 -39.55 -31.85
CA ILE D 352 6.60 -39.82 -31.02
C ILE D 352 6.24 -41.13 -30.35
N PHE D 353 7.09 -42.14 -30.54
CA PHE D 353 6.82 -43.46 -30.00
C PHE D 353 7.66 -43.81 -28.79
N PHE D 354 7.06 -43.65 -27.62
CA PHE D 354 7.72 -43.98 -26.37
C PHE D 354 7.30 -45.40 -26.02
N ASP D 355 7.68 -45.79 -24.81
CA ASP D 355 7.25 -47.05 -24.25
C ASP D 355 6.34 -46.40 -23.22
N GLU D 356 5.04 -46.45 -23.48
CA GLU D 356 4.06 -45.82 -22.60
C GLU D 356 4.26 -46.25 -21.15
N GLY D 357 4.32 -45.26 -20.27
CA GLY D 357 4.54 -45.53 -18.85
C GLY D 357 3.68 -46.59 -18.19
N TYR D 358 2.41 -46.68 -18.59
CA TYR D 358 1.50 -47.64 -17.98
C TYR D 358 1.83 -49.12 -18.19
N ILE D 359 2.64 -49.44 -19.19
CA ILE D 359 2.98 -50.85 -19.43
C ILE D 359 3.91 -51.41 -18.35
N PHE D 360 4.49 -50.53 -17.55
CA PHE D 360 5.40 -50.96 -16.49
C PHE D 360 4.71 -51.07 -15.14
N GLY D 361 3.39 -50.92 -15.15
CA GLY D 361 2.63 -50.99 -13.92
C GLY D 361 1.76 -49.75 -13.73
N ASP D 362 0.76 -49.85 -12.86
CA ASP D 362 -0.11 -48.70 -12.63
C ASP D 362 0.68 -47.49 -12.18
N GLY D 363 1.83 -47.74 -11.55
CA GLY D 363 2.67 -46.64 -11.09
C GLY D 363 3.25 -45.84 -12.24
N GLY D 364 3.23 -46.42 -13.44
CA GLY D 364 3.77 -45.73 -14.60
C GLY D 364 2.74 -44.91 -15.35
N ILE D 365 1.49 -44.95 -14.89
CA ILE D 365 0.42 -44.19 -15.53
C ILE D 365 0.68 -42.69 -15.48
N GLY D 366 0.69 -42.06 -16.64
CA GLY D 366 0.94 -40.63 -16.71
C GLY D 366 2.39 -40.35 -17.08
N PHE D 367 3.19 -41.40 -17.12
CA PHE D 367 4.60 -41.26 -17.47
C PHE D 367 4.87 -41.82 -18.86
N GLU D 368 6.05 -41.48 -19.39
CA GLU D 368 6.48 -41.95 -20.71
C GLU D 368 7.97 -42.26 -20.62
N ARG D 369 8.39 -43.37 -21.22
CA ARG D 369 9.81 -43.74 -21.21
C ARG D 369 10.37 -43.49 -22.60
N ILE D 370 11.43 -42.68 -22.67
CA ILE D 370 12.04 -42.34 -23.96
C ILE D 370 13.42 -42.96 -24.10
N ASN D 371 13.68 -43.57 -25.25
CA ASN D 371 14.97 -44.20 -25.53
C ASN D 371 15.95 -43.12 -25.99
N LEU D 372 16.94 -42.82 -25.16
CA LEU D 372 17.94 -41.78 -25.46
C LEU D 372 19.06 -42.22 -26.41
N ALA D 373 19.15 -43.51 -26.69
CA ALA D 373 20.20 -44.04 -27.56
C ALA D 373 19.95 -43.80 -29.05
N ALA D 374 20.19 -42.58 -29.48
CA ALA D 374 20.02 -42.17 -30.87
C ALA D 374 20.79 -40.86 -31.03
N PRO D 375 21.05 -40.44 -32.27
CA PRO D 375 21.78 -39.19 -32.46
C PRO D 375 21.03 -38.04 -31.78
N SER D 376 21.76 -37.06 -31.25
CA SER D 376 21.13 -35.93 -30.59
C SER D 376 20.18 -35.20 -31.53
N SER D 377 20.51 -35.20 -32.82
CA SER D 377 19.68 -34.53 -33.82
C SER D 377 18.32 -35.21 -33.95
N VAL D 378 18.32 -36.53 -33.79
CA VAL D 378 17.09 -37.30 -33.88
C VAL D 378 16.24 -37.01 -32.65
N ILE D 379 16.89 -36.85 -31.50
CA ILE D 379 16.17 -36.55 -30.28
C ILE D 379 15.55 -35.17 -30.40
N GLN D 380 16.32 -34.22 -30.94
CA GLN D 380 15.81 -32.86 -31.12
C GLN D 380 14.64 -32.86 -32.09
N GLU D 381 14.78 -33.59 -33.20
CA GLU D 381 13.73 -33.67 -34.20
C GLU D 381 12.43 -34.16 -33.57
N SER D 382 12.55 -35.18 -32.73
CA SER D 382 11.39 -35.76 -32.07
C SER D 382 10.77 -34.77 -31.09
N LEU D 383 11.62 -34.09 -30.31
CA LEU D 383 11.13 -33.13 -29.35
C LEU D 383 10.42 -31.97 -30.02
N GLU D 384 10.96 -31.48 -31.13
CA GLU D 384 10.35 -30.38 -31.84
C GLU D 384 8.96 -30.79 -32.35
N ARG D 385 8.85 -32.01 -32.85
CA ARG D 385 7.58 -32.54 -33.36
C ARG D 385 6.58 -32.57 -32.20
N LEU D 386 7.04 -32.97 -31.02
CA LEU D 386 6.20 -33.03 -29.83
C LEU D 386 5.83 -31.60 -29.41
N ASN D 387 6.79 -30.68 -29.55
CA ASN D 387 6.57 -29.29 -29.21
C ASN D 387 5.37 -28.73 -29.98
N LYS D 388 5.32 -28.99 -31.28
CA LYS D 388 4.22 -28.52 -32.12
C LYS D 388 2.88 -29.14 -31.70
N ALA D 389 2.88 -30.45 -31.48
CA ALA D 389 1.67 -31.16 -31.07
C ALA D 389 1.15 -30.62 -29.74
N LEU D 390 2.05 -30.34 -28.82
CA LEU D 390 1.69 -29.81 -27.51
C LEU D 390 1.13 -28.39 -27.60
N LYS D 391 1.69 -27.59 -28.51
CA LYS D 391 1.21 -26.23 -28.69
C LYS D 391 -0.20 -26.26 -29.28
N ASP D 392 -0.39 -27.10 -30.30
CA ASP D 392 -1.69 -27.25 -30.94
C ASP D 392 -2.71 -27.70 -29.90
N LEU D 393 -2.33 -28.72 -29.13
CA LEU D 393 -3.19 -29.29 -28.09
C LEU D 393 -3.88 -28.24 -27.23
N LYS D 394 -3.10 -27.31 -26.68
CA LYS D 394 -3.66 -26.25 -25.83
C LYS D 394 -4.58 -26.84 -24.76
N MET E 1 0.95 37.92 84.07
CA MET E 1 0.11 36.70 84.08
C MET E 1 0.99 35.46 84.06
N ILE E 2 0.58 34.43 84.80
CA ILE E 2 1.32 33.18 84.84
C ILE E 2 0.63 32.20 83.91
N TYR E 3 1.41 31.52 83.06
CA TYR E 3 0.84 30.59 82.10
C TYR E 3 1.04 29.12 82.47
N ASP E 4 0.11 28.29 82.00
CA ASP E 4 0.14 26.86 82.31
C ASP E 4 0.25 25.96 81.09
N PHE E 5 1.42 25.38 80.87
CA PHE E 5 1.65 24.46 79.75
C PHE E 5 2.09 23.11 80.30
N THR E 6 1.79 22.88 81.57
CA THR E 6 2.20 21.63 82.21
C THR E 6 1.04 20.73 82.69
N THR E 7 -0.03 21.33 83.18
CA THR E 7 -1.16 20.54 83.67
C THR E 7 -1.70 19.62 82.57
N LYS E 8 -1.76 18.32 82.88
CA LYS E 8 -2.27 17.35 81.91
C LYS E 8 -3.79 17.41 81.98
N ILE E 9 -4.43 17.88 80.91
CA ILE E 9 -5.88 17.99 80.91
C ILE E 9 -6.57 16.79 80.24
N SER E 10 -7.87 16.69 80.49
CA SER E 10 -8.67 15.62 79.91
C SER E 10 -9.89 16.21 79.21
N ARG E 11 -10.06 15.88 77.94
CA ARG E 11 -11.21 16.39 77.21
C ARG E 11 -12.20 15.27 76.87
N LYS E 12 -12.26 14.27 77.74
CA LYS E 12 -13.16 13.15 77.53
C LYS E 12 -14.59 13.58 77.85
N ASN E 13 -15.54 13.16 77.01
CA ASN E 13 -16.94 13.49 77.23
C ASN E 13 -17.25 14.98 77.25
N LEU E 14 -16.54 15.76 76.43
CA LEU E 14 -16.76 17.21 76.35
C LEU E 14 -17.12 17.64 74.93
N GLY E 15 -17.31 16.69 74.04
CA GLY E 15 -17.66 17.02 72.68
C GLY E 15 -16.47 17.33 71.79
N SER E 16 -15.27 17.05 72.27
CA SER E 16 -14.05 17.26 71.49
C SER E 16 -14.04 16.24 70.36
N LEU E 17 -14.00 16.71 69.12
CA LEU E 17 -13.98 15.80 67.99
C LEU E 17 -12.74 14.90 68.05
N LYS E 18 -11.61 15.47 68.45
CA LYS E 18 -10.37 14.72 68.55
C LYS E 18 -10.45 13.58 69.55
N TRP E 19 -10.92 13.88 70.75
CA TRP E 19 -11.03 12.86 71.78
C TRP E 19 -12.11 11.83 71.46
N ASP E 20 -13.25 12.29 70.97
CA ASP E 20 -14.34 11.38 70.63
C ASP E 20 -13.88 10.42 69.52
N LEU E 21 -13.04 10.91 68.61
CA LEU E 21 -12.55 10.09 67.52
C LEU E 21 -11.63 9.00 68.07
N MET E 22 -10.82 9.36 69.07
CA MET E 22 -9.90 8.41 69.69
C MET E 22 -10.66 7.23 70.31
N TYR E 23 -11.69 7.54 71.09
CA TYR E 23 -12.48 6.48 71.73
C TYR E 23 -13.24 5.69 70.69
N SER E 24 -13.59 6.35 69.59
CA SER E 24 -14.33 5.72 68.51
C SER E 24 -13.45 4.70 67.79
N GLN E 25 -12.17 5.03 67.66
CA GLN E 25 -11.22 4.14 66.99
C GLN E 25 -10.77 3.01 67.92
N ASN E 26 -10.72 3.29 69.22
CA ASN E 26 -10.28 2.29 70.18
C ASN E 26 -10.95 2.45 71.54
N PRO E 27 -12.12 1.81 71.73
CA PRO E 27 -12.89 1.87 72.97
C PRO E 27 -12.11 1.39 74.20
N GLU E 28 -11.04 0.63 73.98
CA GLU E 28 -10.23 0.12 75.08
C GLU E 28 -9.11 1.06 75.49
N VAL E 29 -8.95 2.15 74.75
CA VAL E 29 -7.90 3.12 75.04
C VAL E 29 -7.83 3.43 76.53
N GLY E 30 -6.61 3.50 77.06
CA GLY E 30 -6.42 3.78 78.47
C GLY E 30 -6.83 5.19 78.85
N ASN E 31 -7.14 5.38 80.13
CA ASN E 31 -7.56 6.69 80.63
C ASN E 31 -6.42 7.69 80.67
N GLU E 32 -5.18 7.19 80.64
CA GLU E 32 -4.00 8.04 80.69
C GLU E 32 -3.55 8.51 79.31
N VAL E 33 -4.16 7.96 78.28
CA VAL E 33 -3.81 8.31 76.91
C VAL E 33 -4.38 9.65 76.44
N VAL E 34 -3.54 10.42 75.76
CA VAL E 34 -3.91 11.71 75.22
C VAL E 34 -3.66 11.68 73.71
N PRO E 35 -4.70 11.88 72.89
CA PRO E 35 -4.53 11.86 71.43
C PRO E 35 -3.66 13.01 70.94
N LEU E 36 -2.80 12.72 69.96
CA LEU E 36 -1.91 13.73 69.40
C LEU E 36 -2.17 13.80 67.91
N SER E 37 -3.45 13.84 67.57
CA SER E 37 -3.90 13.85 66.18
C SER E 37 -4.40 15.21 65.68
N VAL E 38 -5.71 15.42 65.78
CA VAL E 38 -6.37 16.64 65.33
C VAL E 38 -5.62 17.88 65.79
N ALA E 39 -5.59 18.90 64.93
CA ALA E 39 -4.87 20.11 65.25
C ALA E 39 -5.54 21.22 66.07
N ASP E 40 -5.74 20.95 67.36
CA ASP E 40 -6.22 21.94 68.31
C ASP E 40 -5.33 21.59 69.50
N MET E 41 -5.10 22.53 70.41
CA MET E 41 -4.17 22.27 71.52
C MET E 41 -4.67 21.58 72.77
N GLU E 42 -3.74 20.87 73.42
CA GLU E 42 -4.02 20.20 74.67
C GLU E 42 -3.48 21.08 75.81
N PHE E 43 -3.71 22.38 75.66
CA PHE E 43 -3.32 23.40 76.64
C PHE E 43 -4.59 24.20 76.91
N LYS E 44 -4.70 24.78 78.10
CA LYS E 44 -5.85 25.61 78.37
C LYS E 44 -5.64 26.85 77.52
N ASN E 45 -6.72 27.54 77.17
CA ASN E 45 -6.62 28.74 76.36
C ASN E 45 -5.89 29.82 77.16
N PRO E 46 -5.37 30.85 76.48
CA PRO E 46 -4.67 31.94 77.18
C PRO E 46 -5.54 32.53 78.27
N PRO E 47 -4.96 32.73 79.47
CA PRO E 47 -5.71 33.31 80.59
C PRO E 47 -6.36 34.64 80.24
N GLU E 48 -5.65 35.48 79.49
CA GLU E 48 -6.18 36.78 79.11
C GLU E 48 -7.44 36.64 78.26
N LEU E 49 -7.51 35.59 77.45
CA LEU E 49 -8.68 35.35 76.60
C LEU E 49 -9.87 34.88 77.43
N ILE E 50 -9.63 33.91 78.31
CA ILE E 50 -10.70 33.40 79.15
C ILE E 50 -11.23 34.52 80.05
N GLU E 51 -10.32 35.26 80.67
CA GLU E 51 -10.74 36.35 81.56
C GLU E 51 -11.45 37.43 80.75
N GLY E 52 -10.92 37.74 79.57
CA GLY E 52 -11.53 38.76 78.72
C GLY E 52 -12.90 38.38 78.20
N LEU E 53 -13.12 37.10 77.92
CA LEU E 53 -14.42 36.67 77.42
C LEU E 53 -15.44 36.71 78.54
N LYS E 54 -15.01 36.38 79.76
CA LYS E 54 -15.91 36.42 80.90
C LYS E 54 -16.28 37.86 81.23
N LYS E 55 -15.33 38.77 81.05
CA LYS E 55 -15.57 40.18 81.31
C LYS E 55 -16.58 40.68 80.28
N TYR E 56 -16.39 40.25 79.03
CA TYR E 56 -17.29 40.67 77.95
C TYR E 56 -18.69 40.10 78.16
N LEU E 57 -18.77 38.87 78.63
CA LEU E 57 -20.08 38.25 78.88
C LEU E 57 -20.85 39.03 79.94
N ASP E 58 -20.13 39.66 80.87
CA ASP E 58 -20.79 40.46 81.92
C ASP E 58 -21.19 41.83 81.39
N GLU E 59 -20.72 42.18 80.20
CA GLU E 59 -20.99 43.48 79.61
C GLU E 59 -22.00 43.52 78.45
N THR E 60 -21.86 42.57 77.54
CA THR E 60 -22.62 42.55 76.30
C THR E 60 -23.98 41.85 76.17
N VAL E 61 -24.62 42.10 75.03
CA VAL E 61 -25.91 41.53 74.67
C VAL E 61 -25.54 40.60 73.51
N LEU E 62 -25.91 39.32 73.61
CA LEU E 62 -25.55 38.36 72.56
C LEU E 62 -26.45 38.37 71.32
N GLY E 63 -26.75 39.56 70.81
CA GLY E 63 -27.62 39.72 69.65
C GLY E 63 -26.88 39.71 68.32
N TYR E 64 -27.54 40.18 67.25
CA TYR E 64 -26.91 40.23 65.93
C TYR E 64 -25.71 41.16 65.95
N THR E 65 -24.53 40.57 65.76
CA THR E 65 -23.28 41.31 65.84
C THR E 65 -22.38 41.21 64.62
N GLY E 66 -21.67 42.31 64.35
CA GLY E 66 -20.76 42.37 63.23
C GLY E 66 -19.45 42.94 63.72
N PRO E 67 -18.45 43.09 62.85
CA PRO E 67 -17.13 43.63 63.22
C PRO E 67 -17.16 45.12 63.51
N THR E 68 -16.52 45.52 64.61
CA THR E 68 -16.45 46.93 64.95
C THR E 68 -15.26 47.50 64.18
N GLU E 69 -15.14 48.82 64.13
CA GLU E 69 -14.01 49.40 63.42
C GLU E 69 -12.71 49.11 64.16
N GLU E 70 -12.81 49.01 65.49
CA GLU E 70 -11.65 48.71 66.32
C GLU E 70 -11.19 47.29 66.03
N TYR E 71 -12.15 46.38 65.82
CA TYR E 71 -11.84 45.00 65.49
C TYR E 71 -10.95 44.98 64.26
N LYS E 72 -11.42 45.69 63.23
CA LYS E 72 -10.70 45.76 61.97
C LYS E 72 -9.31 46.38 62.11
N LYS E 73 -9.21 47.47 62.86
CA LYS E 73 -7.91 48.13 63.07
C LYS E 73 -6.96 47.18 63.79
N THR E 74 -7.52 46.37 64.69
CA THR E 74 -6.74 45.42 65.47
C THR E 74 -6.15 44.33 64.56
N VAL E 75 -6.97 43.84 63.64
CA VAL E 75 -6.52 42.81 62.70
C VAL E 75 -5.41 43.43 61.83
N LYS E 76 -5.63 44.68 61.42
CA LYS E 76 -4.67 45.41 60.60
C LYS E 76 -3.34 45.60 61.34
N LYS E 77 -3.41 46.02 62.61
CA LYS E 77 -2.22 46.24 63.41
C LYS E 77 -1.42 44.96 63.63
N TRP E 78 -2.11 43.83 63.80
CA TRP E 78 -1.44 42.55 63.99
C TRP E 78 -0.64 42.20 62.74
N MET E 79 -1.25 42.39 61.57
CA MET E 79 -0.57 42.09 60.33
C MET E 79 0.66 42.96 60.16
N LYS E 80 0.57 44.18 60.66
CA LYS E 80 1.68 45.12 60.56
C LYS E 80 2.79 44.80 61.55
N ASP E 81 2.45 44.70 62.82
CA ASP E 81 3.45 44.41 63.86
C ASP E 81 4.05 43.03 63.75
N ARG E 82 3.21 42.03 63.47
CA ARG E 82 3.65 40.65 63.39
C ARG E 82 4.22 40.18 62.06
N HIS E 83 3.77 40.76 60.95
CA HIS E 83 4.25 40.31 59.66
C HIS E 83 4.70 41.38 58.67
N GLN E 84 4.96 42.59 59.15
CA GLN E 84 5.40 43.68 58.28
C GLN E 84 4.53 43.71 57.02
N TRP E 85 3.24 43.44 57.21
CA TRP E 85 2.30 43.41 56.10
C TRP E 85 1.26 44.51 56.26
N ASP E 86 1.20 45.38 55.28
CA ASP E 86 0.28 46.51 55.29
C ASP E 86 -1.01 46.17 54.55
N ILE E 87 -2.11 46.05 55.28
CA ILE E 87 -3.40 45.75 54.67
C ILE E 87 -4.36 46.89 54.98
N GLN E 88 -5.43 47.00 54.20
CA GLN E 88 -6.43 48.04 54.42
C GLN E 88 -7.59 47.35 55.13
N THR E 89 -8.29 48.07 56.01
CA THR E 89 -9.40 47.48 56.75
C THR E 89 -10.51 46.92 55.88
N ASP E 90 -10.76 47.50 54.72
CA ASP E 90 -11.82 46.96 53.89
C ASP E 90 -11.42 45.72 53.09
N TRP E 91 -10.17 45.26 53.25
CA TRP E 91 -9.73 44.05 52.58
C TRP E 91 -10.23 42.83 53.40
N ILE E 92 -10.68 43.10 54.62
CA ILE E 92 -11.11 42.04 55.53
C ILE E 92 -12.55 41.53 55.41
N ILE E 93 -12.68 40.27 54.99
CA ILE E 93 -13.97 39.61 54.86
C ILE E 93 -13.96 38.44 55.85
N ASN E 94 -15.00 38.36 56.69
CA ASN E 94 -15.06 37.29 57.69
C ASN E 94 -15.87 36.07 57.29
N THR E 95 -15.40 34.90 57.72
CA THR E 95 -16.08 33.64 57.47
C THR E 95 -15.95 32.83 58.74
N ALA E 96 -16.83 31.87 58.93
CA ALA E 96 -16.77 31.04 60.12
C ALA E 96 -15.84 29.86 59.84
N GLY E 97 -14.55 30.14 59.71
CA GLY E 97 -13.60 29.09 59.44
C GLY E 97 -12.94 29.23 58.08
N VAL E 98 -11.72 28.73 57.99
CA VAL E 98 -10.95 28.79 56.76
C VAL E 98 -11.41 27.79 55.71
N VAL E 99 -11.77 26.58 56.14
CA VAL E 99 -12.23 25.56 55.18
C VAL E 99 -13.42 26.08 54.38
N PRO E 100 -14.44 26.63 55.06
CA PRO E 100 -15.60 27.15 54.33
C PRO E 100 -15.15 28.25 53.37
N ALA E 101 -14.16 29.04 53.81
CA ALA E 101 -13.63 30.11 52.98
C ALA E 101 -13.03 29.52 51.71
N VAL E 102 -12.31 28.41 51.86
CA VAL E 102 -11.69 27.74 50.73
C VAL E 102 -12.76 27.13 49.81
N PHE E 103 -13.80 26.54 50.40
CA PHE E 103 -14.87 25.96 49.59
C PHE E 103 -15.51 27.07 48.77
N ASN E 104 -15.68 28.23 49.39
CA ASN E 104 -16.29 29.39 48.76
C ASN E 104 -15.46 29.91 47.58
N ALA E 105 -14.14 29.81 47.69
CA ALA E 105 -13.26 30.27 46.62
C ALA E 105 -13.42 29.36 45.40
N VAL E 106 -13.52 28.07 45.67
CA VAL E 106 -13.70 27.07 44.62
C VAL E 106 -15.04 27.29 43.93
N ARG E 107 -16.07 27.47 44.74
CA ARG E 107 -17.42 27.68 44.24
C ARG E 107 -17.59 28.90 43.35
N GLU E 108 -16.97 30.02 43.74
CA GLU E 108 -17.10 31.27 43.00
C GLU E 108 -16.13 31.52 41.85
N PHE E 109 -14.88 31.09 41.99
CA PHE E 109 -13.90 31.36 40.95
C PHE E 109 -13.53 30.22 40.01
N THR E 110 -14.27 29.11 40.09
CA THR E 110 -14.02 27.99 39.21
C THR E 110 -15.37 27.35 38.91
N LYS E 111 -15.38 26.41 37.97
CA LYS E 111 -16.60 25.71 37.61
C LYS E 111 -16.25 24.23 37.53
N PRO E 112 -17.27 23.35 37.57
CA PRO E 112 -17.03 21.92 37.50
C PRO E 112 -16.12 21.54 36.33
N GLY E 113 -15.07 20.77 36.62
CA GLY E 113 -14.15 20.38 35.58
C GLY E 113 -12.86 21.19 35.61
N ASP E 114 -12.92 22.37 36.20
CA ASP E 114 -11.73 23.21 36.30
C ASP E 114 -10.73 22.58 37.25
N GLY E 115 -9.47 22.97 37.10
CA GLY E 115 -8.44 22.41 37.96
C GLY E 115 -7.89 23.36 39.00
N VAL E 116 -7.60 22.83 40.18
CA VAL E 116 -7.02 23.61 41.26
C VAL E 116 -5.75 22.90 41.66
N ILE E 117 -4.63 23.63 41.61
CA ILE E 117 -3.34 23.06 41.95
C ILE E 117 -3.04 23.13 43.44
N ILE E 118 -2.54 22.02 43.98
CA ILE E 118 -2.17 21.96 45.40
C ILE E 118 -0.83 21.25 45.51
N ILE E 119 0.00 21.73 46.43
CA ILE E 119 1.31 21.14 46.63
C ILE E 119 1.16 20.06 47.70
N THR E 120 1.39 18.81 47.30
CA THR E 120 1.21 17.64 48.16
C THR E 120 2.45 16.94 48.68
N PRO E 121 2.31 16.17 49.78
CA PRO E 121 1.08 15.94 50.55
C PRO E 121 0.70 17.20 51.32
N VAL E 122 -0.58 17.35 51.67
CA VAL E 122 -1.01 18.55 52.38
C VAL E 122 -2.33 18.40 53.12
N TYR E 123 -2.60 19.36 54.00
CA TYR E 123 -3.82 19.43 54.80
C TYR E 123 -4.96 18.83 53.96
N TYR E 124 -5.47 17.68 54.38
CA TYR E 124 -6.51 16.98 53.60
C TYR E 124 -7.80 17.69 53.22
N PRO E 125 -8.27 18.67 54.02
CA PRO E 125 -9.51 19.33 53.61
C PRO E 125 -9.38 20.02 52.24
N PHE E 126 -8.14 20.31 51.82
CA PHE E 126 -7.90 20.94 50.52
C PHE E 126 -8.43 20.02 49.42
N PHE E 127 -8.23 18.71 49.59
CA PHE E 127 -8.71 17.72 48.61
C PHE E 127 -10.23 17.78 48.51
N MET E 128 -10.88 17.79 49.67
CA MET E 128 -12.33 17.83 49.75
C MET E 128 -12.93 19.07 49.09
N ALA E 129 -12.41 20.25 49.46
CA ALA E 129 -12.92 21.49 48.91
C ALA E 129 -12.98 21.48 47.38
N ILE E 130 -12.03 20.80 46.76
CA ILE E 130 -11.95 20.72 45.31
C ILE E 130 -12.83 19.64 44.69
N LYS E 131 -12.48 18.37 44.91
CA LYS E 131 -13.24 17.28 44.31
C LYS E 131 -14.67 17.14 44.80
N ASN E 132 -14.94 17.46 46.07
CA ASN E 132 -16.31 17.34 46.58
C ASN E 132 -17.24 18.29 45.81
N GLN E 133 -16.66 19.24 45.08
CA GLN E 133 -17.45 20.19 44.29
C GLN E 133 -17.25 19.94 42.79
N GLU E 134 -16.74 18.77 42.46
CA GLU E 134 -16.49 18.35 41.09
C GLU E 134 -15.47 19.16 40.30
N ARG E 135 -14.47 19.68 40.99
CA ARG E 135 -13.39 20.42 40.36
C ARG E 135 -12.29 19.37 40.33
N LYS E 136 -11.22 19.60 39.56
CA LYS E 136 -10.16 18.60 39.50
C LYS E 136 -8.96 18.92 40.36
N ILE E 137 -8.55 17.95 41.17
CA ILE E 137 -7.39 18.11 42.03
C ILE E 137 -6.14 17.91 41.20
N ILE E 138 -5.35 18.98 41.04
CA ILE E 138 -4.12 18.94 40.25
C ILE E 138 -2.93 18.93 41.20
N GLU E 139 -2.39 17.73 41.44
CA GLU E 139 -1.28 17.56 42.36
C GLU E 139 0.12 17.87 41.83
N CYS E 140 0.86 18.68 42.60
CA CYS E 140 2.23 19.04 42.28
C CYS E 140 3.04 18.55 43.49
N GLU E 141 3.30 17.25 43.53
CA GLU E 141 4.02 16.61 44.62
C GLU E 141 5.32 17.31 45.02
N LEU E 142 5.51 17.44 46.33
CA LEU E 142 6.69 18.06 46.90
C LEU E 142 7.91 17.17 46.72
N LEU E 143 9.08 17.80 46.66
CA LEU E 143 10.33 17.05 46.53
C LEU E 143 10.82 16.79 47.95
N GLU E 144 11.22 15.56 48.22
CA GLU E 144 11.71 15.22 49.55
C GLU E 144 13.08 14.54 49.51
N LYS E 145 13.99 15.06 50.32
CA LYS E 145 15.35 14.53 50.40
C LYS E 145 15.79 14.58 51.86
N ASP E 146 15.89 13.41 52.48
CA ASP E 146 16.31 13.32 53.87
C ASP E 146 15.39 14.10 54.82
N GLY E 147 14.10 14.10 54.51
CA GLY E 147 13.14 14.81 55.36
C GLY E 147 12.90 16.27 55.04
N TYR E 148 13.71 16.85 54.16
CA TYR E 148 13.52 18.26 53.80
C TYR E 148 12.71 18.36 52.51
N TYR E 149 11.56 19.01 52.59
CA TYR E 149 10.67 19.18 51.44
C TYR E 149 10.85 20.49 50.68
N THR E 150 10.87 20.40 49.35
CA THR E 150 11.01 21.57 48.50
C THR E 150 9.99 21.55 47.34
N ILE E 151 9.77 22.71 46.74
CA ILE E 151 8.83 22.83 45.63
C ILE E 151 9.39 22.26 44.33
N ASP E 152 8.53 21.60 43.56
CA ASP E 152 8.91 21.04 42.27
C ASP E 152 8.54 22.16 41.29
N PHE E 153 9.39 23.17 41.18
CA PHE E 153 9.13 24.31 40.31
C PHE E 153 8.96 23.94 38.83
N GLN E 154 9.68 22.93 38.38
CA GLN E 154 9.55 22.49 36.99
C GLN E 154 8.12 22.05 36.74
N LYS E 155 7.65 21.12 37.57
CA LYS E 155 6.29 20.60 37.44
C LYS E 155 5.26 21.72 37.63
N LEU E 156 5.47 22.55 38.66
CA LEU E 156 4.55 23.65 38.94
C LEU E 156 4.38 24.57 37.72
N GLU E 157 5.49 24.92 37.08
CA GLU E 157 5.42 25.78 35.91
C GLU E 157 4.66 25.08 34.78
N LYS E 158 4.90 23.78 34.61
CA LYS E 158 4.23 23.03 33.57
C LYS E 158 2.72 23.04 33.80
N LEU E 159 2.31 22.83 35.04
CA LEU E 159 0.90 22.82 35.38
C LEU E 159 0.26 24.19 35.18
N SER E 160 1.04 25.25 35.44
CA SER E 160 0.54 26.60 35.29
C SER E 160 0.16 26.88 33.84
N LYS E 161 0.81 26.18 32.92
CA LYS E 161 0.55 26.35 31.49
C LYS E 161 -0.76 25.71 31.04
N ASP E 162 -1.30 24.80 31.85
CA ASP E 162 -2.56 24.14 31.52
C ASP E 162 -3.69 25.13 31.86
N LYS E 163 -4.26 25.72 30.83
CA LYS E 163 -5.34 26.69 30.94
C LYS E 163 -6.54 26.25 31.77
N ASN E 164 -6.80 24.94 31.82
CA ASN E 164 -7.93 24.44 32.59
C ASN E 164 -7.71 24.62 34.10
N ASN E 165 -6.48 24.88 34.50
CA ASN E 165 -6.16 25.10 35.91
C ASN E 165 -6.41 26.57 36.20
N LYS E 166 -7.27 26.83 37.18
CA LYS E 166 -7.65 28.19 37.52
C LYS E 166 -6.96 28.82 38.73
N ALA E 167 -6.44 28.01 39.64
CA ALA E 167 -5.78 28.57 40.80
C ALA E 167 -4.83 27.63 41.52
N LEU E 168 -3.92 28.23 42.27
CA LEU E 168 -2.95 27.49 43.07
C LEU E 168 -3.41 27.67 44.51
N LEU E 169 -3.68 26.55 45.19
CA LEU E 169 -4.10 26.59 46.59
C LEU E 169 -2.83 26.26 47.36
N PHE E 170 -2.23 27.29 47.94
CA PHE E 170 -0.97 27.21 48.66
C PHE E 170 -1.11 27.18 50.20
N CYS E 171 -0.27 26.39 50.87
CA CYS E 171 -0.31 26.32 52.33
C CYS E 171 1.01 26.91 52.85
N SER E 172 0.91 27.97 53.64
CA SER E 172 2.13 28.61 54.14
C SER E 172 1.96 29.28 55.51
N PRO E 173 2.57 28.71 56.57
CA PRO E 173 3.40 27.51 56.61
C PRO E 173 2.67 26.27 56.11
N HIS E 174 3.43 25.31 55.58
CA HIS E 174 2.88 24.10 54.99
C HIS E 174 2.60 22.91 55.92
N ASN E 175 1.32 22.63 56.10
CA ASN E 175 0.84 21.52 56.92
C ASN E 175 0.74 20.35 55.93
N PRO E 176 1.25 19.17 56.28
CA PRO E 176 1.91 18.72 57.51
C PRO E 176 3.45 18.63 57.59
N VAL E 177 4.19 19.15 56.63
CA VAL E 177 5.65 19.02 56.68
C VAL E 177 6.38 20.09 57.48
N GLY E 178 5.66 21.09 57.95
CA GLY E 178 6.29 22.13 58.77
C GLY E 178 7.17 23.13 58.05
N ARG E 179 7.13 23.17 56.72
CA ARG E 179 7.96 24.12 55.99
C ARG E 179 7.48 25.57 56.12
N VAL E 180 8.43 26.48 56.25
CA VAL E 180 8.18 27.91 56.32
C VAL E 180 8.93 28.36 55.06
N TRP E 181 8.18 28.77 54.05
CA TRP E 181 8.78 29.17 52.79
C TRP E 181 9.65 30.40 52.80
N LYS E 182 10.82 30.29 52.18
CA LYS E 182 11.76 31.40 52.12
C LYS E 182 11.38 32.33 50.97
N LYS E 183 11.77 33.59 51.08
CA LYS E 183 11.46 34.58 50.06
C LYS E 183 11.84 34.14 48.64
N ASP E 184 13.02 33.56 48.48
CA ASP E 184 13.44 33.13 47.16
C ASP E 184 12.45 32.12 46.57
N GLU E 185 11.98 31.20 47.41
CA GLU E 185 11.01 30.20 46.94
C GLU E 185 9.71 30.89 46.55
N LEU E 186 9.21 31.77 47.40
CA LEU E 186 7.99 32.48 47.11
C LEU E 186 8.15 33.29 45.83
N GLN E 187 9.32 33.89 45.64
CA GLN E 187 9.58 34.69 44.44
C GLN E 187 9.45 33.84 43.18
N LYS E 188 10.01 32.64 43.20
CA LYS E 188 9.92 31.76 42.04
C LYS E 188 8.47 31.39 41.75
N ILE E 189 7.69 31.21 42.79
CA ILE E 189 6.28 30.87 42.62
C ILE E 189 5.52 32.07 42.07
N LYS E 190 5.88 33.27 42.52
CA LYS E 190 5.23 34.48 42.04
C LYS E 190 5.42 34.66 40.54
N ASP E 191 6.64 34.42 40.07
CA ASP E 191 6.95 34.58 38.66
C ASP E 191 6.13 33.61 37.80
N ILE E 192 5.84 32.44 38.34
CA ILE E 192 5.06 31.44 37.61
C ILE E 192 3.58 31.84 37.61
N VAL E 193 3.10 32.30 38.77
CA VAL E 193 1.70 32.70 38.89
C VAL E 193 1.38 33.95 38.09
N LEU E 194 2.28 34.94 38.11
CA LEU E 194 2.04 36.17 37.37
C LEU E 194 2.08 35.92 35.85
N LYS E 195 2.90 34.98 35.42
CA LYS E 195 3.01 34.66 34.00
C LYS E 195 1.77 33.90 33.52
N SER E 196 1.15 33.13 34.42
CA SER E 196 -0.04 32.37 34.07
C SER E 196 -1.30 33.16 34.43
N ASP E 197 -2.45 32.52 34.32
CA ASP E 197 -3.72 33.15 34.65
C ASP E 197 -4.27 32.62 35.97
N LEU E 198 -3.42 31.90 36.70
CA LEU E 198 -3.81 31.32 37.97
C LEU E 198 -4.04 32.37 39.05
N MET E 199 -5.04 32.12 39.89
CA MET E 199 -5.30 33.00 41.02
C MET E 199 -4.42 32.37 42.09
N LEU E 200 -4.10 33.11 43.14
CA LEU E 200 -3.32 32.56 44.23
C LEU E 200 -4.19 32.58 45.48
N TRP E 201 -4.38 31.41 46.08
CA TRP E 201 -5.16 31.29 47.31
C TRP E 201 -4.15 30.81 48.34
N SER E 202 -3.69 31.72 49.19
CA SER E 202 -2.70 31.36 50.20
C SER E 202 -3.27 31.18 51.59
N ASP E 203 -3.22 29.94 52.06
CA ASP E 203 -3.72 29.58 53.38
C ASP E 203 -2.56 29.73 54.36
N GLU E 204 -2.57 30.82 55.11
CA GLU E 204 -1.50 31.09 56.06
C GLU E 204 -2.02 31.09 57.50
N ILE E 205 -2.90 30.14 57.79
CA ILE E 205 -3.45 30.05 59.14
C ILE E 205 -2.38 29.73 60.19
N HIS E 206 -1.28 29.12 59.76
CA HIS E 206 -0.20 28.79 60.70
C HIS E 206 0.91 29.83 60.75
N PHE E 207 0.71 30.99 60.14
CA PHE E 207 1.80 31.96 60.11
C PHE E 207 2.25 32.63 61.40
N ASP E 208 1.57 32.37 62.52
CA ASP E 208 1.96 32.95 63.80
C ASP E 208 2.74 31.91 64.60
N LEU E 209 2.63 30.64 64.18
CA LEU E 209 3.31 29.56 64.87
C LEU E 209 4.62 29.26 64.18
N ILE E 210 5.59 30.16 64.35
CA ILE E 210 6.89 29.98 63.72
C ILE E 210 7.91 29.60 64.78
N MET E 211 8.72 28.58 64.50
CA MET E 211 9.73 28.12 65.43
C MET E 211 10.90 29.10 65.49
N PRO E 212 11.49 29.27 66.67
CA PRO E 212 12.63 30.19 66.87
C PRO E 212 13.72 29.90 65.83
N GLY E 213 14.21 30.95 65.19
CA GLY E 213 15.23 30.79 64.17
C GLY E 213 14.68 30.91 62.76
N TYR E 214 13.36 31.02 62.64
CA TYR E 214 12.74 31.13 61.33
C TYR E 214 11.85 32.35 61.21
N GLU E 215 11.58 32.76 59.96
CA GLU E 215 10.76 33.94 59.70
C GLU E 215 9.77 33.66 58.57
N HIS E 216 8.53 34.06 58.77
CA HIS E 216 7.49 33.87 57.76
C HIS E 216 7.31 35.13 56.91
N THR E 217 7.01 34.94 55.64
CA THR E 217 6.78 36.06 54.74
C THR E 217 5.38 35.89 54.13
N VAL E 218 4.51 36.88 54.34
CA VAL E 218 3.16 36.79 53.78
C VAL E 218 3.34 36.83 52.26
N PHE E 219 2.78 35.84 51.58
CA PHE E 219 2.93 35.73 50.14
C PHE E 219 2.58 36.96 49.32
N GLN E 220 1.40 37.54 49.55
CA GLN E 220 0.99 38.70 48.77
C GLN E 220 1.68 40.00 49.13
N SER E 221 2.51 40.00 50.18
CA SER E 221 3.20 41.22 50.56
C SER E 221 4.47 41.44 49.74
N ILE E 222 4.88 40.43 48.96
CA ILE E 222 6.11 40.54 48.17
C ILE E 222 5.96 41.21 46.81
N ASP E 223 4.73 41.40 46.34
CA ASP E 223 4.49 42.00 45.03
C ASP E 223 3.04 42.45 44.94
N GLU E 224 2.80 43.70 44.54
CA GLU E 224 1.43 44.16 44.48
C GLU E 224 0.59 43.66 43.31
N GLN E 225 1.24 43.26 42.23
CA GLN E 225 0.48 42.71 41.10
C GLN E 225 -0.03 41.35 41.53
N LEU E 226 0.77 40.63 42.32
CA LEU E 226 0.36 39.32 42.80
C LEU E 226 -0.80 39.48 43.79
N ALA E 227 -0.74 40.52 44.60
CA ALA E 227 -1.79 40.79 45.58
C ALA E 227 -3.11 41.09 44.88
N ASP E 228 -3.02 41.59 43.65
CA ASP E 228 -4.20 41.92 42.86
C ASP E 228 -5.05 40.69 42.54
N LYS E 229 -4.45 39.50 42.57
CA LYS E 229 -5.22 38.29 42.29
C LYS E 229 -4.99 37.23 43.36
N THR E 230 -4.83 37.67 44.60
CA THR E 230 -4.61 36.77 45.71
C THR E 230 -5.69 36.84 46.78
N ILE E 231 -5.98 35.69 47.37
CA ILE E 231 -6.91 35.60 48.49
C ILE E 231 -6.08 34.96 49.59
N THR E 232 -5.87 35.67 50.68
CA THR E 232 -5.07 35.13 51.79
C THR E 232 -5.97 34.78 52.97
N PHE E 233 -5.95 33.51 53.36
CA PHE E 233 -6.76 33.05 54.48
C PHE E 233 -5.96 33.10 55.78
N THR E 234 -6.46 33.84 56.76
CA THR E 234 -5.80 33.95 58.06
C THR E 234 -6.89 33.82 59.12
N ALA E 235 -6.48 33.51 60.35
CA ALA E 235 -7.40 33.38 61.47
C ALA E 235 -6.59 33.22 62.74
N PRO E 236 -7.19 33.57 63.90
CA PRO E 236 -6.44 33.42 65.15
C PRO E 236 -6.65 32.02 65.74
N SER E 237 -7.48 31.21 65.10
CA SER E 237 -7.81 29.88 65.61
C SER E 237 -6.67 28.89 65.88
N LYS E 238 -5.76 28.70 64.92
CA LYS E 238 -4.66 27.77 65.17
C LYS E 238 -3.67 28.34 66.18
N THR E 239 -3.41 29.64 66.05
CA THR E 239 -2.48 30.34 66.92
C THR E 239 -2.87 30.32 68.40
N PHE E 240 -4.13 30.63 68.69
CA PHE E 240 -4.58 30.67 70.08
C PHE E 240 -5.54 29.56 70.52
N ASN E 241 -5.55 28.45 69.81
CA ASN E 241 -6.39 27.31 70.14
C ASN E 241 -7.87 27.63 70.26
N ILE E 242 -8.40 28.38 69.30
CA ILE E 242 -9.82 28.73 69.32
C ILE E 242 -10.57 28.34 68.05
N ALA E 243 -10.32 27.12 67.60
CA ALA E 243 -10.98 26.60 66.41
C ALA E 243 -12.49 26.56 66.73
N GLY E 244 -12.80 26.60 68.03
CA GLY E 244 -14.17 26.55 68.48
C GLY E 244 -14.79 27.93 68.66
N MET E 245 -14.07 28.97 68.27
CA MET E 245 -14.57 30.33 68.38
C MET E 245 -15.09 30.82 67.04
N GLY E 246 -14.83 30.00 66.02
CA GLY E 246 -15.27 30.27 64.66
C GLY E 246 -15.21 31.66 64.07
N MET E 247 -14.01 32.19 63.88
CA MET E 247 -13.84 33.52 63.27
C MET E 247 -12.59 33.56 62.42
N SER E 248 -12.76 33.92 61.15
CA SER E 248 -11.64 33.98 60.21
C SER E 248 -11.55 35.36 59.56
N ASN E 249 -10.33 35.75 59.19
CA ASN E 249 -10.11 37.02 58.52
C ASN E 249 -9.52 36.74 57.15
N ILE E 250 -10.39 36.70 56.14
CA ILE E 250 -9.96 36.44 54.78
C ILE E 250 -9.60 37.79 54.17
N ILE E 251 -8.33 37.94 53.78
CA ILE E 251 -7.81 39.18 53.24
C ILE E 251 -7.82 39.22 51.71
N ILE E 252 -8.56 40.19 51.16
CA ILE E 252 -8.65 40.33 49.72
C ILE E 252 -8.57 41.78 49.27
N LYS E 253 -7.43 42.14 48.69
CA LYS E 253 -7.17 43.49 48.20
C LYS E 253 -8.04 43.90 47.03
N ASN E 254 -8.07 43.07 45.98
CA ASN E 254 -8.85 43.35 44.77
C ASN E 254 -10.34 43.46 45.01
N PRO E 255 -10.93 44.64 44.72
CA PRO E 255 -12.36 44.91 44.90
C PRO E 255 -13.30 43.95 44.21
N ASP E 256 -12.97 43.54 42.98
CA ASP E 256 -13.84 42.64 42.24
C ASP E 256 -13.83 41.25 42.84
N ILE E 257 -12.65 40.75 43.16
CA ILE E 257 -12.54 39.42 43.75
C ILE E 257 -13.22 39.43 45.12
N ARG E 258 -12.95 40.47 45.90
CA ARG E 258 -13.54 40.61 47.22
C ARG E 258 -15.07 40.62 47.17
N GLU E 259 -15.64 41.45 46.31
CA GLU E 259 -17.09 41.53 46.19
C GLU E 259 -17.71 40.19 45.76
N ARG E 260 -17.05 39.48 44.85
CA ARG E 260 -17.56 38.20 44.38
C ARG E 260 -17.48 37.15 45.48
N PHE E 261 -16.39 37.18 46.21
CA PHE E 261 -16.19 36.22 47.30
C PHE E 261 -17.30 36.47 48.33
N THR E 262 -17.52 37.73 48.65
CA THR E 262 -18.54 38.09 49.63
C THR E 262 -19.94 37.69 49.16
N LYS E 263 -20.25 37.93 47.89
CA LYS E 263 -21.57 37.57 47.38
C LYS E 263 -21.77 36.05 47.47
N SER E 264 -20.72 35.30 47.14
CA SER E 264 -20.79 33.84 47.19
C SER E 264 -21.00 33.33 48.60
N ARG E 265 -20.33 33.95 49.57
CA ARG E 265 -20.47 33.58 50.96
C ARG E 265 -21.87 33.90 51.47
N ASP E 266 -22.43 35.01 51.01
CA ASP E 266 -23.75 35.43 51.45
C ASP E 266 -24.87 34.53 50.91
N ALA E 267 -24.57 33.75 49.87
CA ALA E 267 -25.54 32.82 49.30
C ALA E 267 -25.33 31.45 49.93
N THR E 268 -24.15 31.28 50.53
CA THR E 268 -23.78 30.03 51.19
C THR E 268 -23.07 30.35 52.50
N SER E 269 -23.78 30.18 53.62
CA SER E 269 -23.26 30.43 54.97
C SER E 269 -23.76 31.77 55.51
N GLY E 270 -23.59 32.82 54.70
CA GLY E 270 -24.01 34.14 55.12
C GLY E 270 -22.92 34.78 55.96
N MET E 271 -23.20 35.97 56.48
CA MET E 271 -22.27 36.72 57.32
C MET E 271 -22.23 36.17 58.75
N PRO E 272 -21.03 36.06 59.35
CA PRO E 272 -20.89 35.55 60.72
C PRO E 272 -21.45 36.57 61.72
N PHE E 273 -22.39 36.15 62.57
CA PHE E 273 -22.99 37.04 63.57
C PHE E 273 -22.48 36.71 64.97
N THR E 274 -21.53 35.78 65.05
CA THR E 274 -20.96 35.32 66.32
C THR E 274 -20.14 36.35 67.09
N THR E 275 -20.82 37.04 68.02
CA THR E 275 -20.20 38.08 68.82
C THR E 275 -18.91 37.70 69.54
N LEU E 276 -18.88 36.52 70.15
CA LEU E 276 -17.68 36.09 70.87
C LEU E 276 -16.53 35.80 69.90
N GLY E 277 -16.87 35.47 68.66
CA GLY E 277 -15.84 35.21 67.67
C GLY E 277 -15.05 36.47 67.39
N TYR E 278 -15.75 37.58 67.15
CA TYR E 278 -15.10 38.86 66.88
C TYR E 278 -14.27 39.30 68.08
N LYS E 279 -14.86 39.20 69.27
CA LYS E 279 -14.22 39.60 70.50
C LYS E 279 -13.00 38.75 70.86
N ALA E 280 -13.09 37.45 70.63
CA ALA E 280 -11.98 36.55 70.95
C ALA E 280 -10.76 36.92 70.13
N CYS E 281 -10.96 37.16 68.84
CA CYS E 281 -9.84 37.53 67.97
C CYS E 281 -9.19 38.84 68.41
N GLU E 282 -10.02 39.81 68.79
CA GLU E 282 -9.49 41.09 69.22
C GLU E 282 -8.70 40.95 70.52
N ILE E 283 -9.20 40.13 71.45
CA ILE E 283 -8.52 39.90 72.72
C ILE E 283 -7.17 39.17 72.51
N CYS E 284 -7.17 38.18 71.63
CA CYS E 284 -5.94 37.43 71.38
C CYS E 284 -4.85 38.33 70.83
N TYR E 285 -5.14 39.06 69.76
CA TYR E 285 -4.17 39.96 69.15
C TYR E 285 -3.68 41.05 70.10
N LYS E 286 -4.59 41.59 70.90
CA LYS E 286 -4.22 42.65 71.83
C LYS E 286 -3.53 42.22 73.12
N GLU E 287 -3.91 41.09 73.68
CA GLU E 287 -3.36 40.67 74.98
C GLU E 287 -2.64 39.34 75.12
N CYS E 288 -2.73 38.46 74.13
CA CYS E 288 -2.12 37.15 74.32
C CYS E 288 -0.75 36.91 73.71
N GLY E 289 -0.05 37.98 73.40
CA GLY E 289 1.27 37.88 72.80
C GLY E 289 2.28 37.09 73.63
N LYS E 290 2.36 37.38 74.93
CA LYS E 290 3.30 36.67 75.80
C LYS E 290 2.96 35.18 75.88
N TRP E 291 1.66 34.88 75.96
CA TRP E 291 1.21 33.50 76.05
C TRP E 291 1.69 32.73 74.81
N LEU E 292 1.56 33.36 73.65
CA LEU E 292 1.97 32.73 72.40
C LEU E 292 3.46 32.44 72.43
N ASP E 293 4.24 33.37 72.95
CA ASP E 293 5.69 33.17 73.05
C ASP E 293 5.99 31.95 73.91
N GLY E 294 5.26 31.82 75.02
CA GLY E 294 5.46 30.70 75.92
C GLY E 294 5.03 29.37 75.35
N CYS E 295 4.00 29.42 74.50
CA CYS E 295 3.47 28.22 73.88
C CYS E 295 4.47 27.70 72.85
N ILE E 296 5.03 28.62 72.07
CA ILE E 296 6.02 28.27 71.06
C ILE E 296 7.25 27.65 71.70
N LYS E 297 7.62 28.12 72.88
CA LYS E 297 8.77 27.55 73.57
C LYS E 297 8.55 26.08 73.86
N VAL E 298 7.39 25.75 74.43
CA VAL E 298 7.07 24.37 74.77
C VAL E 298 7.01 23.51 73.50
N ILE E 299 6.40 24.04 72.45
CA ILE E 299 6.30 23.30 71.19
C ILE E 299 7.70 23.02 70.66
N ASP E 300 8.54 24.04 70.64
CA ASP E 300 9.91 23.95 70.16
C ASP E 300 10.64 22.90 71.02
N LYS E 301 10.41 22.95 72.32
CA LYS E 301 11.01 21.98 73.25
C LYS E 301 10.56 20.57 72.88
N ASN E 302 9.27 20.42 72.62
CA ASN E 302 8.71 19.11 72.31
C ASN E 302 9.20 18.48 71.02
N GLN E 303 9.37 19.28 69.97
CA GLN E 303 9.84 18.75 68.70
C GLN E 303 11.27 18.23 68.84
N ARG E 304 12.04 18.83 69.73
CA ARG E 304 13.41 18.40 69.95
C ARG E 304 13.42 17.15 70.84
N ILE E 305 12.42 17.05 71.72
CA ILE E 305 12.31 15.87 72.58
C ILE E 305 12.02 14.66 71.68
N VAL E 306 11.12 14.84 70.72
CA VAL E 306 10.77 13.77 69.79
C VAL E 306 11.97 13.39 68.91
N LYS E 307 12.63 14.39 68.33
CA LYS E 307 13.79 14.13 67.48
C LYS E 307 14.79 13.25 68.24
N ASP E 308 15.11 13.67 69.46
CA ASP E 308 16.05 12.94 70.30
C ASP E 308 15.59 11.55 70.70
N PHE E 309 14.29 11.39 70.93
CA PHE E 309 13.75 10.10 71.32
C PHE E 309 14.10 9.02 70.31
N PHE E 310 13.80 9.28 69.05
CA PHE E 310 14.09 8.31 68.00
C PHE E 310 15.59 8.13 67.76
N GLU E 311 16.35 9.22 67.81
CA GLU E 311 17.79 9.14 67.59
C GLU E 311 18.41 8.19 68.60
N VAL E 312 17.92 8.25 69.83
CA VAL E 312 18.41 7.44 70.93
C VAL E 312 17.83 6.03 71.01
N ASN E 313 16.52 5.90 70.79
CA ASN E 313 15.85 4.61 70.91
C ASN E 313 15.54 3.82 69.63
N HIS E 314 15.17 4.52 68.56
CA HIS E 314 14.84 3.85 67.30
C HIS E 314 15.31 4.71 66.12
N PRO E 315 16.63 4.86 65.97
CA PRO E 315 17.30 5.63 64.92
C PRO E 315 16.77 5.47 63.50
N GLU E 316 16.21 4.30 63.17
CA GLU E 316 15.69 4.09 61.82
C GLU E 316 14.47 4.96 61.53
N ILE E 317 13.83 5.45 62.58
CA ILE E 317 12.67 6.33 62.44
C ILE E 317 13.19 7.76 62.59
N LYS E 318 12.86 8.61 61.61
CA LYS E 318 13.35 9.99 61.63
C LYS E 318 12.28 11.06 61.92
N ALA E 319 12.59 11.96 62.85
CA ALA E 319 11.69 13.05 63.21
C ALA E 319 12.44 14.37 63.18
N PRO E 320 12.67 14.92 61.97
CA PRO E 320 13.39 16.18 61.80
C PRO E 320 12.66 17.35 62.48
N LEU E 321 13.41 18.39 62.82
CA LEU E 321 12.81 19.56 63.45
C LEU E 321 12.04 20.30 62.36
N ILE E 322 11.00 21.03 62.77
CA ILE E 322 10.18 21.78 61.83
C ILE E 322 10.44 23.28 61.94
N GLU E 323 9.99 24.02 60.94
CA GLU E 323 10.20 25.46 60.91
C GLU E 323 8.96 26.23 61.35
N GLY E 324 7.79 25.60 61.21
CA GLY E 324 6.55 26.25 61.58
C GLY E 324 5.45 25.25 61.90
N THR E 325 4.35 25.75 62.45
CA THR E 325 3.20 24.94 62.87
C THR E 325 3.66 24.16 64.10
N TYR E 326 2.75 23.46 64.75
CA TYR E 326 3.13 22.65 65.90
C TYR E 326 2.89 21.19 65.58
N LEU E 327 2.92 20.88 64.29
CA LEU E 327 2.69 19.52 63.79
C LEU E 327 3.97 18.95 63.16
N GLN E 328 4.63 18.04 63.87
CA GLN E 328 5.87 17.44 63.40
C GLN E 328 5.61 16.23 62.51
N TRP E 329 6.45 16.08 61.49
CA TRP E 329 6.36 15.02 60.48
C TRP E 329 7.40 13.93 60.74
N ILE E 330 6.92 12.75 61.16
CA ILE E 330 7.83 11.64 61.47
C ILE E 330 7.84 10.59 60.37
N ASP E 331 9.04 10.24 59.92
CA ASP E 331 9.23 9.25 58.86
C ASP E 331 9.30 7.82 59.42
N PHE E 332 8.21 7.07 59.28
CA PHE E 332 8.16 5.68 59.78
C PHE E 332 8.29 4.62 58.69
N ARG E 333 8.72 5.01 57.49
CA ARG E 333 8.84 4.06 56.39
C ARG E 333 9.80 2.91 56.63
N ALA E 334 10.77 3.09 57.52
CA ALA E 334 11.74 2.05 57.81
C ALA E 334 11.07 0.82 58.42
N LEU E 335 9.93 1.01 59.08
CA LEU E 335 9.21 -0.09 59.71
C LEU E 335 8.70 -1.11 58.69
N LYS E 336 8.62 -0.70 57.43
CA LYS E 336 8.15 -1.58 56.36
C LYS E 336 6.73 -2.09 56.58
N MET E 337 5.87 -1.23 57.14
CA MET E 337 4.48 -1.58 57.39
C MET E 337 3.59 -0.78 56.45
N ASP E 338 2.63 -1.44 55.82
CA ASP E 338 1.72 -0.72 54.93
C ASP E 338 0.96 0.26 55.83
N HIS E 339 0.65 1.44 55.33
CA HIS E 339 -0.02 2.46 56.13
C HIS E 339 -1.23 2.00 56.94
N LYS E 340 -2.05 1.12 56.38
CA LYS E 340 -3.23 0.64 57.09
C LYS E 340 -2.84 -0.20 58.31
N ALA E 341 -1.84 -1.06 58.14
CA ALA E 341 -1.38 -1.91 59.23
C ALA E 341 -0.62 -1.09 60.27
N MET E 342 0.09 -0.06 59.82
CA MET E 342 0.84 0.79 60.72
C MET E 342 -0.13 1.57 61.61
N GLU E 343 -1.22 2.04 61.01
CA GLU E 343 -2.24 2.78 61.73
C GLU E 343 -2.81 1.86 62.82
N GLU E 344 -3.07 0.62 62.44
CA GLU E 344 -3.61 -0.38 63.35
C GLU E 344 -2.64 -0.61 64.52
N PHE E 345 -1.34 -0.61 64.21
CA PHE E 345 -0.31 -0.80 65.23
C PHE E 345 -0.27 0.36 66.22
N MET E 346 -0.31 1.57 65.70
CA MET E 346 -0.26 2.77 66.54
C MET E 346 -1.47 2.84 67.47
N ILE E 347 -2.65 2.72 66.88
CA ILE E 347 -3.91 2.80 67.62
C ILE E 347 -4.15 1.72 68.67
N HIS E 348 -3.85 0.47 68.33
CA HIS E 348 -4.08 -0.64 69.27
C HIS E 348 -2.89 -1.16 70.07
N LYS E 349 -1.69 -1.06 69.52
CA LYS E 349 -0.51 -1.55 70.24
C LYS E 349 0.16 -0.47 71.08
N ALA E 350 0.49 0.65 70.45
CA ALA E 350 1.15 1.75 71.15
C ALA E 350 0.15 2.72 71.75
N GLN E 351 -1.09 2.64 71.30
CA GLN E 351 -2.14 3.55 71.75
C GLN E 351 -1.70 4.99 71.61
N ILE E 352 -1.05 5.26 70.48
CA ILE E 352 -0.58 6.60 70.16
C ILE E 352 -1.41 7.02 68.95
N PHE E 353 -2.15 8.11 69.10
CA PHE E 353 -3.00 8.57 68.02
C PHE E 353 -2.45 9.79 67.29
N PHE E 354 -1.80 9.51 66.17
CA PHE E 354 -1.22 10.54 65.30
C PHE E 354 -2.29 10.87 64.27
N ASP E 355 -1.94 11.74 63.33
CA ASP E 355 -2.82 12.04 62.22
C ASP E 355 -2.04 11.23 61.18
N GLU E 356 -2.52 10.02 60.91
CA GLU E 356 -1.84 9.12 59.98
C GLU E 356 -1.44 9.82 58.69
N GLY E 357 -0.15 9.70 58.37
CA GLY E 357 0.40 10.35 57.19
C GLY E 357 -0.30 10.19 55.86
N TYR E 358 -0.82 9.00 55.56
CA TYR E 358 -1.47 8.79 54.28
C TYR E 358 -2.67 9.70 53.99
N ILE E 359 -3.35 10.18 55.03
CA ILE E 359 -4.51 11.04 54.82
C ILE E 359 -4.18 12.38 54.17
N PHE E 360 -2.91 12.72 54.11
CA PHE E 360 -2.52 13.99 53.51
C PHE E 360 -2.11 13.81 52.05
N GLY E 361 -2.18 12.58 51.57
CA GLY E 361 -1.81 12.27 50.20
C GLY E 361 -0.91 11.06 50.17
N ASP E 362 -0.74 10.45 49.00
CA ASP E 362 0.12 9.28 48.85
C ASP E 362 1.54 9.54 49.34
N GLY E 363 2.03 10.77 49.15
CA GLY E 363 3.36 11.10 49.60
C GLY E 363 3.47 11.05 51.12
N GLY E 364 2.32 10.85 51.78
CA GLY E 364 2.28 10.79 53.23
C GLY E 364 2.34 9.37 53.76
N ILE E 365 2.15 8.39 52.89
CA ILE E 365 2.20 6.98 53.27
C ILE E 365 3.54 6.68 53.94
N GLY E 366 3.49 6.07 55.13
CA GLY E 366 4.72 5.76 55.83
C GLY E 366 5.13 6.82 56.84
N PHE E 367 4.44 7.94 56.83
CA PHE E 367 4.75 9.03 57.76
C PHE E 367 3.65 9.15 58.82
N GLU E 368 3.95 9.93 59.87
CA GLU E 368 3.00 10.16 60.96
C GLU E 368 3.12 11.62 61.37
N ARG E 369 1.99 12.28 61.60
CA ARG E 369 2.01 13.68 62.03
C ARG E 369 1.67 13.70 63.51
N ILE E 370 2.55 14.27 64.32
CA ILE E 370 2.34 14.35 65.76
C ILE E 370 2.06 15.78 66.20
N ASN E 371 1.02 15.94 67.01
CA ASN E 371 0.61 17.24 67.54
C ASN E 371 1.47 17.56 68.76
N LEU E 372 2.38 18.51 68.60
CA LEU E 372 3.30 18.92 69.66
C LEU E 372 2.72 19.86 70.72
N ALA E 373 1.52 20.37 70.48
CA ALA E 373 0.89 21.29 71.42
C ALA E 373 0.27 20.53 72.60
N ALA E 374 1.14 20.13 73.53
CA ALA E 374 0.73 19.41 74.73
C ALA E 374 1.88 19.48 75.72
N PRO E 375 1.61 19.26 77.01
CA PRO E 375 2.71 19.31 77.97
C PRO E 375 3.81 18.34 77.57
N SER E 376 5.07 18.71 77.85
CA SER E 376 6.21 17.87 77.52
C SER E 376 6.10 16.51 78.20
N SER E 377 5.52 16.48 79.40
CA SER E 377 5.37 15.23 80.12
C SER E 377 4.42 14.33 79.36
N VAL E 378 3.40 14.93 78.75
CA VAL E 378 2.42 14.16 77.97
C VAL E 378 3.07 13.58 76.73
N ILE E 379 3.97 14.35 76.11
CA ILE E 379 4.67 13.89 74.91
C ILE E 379 5.58 12.73 75.31
N GLN E 380 6.30 12.89 76.42
CA GLN E 380 7.19 11.84 76.91
C GLN E 380 6.38 10.58 77.19
N GLU E 381 5.27 10.73 77.90
CA GLU E 381 4.42 9.58 78.20
C GLU E 381 4.09 8.81 76.93
N SER E 382 3.66 9.54 75.90
CA SER E 382 3.30 8.94 74.62
C SER E 382 4.47 8.23 73.94
N LEU E 383 5.63 8.85 73.96
CA LEU E 383 6.80 8.26 73.33
C LEU E 383 7.22 6.96 74.03
N GLU E 384 7.05 6.92 75.35
CA GLU E 384 7.43 5.73 76.10
C GLU E 384 6.53 4.54 75.79
N ARG E 385 5.24 4.81 75.59
CA ARG E 385 4.30 3.74 75.25
C ARG E 385 4.66 3.20 73.88
N LEU E 386 5.00 4.11 72.97
CA LEU E 386 5.37 3.75 71.62
C LEU E 386 6.63 2.92 71.72
N ASN E 387 7.52 3.36 72.59
CA ASN E 387 8.79 2.70 72.82
C ASN E 387 8.60 1.22 73.14
N LYS E 388 7.69 0.94 74.06
CA LYS E 388 7.42 -0.44 74.45
C LYS E 388 6.85 -1.24 73.29
N ALA E 389 5.91 -0.64 72.56
CA ALA E 389 5.28 -1.31 71.43
C ALA E 389 6.30 -1.61 70.34
N LEU E 390 7.22 -0.68 70.13
CA LEU E 390 8.26 -0.86 69.11
C LEU E 390 9.23 -1.96 69.49
N LYS E 391 9.47 -2.12 70.81
CA LYS E 391 10.37 -3.15 71.29
C LYS E 391 9.72 -4.52 71.16
N ASP E 392 8.49 -4.64 71.63
CA ASP E 392 7.75 -5.89 71.54
C ASP E 392 7.66 -6.31 70.09
N LEU E 393 7.44 -5.33 69.21
CA LEU E 393 7.35 -5.57 67.78
C LEU E 393 8.72 -6.10 67.34
N LYS E 394 9.63 -6.20 68.30
CA LYS E 394 11.00 -6.69 68.11
C LYS E 394 11.72 -6.05 66.92
N MET F 1 -34.09 34.28 91.40
CA MET F 1 -33.22 35.22 90.63
C MET F 1 -33.97 36.44 90.11
N ILE F 2 -33.37 37.61 90.30
CA ILE F 2 -33.98 38.84 89.82
C ILE F 2 -33.63 38.95 88.34
N TYR F 3 -34.64 39.21 87.53
CA TYR F 3 -34.44 39.35 86.09
C TYR F 3 -34.63 40.82 85.75
N ASP F 4 -33.67 41.36 85.00
CA ASP F 4 -33.69 42.76 84.63
C ASP F 4 -34.31 43.04 83.27
N PHE F 5 -35.52 43.58 83.28
CA PHE F 5 -36.20 43.95 82.03
C PHE F 5 -36.50 45.46 82.07
N THR F 6 -35.79 46.19 82.93
CA THR F 6 -36.02 47.63 83.08
C THR F 6 -34.85 48.54 82.73
N THR F 7 -33.62 48.06 82.90
CA THR F 7 -32.46 48.89 82.60
C THR F 7 -32.39 49.32 81.12
N LYS F 8 -32.39 50.62 80.88
CA LYS F 8 -32.28 51.12 79.52
C LYS F 8 -30.83 50.96 79.10
N ILE F 9 -30.56 50.06 78.16
CA ILE F 9 -29.18 49.83 77.72
C ILE F 9 -28.86 50.60 76.44
N SER F 10 -27.56 50.71 76.16
CA SER F 10 -27.06 51.39 74.97
C SER F 10 -26.08 50.45 74.28
N ARG F 11 -26.25 50.28 72.97
CA ARG F 11 -25.37 49.39 72.21
C ARG F 11 -24.65 50.17 71.11
N LYS F 12 -24.38 51.44 71.39
CA LYS F 12 -23.69 52.29 70.42
C LYS F 12 -22.24 51.86 70.30
N ASN F 13 -21.75 51.78 69.06
CA ASN F 13 -20.37 51.39 68.77
C ASN F 13 -19.95 50.08 69.44
N LEU F 14 -20.81 49.08 69.41
CA LEU F 14 -20.50 47.79 70.02
C LEU F 14 -20.61 46.66 69.01
N GLY F 15 -20.78 47.00 67.74
CA GLY F 15 -20.89 45.98 66.71
C GLY F 15 -22.30 45.46 66.49
N SER F 16 -23.27 46.09 67.15
CA SER F 16 -24.66 45.67 66.98
C SER F 16 -25.14 46.09 65.59
N LEU F 17 -25.57 45.13 64.78
CA LEU F 17 -26.05 45.46 63.44
C LEU F 17 -27.25 46.39 63.51
N LYS F 18 -28.11 46.18 64.50
CA LYS F 18 -29.31 47.01 64.66
C LYS F 18 -28.97 48.48 64.92
N TRP F 19 -28.16 48.73 65.94
CA TRP F 19 -27.79 50.09 66.29
C TRP F 19 -26.96 50.78 65.22
N ASP F 20 -26.09 50.02 64.56
CA ASP F 20 -25.26 50.59 63.51
C ASP F 20 -26.09 51.04 62.32
N LEU F 21 -27.13 50.26 62.00
CA LEU F 21 -28.02 50.60 60.90
C LEU F 21 -28.71 51.91 61.22
N MET F 22 -29.14 52.05 62.47
CA MET F 22 -29.81 53.27 62.91
C MET F 22 -28.94 54.48 62.62
N TYR F 23 -27.70 54.48 63.12
CA TYR F 23 -26.79 55.62 62.90
C TYR F 23 -26.49 55.86 61.42
N SER F 24 -26.45 54.80 60.63
CA SER F 24 -26.19 54.93 59.20
C SER F 24 -27.36 55.63 58.52
N GLN F 25 -28.58 55.25 58.88
CA GLN F 25 -29.77 55.83 58.31
C GLN F 25 -29.98 57.27 58.78
N ASN F 26 -29.54 57.57 59.99
CA ASN F 26 -29.70 58.91 60.51
C ASN F 26 -28.54 59.28 61.44
N PRO F 27 -27.46 59.83 60.86
CA PRO F 27 -26.28 60.25 61.63
C PRO F 27 -26.59 61.25 62.72
N GLU F 28 -27.69 61.99 62.55
CA GLU F 28 -28.08 62.99 63.54
C GLU F 28 -29.06 62.49 64.61
N VAL F 29 -29.27 61.18 64.67
CA VAL F 29 -30.19 60.63 65.65
C VAL F 29 -29.75 61.00 67.08
N GLY F 30 -30.72 61.39 67.91
CA GLY F 30 -30.41 61.77 69.28
C GLY F 30 -29.84 60.59 70.05
N ASN F 31 -28.99 60.85 71.04
CA ASN F 31 -28.37 59.78 71.81
C ASN F 31 -29.32 59.01 72.72
N GLU F 32 -30.52 59.54 72.93
CA GLU F 32 -31.50 58.89 73.80
C GLU F 32 -32.38 57.88 73.05
N VAL F 33 -32.30 57.89 71.73
CA VAL F 33 -33.11 57.00 70.91
C VAL F 33 -32.66 55.54 70.91
N VAL F 34 -33.64 54.64 71.03
CA VAL F 34 -33.38 53.20 70.98
C VAL F 34 -34.12 52.66 69.76
N PRO F 35 -33.41 51.99 68.85
CA PRO F 35 -34.04 51.43 67.64
C PRO F 35 -34.98 50.28 68.02
N LEU F 36 -36.10 50.18 67.30
CA LEU F 36 -37.10 49.15 67.55
C LEU F 36 -37.32 48.36 66.27
N SER F 37 -36.22 48.11 65.56
CA SER F 37 -36.23 47.43 64.27
C SER F 37 -35.87 45.95 64.25
N VAL F 38 -34.59 45.67 64.01
CA VAL F 38 -34.08 44.31 63.92
C VAL F 38 -34.50 43.47 65.12
N ALA F 39 -34.75 42.18 64.88
CA ALA F 39 -35.20 41.30 65.92
C ALA F 39 -34.21 40.63 66.88
N ASP F 40 -33.64 41.43 67.77
CA ASP F 40 -32.83 40.91 68.87
C ASP F 40 -33.30 41.82 70.01
N MET F 41 -33.20 41.36 71.24
CA MET F 41 -33.72 42.11 72.38
C MET F 41 -32.87 43.20 73.01
N GLU F 42 -33.55 44.23 73.53
CA GLU F 42 -32.86 45.31 74.21
C GLU F 42 -32.86 45.00 75.70
N PHE F 43 -32.56 43.73 76.00
CA PHE F 43 -32.47 43.20 77.36
C PHE F 43 -31.16 42.43 77.46
N LYS F 44 -30.53 42.43 78.63
CA LYS F 44 -29.33 41.63 78.78
C LYS F 44 -29.83 40.18 78.82
N ASN F 45 -28.95 39.24 78.49
CA ASN F 45 -29.29 37.82 78.45
C ASN F 45 -29.55 37.22 79.83
N PRO F 46 -30.24 36.06 79.88
CA PRO F 46 -30.54 35.41 81.16
C PRO F 46 -29.31 35.28 82.04
N PRO F 47 -29.42 35.64 83.33
CA PRO F 47 -28.31 35.56 84.28
C PRO F 47 -27.72 34.15 84.34
N GLU F 48 -28.60 33.15 84.32
CA GLU F 48 -28.18 31.75 84.37
C GLU F 48 -27.31 31.41 83.17
N LEU F 49 -27.60 32.01 82.03
CA LEU F 49 -26.82 31.76 80.83
C LEU F 49 -25.42 32.35 80.95
N ILE F 50 -25.35 33.60 81.36
CA ILE F 50 -24.07 34.29 81.50
C ILE F 50 -23.21 33.54 82.51
N GLU F 51 -23.81 33.19 83.65
CA GLU F 51 -23.10 32.49 84.69
C GLU F 51 -22.63 31.11 84.24
N GLY F 52 -23.49 30.41 83.50
CA GLY F 52 -23.16 29.09 83.00
C GLY F 52 -22.05 29.10 81.97
N LEU F 53 -22.06 30.09 81.08
CA LEU F 53 -21.02 30.19 80.07
C LEU F 53 -19.68 30.55 80.72
N LYS F 54 -19.71 31.38 81.75
CA LYS F 54 -18.46 31.76 82.42
C LYS F 54 -17.87 30.54 83.11
N LYS F 55 -18.72 29.75 83.75
CA LYS F 55 -18.29 28.53 84.44
C LYS F 55 -17.72 27.55 83.42
N TYR F 56 -18.40 27.44 82.28
CA TYR F 56 -17.97 26.54 81.22
C TYR F 56 -16.58 26.91 80.71
N LEU F 57 -16.31 28.21 80.61
CA LEU F 57 -15.02 28.68 80.14
C LEU F 57 -13.86 28.23 81.01
N ASP F 58 -14.13 27.94 82.27
CA ASP F 58 -13.06 27.47 83.17
C ASP F 58 -12.92 25.96 83.05
N GLU F 59 -13.92 25.34 82.44
CA GLU F 59 -13.95 23.88 82.29
C GLU F 59 -13.53 23.33 80.93
N THR F 60 -13.54 24.15 79.89
CA THR F 60 -13.20 23.64 78.57
C THR F 60 -12.03 24.29 77.87
N VAL F 61 -11.75 23.74 76.70
CA VAL F 61 -10.71 24.22 75.80
C VAL F 61 -11.54 24.58 74.57
N LEU F 62 -11.25 25.72 73.96
CA LEU F 62 -12.03 26.17 72.81
C LEU F 62 -11.64 25.60 71.45
N GLY F 63 -11.40 24.29 71.39
CA GLY F 63 -11.01 23.65 70.14
C GLY F 63 -12.16 23.13 69.29
N TYR F 64 -11.86 22.21 68.37
CA TYR F 64 -12.89 21.63 67.50
C TYR F 64 -13.92 20.92 68.37
N THR F 65 -15.16 21.40 68.27
CA THR F 65 -16.22 20.87 69.10
C THR F 65 -17.48 20.44 68.36
N GLY F 66 -18.15 19.44 68.92
CA GLY F 66 -19.37 18.91 68.36
C GLY F 66 -20.39 18.73 69.47
N PRO F 67 -21.65 18.40 69.12
CA PRO F 67 -22.67 18.22 70.15
C PRO F 67 -22.52 16.90 70.91
N THR F 68 -22.67 16.95 72.22
CA THR F 68 -22.59 15.75 73.05
C THR F 68 -23.98 15.12 73.02
N GLU F 69 -24.09 13.88 73.47
CA GLU F 69 -25.39 13.23 73.49
C GLU F 69 -26.28 13.94 74.51
N GLU F 70 -25.65 14.54 75.52
CA GLU F 70 -26.40 15.27 76.54
C GLU F 70 -27.03 16.50 75.89
N TYR F 71 -26.29 17.14 75.00
CA TYR F 71 -26.81 18.32 74.31
C TYR F 71 -28.08 17.92 73.54
N LYS F 72 -28.00 16.84 72.76
CA LYS F 72 -29.15 16.38 71.98
C LYS F 72 -30.33 15.97 72.86
N LYS F 73 -30.04 15.34 73.99
CA LYS F 73 -31.09 14.91 74.91
C LYS F 73 -31.86 16.13 75.43
N THR F 74 -31.12 17.21 75.68
CA THR F 74 -31.70 18.46 76.19
C THR F 74 -32.61 19.12 75.14
N VAL F 75 -32.19 19.08 73.88
CA VAL F 75 -32.99 19.68 72.81
C VAL F 75 -34.29 18.85 72.71
N LYS F 76 -34.13 17.53 72.67
CA LYS F 76 -35.29 16.64 72.60
C LYS F 76 -36.22 16.88 73.80
N LYS F 77 -35.65 17.07 74.98
CA LYS F 77 -36.43 17.29 76.19
C LYS F 77 -37.23 18.60 76.15
N TRP F 78 -36.66 19.61 75.51
CA TRP F 78 -37.35 20.89 75.40
C TRP F 78 -38.60 20.73 74.50
N MET F 79 -38.45 20.03 73.38
CA MET F 79 -39.58 19.83 72.47
C MET F 79 -40.70 19.06 73.18
N LYS F 80 -40.31 18.14 74.04
CA LYS F 80 -41.25 17.33 74.80
C LYS F 80 -41.95 18.15 75.88
N ASP F 81 -41.16 18.78 76.74
CA ASP F 81 -41.71 19.56 77.85
C ASP F 81 -42.45 20.82 77.42
N ARG F 82 -41.93 21.49 76.40
CA ARG F 82 -42.51 22.73 75.92
C ARG F 82 -43.52 22.66 74.79
N HIS F 83 -43.41 21.68 73.90
CA HIS F 83 -44.34 21.60 72.79
C HIS F 83 -45.02 20.24 72.57
N GLN F 84 -45.01 19.38 73.58
CA GLN F 84 -45.64 18.06 73.45
C GLN F 84 -45.26 17.46 72.11
N TRP F 85 -44.00 17.60 71.75
CA TRP F 85 -43.51 17.10 70.47
C TRP F 85 -42.40 16.09 70.71
N ASP F 86 -42.67 14.84 70.32
CA ASP F 86 -41.69 13.77 70.51
C ASP F 86 -40.76 13.65 69.32
N ILE F 87 -39.49 13.99 69.53
CA ILE F 87 -38.50 13.87 68.46
C ILE F 87 -37.42 12.88 68.88
N GLN F 88 -36.65 12.41 67.90
CA GLN F 88 -35.54 11.51 68.17
C GLN F 88 -34.28 12.35 68.10
N THR F 89 -33.27 12.01 68.89
CA THR F 89 -32.03 12.78 68.88
C THR F 89 -31.32 12.77 67.55
N ASP F 90 -31.46 11.69 66.77
CA ASP F 90 -30.79 11.66 65.47
C ASP F 90 -31.50 12.47 64.39
N TRP F 91 -32.58 13.15 64.76
CA TRP F 91 -33.32 14.00 63.81
C TRP F 91 -32.70 15.40 63.81
N ILE F 92 -31.85 15.67 64.79
CA ILE F 92 -31.23 16.97 64.95
C ILE F 92 -29.98 17.25 64.14
N ILE F 93 -30.07 18.20 63.21
CA ILE F 93 -28.94 18.60 62.39
C ILE F 93 -28.66 20.07 62.76
N ASN F 94 -27.39 20.41 62.98
CA ASN F 94 -27.08 21.77 63.38
C ASN F 94 -26.50 22.66 62.29
N THR F 95 -26.87 23.93 62.34
CA THR F 95 -26.40 24.95 61.42
C THR F 95 -26.12 26.18 62.24
N ALA F 96 -25.36 27.12 61.68
CA ALA F 96 -25.06 28.36 62.37
C ALA F 96 -26.10 29.38 61.92
N GLY F 97 -27.35 29.17 62.32
CA GLY F 97 -28.42 30.07 61.94
C GLY F 97 -29.48 29.41 61.09
N VAL F 98 -30.72 29.88 61.22
CA VAL F 98 -31.83 29.34 60.45
C VAL F 98 -31.81 29.79 58.99
N VAL F 99 -31.38 31.02 58.74
CA VAL F 99 -31.34 31.49 57.36
C VAL F 99 -30.42 30.60 56.54
N PRO F 100 -29.21 30.27 57.05
CA PRO F 100 -28.34 29.40 56.26
C PRO F 100 -29.01 28.06 56.03
N ALA F 101 -29.80 27.61 57.01
CA ALA F 101 -30.52 26.35 56.89
C ALA F 101 -31.55 26.45 55.77
N VAL F 102 -32.22 27.60 55.67
CA VAL F 102 -33.22 27.80 54.62
C VAL F 102 -32.55 27.85 53.25
N PHE F 103 -31.46 28.61 53.14
CA PHE F 103 -30.75 28.68 51.85
C PHE F 103 -30.32 27.26 51.48
N ASN F 104 -29.97 26.46 52.49
CA ASN F 104 -29.55 25.09 52.26
C ASN F 104 -30.67 24.21 51.74
N ALA F 105 -31.86 24.40 52.29
CA ALA F 105 -33.03 23.63 51.87
C ALA F 105 -33.34 23.94 50.41
N VAL F 106 -33.25 25.22 50.05
CA VAL F 106 -33.52 25.62 48.67
C VAL F 106 -32.49 25.02 47.72
N ARG F 107 -31.21 25.18 48.07
CA ARG F 107 -30.14 24.65 47.22
C ARG F 107 -30.21 23.15 46.98
N GLU F 108 -30.52 22.39 48.03
CA GLU F 108 -30.58 20.93 47.90
C GLU F 108 -31.85 20.30 47.36
N PHE F 109 -33.01 20.82 47.75
CA PHE F 109 -34.26 20.22 47.30
C PHE F 109 -35.03 20.87 46.15
N THR F 110 -34.40 21.83 45.47
CA THR F 110 -35.00 22.48 44.32
C THR F 110 -33.85 22.81 43.38
N LYS F 111 -34.16 23.26 42.18
CA LYS F 111 -33.12 23.66 41.24
C LYS F 111 -33.59 24.93 40.55
N PRO F 112 -32.66 25.65 39.89
CA PRO F 112 -33.02 26.90 39.20
C PRO F 112 -34.29 26.74 38.37
N GLY F 113 -35.22 27.68 38.54
CA GLY F 113 -36.47 27.62 37.80
C GLY F 113 -37.62 27.10 38.63
N ASP F 114 -37.32 26.24 39.60
CA ASP F 114 -38.35 25.68 40.48
C ASP F 114 -38.98 26.78 41.33
N GLY F 115 -40.24 26.60 41.70
CA GLY F 115 -40.89 27.58 42.53
C GLY F 115 -40.95 27.16 43.99
N VAL F 116 -40.91 28.15 44.87
CA VAL F 116 -41.01 27.91 46.31
C VAL F 116 -42.14 28.81 46.79
N ILE F 117 -43.16 28.22 47.40
CA ILE F 117 -44.31 28.97 47.88
C ILE F 117 -44.07 29.55 49.28
N ILE F 118 -44.33 30.84 49.44
CA ILE F 118 -44.21 31.49 50.74
C ILE F 118 -45.51 32.27 50.94
N ILE F 119 -45.90 32.45 52.19
CA ILE F 119 -47.11 33.17 52.54
C ILE F 119 -46.69 34.58 52.97
N THR F 120 -47.09 35.57 52.17
CA THR F 120 -46.72 36.97 52.35
C THR F 120 -47.83 37.89 52.87
N PRO F 121 -47.44 39.02 53.52
CA PRO F 121 -46.11 39.54 53.84
C PRO F 121 -45.40 38.59 54.78
N VAL F 122 -44.07 38.50 54.71
CA VAL F 122 -43.34 37.59 55.57
C VAL F 122 -41.85 37.97 55.70
N TYR F 123 -41.24 37.43 56.74
CA TYR F 123 -39.82 37.61 57.05
C TYR F 123 -39.06 37.71 55.73
N TYR F 124 -38.48 38.88 55.45
CA TYR F 124 -37.81 39.11 54.16
C TYR F 124 -36.66 38.21 53.69
N PRO F 125 -35.88 37.61 54.61
CA PRO F 125 -34.82 36.76 54.05
C PRO F 125 -35.39 35.58 53.25
N PHE F 126 -36.67 35.27 53.46
CA PHE F 126 -37.31 34.19 52.73
C PHE F 126 -37.23 34.48 51.23
N PHE F 127 -37.51 35.71 50.84
CA PHE F 127 -37.47 36.09 49.43
C PHE F 127 -36.07 35.87 48.86
N MET F 128 -35.07 36.36 49.59
CA MET F 128 -33.67 36.24 49.18
C MET F 128 -33.20 34.79 49.00
N ALA F 129 -33.54 33.94 49.97
CA ALA F 129 -33.14 32.53 49.93
C ALA F 129 -33.55 31.85 48.63
N ILE F 130 -34.70 32.26 48.12
CA ILE F 130 -35.25 31.70 46.89
C ILE F 130 -34.73 32.41 45.64
N LYS F 131 -34.99 33.72 45.56
CA LYS F 131 -34.58 34.53 44.42
C LYS F 131 -33.08 34.61 44.18
N ASN F 132 -32.30 34.79 45.24
CA ASN F 132 -30.85 34.89 45.07
C ASN F 132 -30.24 33.63 44.48
N GLN F 133 -30.97 32.52 44.56
CA GLN F 133 -30.47 31.26 44.02
C GLN F 133 -31.17 30.89 42.71
N GLU F 134 -31.82 31.89 42.10
CA GLU F 134 -32.50 31.69 40.83
C GLU F 134 -33.69 30.72 40.89
N ARG F 135 -34.38 30.70 42.03
CA ARG F 135 -35.56 29.87 42.17
C ARG F 135 -36.69 30.90 42.10
N LYS F 136 -37.91 30.47 41.82
CA LYS F 136 -39.01 31.43 41.71
C LYS F 136 -39.82 31.59 42.98
N ILE F 137 -40.00 32.84 43.38
CA ILE F 137 -40.80 33.13 44.56
C ILE F 137 -42.27 33.04 44.14
N ILE F 138 -43.01 32.14 44.75
CA ILE F 138 -44.43 31.98 44.44
C ILE F 138 -45.21 32.49 45.65
N GLU F 139 -45.76 33.69 45.53
CA GLU F 139 -46.48 34.29 46.64
C GLU F 139 -47.93 33.86 46.83
N CYS F 140 -48.26 33.51 48.06
CA CYS F 140 -49.62 33.15 48.42
C CYS F 140 -49.96 34.16 49.51
N GLU F 141 -50.38 35.33 49.07
CA GLU F 141 -50.71 36.45 49.95
C GLU F 141 -51.74 36.15 51.02
N LEU F 142 -51.43 36.54 52.25
CA LEU F 142 -52.32 36.37 53.39
C LEU F 142 -53.56 37.26 53.21
N LEU F 143 -54.70 36.77 53.66
CA LEU F 143 -55.93 37.55 53.58
C LEU F 143 -55.92 38.41 54.83
N GLU F 144 -56.35 39.66 54.70
CA GLU F 144 -56.38 40.58 55.84
C GLU F 144 -57.72 41.27 55.91
N LYS F 145 -58.37 41.15 57.06
CA LYS F 145 -59.67 41.79 57.26
C LYS F 145 -59.69 42.41 58.65
N ASP F 146 -59.70 43.74 58.68
CA ASP F 146 -59.69 44.50 59.91
C ASP F 146 -58.55 44.11 60.85
N GLY F 147 -57.37 43.89 60.26
CA GLY F 147 -56.21 43.55 61.05
C GLY F 147 -55.88 42.08 61.27
N TYR F 148 -56.84 41.18 61.10
CA TYR F 148 -56.56 39.79 61.32
C TYR F 148 -56.17 39.08 60.02
N TYR F 149 -55.02 38.43 60.06
CA TYR F 149 -54.49 37.71 58.91
C TYR F 149 -54.81 36.22 58.92
N THR F 150 -55.31 35.73 57.79
CA THR F 150 -55.67 34.33 57.63
C THR F 150 -55.09 33.81 56.31
N ILE F 151 -55.02 32.49 56.20
CA ILE F 151 -54.49 31.84 55.02
C ILE F 151 -55.48 31.84 53.86
N ASP F 152 -54.96 32.01 52.65
CA ASP F 152 -55.82 31.97 51.47
C ASP F 152 -55.68 30.50 51.05
N PHE F 153 -56.49 29.64 51.66
CA PHE F 153 -56.44 28.21 51.35
C PHE F 153 -56.77 27.91 49.89
N GLN F 154 -57.73 28.63 49.34
CA GLN F 154 -58.11 28.41 47.95
C GLN F 154 -56.91 28.63 47.03
N LYS F 155 -56.21 29.75 47.22
CA LYS F 155 -55.04 30.03 46.39
C LYS F 155 -53.93 29.01 46.65
N LEU F 156 -53.68 28.71 47.93
CA LEU F 156 -52.63 27.74 48.27
C LEU F 156 -52.89 26.43 47.55
N GLU F 157 -54.16 26.00 47.57
CA GLU F 157 -54.52 24.75 46.91
C GLU F 157 -54.15 24.82 45.43
N LYS F 158 -54.57 25.90 44.78
CA LYS F 158 -54.28 26.09 43.36
C LYS F 158 -52.78 26.03 43.08
N LEU F 159 -52.00 26.74 43.88
CA LEU F 159 -50.54 26.76 43.70
C LEU F 159 -49.89 25.39 43.88
N SER F 160 -50.44 24.59 44.80
CA SER F 160 -49.89 23.27 45.07
C SER F 160 -50.08 22.32 43.89
N LYS F 161 -50.99 22.65 42.99
CA LYS F 161 -51.25 21.81 41.82
C LYS F 161 -50.22 22.04 40.71
N ASP F 162 -49.48 23.14 40.81
CA ASP F 162 -48.45 23.47 39.84
C ASP F 162 -47.22 22.66 40.23
N LYS F 163 -46.95 21.61 39.46
CA LYS F 163 -45.80 20.72 39.72
C LYS F 163 -44.46 21.42 39.79
N ASN F 164 -44.37 22.60 39.20
CA ASN F 164 -43.11 23.34 39.23
C ASN F 164 -42.78 23.85 40.63
N ASN F 165 -43.79 23.87 41.50
CA ASN F 165 -43.59 24.33 42.87
C ASN F 165 -43.18 23.12 43.70
N LYS F 166 -42.03 23.23 44.36
CA LYS F 166 -41.45 22.14 45.11
C LYS F 166 -41.65 22.11 46.63
N ALA F 167 -41.95 23.25 47.22
CA ALA F 167 -42.12 23.27 48.66
C ALA F 167 -42.87 24.49 49.16
N LEU F 168 -43.37 24.39 50.39
CA LEU F 168 -44.05 25.51 51.02
C LEU F 168 -43.15 25.94 52.17
N LEU F 169 -42.57 27.13 52.08
CA LEU F 169 -41.71 27.67 53.13
C LEU F 169 -42.67 28.44 54.04
N PHE F 170 -42.99 27.84 55.19
CA PHE F 170 -43.95 28.36 56.16
C PHE F 170 -43.28 29.04 57.35
N CYS F 171 -43.94 30.02 57.93
CA CYS F 171 -43.40 30.73 59.09
C CYS F 171 -44.41 30.60 60.22
N SER F 172 -44.04 29.94 61.30
CA SER F 172 -44.96 29.70 62.41
C SER F 172 -44.27 29.70 63.78
N PRO F 173 -44.53 30.70 64.63
CA PRO F 173 -45.42 31.87 64.45
C PRO F 173 -44.97 32.73 63.26
N HIS F 174 -45.93 33.43 62.65
CA HIS F 174 -45.65 34.25 61.47
C HIS F 174 -45.17 35.69 61.71
N ASN F 175 -43.92 35.93 61.32
CA ASN F 175 -43.26 37.24 61.41
C ASN F 175 -43.55 37.84 60.03
N PRO F 176 -43.97 39.11 59.94
CA PRO F 176 -44.22 40.14 60.94
C PRO F 176 -45.62 40.37 61.52
N VAL F 177 -46.61 39.57 61.12
CA VAL F 177 -47.97 39.80 61.61
C VAL F 177 -48.34 39.23 62.99
N GLY F 178 -47.47 38.41 63.54
CA GLY F 178 -47.71 37.86 64.87
C GLY F 178 -48.73 36.75 65.01
N ARG F 179 -49.07 36.06 63.93
CA ARG F 179 -50.04 34.97 64.03
C ARG F 179 -49.43 33.70 64.61
N VAL F 180 -50.21 33.04 65.48
CA VAL F 180 -49.82 31.75 66.03
C VAL F 180 -50.94 30.91 65.43
N TRP F 181 -50.58 30.09 64.46
CA TRP F 181 -51.55 29.27 63.74
C TRP F 181 -52.32 28.27 64.59
N LYS F 182 -53.64 28.23 64.37
CA LYS F 182 -54.52 27.31 65.09
C LYS F 182 -54.39 25.93 64.46
N LYS F 183 -54.66 24.89 65.23
CA LYS F 183 -54.58 23.53 64.70
C LYS F 183 -55.50 23.38 63.49
N ASP F 184 -56.65 24.06 63.52
CA ASP F 184 -57.60 23.99 62.42
C ASP F 184 -56.99 24.48 61.12
N GLU F 185 -56.23 25.57 61.20
CA GLU F 185 -55.59 26.14 60.02
C GLU F 185 -54.47 25.23 59.53
N LEU F 186 -53.70 24.67 60.47
CA LEU F 186 -52.60 23.78 60.12
C LEU F 186 -53.09 22.49 59.47
N GLN F 187 -54.18 21.94 60.00
CA GLN F 187 -54.74 20.71 59.44
C GLN F 187 -55.22 20.95 58.01
N LYS F 188 -55.82 22.12 57.76
CA LYS F 188 -56.32 22.44 56.42
C LYS F 188 -55.17 22.56 55.43
N ILE F 189 -54.07 23.15 55.88
CA ILE F 189 -52.88 23.31 55.02
C ILE F 189 -52.30 21.93 54.79
N LYS F 190 -52.26 21.13 55.85
CA LYS F 190 -51.73 19.76 55.77
C LYS F 190 -52.38 18.92 54.68
N ASP F 191 -53.71 18.94 54.61
CA ASP F 191 -54.40 18.14 53.59
C ASP F 191 -53.99 18.56 52.19
N ILE F 192 -53.80 19.87 51.99
CA ILE F 192 -53.38 20.41 50.71
C ILE F 192 -51.97 19.92 50.39
N VAL F 193 -51.08 20.02 51.36
CA VAL F 193 -49.70 19.58 51.19
C VAL F 193 -49.59 18.07 50.92
N LEU F 194 -50.34 17.26 51.65
CA LEU F 194 -50.28 15.81 51.45
C LEU F 194 -50.81 15.38 50.08
N LYS F 195 -51.81 16.08 49.55
CA LYS F 195 -52.35 15.73 48.25
C LYS F 195 -51.45 16.21 47.12
N SER F 196 -50.32 16.82 47.49
CA SER F 196 -49.37 17.34 46.50
C SER F 196 -47.99 16.75 46.73
N ASP F 197 -47.05 17.14 45.88
CA ASP F 197 -45.67 16.67 46.00
C ASP F 197 -44.85 17.74 46.69
N LEU F 198 -45.54 18.66 47.36
CA LEU F 198 -44.89 19.74 48.07
C LEU F 198 -44.18 19.22 49.31
N MET F 199 -43.00 19.77 49.57
CA MET F 199 -42.23 19.43 50.76
C MET F 199 -42.61 20.55 51.73
N LEU F 200 -42.51 20.30 53.04
CA LEU F 200 -42.84 21.34 54.00
C LEU F 200 -41.60 21.79 54.78
N TRP F 201 -41.34 23.09 54.73
CA TRP F 201 -40.23 23.71 55.46
C TRP F 201 -40.87 24.69 56.42
N SER F 202 -41.04 24.28 57.68
CA SER F 202 -41.67 25.13 58.69
C SER F 202 -40.65 25.81 59.60
N ASP F 203 -40.56 27.13 59.47
CA ASP F 203 -39.64 27.93 60.28
C ASP F 203 -40.36 28.31 61.57
N GLU F 204 -40.01 27.63 62.65
CA GLU F 204 -40.66 27.87 63.93
C GLU F 204 -39.72 28.49 64.98
N ILE F 205 -38.83 29.37 64.52
CA ILE F 205 -37.86 30.01 65.41
C ILE F 205 -38.56 30.77 66.54
N HIS F 206 -39.75 31.29 66.27
CA HIS F 206 -40.49 32.04 67.28
C HIS F 206 -41.43 31.21 68.14
N PHE F 207 -41.37 29.88 68.07
CA PHE F 207 -42.35 29.11 68.84
C PHE F 207 -42.35 29.09 70.37
N ASP F 208 -41.37 29.75 71.00
CA ASP F 208 -41.33 29.82 72.45
C ASP F 208 -41.85 31.20 72.90
N LEU F 209 -41.92 32.13 71.96
CA LEU F 209 -42.41 33.47 72.28
C LEU F 209 -43.91 33.55 71.98
N ILE F 210 -44.71 32.95 72.87
CA ILE F 210 -46.15 32.94 72.71
C ILE F 210 -46.82 33.83 73.78
N MET F 211 -47.74 34.68 73.36
CA MET F 211 -48.44 35.56 74.30
C MET F 211 -49.45 34.77 75.15
N PRO F 212 -49.72 35.24 76.37
CA PRO F 212 -50.69 34.54 77.21
C PRO F 212 -52.04 34.38 76.52
N GLY F 213 -52.64 33.21 76.68
CA GLY F 213 -53.93 32.95 76.06
C GLY F 213 -53.81 32.18 74.76
N TYR F 214 -52.59 32.03 74.25
CA TYR F 214 -52.39 31.31 73.00
C TYR F 214 -51.41 30.16 73.14
N GLU F 215 -51.46 29.21 72.20
CA GLU F 215 -50.60 28.05 72.26
C GLU F 215 -50.14 27.60 70.88
N HIS F 216 -48.84 27.42 70.72
CA HIS F 216 -48.24 27.00 69.47
C HIS F 216 -48.37 25.50 69.23
N THR F 217 -48.48 25.11 67.97
CA THR F 217 -48.56 23.71 67.58
C THR F 217 -47.44 23.44 66.57
N VAL F 218 -46.51 22.56 66.90
CA VAL F 218 -45.44 22.25 65.97
C VAL F 218 -46.13 21.59 64.78
N PHE F 219 -45.99 22.21 63.62
CA PHE F 219 -46.64 21.71 62.41
C PHE F 219 -46.50 20.21 62.17
N GLN F 220 -45.27 19.71 62.17
CA GLN F 220 -45.10 18.28 61.90
C GLN F 220 -45.59 17.34 63.00
N SER F 221 -45.97 17.88 64.15
CA SER F 221 -46.45 17.06 65.25
C SER F 221 -47.89 16.58 65.06
N ILE F 222 -48.63 17.20 64.15
CA ILE F 222 -50.03 16.84 63.94
C ILE F 222 -50.28 15.61 63.05
N ASP F 223 -49.28 15.21 62.25
CA ASP F 223 -49.45 14.08 61.35
C ASP F 223 -48.11 13.45 60.97
N GLU F 224 -47.99 12.14 61.17
CA GLU F 224 -46.76 11.42 60.87
C GLU F 224 -46.37 11.43 59.40
N GLN F 225 -47.36 11.37 58.51
CA GLN F 225 -47.09 11.39 57.08
C GLN F 225 -46.56 12.77 56.67
N LEU F 226 -47.06 13.81 57.32
CA LEU F 226 -46.58 15.15 57.01
C LEU F 226 -45.13 15.23 57.47
N ALA F 227 -44.89 14.78 58.70
CA ALA F 227 -43.55 14.81 59.28
C ALA F 227 -42.54 14.11 58.37
N ASP F 228 -42.99 13.11 57.62
CA ASP F 228 -42.11 12.37 56.72
C ASP F 228 -41.52 13.25 55.61
N LYS F 229 -42.17 14.38 55.32
CA LYS F 229 -41.65 15.30 54.30
C LYS F 229 -41.61 16.75 54.78
N THR F 230 -41.19 16.91 56.03
CA THR F 230 -41.08 18.23 56.64
C THR F 230 -39.68 18.45 57.17
N ILE F 231 -39.25 19.70 57.14
CA ILE F 231 -37.97 20.11 57.70
C ILE F 231 -38.43 21.20 58.63
N THR F 232 -38.10 21.08 59.91
CA THR F 232 -38.53 22.08 60.87
C THR F 232 -37.31 22.84 61.40
N PHE F 233 -37.33 24.16 61.23
CA PHE F 233 -36.23 24.99 61.69
C PHE F 233 -36.53 25.53 63.09
N THR F 234 -35.63 25.26 64.03
CA THR F 234 -35.78 25.75 65.41
C THR F 234 -34.43 26.24 65.91
N ALA F 235 -34.47 27.04 66.97
CA ALA F 235 -33.24 27.55 67.58
C ALA F 235 -33.60 28.31 68.85
N PRO F 236 -32.63 28.49 69.74
CA PRO F 236 -32.85 29.21 71.00
C PRO F 236 -32.57 30.71 70.84
N SER F 237 -32.06 31.10 69.68
CA SER F 237 -31.69 32.50 69.42
C SER F 237 -32.77 33.56 69.65
N LYS F 238 -33.92 33.42 69.03
CA LYS F 238 -34.97 34.40 69.23
C LYS F 238 -35.46 34.37 70.67
N THR F 239 -35.75 33.16 71.17
CA THR F 239 -36.25 32.96 72.53
C THR F 239 -35.43 33.63 73.64
N PHE F 240 -34.12 33.34 73.64
CA PHE F 240 -33.23 33.87 74.66
C PHE F 240 -32.27 34.98 74.21
N ASN F 241 -32.57 35.61 73.08
CA ASN F 241 -31.74 36.71 72.59
C ASN F 241 -30.27 36.31 72.37
N ILE F 242 -30.05 35.19 71.70
CA ILE F 242 -28.68 34.77 71.45
C ILE F 242 -28.43 34.52 69.99
N ALA F 243 -28.86 35.49 69.17
CA ALA F 243 -28.67 35.43 67.73
C ALA F 243 -27.17 35.47 67.46
N GLY F 244 -26.40 35.91 68.44
CA GLY F 244 -24.96 35.98 68.30
C GLY F 244 -24.20 34.75 68.75
N MET F 245 -24.92 33.68 69.07
CA MET F 245 -24.25 32.46 69.50
C MET F 245 -24.15 31.39 68.41
N GLY F 246 -24.65 31.73 67.24
CA GLY F 246 -24.60 30.85 66.07
C GLY F 246 -24.97 29.39 66.24
N MET F 247 -26.17 29.11 66.75
CA MET F 247 -26.57 27.72 66.90
C MET F 247 -28.05 27.53 66.65
N SER F 248 -28.36 26.57 65.77
CA SER F 248 -29.72 26.23 65.38
C SER F 248 -29.89 24.71 65.36
N ASN F 249 -31.11 24.25 65.62
CA ASN F 249 -31.43 22.83 65.62
C ASN F 249 -32.49 22.53 64.58
N ILE F 250 -32.04 22.02 63.45
CA ILE F 250 -32.92 21.68 62.33
C ILE F 250 -33.38 20.24 62.52
N ILE F 251 -34.69 20.09 62.69
CA ILE F 251 -35.30 18.78 62.94
C ILE F 251 -35.83 18.13 61.67
N ILE F 252 -35.22 17.01 61.29
CA ILE F 252 -35.63 16.29 60.09
C ILE F 252 -35.79 14.79 60.36
N LYS F 253 -37.04 14.36 60.46
CA LYS F 253 -37.38 12.96 60.74
C LYS F 253 -36.97 11.97 59.65
N ASN F 254 -37.26 12.31 58.40
CA ASN F 254 -36.95 11.43 57.28
C ASN F 254 -35.46 11.27 57.03
N PRO F 255 -34.94 10.05 57.14
CA PRO F 255 -33.51 9.78 56.93
C PRO F 255 -32.95 10.30 55.62
N ASP F 256 -33.64 10.05 54.52
CA ASP F 256 -33.17 10.49 53.21
C ASP F 256 -33.09 12.02 53.14
N ILE F 257 -34.15 12.69 53.56
CA ILE F 257 -34.17 14.15 53.54
C ILE F 257 -33.06 14.68 54.44
N ARG F 258 -32.91 14.06 55.62
CA ARG F 258 -31.90 14.49 56.57
C ARG F 258 -30.48 14.34 56.02
N GLU F 259 -30.21 13.22 55.37
CA GLU F 259 -28.88 12.98 54.82
C GLU F 259 -28.58 13.95 53.68
N ARG F 260 -29.56 14.20 52.83
CA ARG F 260 -29.36 15.13 51.72
C ARG F 260 -29.10 16.52 52.28
N PHE F 261 -29.90 16.94 53.25
CA PHE F 261 -29.74 18.24 53.87
C PHE F 261 -28.33 18.39 54.48
N THR F 262 -27.88 17.36 55.18
CA THR F 262 -26.56 17.38 55.80
C THR F 262 -25.43 17.48 54.79
N LYS F 263 -25.52 16.70 53.72
CA LYS F 263 -24.47 16.73 52.70
C LYS F 263 -24.39 18.13 52.07
N SER F 264 -25.55 18.74 51.86
CA SER F 264 -25.62 20.06 51.27
C SER F 264 -24.91 21.04 52.20
N ARG F 265 -25.16 20.90 53.49
CA ARG F 265 -24.54 21.76 54.49
C ARG F 265 -23.02 21.59 54.48
N ASP F 266 -22.58 20.34 54.55
CA ASP F 266 -21.15 20.05 54.56
C ASP F 266 -20.42 20.56 53.33
N ALA F 267 -21.14 20.65 52.21
CA ALA F 267 -20.55 21.13 50.96
C ALA F 267 -20.39 22.64 50.95
N THR F 268 -21.09 23.32 51.85
CA THR F 268 -21.02 24.77 51.90
C THR F 268 -20.44 25.32 53.19
N SER F 269 -21.21 25.22 54.27
CA SER F 269 -20.78 25.75 55.56
C SER F 269 -20.07 24.75 56.46
N GLY F 270 -20.35 23.46 56.26
CA GLY F 270 -19.74 22.46 57.12
C GLY F 270 -20.49 22.52 58.45
N MET F 271 -20.15 21.64 59.39
CA MET F 271 -20.83 21.64 60.67
C MET F 271 -20.24 22.74 61.55
N PRO F 272 -21.02 23.26 62.49
CA PRO F 272 -20.52 24.32 63.38
C PRO F 272 -19.57 23.67 64.39
N PHE F 273 -18.40 24.27 64.59
CA PHE F 273 -17.43 23.75 65.56
C PHE F 273 -17.44 24.60 66.82
N THR F 274 -18.37 25.57 66.86
CA THR F 274 -18.48 26.49 68.00
C THR F 274 -18.70 25.81 69.35
N THR F 275 -17.75 25.95 70.25
CA THR F 275 -17.86 25.34 71.56
C THR F 275 -19.03 25.93 72.37
N LEU F 276 -19.05 27.25 72.52
CA LEU F 276 -20.09 27.91 73.32
C LEU F 276 -21.49 27.89 72.71
N GLY F 277 -21.57 27.70 71.41
CA GLY F 277 -22.86 27.65 70.75
C GLY F 277 -23.71 26.51 71.28
N TYR F 278 -23.13 25.32 71.36
CA TYR F 278 -23.83 24.15 71.87
C TYR F 278 -24.17 24.33 73.34
N LYS F 279 -23.19 24.75 74.12
CA LYS F 279 -23.41 24.93 75.55
C LYS F 279 -24.46 25.99 75.87
N ALA F 280 -24.49 27.08 75.10
CA ALA F 280 -25.46 28.15 75.36
C ALA F 280 -26.90 27.65 75.21
N CYS F 281 -27.13 26.82 74.20
CA CYS F 281 -28.47 26.28 73.98
C CYS F 281 -28.87 25.36 75.11
N GLU F 282 -27.93 24.50 75.52
CA GLU F 282 -28.20 23.57 76.60
C GLU F 282 -28.54 24.31 77.90
N ILE F 283 -27.75 25.32 78.26
CA ILE F 283 -27.98 26.09 79.47
C ILE F 283 -29.32 26.81 79.42
N CYS F 284 -29.65 27.38 78.27
CA CYS F 284 -30.92 28.09 78.13
C CYS F 284 -32.10 27.16 78.38
N TYR F 285 -32.08 26.01 77.73
CA TYR F 285 -33.16 25.05 77.88
C TYR F 285 -33.27 24.47 79.29
N LYS F 286 -32.13 24.21 79.92
CA LYS F 286 -32.13 23.65 81.26
C LYS F 286 -32.38 24.63 82.41
N GLU F 287 -31.88 25.86 82.27
CA GLU F 287 -32.00 26.81 83.39
C GLU F 287 -32.66 28.16 83.19
N CYS F 288 -33.01 28.53 81.96
CA CYS F 288 -33.57 29.87 81.75
C CYS F 288 -35.07 30.00 81.52
N GLY F 289 -35.81 28.93 81.81
CA GLY F 289 -37.25 28.94 81.62
C GLY F 289 -37.99 30.05 82.35
N LYS F 290 -37.55 30.36 83.56
CA LYS F 290 -38.21 31.40 84.35
C LYS F 290 -37.92 32.80 83.82
N TRP F 291 -36.72 32.99 83.26
CA TRP F 291 -36.37 34.29 82.70
C TRP F 291 -37.29 34.53 81.51
N LEU F 292 -37.51 33.48 80.72
CA LEU F 292 -38.38 33.56 79.55
C LEU F 292 -39.80 33.96 79.96
N ASP F 293 -40.31 33.38 81.04
CA ASP F 293 -41.66 33.72 81.51
C ASP F 293 -41.73 35.22 81.82
N GLY F 294 -40.71 35.73 82.49
CA GLY F 294 -40.68 37.15 82.83
C GLY F 294 -40.56 38.01 81.59
N CYS F 295 -39.80 37.54 80.61
CA CYS F 295 -39.63 38.29 79.36
C CYS F 295 -40.97 38.41 78.64
N ILE F 296 -41.64 37.27 78.46
CA ILE F 296 -42.93 37.25 77.80
C ILE F 296 -43.93 38.17 78.48
N LYS F 297 -43.89 38.23 79.81
CA LYS F 297 -44.81 39.10 80.53
C LYS F 297 -44.60 40.58 80.19
N VAL F 298 -43.34 40.98 80.02
CA VAL F 298 -43.03 42.37 79.67
C VAL F 298 -43.46 42.65 78.24
N ILE F 299 -43.25 41.67 77.37
CA ILE F 299 -43.64 41.80 75.98
C ILE F 299 -45.14 42.01 75.88
N ASP F 300 -45.89 41.18 76.61
CA ASP F 300 -47.36 41.27 76.60
C ASP F 300 -47.80 42.63 77.11
N LYS F 301 -47.10 43.13 78.12
CA LYS F 301 -47.41 44.45 78.69
C LYS F 301 -47.14 45.54 77.65
N ASN F 302 -46.06 45.40 76.88
CA ASN F 302 -45.71 46.39 75.88
C ASN F 302 -46.65 46.48 74.68
N GLN F 303 -47.12 45.34 74.17
CA GLN F 303 -48.04 45.39 73.04
C GLN F 303 -49.35 46.04 73.48
N ARG F 304 -49.71 45.88 74.74
CA ARG F 304 -50.94 46.49 75.26
C ARG F 304 -50.72 47.99 75.48
N ILE F 305 -49.47 48.38 75.72
CA ILE F 305 -49.13 49.78 75.88
C ILE F 305 -49.24 50.45 74.50
N VAL F 306 -48.70 49.77 73.49
CA VAL F 306 -48.73 50.26 72.11
C VAL F 306 -50.16 50.33 71.60
N LYS F 307 -50.93 49.29 71.84
CA LYS F 307 -52.33 49.27 71.40
C LYS F 307 -53.07 50.46 71.99
N ASP F 308 -52.95 50.63 73.30
CA ASP F 308 -53.62 51.72 74.01
C ASP F 308 -53.15 53.11 73.56
N PHE F 309 -51.86 53.23 73.26
CA PHE F 309 -51.31 54.51 72.82
C PHE F 309 -52.05 55.06 71.61
N PHE F 310 -52.21 54.22 70.60
CA PHE F 310 -52.89 54.66 69.40
C PHE F 310 -54.38 54.86 69.60
N GLU F 311 -55.01 54.00 70.38
CA GLU F 311 -56.44 54.14 70.61
C GLU F 311 -56.74 55.53 71.20
N VAL F 312 -55.93 55.93 72.19
CA VAL F 312 -56.11 57.20 72.87
C VAL F 312 -55.64 58.43 72.11
N ASN F 313 -54.50 58.32 71.43
CA ASN F 313 -53.90 59.46 70.72
C ASN F 313 -54.10 59.60 69.21
N HIS F 314 -54.06 58.50 68.48
CA HIS F 314 -54.23 58.53 67.04
C HIS F 314 -54.98 57.27 66.60
N PRO F 315 -56.26 57.15 67.01
CA PRO F 315 -57.15 56.03 66.72
C PRO F 315 -57.26 55.53 65.29
N GLU F 316 -56.94 56.37 64.31
CA GLU F 316 -57.02 55.91 62.93
C GLU F 316 -55.86 54.97 62.62
N ILE F 317 -54.85 54.95 63.49
CA ILE F 317 -53.69 54.06 63.34
C ILE F 317 -53.98 52.88 64.25
N LYS F 318 -53.86 51.65 63.73
CA LYS F 318 -54.18 50.46 64.51
C LYS F 318 -53.02 49.55 64.89
N ALA F 319 -53.00 49.16 66.16
CA ALA F 319 -51.97 48.28 66.70
C ALA F 319 -52.64 47.14 67.48
N PRO F 320 -53.25 46.18 66.77
CA PRO F 320 -53.90 45.07 67.48
C PRO F 320 -52.89 44.19 68.22
N LEU F 321 -53.36 43.47 69.23
CA LEU F 321 -52.47 42.59 69.98
C LEU F 321 -52.06 41.44 69.08
N ILE F 322 -50.92 40.82 69.36
CA ILE F 322 -50.42 39.69 68.57
C ILE F 322 -50.53 38.44 69.41
N GLU F 323 -50.40 37.28 68.77
CA GLU F 323 -50.49 36.02 69.47
C GLU F 323 -49.12 35.42 69.75
N GLY F 324 -48.14 35.80 68.93
CA GLY F 324 -46.80 35.28 69.08
C GLY F 324 -45.74 36.22 68.53
N THR F 325 -44.47 35.92 68.85
CA THR F 325 -43.30 36.70 68.48
C THR F 325 -43.36 37.93 69.37
N TYR F 326 -42.33 38.77 69.35
CA TYR F 326 -42.37 40.00 70.13
C TYR F 326 -42.41 41.18 69.15
N LEU F 327 -42.87 40.90 67.93
CA LEU F 327 -42.95 41.90 66.88
C LEU F 327 -44.40 42.25 66.53
N GLN F 328 -44.83 43.44 66.94
CA GLN F 328 -46.20 43.89 66.70
C GLN F 328 -46.31 44.60 65.35
N TRP F 329 -47.42 44.36 64.67
CA TRP F 329 -47.72 44.90 63.34
C TRP F 329 -48.65 46.11 63.42
N ILE F 330 -48.17 47.30 63.05
CA ILE F 330 -48.98 48.51 63.12
C ILE F 330 -49.46 49.00 61.75
N ASP F 331 -50.76 49.22 61.64
CA ASP F 331 -51.39 49.68 60.39
C ASP F 331 -51.45 51.20 60.33
N PHE F 332 -50.58 51.81 59.53
CA PHE F 332 -50.55 53.27 59.37
C PHE F 332 -51.23 53.73 58.08
N ARG F 333 -51.82 52.81 57.33
CA ARG F 333 -52.46 53.16 56.07
C ARG F 333 -53.44 54.34 56.12
N ALA F 334 -54.07 54.57 57.27
CA ALA F 334 -55.02 55.69 57.39
C ALA F 334 -54.33 57.05 57.21
N LEU F 335 -53.00 57.08 57.30
CA LEU F 335 -52.26 58.33 57.13
C LEU F 335 -52.19 58.74 55.66
N LYS F 336 -52.40 57.77 54.78
CA LYS F 336 -52.33 58.02 53.34
C LYS F 336 -50.96 58.57 52.94
N MET F 337 -49.92 58.09 53.61
CA MET F 337 -48.53 58.48 53.33
C MET F 337 -47.92 57.30 52.59
N ASP F 338 -47.28 57.54 51.45
CA ASP F 338 -46.68 56.43 50.70
C ASP F 338 -45.55 55.83 51.53
N HIS F 339 -45.18 54.59 51.24
CA HIS F 339 -44.16 53.93 52.04
C HIS F 339 -42.84 54.67 52.13
N LYS F 340 -42.41 55.30 51.04
CA LYS F 340 -41.14 56.02 51.06
C LYS F 340 -41.22 57.27 51.93
N ALA F 341 -42.36 57.95 51.86
CA ALA F 341 -42.54 59.16 52.66
C ALA F 341 -42.66 58.80 54.15
N MET F 342 -43.39 57.73 54.44
CA MET F 342 -43.59 57.31 55.82
C MET F 342 -42.26 56.89 56.45
N GLU F 343 -41.41 56.18 55.69
CA GLU F 343 -40.13 55.76 56.21
C GLU F 343 -39.28 56.98 56.56
N GLU F 344 -39.27 57.95 55.66
CA GLU F 344 -38.51 59.17 55.85
C GLU F 344 -38.99 59.86 57.13
N PHE F 345 -40.31 59.87 57.31
CA PHE F 345 -40.93 60.48 58.49
C PHE F 345 -40.51 59.79 59.79
N MET F 346 -40.57 58.46 59.81
CA MET F 346 -40.21 57.72 61.02
C MET F 346 -38.76 57.91 61.41
N ILE F 347 -37.86 57.80 60.45
CA ILE F 347 -36.44 57.95 60.71
C ILE F 347 -35.99 59.36 61.10
N HIS F 348 -36.45 60.37 60.37
CA HIS F 348 -36.03 61.74 60.63
C HIS F 348 -36.91 62.63 61.50
N LYS F 349 -38.23 62.46 61.44
CA LYS F 349 -39.11 63.31 62.24
C LYS F 349 -39.42 62.71 63.61
N ALA F 350 -39.79 61.45 63.63
CA ALA F 350 -40.12 60.78 64.89
C ALA F 350 -38.91 60.06 65.47
N GLN F 351 -37.89 59.82 64.65
CA GLN F 351 -36.72 59.12 65.11
C GLN F 351 -37.12 57.84 65.84
N ILE F 352 -38.05 57.12 65.22
CA ILE F 352 -38.53 55.85 65.74
C ILE F 352 -38.15 54.90 64.63
N PHE F 353 -37.25 53.98 64.94
CA PHE F 353 -36.80 53.05 63.93
C PHE F 353 -37.52 51.71 63.97
N PHE F 354 -38.59 51.63 63.18
CA PHE F 354 -39.37 50.40 63.07
C PHE F 354 -38.69 49.60 61.98
N ASP F 355 -39.26 48.44 61.67
CA ASP F 355 -38.78 47.66 60.54
C ASP F 355 -39.94 48.04 59.62
N GLU F 356 -39.66 48.88 58.62
CA GLU F 356 -40.69 49.35 57.70
C GLU F 356 -41.46 48.19 57.07
N GLY F 357 -42.78 48.25 57.19
CA GLY F 357 -43.64 47.20 56.66
C GLY F 357 -43.39 46.72 55.24
N TYR F 358 -43.09 47.63 54.33
CA TYR F 358 -42.88 47.25 52.94
C TYR F 358 -41.73 46.27 52.67
N ILE F 359 -40.77 46.17 53.57
CA ILE F 359 -39.66 45.24 53.33
C ILE F 359 -40.09 43.78 53.42
N PHE F 360 -41.28 43.52 53.95
CA PHE F 360 -41.75 42.15 54.08
C PHE F 360 -42.62 41.76 52.89
N GLY F 361 -42.72 42.66 51.91
CA GLY F 361 -43.52 42.40 50.73
C GLY F 361 -44.48 43.55 50.51
N ASP F 362 -45.03 43.65 49.31
CA ASP F 362 -45.96 44.73 49.01
C ASP F 362 -47.16 44.73 49.94
N GLY F 363 -47.46 43.57 50.52
CA GLY F 363 -48.58 43.48 51.42
C GLY F 363 -48.29 44.26 52.70
N GLY F 364 -47.01 44.54 52.94
CA GLY F 364 -46.61 45.27 54.12
C GLY F 364 -46.58 46.77 53.96
N ILE F 365 -46.79 47.24 52.74
CA ILE F 365 -46.78 48.68 52.50
C ILE F 365 -47.85 49.36 53.36
N GLY F 366 -47.44 50.37 54.12
CA GLY F 366 -48.40 51.06 54.96
C GLY F 366 -48.40 50.57 56.40
N PHE F 367 -47.66 49.50 56.66
CA PHE F 367 -47.57 48.95 58.01
C PHE F 367 -46.18 49.20 58.56
N GLU F 368 -46.03 49.02 59.87
CA GLU F 368 -44.75 49.19 60.54
C GLU F 368 -44.63 48.07 61.56
N ARG F 369 -43.44 47.47 61.66
CA ARG F 369 -43.22 46.41 62.63
C ARG F 369 -42.39 46.96 63.79
N ILE F 370 -42.91 46.83 65.01
CA ILE F 370 -42.22 47.33 66.18
C ILE F 370 -41.70 46.19 67.07
N ASN F 371 -40.46 46.32 67.52
CA ASN F 371 -39.80 45.33 68.37
C ASN F 371 -40.14 45.65 69.83
N LEU F 372 -41.02 44.84 70.41
CA LEU F 372 -41.49 45.02 71.78
C LEU F 372 -40.53 44.55 72.88
N ALA F 373 -39.44 43.89 72.49
CA ALA F 373 -38.48 43.40 73.48
C ALA F 373 -37.55 44.49 73.96
N ALA F 374 -38.06 45.31 74.86
CA ALA F 374 -37.30 46.41 75.45
C ALA F 374 -38.07 46.85 76.68
N PRO F 375 -37.42 47.60 77.59
CA PRO F 375 -38.13 48.06 78.79
C PRO F 375 -39.36 48.87 78.41
N SER F 376 -40.44 48.70 79.16
CA SER F 376 -41.66 49.45 78.86
C SER F 376 -41.37 50.96 78.79
N SER F 377 -40.50 51.44 79.67
CA SER F 377 -40.17 52.86 79.68
C SER F 377 -39.57 53.29 78.34
N VAL F 378 -38.81 52.40 77.72
CA VAL F 378 -38.19 52.71 76.43
C VAL F 378 -39.27 52.75 75.35
N ILE F 379 -40.22 51.82 75.41
CA ILE F 379 -41.32 51.81 74.44
C ILE F 379 -42.09 53.11 74.58
N GLN F 380 -42.37 53.51 75.82
CA GLN F 380 -43.10 54.76 76.07
C GLN F 380 -42.36 55.98 75.53
N GLU F 381 -41.03 56.03 75.71
CA GLU F 381 -40.26 57.16 75.22
C GLU F 381 -40.38 57.28 73.71
N SER F 382 -40.26 56.14 73.03
CA SER F 382 -40.36 56.12 71.58
C SER F 382 -41.74 56.58 71.14
N LEU F 383 -42.78 56.07 71.81
CA LEU F 383 -44.14 56.43 71.46
C LEU F 383 -44.42 57.92 71.65
N GLU F 384 -43.92 58.52 72.72
CA GLU F 384 -44.16 59.94 72.94
C GLU F 384 -43.49 60.78 71.86
N ARG F 385 -42.34 60.32 71.37
CA ARG F 385 -41.60 61.00 70.32
C ARG F 385 -42.42 60.90 69.03
N LEU F 386 -43.01 59.74 68.80
CA LEU F 386 -43.84 59.53 67.62
C LEU F 386 -45.09 60.41 67.76
N ASN F 387 -45.61 60.45 68.98
CA ASN F 387 -46.79 61.24 69.27
C ASN F 387 -46.59 62.69 68.83
N LYS F 388 -45.49 63.30 69.24
CA LYS F 388 -45.17 64.68 68.88
C LYS F 388 -45.04 64.87 67.37
N ALA F 389 -44.39 63.91 66.72
CA ALA F 389 -44.17 63.98 65.27
C ALA F 389 -45.48 63.86 64.49
N LEU F 390 -46.38 62.99 64.95
CA LEU F 390 -47.66 62.81 64.28
C LEU F 390 -48.55 64.03 64.41
N LYS F 391 -48.51 64.69 65.57
CA LYS F 391 -49.34 65.88 65.77
C LYS F 391 -48.88 67.01 64.85
N ASP F 392 -47.58 67.07 64.59
CA ASP F 392 -47.00 68.10 63.72
C ASP F 392 -47.31 67.79 62.27
N LEU F 393 -47.26 66.51 61.92
CA LEU F 393 -47.52 66.07 60.56
C LEU F 393 -48.84 66.63 60.04
N LYS F 394 -49.90 66.47 60.82
CA LYS F 394 -51.23 66.97 60.45
C LYS F 394 -51.53 66.75 58.97
N MET G 1 -4.61 -39.30 32.54
CA MET G 1 -5.58 -38.83 31.51
C MET G 1 -4.88 -38.75 30.15
N ILE G 2 -5.33 -39.57 29.21
CA ILE G 2 -4.73 -39.60 27.88
C ILE G 2 -5.27 -38.41 27.07
N TYR G 3 -4.38 -37.75 26.32
CA TYR G 3 -4.78 -36.57 25.54
C TYR G 3 -4.77 -36.81 24.04
N ASP G 4 -5.78 -36.28 23.37
CA ASP G 4 -5.94 -36.42 21.93
C ASP G 4 -5.60 -35.15 21.16
N PHE G 5 -4.45 -35.16 20.47
CA PHE G 5 -4.02 -34.04 19.66
C PHE G 5 -3.82 -34.57 18.23
N THR G 6 -4.44 -35.72 17.94
CA THR G 6 -4.31 -36.38 16.64
C THR G 6 -5.57 -36.47 15.76
N THR G 7 -6.73 -36.59 16.38
CA THR G 7 -7.98 -36.72 15.63
C THR G 7 -8.34 -35.48 14.82
N LYS G 8 -8.54 -35.67 13.52
CA LYS G 8 -8.91 -34.57 12.64
C LYS G 8 -10.39 -34.27 12.88
N ILE G 9 -10.69 -33.09 13.42
CA ILE G 9 -12.09 -32.78 13.69
C ILE G 9 -12.72 -31.93 12.61
N SER G 10 -14.05 -31.90 12.62
CA SER G 10 -14.83 -31.14 11.66
C SER G 10 -15.82 -30.28 12.43
N ARG G 11 -15.89 -29.00 12.08
CA ARG G 11 -16.81 -28.08 12.74
C ARG G 11 -17.74 -27.42 11.74
N LYS G 12 -18.13 -28.19 10.72
CA LYS G 12 -19.03 -27.67 9.69
C LYS G 12 -20.43 -27.51 10.27
N ASN G 13 -21.09 -26.41 9.94
CA ASN G 13 -22.44 -26.10 10.40
C ASN G 13 -22.65 -26.31 11.90
N LEU G 14 -21.63 -25.97 12.69
CA LEU G 14 -21.69 -26.12 14.14
C LEU G 14 -21.64 -24.78 14.87
N GLY G 15 -21.76 -23.69 14.13
CA GLY G 15 -21.72 -22.37 14.74
C GLY G 15 -20.30 -21.82 14.86
N SER G 16 -19.35 -22.53 14.28
CA SER G 16 -17.96 -22.09 14.34
C SER G 16 -17.76 -20.90 13.41
N LEU G 17 -17.40 -19.75 13.98
CA LEU G 17 -17.16 -18.57 13.18
C LEU G 17 -16.06 -18.83 12.18
N LYS G 18 -15.00 -19.51 12.62
CA LYS G 18 -13.89 -19.82 11.73
C LYS G 18 -14.35 -20.66 10.53
N TRP G 19 -14.98 -21.79 10.80
CA TRP G 19 -15.45 -22.65 9.72
C TRP G 19 -16.53 -22.01 8.85
N ASP G 20 -17.44 -21.25 9.45
CA ASP G 20 -18.48 -20.61 8.67
C ASP G 20 -17.88 -19.57 7.72
N LEU G 21 -16.82 -18.90 8.15
CA LEU G 21 -16.17 -17.91 7.30
C LEU G 21 -15.57 -18.60 6.08
N MET G 22 -14.95 -19.75 6.30
CA MET G 22 -14.35 -20.53 5.22
C MET G 22 -15.37 -20.83 4.13
N TYR G 23 -16.51 -21.40 4.50
CA TYR G 23 -17.55 -21.73 3.52
C TYR G 23 -18.12 -20.50 2.83
N SER G 24 -18.16 -19.38 3.56
CA SER G 24 -18.67 -18.14 3.01
C SER G 24 -17.73 -17.61 1.94
N GLN G 25 -16.43 -17.75 2.18
CA GLN G 25 -15.41 -17.29 1.24
C GLN G 25 -15.31 -18.23 0.05
N ASN G 26 -15.50 -19.52 0.29
CA ASN G 26 -15.41 -20.52 -0.77
C ASN G 26 -16.43 -21.63 -0.56
N PRO G 27 -17.63 -21.46 -1.12
CA PRO G 27 -18.71 -22.46 -1.00
C PRO G 27 -18.32 -23.78 -1.64
N GLU G 28 -17.34 -23.74 -2.54
CA GLU G 28 -16.87 -24.93 -3.25
C GLU G 28 -15.80 -25.73 -2.50
N VAL G 29 -15.34 -25.22 -1.36
CA VAL G 29 -14.28 -25.91 -0.60
C VAL G 29 -14.54 -27.39 -0.36
N GLY G 30 -13.50 -28.20 -0.47
CA GLY G 30 -13.63 -29.64 -0.27
C GLY G 30 -13.92 -30.03 1.17
N ASN G 31 -14.61 -31.15 1.34
CA ASN G 31 -14.97 -31.64 2.68
C ASN G 31 -13.79 -32.08 3.54
N GLU G 32 -12.62 -32.21 2.93
CA GLU G 32 -11.44 -32.63 3.67
C GLU G 32 -10.63 -31.43 4.18
N VAL G 33 -11.01 -30.24 3.76
CA VAL G 33 -10.30 -29.03 4.15
C VAL G 33 -10.57 -28.50 5.55
N VAL G 34 -9.50 -28.15 6.24
CA VAL G 34 -9.58 -27.59 7.59
C VAL G 34 -9.02 -26.17 7.55
N PRO G 35 -9.80 -25.18 8.01
CA PRO G 35 -9.34 -23.80 8.02
C PRO G 35 -8.25 -23.61 9.07
N LEU G 36 -7.24 -22.81 8.73
CA LEU G 36 -6.11 -22.57 9.63
C LEU G 36 -5.99 -21.07 9.86
N SER G 37 -7.13 -20.42 10.06
CA SER G 37 -7.19 -18.98 10.22
C SER G 37 -7.41 -18.47 11.64
N VAL G 38 -8.68 -18.28 12.01
CA VAL G 38 -9.07 -17.79 13.33
C VAL G 38 -8.38 -18.49 14.47
N ALA G 39 -7.94 -17.70 15.45
CA ALA G 39 -7.23 -18.23 16.58
C ALA G 39 -8.00 -18.98 17.68
N ASP G 40 -8.50 -20.16 17.33
CA ASP G 40 -9.10 -21.07 18.30
C ASP G 40 -8.60 -22.42 17.79
N MET G 41 -8.41 -23.37 18.68
CA MET G 41 -7.82 -24.66 18.32
C MET G 41 -8.68 -25.75 17.69
N GLU G 42 -8.06 -26.51 16.78
CA GLU G 42 -8.76 -27.63 16.15
C GLU G 42 -8.44 -28.87 16.98
N PHE G 43 -8.58 -28.72 18.30
CA PHE G 43 -8.35 -29.80 19.26
C PHE G 43 -9.56 -29.80 20.21
N LYS G 44 -9.92 -30.98 20.74
CA LYS G 44 -11.01 -30.99 21.71
C LYS G 44 -10.40 -30.35 22.96
N ASN G 45 -11.25 -29.85 23.84
CA ASN G 45 -10.78 -29.21 25.06
C ASN G 45 -10.22 -30.25 26.03
N PRO G 46 -9.46 -29.80 27.04
CA PRO G 46 -8.86 -30.70 28.03
C PRO G 46 -9.93 -31.61 28.66
N PRO G 47 -9.66 -32.93 28.72
CA PRO G 47 -10.61 -33.89 29.30
C PRO G 47 -11.01 -33.50 30.73
N GLU G 48 -10.06 -33.00 31.51
CA GLU G 48 -10.32 -32.59 32.88
C GLU G 48 -11.33 -31.45 32.95
N LEU G 49 -11.31 -30.59 31.93
CA LEU G 49 -12.23 -29.46 31.89
C LEU G 49 -13.64 -29.94 31.60
N ILE G 50 -13.77 -30.74 30.56
CA ILE G 50 -15.08 -31.27 30.17
C ILE G 50 -15.70 -32.06 31.31
N GLU G 51 -14.92 -32.94 31.92
CA GLU G 51 -15.42 -33.75 33.03
C GLU G 51 -15.78 -32.85 34.22
N GLY G 52 -14.98 -31.81 34.43
CA GLY G 52 -15.22 -30.89 35.54
C GLY G 52 -16.48 -30.06 35.37
N LEU G 53 -16.71 -29.60 34.16
CA LEU G 53 -17.89 -28.80 33.89
C LEU G 53 -19.15 -29.67 34.00
N LYS G 54 -19.07 -30.91 33.52
CA LYS G 54 -20.21 -31.82 33.60
C LYS G 54 -20.56 -32.06 35.06
N LYS G 55 -19.53 -32.28 35.87
CA LYS G 55 -19.69 -32.50 37.30
C LYS G 55 -20.32 -31.26 37.94
N TYR G 56 -19.81 -30.10 37.56
CA TYR G 56 -20.31 -28.84 38.11
C TYR G 56 -21.79 -28.64 37.84
N LEU G 57 -22.26 -29.09 36.67
CA LEU G 57 -23.66 -28.95 36.31
C LEU G 57 -24.60 -29.66 37.27
N ASP G 58 -24.09 -30.66 37.98
CA ASP G 58 -24.91 -31.41 38.95
C ASP G 58 -24.82 -30.75 40.32
N GLU G 59 -23.93 -29.78 40.48
CA GLU G 59 -23.73 -29.16 41.77
C GLU G 59 -24.21 -27.72 41.89
N THR G 60 -24.52 -27.09 40.77
CA THR G 60 -24.95 -25.70 40.86
C THR G 60 -26.22 -25.42 40.09
N VAL G 61 -26.67 -24.17 40.19
CA VAL G 61 -27.86 -23.70 39.51
C VAL G 61 -27.35 -22.56 38.63
N LEU G 62 -27.79 -22.53 37.36
CA LEU G 62 -27.33 -21.53 36.40
C LEU G 62 -27.87 -20.12 36.58
N GLY G 63 -27.93 -19.64 37.82
CA GLY G 63 -28.43 -18.30 38.08
C GLY G 63 -27.36 -17.21 37.99
N TYR G 64 -27.69 -16.03 38.51
CA TYR G 64 -26.76 -14.90 38.50
C TYR G 64 -25.54 -15.31 39.33
N THR G 65 -24.40 -15.39 38.65
CA THR G 65 -23.18 -15.83 39.30
C THR G 65 -22.01 -14.86 39.18
N GLY G 66 -21.11 -14.93 40.16
CA GLY G 66 -19.93 -14.09 40.18
C GLY G 66 -18.76 -14.90 40.68
N PRO G 67 -17.56 -14.32 40.74
CA PRO G 67 -16.33 -14.98 41.21
C PRO G 67 -16.35 -15.33 42.69
N THR G 68 -15.94 -16.54 43.03
CA THR G 68 -15.88 -16.95 44.43
C THR G 68 -14.49 -16.50 44.91
N GLU G 69 -14.25 -16.56 46.21
CA GLU G 69 -12.95 -16.18 46.71
C GLU G 69 -11.94 -17.21 46.26
N GLU G 70 -12.38 -18.46 46.18
CA GLU G 70 -11.53 -19.56 45.74
C GLU G 70 -11.09 -19.32 44.29
N TYR G 71 -12.00 -18.76 43.49
CA TYR G 71 -11.73 -18.46 42.09
C TYR G 71 -10.57 -17.45 42.00
N LYS G 72 -10.71 -16.35 42.74
CA LYS G 72 -9.68 -15.32 42.72
C LYS G 72 -8.33 -15.83 43.23
N LYS G 73 -8.35 -16.65 44.27
CA LYS G 73 -7.10 -17.18 44.80
C LYS G 73 -6.46 -18.09 43.76
N THR G 74 -7.28 -18.77 42.98
CA THR G 74 -6.78 -19.67 41.95
C THR G 74 -6.12 -18.87 40.83
N VAL G 75 -6.74 -17.76 40.44
CA VAL G 75 -6.17 -16.91 39.41
C VAL G 75 -4.86 -16.33 39.94
N LYS G 76 -4.85 -15.97 41.22
CA LYS G 76 -3.67 -15.41 41.86
C LYS G 76 -2.54 -16.45 41.87
N LYS G 77 -2.87 -17.69 42.23
CA LYS G 77 -1.88 -18.76 42.28
C LYS G 77 -1.27 -19.06 40.91
N TRP G 78 -2.10 -19.02 39.88
CA TRP G 78 -1.62 -19.30 38.53
C TRP G 78 -0.57 -18.26 38.12
N MET G 79 -0.82 -17.00 38.45
CA MET G 79 0.13 -15.94 38.11
C MET G 79 1.46 -16.16 38.83
N LYS G 80 1.40 -16.53 40.11
CA LYS G 80 2.61 -16.77 40.88
C LYS G 80 3.37 -18.01 40.38
N ASP G 81 2.70 -19.15 40.37
CA ASP G 81 3.31 -20.40 39.93
C ASP G 81 3.79 -20.39 38.49
N ARG G 82 2.98 -19.82 37.59
CA ARG G 82 3.32 -19.80 36.18
C ARG G 82 4.10 -18.59 35.67
N HIS G 83 3.99 -17.45 36.34
CA HIS G 83 4.71 -16.27 35.85
C HIS G 83 5.49 -15.47 36.90
N GLN G 84 5.65 -16.04 38.10
CA GLN G 84 6.37 -15.36 39.17
C GLN G 84 5.86 -13.93 39.29
N TRP G 85 4.54 -13.80 39.24
CA TRP G 85 3.89 -12.50 39.32
C TRP G 85 2.95 -12.49 40.53
N ASP G 86 3.27 -11.64 41.50
CA ASP G 86 2.48 -11.53 42.72
C ASP G 86 1.39 -10.50 42.54
N ILE G 87 0.14 -10.95 42.50
CA ILE G 87 -0.98 -10.03 42.36
C ILE G 87 -1.86 -10.16 43.58
N GLN G 88 -2.76 -9.20 43.78
CA GLN G 88 -3.70 -9.24 44.89
C GLN G 88 -5.05 -9.62 44.27
N THR G 89 -5.86 -10.37 45.02
CA THR G 89 -7.15 -10.79 44.49
C THR G 89 -8.07 -9.63 44.10
N ASP G 90 -7.93 -8.48 44.76
CA ASP G 90 -8.79 -7.36 44.40
C ASP G 90 -8.34 -6.60 43.16
N TRP G 91 -7.23 -7.04 42.54
CA TRP G 91 -6.73 -6.42 41.31
C TRP G 91 -7.53 -7.00 40.14
N ILE G 92 -8.20 -8.12 40.40
CA ILE G 92 -8.96 -8.85 39.39
C ILE G 92 -10.35 -8.34 39.03
N ILE G 93 -10.51 -7.85 37.80
CA ILE G 93 -11.81 -7.41 37.30
C ILE G 93 -12.13 -8.32 36.13
N ASN G 94 -13.37 -8.78 36.04
CA ASN G 94 -13.75 -9.70 34.97
C ASN G 94 -14.58 -9.08 33.84
N THR G 95 -14.34 -9.57 32.62
CA THR G 95 -15.06 -9.12 31.44
C THR G 95 -15.33 -10.37 30.59
N ALA G 96 -16.24 -10.25 29.62
CA ALA G 96 -16.56 -11.38 28.76
C ALA G 96 -15.69 -11.28 27.51
N GLY G 97 -14.39 -11.47 27.70
CA GLY G 97 -13.46 -11.39 26.59
C GLY G 97 -12.50 -10.21 26.73
N VAL G 98 -11.31 -10.35 26.15
CA VAL G 98 -10.30 -9.30 26.23
C VAL G 98 -10.61 -8.11 25.31
N VAL G 99 -11.13 -8.39 24.12
CA VAL G 99 -11.44 -7.30 23.21
C VAL G 99 -12.40 -6.31 23.87
N PRO G 100 -13.48 -6.79 24.50
CA PRO G 100 -14.40 -5.84 25.14
C PRO G 100 -13.67 -5.04 26.22
N ALA G 101 -12.68 -5.66 26.87
CA ALA G 101 -11.91 -4.98 27.90
C ALA G 101 -11.12 -3.84 27.26
N VAL G 102 -10.48 -4.13 26.13
CA VAL G 102 -9.70 -3.13 25.43
C VAL G 102 -10.59 -1.96 25.00
N PHE G 103 -11.74 -2.26 24.41
CA PHE G 103 -12.67 -1.20 23.99
C PHE G 103 -13.06 -0.35 25.20
N ASN G 104 -13.17 -0.99 26.35
CA ASN G 104 -13.55 -0.31 27.58
C ASN G 104 -12.44 0.63 28.06
N ALA G 105 -11.19 0.22 27.85
CA ALA G 105 -10.05 1.03 28.26
C ALA G 105 -9.99 2.30 27.42
N VAL G 106 -10.21 2.15 26.12
CA VAL G 106 -10.21 3.28 25.20
C VAL G 106 -11.35 4.24 25.55
N ARG G 107 -12.52 3.68 25.81
CA ARG G 107 -13.69 4.46 26.17
C ARG G 107 -13.46 5.28 27.44
N GLU G 108 -12.96 4.63 28.47
CA GLU G 108 -12.73 5.27 29.76
C GLU G 108 -11.50 6.16 29.91
N PHE G 109 -10.38 5.78 29.31
CA PHE G 109 -9.17 6.57 29.49
C PHE G 109 -8.67 7.45 28.33
N THR G 110 -9.55 7.74 27.39
CA THR G 110 -9.22 8.60 26.27
C THR G 110 -10.51 9.27 25.79
N LYS G 111 -10.37 10.30 24.98
CA LYS G 111 -11.52 11.01 24.43
C LYS G 111 -11.37 11.05 22.91
N PRO G 112 -12.47 11.30 22.19
CA PRO G 112 -12.35 11.34 20.73
C PRO G 112 -11.21 12.28 20.31
N GLY G 113 -10.38 11.84 19.38
CA GLY G 113 -9.28 12.67 18.94
C GLY G 113 -7.96 12.31 19.60
N ASP G 114 -8.02 11.70 20.78
CA ASP G 114 -6.81 11.29 21.49
C ASP G 114 -6.13 10.17 20.71
N GLY G 115 -4.84 10.01 20.92
CA GLY G 115 -4.12 8.97 20.22
C GLY G 115 -3.77 7.80 21.11
N VAL G 116 -3.73 6.62 20.51
CA VAL G 116 -3.36 5.39 21.20
C VAL G 116 -2.28 4.77 20.32
N ILE G 117 -1.13 4.49 20.92
CA ILE G 117 -0.03 3.90 20.19
C ILE G 117 -0.08 2.38 20.18
N ILE G 118 0.05 1.80 18.99
CA ILE G 118 0.07 0.35 18.86
C ILE G 118 1.30 -0.02 18.03
N ILE G 119 1.90 -1.15 18.34
CA ILE G 119 3.09 -1.61 17.64
C ILE G 119 2.59 -2.55 16.54
N THR G 120 2.75 -2.12 15.30
CA THR G 120 2.28 -2.86 14.13
C THR G 120 3.34 -3.56 13.29
N PRO G 121 2.95 -4.58 12.51
CA PRO G 121 1.58 -5.10 12.37
C PRO G 121 1.15 -5.82 13.64
N VAL G 122 -0.15 -5.85 13.92
CA VAL G 122 -0.63 -6.50 15.13
C VAL G 122 -2.10 -6.91 15.05
N TYR G 123 -2.49 -7.77 15.98
CA TYR G 123 -3.86 -8.26 16.12
C TYR G 123 -4.81 -7.12 15.69
N TYR G 124 -5.54 -7.33 14.60
CA TYR G 124 -6.40 -6.28 14.07
C TYR G 124 -7.48 -5.65 14.96
N PRO G 125 -8.05 -6.40 15.92
CA PRO G 125 -9.06 -5.71 16.72
C PRO G 125 -8.51 -4.48 17.43
N PHE G 126 -7.18 -4.41 17.55
CA PHE G 126 -6.54 -3.26 18.19
C PHE G 126 -6.89 -1.99 17.40
N PHE G 127 -6.84 -2.08 16.08
CA PHE G 127 -7.16 -0.95 15.21
C PHE G 127 -8.61 -0.51 15.38
N MET G 128 -9.50 -1.50 15.43
CA MET G 128 -10.93 -1.26 15.57
C MET G 128 -11.29 -0.59 16.90
N ALA G 129 -10.74 -1.11 17.99
CA ALA G 129 -11.00 -0.58 19.32
C ALA G 129 -10.66 0.90 19.43
N ILE G 130 -9.77 1.37 18.57
CA ILE G 130 -9.35 2.77 18.59
C ILE G 130 -10.13 3.70 17.66
N LYS G 131 -10.11 3.41 16.36
CA LYS G 131 -10.78 4.27 15.40
C LYS G 131 -12.31 4.18 15.38
N ASN G 132 -12.85 3.00 15.66
CA ASN G 132 -14.30 2.83 15.69
C ASN G 132 -14.89 3.68 16.82
N GLN G 133 -14.02 4.22 17.66
CA GLN G 133 -14.47 5.07 18.76
C GLN G 133 -13.96 6.48 18.55
N GLU G 134 -13.53 6.76 17.33
CA GLU G 134 -13.01 8.07 16.93
C GLU G 134 -11.73 8.52 17.63
N ARG G 135 -10.94 7.57 18.12
CA ARG G 135 -9.66 7.90 18.73
C ARG G 135 -8.69 7.77 17.56
N LYS G 136 -7.43 8.17 17.75
CA LYS G 136 -6.47 8.08 16.65
C LYS G 136 -5.48 6.94 16.80
N ILE G 137 -5.29 6.18 15.73
CA ILE G 137 -4.34 5.07 15.74
C ILE G 137 -2.94 5.61 15.46
N ILE G 138 -2.06 5.53 16.44
CA ILE G 138 -0.68 6.00 16.28
C ILE G 138 0.20 4.77 16.10
N GLU G 139 0.59 4.51 14.86
CA GLU G 139 1.41 3.35 14.55
C GLU G 139 2.91 3.48 14.74
N CYS G 140 3.46 2.55 15.50
CA CYS G 140 4.91 2.48 15.74
C CYS G 140 5.28 1.15 15.10
N GLU G 141 5.55 1.19 13.80
CA GLU G 141 5.88 0.00 13.03
C GLU G 141 7.08 -0.78 13.55
N LEU G 142 6.96 -2.11 13.53
CA LEU G 142 8.04 -2.97 13.98
C LEU G 142 9.11 -3.02 12.90
N LEU G 143 10.36 -3.20 13.31
CA LEU G 143 11.47 -3.31 12.38
C LEU G 143 11.57 -4.78 11.99
N GLU G 144 11.50 -5.07 10.69
CA GLU G 144 11.61 -6.46 10.26
C GLU G 144 12.95 -6.70 9.56
N LYS G 145 13.83 -7.43 10.23
CA LYS G 145 15.15 -7.74 9.67
C LYS G 145 15.32 -9.24 9.50
N ASP G 146 15.38 -9.70 8.26
CA ASP G 146 15.55 -11.12 8.00
C ASP G 146 14.49 -11.95 8.72
N GLY G 147 13.25 -11.46 8.74
CA GLY G 147 12.17 -12.18 9.38
C GLY G 147 12.01 -12.02 10.88
N TYR G 148 12.93 -11.34 11.55
CA TYR G 148 12.80 -11.17 12.99
C TYR G 148 12.32 -9.75 13.29
N TYR G 149 11.25 -9.65 14.08
CA TYR G 149 10.68 -8.36 14.42
C TYR G 149 11.18 -7.79 15.74
N THR G 150 11.57 -6.51 15.71
CA THR G 150 12.06 -5.83 16.91
C THR G 150 11.42 -4.44 17.03
N ILE G 151 11.53 -3.84 18.20
CA ILE G 151 10.95 -2.52 18.46
C ILE G 151 11.77 -1.35 17.94
N ASP G 152 11.10 -0.35 17.39
CA ASP G 152 11.78 0.85 16.92
C ASP G 152 11.72 1.78 18.12
N PHE G 153 12.68 1.64 19.03
CA PHE G 153 12.69 2.47 20.22
C PHE G 153 12.72 3.97 19.97
N GLN G 154 13.49 4.39 18.97
CA GLN G 154 13.58 5.82 18.65
C GLN G 154 12.21 6.39 18.32
N LYS G 155 11.47 5.72 17.44
CA LYS G 155 10.15 6.20 17.07
C LYS G 155 9.21 6.16 18.26
N LEU G 156 9.29 5.09 19.05
CA LEU G 156 8.42 4.94 20.21
C LEU G 156 8.65 6.09 21.19
N GLU G 157 9.91 6.41 21.44
CA GLU G 157 10.20 7.50 22.37
C GLU G 157 9.64 8.80 21.82
N LYS G 158 9.86 9.04 20.53
CA LYS G 158 9.35 10.23 19.88
C LYS G 158 7.85 10.33 20.11
N LEU G 159 7.13 9.27 19.72
CA LEU G 159 5.68 9.22 19.89
C LEU G 159 5.24 9.48 21.32
N SER G 160 6.00 8.98 22.29
CA SER G 160 5.66 9.15 23.70
C SER G 160 5.73 10.61 24.14
N LYS G 161 6.43 11.43 23.37
CA LYS G 161 6.57 12.86 23.68
C LYS G 161 5.38 13.67 23.19
N ASP G 162 4.56 13.07 22.35
CA ASP G 162 3.36 13.73 21.84
C ASP G 162 2.29 13.60 22.91
N LYS G 163 1.96 14.71 23.56
CA LYS G 163 0.96 14.74 24.62
C LYS G 163 -0.42 14.24 24.23
N ASN G 164 -0.73 14.28 22.94
CA ASN G 164 -2.04 13.83 22.48
C ASN G 164 -2.17 12.30 22.56
N ASN G 165 -1.07 11.60 22.74
CA ASN G 165 -1.10 10.15 22.85
C ASN G 165 -1.25 9.81 24.33
N LYS G 166 -2.33 9.10 24.65
CA LYS G 166 -2.64 8.77 26.04
C LYS G 166 -2.21 7.39 26.56
N ALA G 167 -1.94 6.47 25.66
CA ALA G 167 -1.53 5.14 26.10
C ALA G 167 -0.86 4.31 25.01
N LEU G 168 -0.18 3.26 25.45
CA LEU G 168 0.47 2.34 24.55
C LEU G 168 -0.26 1.01 24.72
N LEU G 169 -0.88 0.54 23.65
CA LEU G 169 -1.59 -0.74 23.67
C LEU G 169 -0.56 -1.75 23.17
N PHE G 170 -0.08 -2.57 24.09
CA PHE G 170 0.98 -3.56 23.82
C PHE G 170 0.43 -4.99 23.73
N CYS G 171 1.02 -5.78 22.85
CA CYS G 171 0.62 -7.18 22.67
C CYS G 171 1.83 -8.01 23.08
N SER G 172 1.67 -8.86 24.10
CA SER G 172 2.79 -9.64 24.60
C SER G 172 2.39 -10.98 25.24
N PRO G 173 2.69 -12.11 24.57
CA PRO G 173 3.37 -12.26 23.27
C PRO G 173 2.64 -11.48 22.18
N HIS G 174 3.38 -11.15 21.12
CA HIS G 174 2.84 -10.35 20.03
C HIS G 174 2.28 -11.15 18.85
N ASN G 175 0.97 -11.08 18.68
CA ASN G 175 0.24 -11.74 17.60
C ASN G 175 0.25 -10.66 16.50
N PRO G 176 0.54 -11.02 15.24
CA PRO G 176 0.86 -12.29 14.58
C PRO G 176 2.31 -12.67 14.32
N VAL G 177 3.28 -11.89 14.79
CA VAL G 177 4.66 -12.22 14.50
C VAL G 177 5.29 -13.25 15.41
N GLY G 178 4.61 -13.56 16.51
CA GLY G 178 5.12 -14.56 17.43
C GLY G 178 6.25 -14.17 18.36
N ARG G 179 6.46 -12.88 18.59
CA ARG G 179 7.54 -12.47 19.48
C ARG G 179 7.14 -12.57 20.95
N VAL G 180 8.08 -13.03 21.76
CA VAL G 180 7.93 -13.12 23.21
C VAL G 180 9.02 -12.13 23.60
N TRP G 181 8.62 -10.98 24.11
CA TRP G 181 9.57 -9.92 24.46
C TRP G 181 10.58 -10.23 25.56
N LYS G 182 11.84 -9.91 25.30
CA LYS G 182 12.91 -10.14 26.26
C LYS G 182 12.85 -9.05 27.34
N LYS G 183 13.38 -9.36 28.53
CA LYS G 183 13.39 -8.39 29.62
C LYS G 183 14.11 -7.12 29.18
N ASP G 184 15.13 -7.32 28.34
CA ASP G 184 15.93 -6.22 27.81
C ASP G 184 15.03 -5.20 27.10
N GLU G 185 14.20 -5.71 26.20
CA GLU G 185 13.28 -4.88 25.43
C GLU G 185 12.20 -4.26 26.30
N LEU G 186 11.68 -5.02 27.25
CA LEU G 186 10.64 -4.52 28.16
C LEU G 186 11.18 -3.45 29.09
N GLN G 187 12.43 -3.60 29.53
CA GLN G 187 13.04 -2.61 30.42
C GLN G 187 13.21 -1.28 29.70
N LYS G 188 13.57 -1.34 28.42
CA LYS G 188 13.78 -0.14 27.63
C LYS G 188 12.47 0.58 27.32
N ILE G 189 11.41 -0.20 27.10
CA ILE G 189 10.11 0.39 26.81
C ILE G 189 9.60 1.03 28.10
N LYS G 190 9.84 0.36 29.22
CA LYS G 190 9.40 0.87 30.51
C LYS G 190 9.99 2.24 30.79
N ASP G 191 11.31 2.35 30.68
CA ASP G 191 11.99 3.62 30.93
C ASP G 191 11.38 4.72 30.10
N ILE G 192 10.96 4.39 28.88
CA ILE G 192 10.35 5.39 28.02
C ILE G 192 8.96 5.71 28.58
N VAL G 193 8.19 4.66 28.89
CA VAL G 193 6.84 4.84 29.42
C VAL G 193 6.78 5.68 30.69
N LEU G 194 7.60 5.34 31.67
CA LEU G 194 7.61 6.09 32.93
C LEU G 194 8.05 7.54 32.71
N LYS G 195 8.80 7.78 31.64
CA LYS G 195 9.29 9.11 31.32
C LYS G 195 8.19 9.93 30.64
N SER G 196 7.02 9.33 30.46
CA SER G 196 5.90 10.01 29.81
C SER G 196 4.62 9.90 30.64
N ASP G 197 3.52 10.38 30.07
CA ASP G 197 2.23 10.33 30.74
C ASP G 197 1.38 9.27 30.05
N LEU G 198 2.04 8.35 29.36
CA LEU G 198 1.37 7.27 28.67
C LEU G 198 0.94 6.16 29.63
N MET G 199 -0.26 5.65 29.44
CA MET G 199 -0.76 4.54 30.24
C MET G 199 -0.28 3.30 29.51
N LEU G 200 -0.10 2.20 30.23
CA LEU G 200 0.32 0.97 29.58
C LEU G 200 -0.83 -0.04 29.62
N TRP G 201 -1.24 -0.51 28.44
CA TRP G 201 -2.29 -1.50 28.32
C TRP G 201 -1.60 -2.72 27.72
N SER G 202 -1.28 -3.71 28.56
CA SER G 202 -0.58 -4.90 28.07
C SER G 202 -1.50 -6.09 27.90
N ASP G 203 -1.74 -6.46 26.65
CA ASP G 203 -2.58 -7.60 26.33
C ASP G 203 -1.68 -8.83 26.31
N GLU G 204 -1.75 -9.63 27.35
CA GLU G 204 -0.92 -10.81 27.49
C GLU G 204 -1.74 -12.11 27.47
N ILE G 205 -2.76 -12.15 26.62
CA ILE G 205 -3.62 -13.32 26.53
C ILE G 205 -2.86 -14.57 26.08
N HIS G 206 -1.77 -14.39 25.35
CA HIS G 206 -0.97 -15.53 24.89
C HIS G 206 0.18 -15.91 25.83
N PHE G 207 0.22 -15.37 27.05
CA PHE G 207 1.38 -15.67 27.90
C PHE G 207 1.61 -17.09 28.43
N ASP G 208 0.69 -18.01 28.17
CA ASP G 208 0.87 -19.40 28.59
C ASP G 208 1.35 -20.24 27.42
N LEU G 209 1.21 -19.69 26.21
CA LEU G 209 1.61 -20.41 25.01
C LEU G 209 3.01 -20.02 24.57
N ILE G 210 4.00 -20.47 25.33
CA ILE G 210 5.40 -20.16 25.02
C ILE G 210 6.15 -21.38 24.51
N MET G 211 6.91 -21.23 23.44
CA MET G 211 7.67 -22.34 22.88
C MET G 211 8.89 -22.65 23.71
N PRO G 212 9.38 -23.89 23.65
CA PRO G 212 10.55 -24.34 24.39
C PRO G 212 11.73 -23.41 24.13
N GLY G 213 12.46 -23.08 25.18
CA GLY G 213 13.62 -22.21 25.02
C GLY G 213 13.35 -20.73 25.29
N TYR G 214 12.08 -20.37 25.46
CA TYR G 214 11.76 -18.98 25.72
C TYR G 214 11.00 -18.80 27.03
N GLU G 215 10.95 -17.56 27.52
CA GLU G 215 10.29 -17.25 28.78
C GLU G 215 9.56 -15.92 28.69
N HIS G 216 8.28 -15.93 29.06
CA HIS G 216 7.50 -14.71 29.05
C HIS G 216 7.71 -13.94 30.33
N THR G 217 7.65 -12.62 30.24
CA THR G 217 7.80 -11.76 31.41
C THR G 217 6.59 -10.83 31.46
N VAL G 218 5.80 -10.93 32.53
CA VAL G 218 4.63 -10.05 32.67
C VAL G 218 5.18 -8.64 32.77
N PHE G 219 4.76 -7.77 31.84
CA PHE G 219 5.25 -6.39 31.80
C PHE G 219 5.22 -5.62 33.12
N GLN G 220 4.05 -5.49 33.72
CA GLN G 220 3.96 -4.73 34.96
C GLN G 220 4.70 -5.34 36.15
N SER G 221 5.19 -6.57 36.01
CA SER G 221 5.90 -7.21 37.12
C SER G 221 7.34 -6.73 37.30
N ILE G 222 7.89 -6.04 36.31
CA ILE G 222 9.28 -5.59 36.39
C ILE G 222 9.50 -4.25 37.09
N ASP G 223 8.43 -3.56 37.44
CA ASP G 223 8.54 -2.27 38.10
C ASP G 223 7.20 -1.90 38.72
N GLU G 224 7.19 -1.56 40.00
CA GLU G 224 5.94 -1.21 40.66
C GLU G 224 5.39 0.14 40.20
N GLN G 225 6.27 1.07 39.86
CA GLN G 225 5.80 2.37 39.37
C GLN G 225 5.06 2.15 38.07
N LEU G 226 5.59 1.24 37.26
CA LEU G 226 4.96 0.90 35.98
C LEU G 226 3.60 0.28 36.26
N ALA G 227 3.56 -0.65 37.21
CA ALA G 227 2.33 -1.33 37.58
C ALA G 227 1.24 -0.34 37.98
N ASP G 228 1.66 0.73 38.64
CA ASP G 228 0.74 1.79 39.10
C ASP G 228 -0.10 2.38 37.98
N LYS G 229 0.39 2.32 36.74
CA LYS G 229 -0.39 2.83 35.62
C LYS G 229 -0.50 1.84 34.46
N THR G 230 -0.64 0.56 34.80
CA THR G 230 -0.78 -0.47 33.80
C THR G 230 -2.07 -1.25 33.96
N ILE G 231 -2.63 -1.67 32.84
CA ILE G 231 -3.82 -2.50 32.82
C ILE G 231 -3.34 -3.72 32.03
N THR G 232 -3.36 -4.88 32.67
CA THR G 232 -2.90 -6.10 32.03
C THR G 232 -4.05 -7.06 31.73
N PHE G 233 -4.28 -7.33 30.45
CA PHE G 233 -5.35 -8.22 30.05
C PHE G 233 -4.87 -9.66 29.97
N THR G 234 -5.58 -10.53 30.66
CA THR G 234 -5.27 -11.96 30.67
C THR G 234 -6.55 -12.76 30.61
N ALA G 235 -6.46 -14.00 30.17
CA ALA G 235 -7.60 -14.89 30.09
C ALA G 235 -7.08 -16.29 29.85
N PRO G 236 -7.90 -17.31 30.12
CA PRO G 236 -7.49 -18.69 29.91
C PRO G 236 -7.97 -19.18 28.54
N SER G 237 -8.67 -18.31 27.81
CA SER G 237 -9.24 -18.65 26.51
C SER G 237 -8.29 -19.15 25.43
N LYS G 238 -7.25 -18.39 25.11
CA LYS G 238 -6.31 -18.88 24.09
C LYS G 238 -5.59 -20.12 24.59
N THR G 239 -5.13 -20.06 25.83
CA THR G 239 -4.40 -21.17 26.45
C THR G 239 -5.12 -22.52 26.37
N PHE G 240 -6.37 -22.55 26.83
CA PHE G 240 -7.14 -23.79 26.85
C PHE G 240 -8.26 -23.90 25.81
N ASN G 241 -8.22 -23.06 24.79
CA ASN G 241 -9.21 -23.11 23.72
C ASN G 241 -10.65 -22.97 24.21
N ILE G 242 -10.89 -21.98 25.07
CA ILE G 242 -12.23 -21.75 25.57
C ILE G 242 -12.69 -20.31 25.33
N ALA G 243 -12.46 -19.82 24.12
CA ALA G 243 -12.87 -18.48 23.73
C ALA G 243 -14.39 -18.41 23.76
N GLY G 244 -15.03 -19.58 23.83
CA GLY G 244 -16.47 -19.64 23.86
C GLY G 244 -17.05 -19.71 25.26
N MET G 245 -16.23 -19.46 26.27
CA MET G 245 -16.71 -19.50 27.65
C MET G 245 -16.83 -18.11 28.28
N GLY G 246 -16.61 -17.09 27.46
CA GLY G 246 -16.71 -15.72 27.90
C GLY G 246 -16.19 -15.31 29.27
N MET G 247 -14.88 -15.50 29.49
CA MET G 247 -14.31 -15.10 30.77
C MET G 247 -12.87 -14.61 30.63
N SER G 248 -12.60 -13.46 31.22
CA SER G 248 -11.28 -12.84 31.19
C SER G 248 -10.95 -12.30 32.57
N ASN G 249 -9.65 -12.20 32.86
CA ASN G 249 -9.21 -11.66 34.14
C ASN G 249 -8.33 -10.44 33.88
N ILE G 250 -8.94 -9.26 33.96
CA ILE G 250 -8.20 -8.01 33.73
C ILE G 250 -7.55 -7.64 35.06
N ILE G 251 -6.23 -7.48 35.05
CA ILE G 251 -5.52 -7.16 36.28
C ILE G 251 -5.14 -5.68 36.34
N ILE G 252 -5.68 -5.00 37.34
CA ILE G 252 -5.44 -3.57 37.52
C ILE G 252 -5.11 -3.29 38.99
N LYS G 253 -3.84 -3.04 39.25
CA LYS G 253 -3.34 -2.77 40.60
C LYS G 253 -3.84 -1.47 41.20
N ASN G 254 -3.78 -0.40 40.42
CA ASN G 254 -4.20 0.92 40.89
C ASN G 254 -5.70 1.01 41.13
N PRO G 255 -6.10 1.42 42.35
CA PRO G 255 -7.51 1.55 42.74
C PRO G 255 -8.32 2.49 41.84
N ASP G 256 -7.80 3.68 41.59
CA ASP G 256 -8.53 4.64 40.76
C ASP G 256 -8.72 4.14 39.33
N ILE G 257 -7.67 3.59 38.75
CA ILE G 257 -7.76 3.07 37.39
C ILE G 257 -8.76 1.91 37.37
N ARG G 258 -8.63 1.02 38.34
CA ARG G 258 -9.51 -0.14 38.44
C ARG G 258 -10.97 0.26 38.60
N GLU G 259 -11.25 1.15 39.56
CA GLU G 259 -12.62 1.59 39.78
C GLU G 259 -13.17 2.27 38.54
N ARG G 260 -12.34 3.07 37.88
CA ARG G 260 -12.75 3.76 36.67
C ARG G 260 -13.04 2.76 35.54
N PHE G 261 -12.18 1.75 35.44
CA PHE G 261 -12.35 0.73 34.41
C PHE G 261 -13.67 -0.02 34.64
N THR G 262 -13.96 -0.32 35.90
CA THR G 262 -15.16 -1.04 36.27
C THR G 262 -16.44 -0.26 35.99
N LYS G 263 -16.44 1.03 36.31
CA LYS G 263 -17.62 1.87 36.07
C LYS G 263 -17.93 1.91 34.59
N SER G 264 -16.88 2.01 33.77
CA SER G 264 -17.06 2.05 32.32
C SER G 264 -17.62 0.73 31.82
N ARG G 265 -17.17 -0.36 32.43
CA ARG G 265 -17.64 -1.69 32.06
C ARG G 265 -19.10 -1.86 32.46
N ASP G 266 -19.48 -1.28 33.61
CA ASP G 266 -20.84 -1.41 34.08
C ASP G 266 -21.87 -0.58 33.32
N ALA G 267 -21.39 0.31 32.46
CA ALA G 267 -22.28 1.14 31.65
C ALA G 267 -22.32 0.55 30.24
N THR G 268 -21.46 -0.42 29.99
CA THR G 268 -21.37 -1.11 28.70
C THR G 268 -20.91 -2.54 28.94
N SER G 269 -21.85 -3.48 28.93
CA SER G 269 -21.59 -4.91 29.13
C SER G 269 -21.98 -5.36 30.53
N GLY G 270 -21.46 -4.64 31.53
CA GLY G 270 -21.75 -5.00 32.89
C GLY G 270 -20.90 -6.19 33.31
N MET G 271 -21.10 -6.62 34.53
CA MET G 271 -20.39 -7.76 35.11
C MET G 271 -20.83 -9.05 34.41
N PRO G 272 -19.89 -9.96 34.13
CA PRO G 272 -20.28 -11.22 33.48
C PRO G 272 -20.98 -12.09 34.53
N PHE G 273 -22.21 -12.52 34.24
CA PHE G 273 -22.97 -13.34 35.18
C PHE G 273 -22.85 -14.84 34.91
N THR G 274 -22.05 -15.21 33.92
CA THR G 274 -21.88 -16.60 33.56
C THR G 274 -21.52 -17.47 34.74
N THR G 275 -22.16 -18.62 34.84
CA THR G 275 -21.90 -19.54 35.93
C THR G 275 -20.74 -20.47 35.60
N LEU G 276 -20.73 -21.06 34.40
CA LEU G 276 -19.65 -21.97 34.04
C LEU G 276 -18.42 -21.22 33.53
N GLY G 277 -18.57 -19.92 33.29
CA GLY G 277 -17.45 -19.13 32.81
C GLY G 277 -16.35 -19.11 33.87
N TYR G 278 -16.73 -18.79 35.10
CA TYR G 278 -15.76 -18.74 36.19
C TYR G 278 -15.16 -20.11 36.48
N LYS G 279 -16.02 -21.11 36.64
CA LYS G 279 -15.59 -22.46 36.93
C LYS G 279 -14.63 -23.02 35.88
N ALA G 280 -14.89 -22.70 34.61
CA ALA G 280 -14.03 -23.20 33.54
C ALA G 280 -12.59 -22.75 33.72
N CYS G 281 -12.42 -21.47 34.07
CA CYS G 281 -11.08 -20.93 34.28
C CYS G 281 -10.43 -21.59 35.49
N GLU G 282 -11.21 -21.78 36.54
CA GLU G 282 -10.69 -22.39 37.76
C GLU G 282 -10.26 -23.83 37.52
N ILE G 283 -11.08 -24.61 36.81
CA ILE G 283 -10.75 -26.00 36.52
C ILE G 283 -9.49 -26.07 35.65
N CYS G 284 -9.39 -25.19 34.67
CA CYS G 284 -8.24 -25.18 33.78
C CYS G 284 -6.93 -24.95 34.53
N TYR G 285 -6.92 -23.95 35.40
CA TYR G 285 -5.73 -23.61 36.17
C TYR G 285 -5.37 -24.70 37.18
N LYS G 286 -6.38 -25.34 37.76
CA LYS G 286 -6.15 -26.37 38.76
C LYS G 286 -5.86 -27.79 38.24
N GLU G 287 -6.44 -28.16 37.10
CA GLU G 287 -6.27 -29.51 36.59
C GLU G 287 -5.75 -29.71 35.17
N CYS G 288 -5.68 -28.67 34.37
CA CYS G 288 -5.26 -28.87 32.97
C CYS G 288 -3.83 -28.53 32.59
N GLY G 289 -2.93 -28.49 33.57
CA GLY G 289 -1.54 -28.19 33.27
C GLY G 289 -0.86 -29.20 32.36
N LYS G 290 -1.15 -30.48 32.58
CA LYS G 290 -0.54 -31.53 31.76
C LYS G 290 -1.00 -31.47 30.30
N TRP G 291 -2.30 -31.23 30.10
CA TRP G 291 -2.84 -31.13 28.75
C TRP G 291 -2.13 -29.99 28.03
N LEU G 292 -1.93 -28.88 28.73
CA LEU G 292 -1.26 -27.72 28.16
C LEU G 292 0.15 -28.07 27.69
N ASP G 293 0.91 -28.76 28.55
CA ASP G 293 2.27 -29.15 28.20
C ASP G 293 2.25 -29.99 26.92
N GLY G 294 1.27 -30.87 26.83
CA GLY G 294 1.13 -31.72 25.66
C GLY G 294 0.77 -30.91 24.43
N CYS G 295 -0.11 -29.92 24.60
CA CYS G 295 -0.54 -29.08 23.50
C CYS G 295 0.63 -28.28 22.92
N ILE G 296 1.44 -27.72 23.81
CA ILE G 296 2.59 -26.94 23.38
C ILE G 296 3.61 -27.80 22.61
N LYS G 297 3.73 -29.06 23.00
CA LYS G 297 4.67 -29.97 22.32
C LYS G 297 4.25 -30.20 20.87
N VAL G 298 2.94 -30.33 20.64
CA VAL G 298 2.45 -30.53 19.28
C VAL G 298 2.63 -29.24 18.47
N ILE G 299 2.35 -28.10 19.09
CA ILE G 299 2.51 -26.82 18.41
C ILE G 299 3.96 -26.60 17.99
N ASP G 300 4.89 -26.97 18.86
CA ASP G 300 6.32 -26.80 18.56
C ASP G 300 6.66 -27.74 17.40
N LYS G 301 6.12 -28.95 17.43
CA LYS G 301 6.36 -29.90 16.35
C LYS G 301 5.85 -29.33 15.03
N ASN G 302 4.65 -28.77 15.05
CA ASN G 302 4.05 -28.22 13.84
C ASN G 302 4.78 -27.03 13.22
N GLN G 303 5.28 -26.12 14.04
CA GLN G 303 6.00 -24.98 13.46
C GLN G 303 7.26 -25.50 12.73
N ARG G 304 7.87 -26.55 13.27
CA ARG G 304 9.06 -27.12 12.66
C ARG G 304 8.70 -27.87 11.39
N ILE G 305 7.47 -28.41 11.35
CA ILE G 305 7.01 -29.12 10.17
C ILE G 305 6.83 -28.08 9.06
N VAL G 306 6.22 -26.96 9.41
CA VAL G 306 5.97 -25.89 8.46
C VAL G 306 7.29 -25.31 7.98
N LYS G 307 8.18 -25.00 8.91
CA LYS G 307 9.49 -24.44 8.55
C LYS G 307 10.21 -25.35 7.56
N ASP G 308 10.23 -26.64 7.87
CA ASP G 308 10.90 -27.61 7.04
C ASP G 308 10.21 -27.82 5.68
N PHE G 309 8.89 -27.71 5.67
CA PHE G 309 8.14 -27.90 4.42
C PHE G 309 8.56 -26.91 3.34
N PHE G 310 8.66 -25.63 3.70
CA PHE G 310 9.06 -24.64 2.72
C PHE G 310 10.52 -24.76 2.33
N GLU G 311 11.38 -25.14 3.26
CA GLU G 311 12.80 -25.30 2.96
C GLU G 311 13.00 -26.42 1.95
N VAL G 312 12.19 -27.46 2.08
CA VAL G 312 12.27 -28.60 1.19
C VAL G 312 11.60 -28.39 -0.15
N ASN G 313 10.41 -27.80 -0.14
CA ASN G 313 9.62 -27.63 -1.36
C ASN G 313 9.57 -26.26 -2.06
N HIS G 314 9.56 -25.17 -1.30
CA HIS G 314 9.50 -23.83 -1.90
C HIS G 314 10.38 -22.92 -1.06
N PRO G 315 11.70 -23.09 -1.18
CA PRO G 315 12.80 -22.38 -0.50
C PRO G 315 12.70 -20.86 -0.47
N GLU G 316 12.02 -20.27 -1.45
CA GLU G 316 11.93 -18.81 -1.47
C GLU G 316 10.92 -18.29 -0.45
N ILE G 317 10.06 -19.18 0.04
CA ILE G 317 9.05 -18.83 1.03
C ILE G 317 9.64 -19.19 2.38
N LYS G 318 9.51 -18.31 3.36
CA LYS G 318 10.10 -18.53 4.68
C LYS G 318 9.12 -18.60 5.83
N ALA G 319 9.28 -19.60 6.69
CA ALA G 319 8.43 -19.79 7.87
C ALA G 319 9.31 -20.05 9.09
N PRO G 320 9.91 -18.98 9.65
CA PRO G 320 10.78 -19.09 10.83
C PRO G 320 10.03 -19.60 12.04
N LEU G 321 10.74 -20.18 12.99
CA LEU G 321 10.13 -20.67 14.21
C LEU G 321 9.70 -19.45 15.01
N ILE G 322 8.67 -19.60 15.82
CA ILE G 322 8.16 -18.51 16.64
C ILE G 322 8.54 -18.72 18.10
N GLU G 323 8.44 -17.67 18.90
CA GLU G 323 8.78 -17.76 20.31
C GLU G 323 7.56 -18.01 21.17
N GLY G 324 6.42 -17.46 20.75
CA GLY G 324 5.17 -17.61 21.50
C GLY G 324 3.95 -17.66 20.60
N THR G 325 2.79 -17.98 21.19
CA THR G 325 1.51 -18.13 20.49
C THR G 325 1.64 -19.38 19.63
N TYR G 326 0.53 -19.82 19.05
CA TYR G 326 0.54 -20.99 18.17
C TYR G 326 0.22 -20.51 16.76
N LEU G 327 0.53 -19.24 16.52
CA LEU G 327 0.27 -18.58 15.23
C LEU G 327 1.59 -18.22 14.54
N GLN G 328 1.95 -19.01 13.52
CA GLN G 328 3.19 -18.79 12.79
C GLN G 328 3.04 -17.81 11.62
N TRP G 329 4.05 -16.96 11.46
CA TRP G 329 4.09 -15.89 10.45
C TRP G 329 4.92 -16.36 9.25
N ILE G 330 4.30 -16.46 8.08
CA ILE G 330 4.98 -16.93 6.88
C ILE G 330 5.17 -15.83 5.84
N ASP G 331 6.41 -15.62 5.43
CA ASP G 331 6.78 -14.60 4.45
C ASP G 331 6.68 -15.13 3.02
N PHE G 332 5.59 -14.79 2.34
CA PHE G 332 5.34 -15.21 0.96
C PHE G 332 5.68 -14.11 -0.04
N ARG G 333 6.40 -13.08 0.40
CA ARG G 333 6.73 -11.98 -0.49
C ARG G 333 7.43 -12.38 -1.79
N ALA G 334 8.18 -13.49 -1.76
CA ALA G 334 8.88 -13.96 -2.93
C ALA G 334 7.93 -14.46 -4.03
N LEU G 335 6.63 -14.56 -3.72
CA LEU G 335 5.66 -14.99 -4.71
C LEU G 335 5.38 -13.87 -5.69
N LYS G 336 5.72 -12.65 -5.31
CA LYS G 336 5.52 -11.49 -6.17
C LYS G 336 4.05 -11.27 -6.55
N MET G 337 3.16 -11.43 -5.57
CA MET G 337 1.73 -11.23 -5.81
C MET G 337 1.20 -10.24 -4.77
N ASP G 338 0.34 -9.31 -5.18
CA ASP G 338 -0.22 -8.34 -4.23
C ASP G 338 -1.11 -9.12 -3.26
N HIS G 339 -1.38 -8.55 -2.08
CA HIS G 339 -2.17 -9.27 -1.09
C HIS G 339 -3.53 -9.78 -1.52
N LYS G 340 -4.26 -9.00 -2.33
CA LYS G 340 -5.58 -9.45 -2.76
C LYS G 340 -5.49 -10.65 -3.72
N ALA G 341 -4.57 -10.58 -4.68
CA ALA G 341 -4.40 -11.68 -5.62
C ALA G 341 -3.91 -12.94 -4.90
N MET G 342 -2.99 -12.76 -3.95
CA MET G 342 -2.45 -13.88 -3.18
C MET G 342 -3.56 -14.52 -2.35
N GLU G 343 -4.41 -13.69 -1.77
CA GLU G 343 -5.53 -14.15 -0.96
C GLU G 343 -6.46 -14.99 -1.83
N GLU G 344 -6.76 -14.48 -3.03
CA GLU G 344 -7.63 -15.17 -3.99
C GLU G 344 -7.02 -16.54 -4.29
N PHE G 345 -5.71 -16.54 -4.51
CA PHE G 345 -4.98 -17.76 -4.80
C PHE G 345 -5.12 -18.79 -3.68
N MET G 346 -4.82 -18.38 -2.45
CA MET G 346 -4.91 -19.28 -1.31
C MET G 346 -6.30 -19.89 -1.16
N ILE G 347 -7.32 -19.04 -1.15
CA ILE G 347 -8.69 -19.48 -1.00
C ILE G 347 -9.24 -20.40 -2.09
N HIS G 348 -9.07 -20.02 -3.35
CA HIS G 348 -9.61 -20.82 -4.45
C HIS G 348 -8.67 -21.84 -5.10
N LYS G 349 -7.39 -21.53 -5.19
CA LYS G 349 -6.46 -22.47 -5.81
C LYS G 349 -5.91 -23.49 -4.82
N ALA G 350 -5.40 -23.01 -3.69
CA ALA G 350 -4.82 -23.90 -2.69
C ALA G 350 -5.82 -24.36 -1.62
N GLN G 351 -6.94 -23.66 -1.50
CA GLN G 351 -7.95 -23.97 -0.49
C GLN G 351 -7.30 -24.05 0.89
N ILE G 352 -6.40 -23.11 1.14
CA ILE G 352 -5.72 -23.00 2.41
C ILE G 352 -6.20 -21.68 2.99
N PHE G 353 -6.81 -21.75 4.17
CA PHE G 353 -7.35 -20.56 4.80
C PHE G 353 -6.53 -20.02 5.97
N PHE G 354 -5.68 -19.05 5.65
CA PHE G 354 -4.84 -18.40 6.65
C PHE G 354 -5.60 -17.17 7.12
N ASP G 355 -4.93 -16.40 7.96
CA ASP G 355 -5.45 -15.11 8.37
C ASP G 355 -4.47 -14.31 7.52
N GLU G 356 -4.93 -13.86 6.34
CA GLU G 356 -4.07 -13.12 5.43
C GLU G 356 -3.32 -12.01 6.16
N GLY G 357 -2.01 -11.97 5.92
CA GLY G 357 -1.16 -10.99 6.59
C GLY G 357 -1.58 -9.54 6.57
N TYR G 358 -2.11 -9.07 5.45
CA TYR G 358 -2.50 -7.67 5.32
C TYR G 358 -3.56 -7.19 6.31
N ILE G 359 -4.31 -8.12 6.91
CA ILE G 359 -5.36 -7.70 7.84
C ILE G 359 -4.80 -7.18 9.15
N PHE G 360 -3.51 -7.44 9.39
CA PHE G 360 -2.88 -6.99 10.62
C PHE G 360 -2.17 -5.66 10.41
N GLY G 361 -2.33 -5.07 9.23
CA GLY G 361 -1.68 -3.81 8.93
C GLY G 361 -0.89 -3.93 7.63
N ASP G 362 -0.49 -2.80 7.07
CA ASP G 362 0.26 -2.82 5.81
C ASP G 362 1.57 -3.60 5.90
N GLY G 363 2.17 -3.62 7.09
CA GLY G 363 3.42 -4.33 7.29
C GLY G 363 3.24 -5.83 7.22
N GLY G 364 1.98 -6.26 7.07
CA GLY G 364 1.67 -7.68 6.98
C GLY G 364 1.38 -8.09 5.55
N ILE G 365 1.48 -7.13 4.63
CA ILE G 365 1.23 -7.41 3.23
C ILE G 365 2.33 -8.33 2.71
N GLY G 366 1.94 -9.47 2.15
CA GLY G 366 2.93 -10.40 1.63
C GLY G 366 3.18 -11.58 2.55
N PHE G 367 2.62 -11.50 3.77
CA PHE G 367 2.76 -12.56 4.76
C PHE G 367 1.44 -13.32 4.95
N GLU G 368 1.53 -14.45 5.65
CA GLU G 368 0.35 -15.27 5.94
C GLU G 368 0.49 -15.80 7.36
N ARG G 369 -0.59 -15.75 8.14
CA ARG G 369 -0.56 -16.27 9.49
C ARG G 369 -1.27 -17.62 9.51
N ILE G 370 -0.55 -18.66 9.91
CA ILE G 370 -1.11 -20.00 9.96
C ILE G 370 -1.33 -20.46 11.41
N ASN G 371 -2.50 -21.05 11.66
CA ASN G 371 -2.86 -21.54 12.99
C ASN G 371 -2.31 -22.96 13.17
N LEU G 372 -1.28 -23.10 14.01
CA LEU G 372 -0.63 -24.39 14.27
C LEU G 372 -1.36 -25.32 15.24
N ALA G 373 -2.39 -24.81 15.92
CA ALA G 373 -3.14 -25.63 16.86
C ALA G 373 -4.06 -26.64 16.18
N ALA G 374 -3.48 -27.72 15.70
CA ALA G 374 -4.23 -28.78 15.03
C ALA G 374 -3.31 -29.98 14.91
N PRO G 375 -3.88 -31.17 14.63
CA PRO G 375 -3.07 -32.38 14.48
C PRO G 375 -1.94 -32.18 13.46
N SER G 376 -0.76 -32.72 13.74
CA SER G 376 0.34 -32.59 12.82
C SER G 376 -0.07 -33.13 11.45
N SER G 377 -0.81 -34.24 11.44
CA SER G 377 -1.27 -34.83 10.17
C SER G 377 -2.15 -33.85 9.39
N VAL G 378 -2.91 -33.01 10.11
CA VAL G 378 -3.77 -32.04 9.47
C VAL G 378 -2.89 -30.96 8.84
N ILE G 379 -1.86 -30.54 9.56
CA ILE G 379 -0.97 -29.53 9.02
C ILE G 379 -0.33 -30.07 7.75
N GLN G 380 0.21 -31.29 7.83
CA GLN G 380 0.85 -31.92 6.68
C GLN G 380 -0.09 -31.99 5.48
N GLU G 381 -1.32 -32.42 5.71
CA GLU G 381 -2.32 -32.52 4.65
C GLU G 381 -2.46 -31.19 3.91
N SER G 382 -2.67 -30.14 4.70
CA SER G 382 -2.86 -28.80 4.17
C SER G 382 -1.64 -28.34 3.36
N LEU G 383 -0.45 -28.56 3.92
CA LEU G 383 0.78 -28.17 3.24
C LEU G 383 0.95 -28.86 1.88
N GLU G 384 0.59 -30.14 1.81
CA GLU G 384 0.72 -30.88 0.56
C GLU G 384 -0.24 -30.35 -0.50
N ARG G 385 -1.41 -29.87 -0.06
CA ARG G 385 -2.40 -29.32 -0.97
C ARG G 385 -1.81 -28.03 -1.54
N LEU G 386 -1.22 -27.23 -0.65
CA LEU G 386 -0.60 -25.95 -1.01
C LEU G 386 0.58 -26.20 -1.93
N ASN G 387 1.31 -27.28 -1.67
CA ASN G 387 2.48 -27.63 -2.46
C ASN G 387 2.09 -27.79 -3.93
N LYS G 388 1.04 -28.56 -4.19
CA LYS G 388 0.58 -28.77 -5.56
C LYS G 388 0.14 -27.46 -6.20
N ALA G 389 -0.67 -26.69 -5.47
CA ALA G 389 -1.16 -25.41 -5.96
C ALA G 389 0.00 -24.49 -6.32
N LEU G 390 1.02 -24.44 -5.47
CA LEU G 390 2.19 -23.61 -5.72
C LEU G 390 2.98 -24.08 -6.94
N LYS G 391 3.09 -25.40 -7.11
CA LYS G 391 3.83 -25.93 -8.26
C LYS G 391 3.09 -25.55 -9.54
N ASP G 392 1.76 -25.62 -9.49
CA ASP G 392 0.93 -25.27 -10.64
C ASP G 392 1.04 -23.78 -10.95
N LEU G 393 1.12 -22.97 -9.90
CA LEU G 393 1.25 -21.52 -10.09
C LEU G 393 2.61 -21.35 -10.75
N LYS G 394 3.41 -22.41 -10.68
CA LYS G 394 4.75 -22.46 -11.24
C LYS G 394 5.66 -21.49 -10.53
N MET H 1 -39.23 -37.05 32.19
CA MET H 1 -38.49 -37.28 33.46
C MET H 1 -39.26 -36.78 34.67
N ILE H 2 -38.62 -36.84 35.83
CA ILE H 2 -39.19 -36.38 37.09
C ILE H 2 -38.69 -34.98 37.37
N TYR H 3 -39.62 -34.04 37.54
CA TYR H 3 -39.23 -32.65 37.80
C TYR H 3 -39.26 -32.34 39.29
N ASP H 4 -38.10 -31.92 39.79
CA ASP H 4 -37.93 -31.61 41.20
C ASP H 4 -38.16 -30.15 41.55
N PHE H 5 -39.22 -29.88 42.31
CA PHE H 5 -39.53 -28.52 42.77
C PHE H 5 -39.71 -28.56 44.29
N THR H 6 -39.22 -29.64 44.90
CA THR H 6 -39.34 -29.82 46.34
C THR H 6 -38.03 -29.85 47.13
N THR H 7 -36.96 -30.34 46.51
CA THR H 7 -35.67 -30.41 47.21
C THR H 7 -35.16 -29.04 47.62
N LYS H 8 -34.83 -28.87 48.90
CA LYS H 8 -34.30 -27.60 49.39
C LYS H 8 -32.81 -27.56 49.07
N ILE H 9 -32.41 -26.71 48.15
CA ILE H 9 -31.00 -26.62 47.77
C ILE H 9 -30.27 -25.49 48.48
N SER H 10 -28.94 -25.53 48.41
CA SER H 10 -28.10 -24.52 49.02
C SER H 10 -27.13 -23.98 47.96
N ARG H 11 -26.93 -22.67 47.96
CA ARG H 11 -26.03 -22.06 47.00
C ARG H 11 -24.92 -21.27 47.67
N LYS H 12 -24.63 -21.64 48.91
CA LYS H 12 -23.57 -20.97 49.67
C LYS H 12 -22.20 -21.24 49.07
N ASN H 13 -21.39 -20.20 48.96
CA ASN H 13 -20.04 -20.29 48.41
C ASN H 13 -19.94 -20.83 46.99
N LEU H 14 -20.95 -20.54 46.19
CA LEU H 14 -20.95 -20.99 44.80
C LEU H 14 -20.96 -19.75 43.90
N GLY H 15 -20.77 -18.59 44.52
CA GLY H 15 -20.75 -17.36 43.76
C GLY H 15 -22.10 -16.80 43.40
N SER H 16 -23.16 -17.30 44.01
CA SER H 16 -24.50 -16.77 43.74
C SER H 16 -24.53 -15.34 44.28
N LEU H 17 -24.80 -14.38 43.40
CA LEU H 17 -24.87 -12.98 43.83
C LEU H 17 -25.95 -12.82 44.89
N LYS H 18 -27.05 -13.55 44.72
CA LYS H 18 -28.15 -13.48 45.68
C LYS H 18 -27.72 -13.97 47.06
N TRP H 19 -27.20 -15.18 47.12
CA TRP H 19 -26.77 -15.74 48.39
C TRP H 19 -25.62 -14.96 49.03
N ASP H 20 -24.64 -14.56 48.22
CA ASP H 20 -23.51 -13.80 48.75
C ASP H 20 -23.97 -12.47 49.33
N LEU H 21 -24.98 -11.86 48.71
CA LEU H 21 -25.51 -10.59 49.20
C LEU H 21 -26.12 -10.80 50.58
N MET H 22 -26.84 -11.90 50.74
CA MET H 22 -27.46 -12.24 52.02
C MET H 22 -26.42 -12.35 53.14
N TYR H 23 -25.38 -13.15 52.92
CA TYR H 23 -24.35 -13.33 53.94
C TYR H 23 -23.66 -12.00 54.22
N SER H 24 -23.62 -11.14 53.21
CA SER H 24 -22.99 -9.84 53.32
C SER H 24 -23.79 -8.91 54.22
N GLN H 25 -25.11 -8.90 54.03
CA GLN H 25 -25.98 -8.03 54.81
C GLN H 25 -26.14 -8.54 56.25
N ASN H 26 -26.07 -9.86 56.42
CA ASN H 26 -26.23 -10.47 57.74
C ASN H 26 -25.29 -11.67 57.90
N PRO H 27 -24.03 -11.42 58.30
CA PRO H 27 -23.04 -12.49 58.48
C PRO H 27 -23.49 -13.59 59.46
N GLU H 28 -24.47 -13.29 60.30
CA GLU H 28 -24.96 -14.26 61.27
C GLU H 28 -26.22 -15.02 60.85
N VAL H 29 -26.60 -14.91 59.58
CA VAL H 29 -27.79 -15.61 59.10
C VAL H 29 -27.74 -17.12 59.33
N GLY H 30 -28.88 -17.69 59.72
CA GLY H 30 -28.95 -19.12 59.96
C GLY H 30 -28.71 -19.90 58.69
N ASN H 31 -28.10 -21.07 58.80
CA ASN H 31 -27.81 -21.90 57.64
C ASN H 31 -29.06 -22.51 57.02
N GLU H 32 -30.21 -22.34 57.68
CA GLU H 32 -31.45 -22.89 57.16
C GLU H 32 -32.18 -21.84 56.30
N VAL H 33 -31.71 -20.59 56.36
CA VAL H 33 -32.34 -19.51 55.60
C VAL H 33 -32.05 -19.53 54.11
N VAL H 34 -33.07 -19.19 53.32
CA VAL H 34 -32.97 -19.10 51.87
C VAL H 34 -33.45 -17.70 51.46
N PRO H 35 -32.61 -16.95 50.72
CA PRO H 35 -32.97 -15.61 50.27
C PRO H 35 -34.13 -15.68 49.27
N LEU H 36 -35.02 -14.69 49.32
CA LEU H 36 -36.17 -14.64 48.41
C LEU H 36 -36.16 -13.31 47.68
N SER H 37 -34.97 -12.81 47.37
CA SER H 37 -34.81 -11.51 46.71
C SER H 37 -34.53 -11.55 45.21
N VAL H 38 -33.24 -11.60 44.85
CA VAL H 38 -32.82 -11.60 43.45
C VAL H 38 -33.64 -12.57 42.61
N ALA H 39 -33.97 -12.14 41.40
CA ALA H 39 -34.78 -12.95 40.51
C ALA H 39 -34.12 -14.07 39.69
N ASP H 40 -33.72 -15.13 40.39
CA ASP H 40 -33.22 -16.33 39.74
C ASP H 40 -33.83 -17.40 40.66
N MET H 41 -34.01 -18.60 40.15
CA MET H 41 -34.70 -19.65 40.91
C MET H 41 -33.94 -20.54 41.87
N GLU H 42 -34.62 -20.89 42.97
CA GLU H 42 -34.05 -21.79 43.96
C GLU H 42 -34.55 -23.19 43.62
N PHE H 43 -34.51 -23.50 42.32
CA PHE H 43 -34.91 -24.80 41.78
C PHE H 43 -33.78 -25.28 40.87
N LYS H 44 -33.54 -26.58 40.83
CA LYS H 44 -32.52 -27.07 39.93
C LYS H 44 -33.02 -26.79 38.52
N ASN H 45 -32.10 -26.66 37.57
CA ASN H 45 -32.48 -26.39 36.19
C ASN H 45 -33.17 -27.61 35.60
N PRO H 46 -33.90 -27.42 34.49
CA PRO H 46 -34.62 -28.52 33.84
C PRO H 46 -33.68 -29.70 33.57
N PRO H 47 -34.14 -30.92 33.88
CA PRO H 47 -33.31 -32.11 33.64
C PRO H 47 -32.85 -32.22 32.19
N GLU H 48 -33.74 -31.91 31.26
CA GLU H 48 -33.42 -31.98 29.84
C GLU H 48 -32.29 -31.01 29.47
N LEU H 49 -32.26 -29.84 30.08
CA LEU H 49 -31.21 -28.87 29.81
C LEU H 49 -29.86 -29.37 30.33
N ILE H 50 -29.84 -29.81 31.59
CA ILE H 50 -28.61 -30.29 32.20
C ILE H 50 -28.07 -31.48 31.41
N GLU H 51 -28.96 -32.40 31.06
CA GLU H 51 -28.55 -33.58 30.32
C GLU H 51 -28.09 -33.23 28.91
N GLY H 52 -28.75 -32.26 28.29
CA GLY H 52 -28.41 -31.83 26.95
C GLY H 52 -27.08 -31.08 26.91
N LEU H 53 -26.82 -30.30 27.95
CA LEU H 53 -25.57 -29.56 28.03
C LEU H 53 -24.39 -30.50 28.24
N LYS H 54 -24.56 -31.53 29.07
CA LYS H 54 -23.48 -32.48 29.30
C LYS H 54 -23.16 -33.23 28.01
N LYS H 55 -24.19 -33.50 27.23
CA LYS H 55 -24.04 -34.20 25.96
C LYS H 55 -23.27 -33.31 24.99
N TYR H 56 -23.69 -32.06 24.91
CA TYR H 56 -23.05 -31.08 24.04
C TYR H 56 -21.59 -30.90 24.46
N LEU H 57 -21.33 -30.89 25.76
CA LEU H 57 -19.96 -30.74 26.27
C LEU H 57 -19.04 -31.88 25.82
N ASP H 58 -19.61 -33.07 25.62
CA ASP H 58 -18.83 -34.22 25.18
C ASP H 58 -18.55 -34.21 23.68
N GLU H 59 -19.29 -33.38 22.94
CA GLU H 59 -19.15 -33.31 21.48
C GLU H 59 -18.44 -32.09 20.91
N THR H 60 -18.69 -30.93 21.50
CA THR H 60 -18.17 -29.68 20.96
C THR H 60 -16.76 -29.23 21.29
N VAL H 61 -16.41 -28.12 20.65
CA VAL H 61 -15.13 -27.44 20.82
C VAL H 61 -15.59 -26.08 21.35
N LEU H 62 -15.05 -25.66 22.49
CA LEU H 62 -15.48 -24.40 23.09
C LEU H 62 -14.83 -23.13 22.54
N GLY H 63 -14.73 -23.02 21.22
CA GLY H 63 -14.12 -21.86 20.60
C GLY H 63 -15.07 -20.72 20.24
N TYR H 64 -14.65 -19.85 19.31
CA TYR H 64 -15.47 -18.72 18.88
C TYR H 64 -16.71 -19.24 18.18
N THR H 65 -17.85 -18.98 18.80
CA THR H 65 -19.13 -19.46 18.30
C THR H 65 -20.21 -18.41 18.08
N GLY H 66 -21.05 -18.66 17.07
CA GLY H 66 -22.14 -17.77 16.76
C GLY H 66 -23.42 -18.58 16.64
N PRO H 67 -24.57 -17.93 16.40
CA PRO H 67 -25.81 -18.69 16.28
C PRO H 67 -25.93 -19.43 14.95
N THR H 68 -26.49 -20.62 14.98
CA THR H 68 -26.70 -21.40 13.76
C THR H 68 -28.06 -21.02 13.23
N GLU H 69 -28.40 -21.50 12.04
CA GLU H 69 -29.69 -21.19 11.46
C GLU H 69 -30.78 -21.90 12.24
N GLU H 70 -30.49 -23.09 12.73
CA GLU H 70 -31.46 -23.86 13.52
C GLU H 70 -31.77 -23.08 14.80
N TYR H 71 -30.74 -22.44 15.36
CA TYR H 71 -30.93 -21.65 16.57
C TYR H 71 -31.97 -20.56 16.33
N LYS H 72 -31.80 -19.78 15.27
CA LYS H 72 -32.74 -18.71 14.95
C LYS H 72 -34.12 -19.27 14.64
N LYS H 73 -34.18 -20.37 13.90
CA LYS H 73 -35.45 -21.00 13.59
C LYS H 73 -36.19 -21.38 14.87
N THR H 74 -35.44 -21.88 15.84
CA THR H 74 -36.02 -22.31 17.12
C THR H 74 -36.61 -21.12 17.88
N VAL H 75 -35.92 -19.99 17.85
CA VAL H 75 -36.40 -18.79 18.52
C VAL H 75 -37.67 -18.33 17.81
N LYS H 76 -37.61 -18.34 16.48
CA LYS H 76 -38.74 -17.94 15.66
C LYS H 76 -39.96 -18.82 15.96
N LYS H 77 -39.71 -20.12 16.09
CA LYS H 77 -40.75 -21.09 16.38
C LYS H 77 -41.37 -20.91 17.76
N TRP H 78 -40.55 -20.53 18.74
CA TRP H 78 -41.07 -20.32 20.08
C TRP H 78 -42.03 -19.12 20.10
N MET H 79 -41.66 -18.04 19.43
CA MET H 79 -42.50 -16.85 19.38
C MET H 79 -43.84 -17.17 18.73
N LYS H 80 -43.80 -18.02 17.71
CA LYS H 80 -45.00 -18.39 16.98
C LYS H 80 -45.90 -19.32 17.80
N ASP H 81 -45.33 -20.41 18.30
CA ASP H 81 -46.09 -21.38 19.07
C ASP H 81 -46.57 -20.90 20.43
N ARG H 82 -45.73 -20.10 21.10
CA ARG H 82 -46.07 -19.61 22.43
C ARG H 82 -46.66 -18.21 22.50
N HIS H 83 -46.44 -17.40 21.47
CA HIS H 83 -46.96 -16.05 21.52
C HIS H 83 -47.69 -15.58 20.26
N GLN H 84 -48.07 -16.53 19.39
CA GLN H 84 -48.79 -16.21 18.16
C GLN H 84 -48.16 -15.00 17.48
N TRP H 85 -46.85 -14.87 17.65
CA TRP H 85 -46.09 -13.74 17.12
C TRP H 85 -45.18 -14.20 15.99
N ASP H 86 -45.44 -13.67 14.80
CA ASP H 86 -44.67 -14.02 13.60
C ASP H 86 -43.48 -13.09 13.42
N ILE H 87 -42.28 -13.63 13.60
CA ILE H 87 -41.07 -12.83 13.44
C ILE H 87 -40.22 -13.43 12.31
N GLN H 88 -39.21 -12.69 11.90
CA GLN H 88 -38.29 -13.16 10.86
C GLN H 88 -36.98 -13.44 11.56
N THR H 89 -36.25 -14.46 11.11
CA THR H 89 -34.98 -14.79 11.76
C THR H 89 -33.97 -13.65 11.71
N ASP H 90 -34.08 -12.77 10.71
CA ASP H 90 -33.11 -11.68 10.63
C ASP H 90 -33.44 -10.51 11.56
N TRP H 91 -34.53 -10.62 12.32
CA TRP H 91 -34.91 -9.59 13.29
C TRP H 91 -34.17 -9.82 14.60
N ILE H 92 -33.59 -11.01 14.73
CA ILE H 92 -32.90 -11.42 15.96
C ILE H 92 -31.46 -10.95 16.14
N ILE H 93 -31.25 -10.07 17.13
CA ILE H 93 -29.91 -9.59 17.45
C ILE H 93 -29.61 -10.12 18.85
N ASN H 94 -28.43 -10.71 19.02
CA ASN H 94 -28.05 -11.28 20.32
C ASN H 94 -27.17 -10.38 21.18
N THR H 95 -27.46 -10.39 22.48
CA THR H 95 -26.69 -9.61 23.45
C THR H 95 -26.49 -10.51 24.68
N ALA H 96 -25.50 -10.19 25.51
CA ALA H 96 -25.24 -10.97 26.70
C ALA H 96 -26.03 -10.41 27.87
N GLY H 97 -27.35 -10.55 27.79
CA GLY H 97 -28.22 -10.06 28.84
C GLY H 97 -29.11 -8.95 28.31
N VAL H 98 -30.27 -8.76 28.94
CA VAL H 98 -31.19 -7.73 28.51
C VAL H 98 -30.76 -6.35 29.00
N VAL H 99 -30.16 -6.30 30.19
CA VAL H 99 -29.72 -5.01 30.74
C VAL H 99 -28.77 -4.31 29.77
N PRO H 100 -27.77 -5.05 29.25
CA PRO H 100 -26.82 -4.45 28.30
C PRO H 100 -27.53 -3.98 27.03
N ALA H 101 -28.54 -4.74 26.61
CA ALA H 101 -29.31 -4.40 25.42
C ALA H 101 -30.08 -3.11 25.64
N VAL H 102 -30.56 -2.91 26.87
CA VAL H 102 -31.30 -1.68 27.20
C VAL H 102 -30.32 -0.51 27.22
N PHE H 103 -29.15 -0.72 27.81
CA PHE H 103 -28.13 0.33 27.84
C PHE H 103 -27.78 0.72 26.40
N ASN H 104 -27.82 -0.25 25.50
CA ASN H 104 -27.50 -0.01 24.10
C ASN H 104 -28.55 0.87 23.44
N ALA H 105 -29.83 0.60 23.73
CA ALA H 105 -30.91 1.37 23.16
C ALA H 105 -30.77 2.84 23.56
N VAL H 106 -30.47 3.08 24.83
CA VAL H 106 -30.31 4.44 25.34
C VAL H 106 -29.14 5.14 24.66
N ARG H 107 -27.97 4.51 24.71
CA ARG H 107 -26.77 5.07 24.11
C ARG H 107 -26.88 5.35 22.61
N GLU H 108 -27.58 4.50 21.88
CA GLU H 108 -27.70 4.67 20.44
C GLU H 108 -28.86 5.51 19.92
N PHE H 109 -30.00 5.49 20.60
CA PHE H 109 -31.14 6.23 20.10
C PHE H 109 -31.54 7.50 20.88
N THR H 110 -30.65 7.93 21.77
CA THR H 110 -30.86 9.15 22.55
C THR H 110 -29.48 9.71 22.84
N LYS H 111 -29.42 10.95 23.30
CA LYS H 111 -28.15 11.58 23.64
C LYS H 111 -28.30 12.30 24.97
N PRO H 112 -27.19 12.58 25.66
CA PRO H 112 -27.23 13.26 26.95
C PRO H 112 -28.30 14.37 27.00
N GLY H 113 -29.07 14.39 28.08
CA GLY H 113 -30.10 15.40 28.21
C GLY H 113 -31.47 14.88 27.80
N ASP H 114 -31.50 14.00 26.79
CA ASP H 114 -32.75 13.42 26.31
C ASP H 114 -33.47 12.66 27.42
N GLY H 115 -34.80 12.64 27.34
CA GLY H 115 -35.58 11.95 28.34
C GLY H 115 -36.08 10.59 27.88
N VAL H 116 -36.12 9.64 28.81
CA VAL H 116 -36.61 8.30 28.53
C VAL H 116 -37.72 8.06 29.56
N ILE H 117 -38.90 7.75 29.06
CA ILE H 117 -40.04 7.53 29.92
C ILE H 117 -40.15 6.10 30.44
N ILE H 118 -40.28 5.95 31.75
CA ILE H 118 -40.45 4.64 32.35
C ILE H 118 -41.67 4.72 33.26
N ILE H 119 -42.35 3.59 33.39
CA ILE H 119 -43.53 3.49 34.23
C ILE H 119 -43.09 2.87 35.54
N THR H 120 -43.24 3.63 36.62
CA THR H 120 -42.79 3.23 37.96
C THR H 120 -43.90 2.92 38.98
N PRO H 121 -43.60 2.12 40.02
CA PRO H 121 -42.34 1.44 40.37
C PRO H 121 -41.98 0.39 39.33
N VAL H 122 -40.69 0.18 39.08
CA VAL H 122 -40.28 -0.79 38.08
C VAL H 122 -38.85 -1.30 38.25
N TYR H 123 -38.56 -2.42 37.60
CA TYR H 123 -37.25 -3.07 37.59
C TYR H 123 -36.19 -1.96 37.67
N TYR H 124 -35.42 -1.93 38.76
CA TYR H 124 -34.45 -0.86 38.95
C TYR H 124 -33.34 -0.66 37.92
N PRO H 125 -32.88 -1.74 37.25
CA PRO H 125 -31.82 -1.47 36.27
C PRO H 125 -32.24 -0.47 35.19
N PHE H 126 -33.55 -0.27 35.03
CA PHE H 126 -34.04 0.69 34.04
C PHE H 126 -33.53 2.09 34.35
N PHE H 127 -33.67 2.52 35.60
CA PHE H 127 -33.22 3.85 36.02
C PHE H 127 -31.73 4.05 35.69
N MET H 128 -30.93 3.05 36.06
CA MET H 128 -29.49 3.10 35.84
C MET H 128 -29.13 3.22 34.36
N ALA H 129 -29.83 2.47 33.53
CA ALA H 129 -29.58 2.48 32.09
C ALA H 129 -29.69 3.88 31.52
N ILE H 130 -30.59 4.68 32.10
CA ILE H 130 -30.82 6.03 31.65
C ILE H 130 -29.91 7.07 32.33
N LYS H 131 -30.02 7.14 33.65
CA LYS H 131 -29.27 8.10 34.45
C LYS H 131 -27.75 7.98 34.39
N ASN H 132 -27.24 6.76 34.37
CA ASN H 132 -25.79 6.56 34.32
C ASN H 132 -25.18 6.95 32.98
N GLN H 133 -26.04 7.23 31.99
CA GLN H 133 -25.55 7.64 30.67
C GLN H 133 -25.96 9.09 30.43
N GLU H 134 -26.25 9.78 31.53
CA GLU H 134 -26.63 11.19 31.50
C GLU H 134 -27.88 11.52 30.69
N ARG H 135 -28.81 10.59 30.60
CA ARG H 135 -30.07 10.83 29.93
C ARG H 135 -31.02 11.13 31.07
N LYS H 136 -32.18 11.70 30.78
CA LYS H 136 -33.13 12.03 31.83
C LYS H 136 -34.21 10.98 32.05
N ILE H 137 -34.41 10.61 33.30
CA ILE H 137 -35.42 9.62 33.67
C ILE H 137 -36.76 10.34 33.81
N ILE H 138 -37.69 10.02 32.92
CA ILE H 138 -39.01 10.63 32.96
C ILE H 138 -40.00 9.62 33.53
N GLU H 139 -40.35 9.79 34.80
CA GLU H 139 -41.26 8.88 35.48
C GLU H 139 -42.74 9.10 35.21
N CYS H 140 -43.47 8.01 35.00
CA CYS H 140 -44.90 8.03 34.76
C CYS H 140 -45.46 7.03 35.77
N GLU H 141 -45.48 7.45 37.04
CA GLU H 141 -45.94 6.62 38.14
C GLU H 141 -47.25 5.89 37.89
N LEU H 142 -47.29 4.63 38.31
CA LEU H 142 -48.46 3.77 38.16
C LEU H 142 -49.53 4.18 39.16
N LEU H 143 -50.79 4.02 38.78
CA LEU H 143 -51.90 4.33 39.67
C LEU H 143 -52.15 3.04 40.43
N GLU H 144 -52.34 3.13 41.74
CA GLU H 144 -52.57 1.95 42.56
C GLU H 144 -53.83 2.07 43.40
N LYS H 145 -54.75 1.12 43.23
CA LYS H 145 -55.98 1.10 44.00
C LYS H 145 -56.15 -0.27 44.63
N ASP H 146 -56.00 -0.32 45.95
CA ASP H 146 -56.11 -1.57 46.70
C ASP H 146 -55.27 -2.69 46.12
N GLY H 147 -54.02 -2.39 45.80
CA GLY H 147 -53.15 -3.42 45.27
C GLY H 147 -53.20 -3.66 43.77
N TYR H 148 -54.12 -3.01 43.06
CA TYR H 148 -54.21 -3.18 41.61
C TYR H 148 -53.54 -2.00 40.91
N TYR H 149 -52.56 -2.30 40.07
CA TYR H 149 -51.82 -1.27 39.34
C TYR H 149 -52.29 -1.06 37.92
N THR H 150 -52.47 0.21 37.55
CA THR H 150 -52.91 0.59 36.22
C THR H 150 -52.07 1.74 35.66
N ILE H 151 -52.11 1.93 34.35
CA ILE H 151 -51.35 2.98 33.68
C ILE H 151 -52.02 4.35 33.85
N ASP H 152 -51.23 5.39 34.04
CA ASP H 152 -51.78 6.74 34.15
C ASP H 152 -51.69 7.29 32.72
N PHE H 153 -52.67 6.93 31.89
CA PHE H 153 -52.69 7.37 30.51
C PHE H 153 -52.72 8.88 30.35
N GLN H 154 -53.34 9.56 31.29
CA GLN H 154 -53.42 11.01 31.26
C GLN H 154 -52.02 11.61 31.27
N LYS H 155 -51.23 11.19 32.26
CA LYS H 155 -49.86 11.67 32.39
C LYS H 155 -48.96 11.20 31.25
N LEU H 156 -49.14 9.96 30.81
CA LEU H 156 -48.31 9.43 29.72
C LEU H 156 -48.56 10.23 28.44
N GLU H 157 -49.78 10.73 28.28
CA GLU H 157 -50.11 11.51 27.10
C GLU H 157 -49.35 12.83 27.12
N LYS H 158 -49.35 13.49 28.28
CA LYS H 158 -48.66 14.76 28.43
C LYS H 158 -47.17 14.58 28.19
N LEU H 159 -46.58 13.56 28.81
CA LEU H 159 -45.16 13.30 28.66
C LEU H 159 -44.76 13.05 27.21
N SER H 160 -45.66 12.45 26.43
CA SER H 160 -45.37 12.17 25.03
C SER H 160 -45.32 13.44 24.18
N LYS H 161 -45.90 14.52 24.68
CA LYS H 161 -45.90 15.79 23.96
C LYS H 161 -44.60 16.56 24.12
N ASP H 162 -43.80 16.18 25.12
CA ASP H 162 -42.51 16.81 25.36
C ASP H 162 -41.53 16.18 24.39
N LYS H 163 -41.21 16.89 23.31
CA LYS H 163 -40.30 16.35 22.31
C LYS H 163 -38.89 16.01 22.82
N ASN H 164 -38.61 16.31 24.09
CA ASN H 164 -37.30 15.98 24.63
C ASN H 164 -37.30 14.50 25.02
N ASN H 165 -38.49 13.95 25.22
CA ASN H 165 -38.63 12.53 25.59
C ASN H 165 -38.52 11.72 24.29
N LYS H 166 -37.50 10.87 24.21
CA LYS H 166 -37.26 10.09 23.00
C LYS H 166 -37.83 8.69 22.95
N ALA H 167 -38.12 8.09 24.08
CA ALA H 167 -38.65 6.74 24.07
C ALA H 167 -39.39 6.32 25.33
N LEU H 168 -40.16 5.24 25.19
CA LEU H 168 -40.91 4.67 26.29
C LEU H 168 -40.30 3.29 26.53
N LEU H 169 -39.71 3.13 27.71
CA LEU H 169 -39.09 1.88 28.12
C LEU H 169 -40.17 1.18 28.93
N PHE H 170 -40.77 0.17 28.33
CA PHE H 170 -41.88 -0.55 28.91
C PHE H 170 -41.49 -1.94 29.43
N CYS H 171 -42.11 -2.35 30.53
CA CYS H 171 -41.84 -3.67 31.12
C CYS H 171 -43.14 -4.49 31.03
N SER H 172 -43.11 -5.60 30.30
CA SER H 172 -44.30 -6.42 30.13
C SER H 172 -43.99 -7.91 29.98
N PRO H 173 -44.37 -8.72 30.99
CA PRO H 173 -45.04 -8.39 32.25
C PRO H 173 -44.24 -7.37 33.06
N HIS H 174 -44.91 -6.64 33.94
CA HIS H 174 -44.28 -5.60 34.75
C HIS H 174 -43.71 -6.01 36.11
N ASN H 175 -42.38 -6.06 36.19
CA ASN H 175 -41.65 -6.38 37.41
C ASN H 175 -41.62 -5.03 38.14
N PRO H 176 -41.91 -4.99 39.46
CA PRO H 176 -42.25 -6.01 40.43
C PRO H 176 -43.72 -6.19 40.82
N VAL H 177 -44.64 -5.44 40.21
CA VAL H 177 -46.05 -5.57 40.61
C VAL H 177 -46.78 -6.78 40.05
N GLY H 178 -46.18 -7.47 39.08
CA GLY H 178 -46.77 -8.65 38.51
C GLY H 178 -47.87 -8.48 37.48
N ARG H 179 -48.03 -7.26 36.95
CA ARG H 179 -49.07 -7.04 35.95
C ARG H 179 -48.76 -7.63 34.57
N VAL H 180 -49.78 -8.18 33.94
CA VAL H 180 -49.70 -8.71 32.60
C VAL H 180 -50.69 -7.82 31.86
N TRP H 181 -50.17 -6.90 31.06
CA TRP H 181 -51.02 -5.95 30.34
C TRP H 181 -52.05 -6.57 29.40
N LYS H 182 -53.28 -6.07 29.49
CA LYS H 182 -54.36 -6.54 28.63
C LYS H 182 -54.20 -5.87 27.27
N LYS H 183 -54.76 -6.45 26.23
CA LYS H 183 -54.66 -5.86 24.89
C LYS H 183 -55.24 -4.44 24.88
N ASP H 184 -56.35 -4.24 25.58
CA ASP H 184 -56.97 -2.92 25.65
C ASP H 184 -56.02 -1.86 26.20
N GLU H 185 -55.24 -2.23 27.20
CA GLU H 185 -54.29 -1.29 27.79
C GLU H 185 -53.15 -1.02 26.81
N LEU H 186 -52.68 -2.06 26.13
CA LEU H 186 -51.62 -1.88 25.16
C LEU H 186 -52.11 -0.98 24.02
N GLN H 187 -53.35 -1.21 23.58
CA GLN H 187 -53.92 -0.41 22.51
C GLN H 187 -53.98 1.06 22.94
N LYS H 188 -54.44 1.30 24.17
CA LYS H 188 -54.55 2.65 24.66
C LYS H 188 -53.16 3.30 24.72
N ILE H 189 -52.15 2.50 25.03
CA ILE H 189 -50.79 3.05 25.06
C ILE H 189 -50.42 3.39 23.61
N LYS H 190 -50.73 2.48 22.70
CA LYS H 190 -50.44 2.68 21.28
C LYS H 190 -51.09 3.98 20.80
N ASP H 191 -52.34 4.19 21.17
CA ASP H 191 -53.05 5.40 20.77
C ASP H 191 -52.20 6.63 21.07
N ILE H 192 -51.46 6.59 22.18
CA ILE H 192 -50.62 7.72 22.56
C ILE H 192 -49.25 7.69 21.88
N VAL H 193 -48.65 6.50 21.81
CA VAL H 193 -47.31 6.33 21.25
C VAL H 193 -47.15 6.45 19.73
N LEU H 194 -48.08 5.92 18.95
CA LEU H 194 -47.97 6.05 17.50
C LEU H 194 -48.12 7.52 17.16
N LYS H 195 -48.94 8.21 17.95
CA LYS H 195 -49.21 9.64 17.78
C LYS H 195 -48.07 10.50 18.30
N SER H 196 -46.89 9.92 18.47
CA SER H 196 -45.77 10.67 18.98
C SER H 196 -44.48 10.28 18.28
N ASP H 197 -43.40 10.96 18.67
CA ASP H 197 -42.10 10.68 18.09
C ASP H 197 -41.34 9.73 19.01
N LEU H 198 -42.03 9.22 20.02
CA LEU H 198 -41.44 8.28 20.97
C LEU H 198 -41.16 6.95 20.30
N MET H 199 -40.06 6.32 20.68
CA MET H 199 -39.68 5.01 20.16
C MET H 199 -40.17 4.05 21.24
N LEU H 200 -40.51 2.82 20.88
CA LEU H 200 -40.99 1.86 21.89
C LEU H 200 -40.00 0.74 22.19
N TRP H 201 -39.61 0.65 23.46
CA TRP H 201 -38.67 -0.39 23.90
C TRP H 201 -39.44 -1.25 24.91
N SER H 202 -39.86 -2.43 24.47
CA SER H 202 -40.64 -3.33 25.33
C SER H 202 -39.83 -4.52 25.85
N ASP H 203 -39.61 -4.52 27.16
CA ASP H 203 -38.87 -5.59 27.82
C ASP H 203 -39.86 -6.67 28.23
N GLU H 204 -39.86 -7.78 27.51
CA GLU H 204 -40.80 -8.86 27.79
C GLU H 204 -40.10 -10.14 28.27
N ILE H 205 -39.05 -9.96 29.06
CA ILE H 205 -38.28 -11.08 29.59
C ILE H 205 -39.16 -12.07 30.35
N HIS H 206 -40.18 -11.57 31.04
CA HIS H 206 -41.08 -12.45 31.79
C HIS H 206 -42.29 -12.97 31.03
N PHE H 207 -42.34 -12.81 29.70
CA PHE H 207 -43.55 -13.23 29.00
C PHE H 207 -43.91 -14.73 28.94
N ASP H 208 -43.04 -15.60 29.44
CA ASP H 208 -43.36 -17.03 29.47
C ASP H 208 -43.83 -17.43 30.86
N LEU H 209 -43.66 -16.52 31.80
CA LEU H 209 -44.04 -16.77 33.19
C LEU H 209 -45.36 -16.09 33.51
N ILE H 210 -46.42 -16.59 32.88
CA ILE H 210 -47.76 -16.06 33.06
C ILE H 210 -48.57 -17.03 33.92
N MET H 211 -49.30 -16.50 34.88
CA MET H 211 -50.12 -17.37 35.72
C MET H 211 -51.31 -17.84 34.91
N PRO H 212 -51.75 -19.09 35.13
CA PRO H 212 -52.89 -19.60 34.38
C PRO H 212 -54.11 -18.78 34.77
N GLY H 213 -54.74 -18.17 33.78
CA GLY H 213 -55.90 -17.34 34.06
C GLY H 213 -55.69 -16.02 33.37
N TYR H 214 -54.44 -15.76 32.99
CA TYR H 214 -54.11 -14.53 32.28
C TYR H 214 -53.40 -14.88 30.99
N GLU H 215 -53.30 -13.90 30.08
CA GLU H 215 -52.69 -14.13 28.79
C GLU H 215 -51.83 -12.95 28.38
N HIS H 216 -50.63 -13.23 27.90
CA HIS H 216 -49.70 -12.18 27.48
C HIS H 216 -49.88 -11.84 26.01
N THR H 217 -49.69 -10.56 25.71
CA THR H 217 -49.80 -10.06 24.34
C THR H 217 -48.49 -9.35 23.98
N VAL H 218 -47.75 -9.89 23.02
CA VAL H 218 -46.51 -9.25 22.59
C VAL H 218 -46.89 -7.87 22.07
N PHE H 219 -46.36 -6.82 22.70
CA PHE H 219 -46.69 -5.45 22.34
C PHE H 219 -46.60 -5.10 20.84
N GLN H 220 -45.44 -5.28 20.22
CA GLN H 220 -45.29 -4.95 18.82
C GLN H 220 -46.15 -5.78 17.86
N SER H 221 -46.78 -6.84 18.36
CA SER H 221 -47.60 -7.69 17.50
C SER H 221 -49.00 -7.13 17.24
N ILE H 222 -49.39 -6.07 17.96
CA ILE H 222 -50.73 -5.52 17.78
C ILE H 222 -50.89 -4.53 16.63
N ASP H 223 -49.77 -4.00 16.14
CA ASP H 223 -49.81 -3.02 15.04
C ASP H 223 -48.47 -2.99 14.30
N GLU H 224 -48.50 -3.22 13.00
CA GLU H 224 -47.28 -3.24 12.19
C GLU H 224 -46.52 -1.92 12.15
N GLN H 225 -47.23 -0.80 12.26
CA GLN H 225 -46.56 0.50 12.24
C GLN H 225 -45.86 0.72 13.56
N LEU H 226 -46.47 0.23 14.63
CA LEU H 226 -45.88 0.36 15.96
C LEU H 226 -44.60 -0.47 15.96
N ALA H 227 -44.68 -1.65 15.36
CA ALA H 227 -43.54 -2.56 15.28
C ALA H 227 -42.39 -1.95 14.51
N ASP H 228 -42.70 -1.05 13.59
CA ASP H 228 -41.68 -0.40 12.77
C ASP H 228 -40.72 0.44 13.63
N LYS H 229 -41.17 0.84 14.81
CA LYS H 229 -40.33 1.62 15.71
C LYS H 229 -40.33 1.02 17.11
N THR H 230 -40.29 -0.31 17.17
CA THR H 230 -40.27 -1.01 18.44
C THR H 230 -39.06 -1.94 18.56
N ILE H 231 -38.46 -1.96 19.74
CA ILE H 231 -37.36 -2.87 20.01
C ILE H 231 -37.92 -3.75 21.14
N THR H 232 -37.96 -5.06 20.91
CA THR H 232 -38.49 -5.97 21.93
C THR H 232 -37.39 -6.85 22.52
N PHE H 233 -37.23 -6.76 23.83
CA PHE H 233 -36.21 -7.53 24.53
C PHE H 233 -36.80 -8.83 25.06
N THR H 234 -36.21 -9.97 24.67
CA THR H 234 -36.67 -11.26 25.16
C THR H 234 -35.44 -12.11 25.46
N ALA H 235 -35.65 -13.18 26.21
CA ALA H 235 -34.57 -14.10 26.57
C ALA H 235 -35.17 -15.29 27.30
N PRO H 236 -34.45 -16.43 27.34
CA PRO H 236 -34.96 -17.62 28.04
C PRO H 236 -34.49 -17.67 29.49
N SER H 237 -33.62 -16.74 29.87
CA SER H 237 -33.03 -16.70 31.20
C SER H 237 -33.99 -16.73 32.37
N LYS H 238 -34.99 -15.86 32.37
CA LYS H 238 -35.94 -15.84 33.47
C LYS H 238 -36.80 -17.10 33.43
N THR H 239 -37.28 -17.45 32.25
CA THR H 239 -38.13 -18.62 32.07
C THR H 239 -37.53 -19.94 32.55
N PHE H 240 -36.28 -20.21 32.21
CA PHE H 240 -35.64 -21.46 32.57
C PHE H 240 -34.50 -21.40 33.60
N ASN H 241 -34.43 -20.30 34.34
CA ASN H 241 -33.43 -20.11 35.37
C ASN H 241 -31.99 -20.18 34.84
N ILE H 242 -31.74 -19.49 33.73
CA ILE H 242 -30.40 -19.48 33.16
C ILE H 242 -29.83 -18.08 32.94
N ALA H 243 -29.97 -17.23 33.96
CA ALA H 243 -29.42 -15.89 33.88
C ALA H 243 -27.92 -16.05 33.76
N GLY H 244 -27.42 -17.18 34.23
CA GLY H 244 -26.00 -17.47 34.19
C GLY H 244 -25.51 -18.16 32.92
N MET H 245 -26.41 -18.30 31.94
CA MET H 245 -26.08 -18.90 30.66
C MET H 245 -26.33 -17.77 29.67
N GLY H 246 -27.45 -17.12 29.92
CA GLY H 246 -27.93 -15.98 29.16
C GLY H 246 -27.49 -15.61 27.76
N MET H 247 -28.42 -15.79 26.84
CA MET H 247 -28.24 -15.42 25.45
C MET H 247 -29.55 -14.70 25.16
N SER H 248 -29.49 -13.38 25.04
CA SER H 248 -30.68 -12.58 24.78
C SER H 248 -31.04 -12.55 23.32
N ASN H 249 -32.35 -12.50 23.04
CA ASN H 249 -32.83 -12.44 21.66
C ASN H 249 -33.61 -11.14 21.53
N ILE H 250 -32.91 -10.09 21.10
CA ILE H 250 -33.48 -8.76 20.92
C ILE H 250 -34.11 -8.73 19.54
N ILE H 251 -35.42 -8.51 19.53
CA ILE H 251 -36.18 -8.49 18.27
C ILE H 251 -36.37 -7.10 17.71
N ILE H 252 -35.79 -6.86 16.54
CA ILE H 252 -35.90 -5.56 15.88
C ILE H 252 -36.32 -5.74 14.43
N LYS H 253 -37.57 -5.39 14.15
CA LYS H 253 -38.13 -5.52 12.80
C LYS H 253 -37.51 -4.56 11.79
N ASN H 254 -37.46 -3.27 12.14
CA ASN H 254 -36.92 -2.25 11.24
C ASN H 254 -35.43 -2.39 10.96
N PRO H 255 -35.06 -2.51 9.66
CA PRO H 255 -33.68 -2.65 9.21
C PRO H 255 -32.74 -1.56 9.73
N ASP H 256 -33.20 -0.31 9.67
CA ASP H 256 -32.40 0.82 10.12
C ASP H 256 -32.13 0.81 11.62
N ILE H 257 -33.19 0.62 12.40
CA ILE H 257 -33.05 0.58 13.85
C ILE H 257 -32.18 -0.60 14.24
N ARG H 258 -32.38 -1.72 13.57
CA ARG H 258 -31.63 -2.94 13.86
C ARG H 258 -30.13 -2.76 13.66
N GLU H 259 -29.74 -2.27 12.49
CA GLU H 259 -28.32 -2.07 12.19
C GLU H 259 -27.68 -1.05 13.11
N ARG H 260 -28.42 0.00 13.47
CA ARG H 260 -27.87 1.00 14.38
C ARG H 260 -27.66 0.37 15.77
N PHE H 261 -28.60 -0.47 16.18
CA PHE H 261 -28.51 -1.15 17.47
C PHE H 261 -27.29 -2.07 17.47
N THR H 262 -27.17 -2.88 16.41
CA THR H 262 -26.06 -3.81 16.28
C THR H 262 -24.71 -3.08 16.26
N LYS H 263 -24.69 -1.95 15.56
CA LYS H 263 -23.48 -1.12 15.47
C LYS H 263 -23.05 -0.68 16.86
N SER H 264 -24.02 -0.20 17.64
CA SER H 264 -23.73 0.25 19.00
C SER H 264 -23.24 -0.91 19.85
N ARG H 265 -23.83 -2.09 19.64
CA ARG H 265 -23.44 -3.29 20.37
C ARG H 265 -21.98 -3.66 20.10
N ASP H 266 -21.62 -3.68 18.83
CA ASP H 266 -20.26 -4.05 18.42
C ASP H 266 -19.16 -3.13 18.90
N ALA H 267 -19.44 -1.84 18.99
CA ALA H 267 -18.45 -0.87 19.45
C ALA H 267 -18.29 -0.91 20.97
N THR H 268 -19.20 -1.60 21.65
CA THR H 268 -19.12 -1.68 23.10
C THR H 268 -18.82 -3.06 23.66
N SER H 269 -19.68 -4.04 23.34
CA SER H 269 -19.50 -5.39 23.86
C SER H 269 -19.14 -6.42 22.79
N GLY H 270 -19.40 -6.08 21.53
CA GLY H 270 -19.14 -7.02 20.45
C GLY H 270 -20.22 -8.09 20.53
N MET H 271 -20.24 -9.03 19.59
CA MET H 271 -21.26 -10.08 19.63
C MET H 271 -20.85 -11.15 20.64
N PRO H 272 -21.85 -11.84 21.22
CA PRO H 272 -21.58 -12.90 22.21
C PRO H 272 -20.99 -14.14 21.51
N PHE H 273 -19.94 -14.69 22.07
CA PHE H 273 -19.30 -15.89 21.50
C PHE H 273 -19.53 -17.09 22.41
N THR H 274 -20.37 -16.88 23.43
CA THR H 274 -20.71 -17.91 24.40
C THR H 274 -21.49 -19.09 23.84
N THR H 275 -20.76 -20.10 23.39
CA THR H 275 -21.31 -21.31 22.80
C THR H 275 -22.43 -21.99 23.59
N LEU H 276 -22.25 -22.11 24.90
CA LEU H 276 -23.28 -22.77 25.73
C LEU H 276 -24.53 -21.91 25.83
N GLY H 277 -24.37 -20.60 25.62
CA GLY H 277 -25.51 -19.70 25.67
C GLY H 277 -26.47 -20.05 24.54
N TYR H 278 -25.93 -20.15 23.32
CA TYR H 278 -26.74 -20.50 22.16
C TYR H 278 -27.37 -21.89 22.31
N LYS H 279 -26.61 -22.84 22.84
CA LYS H 279 -27.11 -24.20 23.00
C LYS H 279 -28.18 -24.31 24.09
N ALA H 280 -27.96 -23.63 25.22
CA ALA H 280 -28.93 -23.66 26.31
C ALA H 280 -30.28 -23.14 25.86
N CYS H 281 -30.28 -22.07 25.07
CA CYS H 281 -31.54 -21.49 24.60
C CYS H 281 -32.28 -22.48 23.72
N GLU H 282 -31.58 -23.09 22.78
CA GLU H 282 -32.20 -24.05 21.89
C GLU H 282 -32.77 -25.24 22.65
N ILE H 283 -31.98 -25.80 23.57
CA ILE H 283 -32.46 -26.95 24.34
C ILE H 283 -33.73 -26.64 25.12
N CYS H 284 -33.74 -25.52 25.83
CA CYS H 284 -34.90 -25.15 26.63
C CYS H 284 -36.16 -24.99 25.78
N TYR H 285 -36.06 -24.24 24.68
CA TYR H 285 -37.20 -24.02 23.80
C TYR H 285 -37.73 -25.31 23.19
N LYS H 286 -36.83 -26.21 22.84
CA LYS H 286 -37.21 -27.48 22.23
C LYS H 286 -37.62 -28.60 23.19
N GLU H 287 -37.02 -28.66 24.38
CA GLU H 287 -37.30 -29.77 25.29
C GLU H 287 -37.80 -29.48 26.71
N CYS H 288 -37.80 -28.24 27.14
CA CYS H 288 -38.18 -27.97 28.52
C CYS H 288 -39.55 -27.36 28.76
N GLY H 289 -40.48 -27.59 27.84
CA GLY H 289 -41.81 -27.04 27.98
C GLY H 289 -42.60 -27.62 29.14
N LYS H 290 -42.42 -28.92 29.37
CA LYS H 290 -43.11 -29.60 30.46
C LYS H 290 -42.62 -29.11 31.81
N TRP H 291 -41.31 -28.93 31.92
CA TRP H 291 -40.70 -28.46 33.16
C TRP H 291 -41.25 -27.09 33.50
N LEU H 292 -41.40 -26.24 32.48
CA LEU H 292 -41.91 -24.89 32.67
C LEU H 292 -43.35 -24.96 33.22
N ASP H 293 -44.16 -25.86 32.66
CA ASP H 293 -45.54 -26.01 33.13
C ASP H 293 -45.53 -26.38 34.61
N GLY H 294 -44.63 -27.27 34.98
CA GLY H 294 -44.53 -27.69 36.37
C GLY H 294 -44.10 -26.55 37.27
N CYS H 295 -43.16 -25.75 36.79
CA CYS H 295 -42.66 -24.61 37.56
C CYS H 295 -43.78 -23.61 37.82
N ILE H 296 -44.54 -23.29 36.77
CA ILE H 296 -45.63 -22.34 36.91
C ILE H 296 -46.68 -22.85 37.91
N LYS H 297 -46.92 -24.15 37.91
CA LYS H 297 -47.88 -24.73 38.84
C LYS H 297 -47.44 -24.47 40.29
N VAL H 298 -46.16 -24.62 40.55
CA VAL H 298 -45.64 -24.39 41.90
C VAL H 298 -45.69 -22.90 42.27
N ILE H 299 -45.35 -22.05 41.32
CA ILE H 299 -45.39 -20.61 41.56
C ILE H 299 -46.83 -20.21 41.89
N ASP H 300 -47.77 -20.74 41.12
CA ASP H 300 -49.19 -20.44 41.31
C ASP H 300 -49.63 -20.83 42.72
N LYS H 301 -49.11 -21.97 43.18
CA LYS H 301 -49.42 -22.46 44.51
C LYS H 301 -48.82 -21.56 45.60
N ASN H 302 -47.55 -21.21 45.42
CA ASN H 302 -46.85 -20.37 46.40
C ASN H 302 -47.42 -18.99 46.62
N GLN H 303 -47.91 -18.37 45.56
CA GLN H 303 -48.48 -17.03 45.70
C GLN H 303 -49.72 -17.10 46.60
N ARG H 304 -50.42 -18.23 46.55
CA ARG H 304 -51.61 -18.43 47.36
C ARG H 304 -51.24 -18.68 48.82
N ILE H 305 -50.12 -19.37 49.04
CA ILE H 305 -49.66 -19.64 50.39
C ILE H 305 -49.34 -18.31 51.07
N VAL H 306 -48.69 -17.42 50.31
CA VAL H 306 -48.31 -16.11 50.81
C VAL H 306 -49.53 -15.25 51.11
N LYS H 307 -50.46 -15.22 50.15
CA LYS H 307 -51.68 -14.44 50.31
C LYS H 307 -52.42 -14.87 51.57
N ASP H 308 -52.61 -16.18 51.72
CA ASP H 308 -53.31 -16.74 52.86
C ASP H 308 -52.60 -16.49 54.19
N PHE H 309 -51.29 -16.67 54.21
CA PHE H 309 -50.51 -16.46 55.43
C PHE H 309 -50.80 -15.13 56.12
N PHE H 310 -50.80 -14.04 55.36
CA PHE H 310 -51.04 -12.72 55.93
C PHE H 310 -52.51 -12.49 56.32
N GLU H 311 -53.43 -13.00 55.51
CA GLU H 311 -54.85 -12.81 55.81
C GLU H 311 -55.17 -13.45 57.16
N VAL H 312 -54.51 -14.58 57.43
CA VAL H 312 -54.71 -15.32 58.67
C VAL H 312 -53.98 -14.76 59.89
N ASN H 313 -52.69 -14.47 59.73
CA ASN H 313 -51.87 -13.99 60.83
C ASN H 313 -51.65 -12.49 60.96
N HIS H 314 -51.55 -11.79 59.83
CA HIS H 314 -51.31 -10.35 59.85
C HIS H 314 -52.06 -9.69 58.69
N PRO H 315 -53.40 -9.62 58.81
CA PRO H 315 -54.34 -9.04 57.84
C PRO H 315 -54.09 -7.61 57.38
N GLU H 316 -53.39 -6.81 58.18
CA GLU H 316 -53.13 -5.42 57.76
C GLU H 316 -52.07 -5.39 56.66
N ILE H 317 -51.42 -6.52 56.45
CA ILE H 317 -50.40 -6.66 55.40
C ILE H 317 -51.06 -7.46 54.27
N LYS H 318 -51.03 -6.92 53.05
CA LYS H 318 -51.66 -7.59 51.91
C LYS H 318 -50.73 -8.10 50.80
N ALA H 319 -51.00 -9.32 50.36
CA ALA H 319 -50.23 -9.95 49.28
C ALA H 319 -51.19 -10.56 48.27
N PRO H 320 -51.80 -9.73 47.41
CA PRO H 320 -52.74 -10.24 46.41
C PRO H 320 -52.04 -11.13 45.38
N LEU H 321 -52.80 -11.94 44.67
CA LEU H 321 -52.22 -12.84 43.66
C LEU H 321 -51.69 -11.99 42.51
N ILE H 322 -50.70 -12.52 41.77
CA ILE H 322 -50.12 -11.79 40.66
C ILE H 322 -50.56 -12.40 39.33
N GLU H 323 -50.46 -11.63 38.25
CA GLU H 323 -50.86 -12.13 36.94
C GLU H 323 -49.70 -12.78 36.20
N GLY H 324 -48.48 -12.27 36.43
CA GLY H 324 -47.31 -12.80 35.76
C GLY H 324 -46.04 -12.63 36.58
N THR H 325 -44.94 -13.21 36.09
CA THR H 325 -43.63 -13.22 36.78
C THR H 325 -43.81 -14.15 37.98
N TYR H 326 -42.73 -14.43 38.70
CA TYR H 326 -42.84 -15.27 39.88
C TYR H 326 -42.44 -14.43 41.09
N LEU H 327 -42.62 -13.12 40.93
CA LEU H 327 -42.29 -12.14 41.95
C LEU H 327 -43.58 -11.52 42.47
N GLN H 328 -43.92 -11.80 43.72
CA GLN H 328 -45.15 -11.27 44.32
C GLN H 328 -44.91 -9.97 45.11
N TRP H 329 -45.82 -9.01 44.92
CA TRP H 329 -45.74 -7.68 45.53
C TRP H 329 -46.55 -7.58 46.83
N ILE H 330 -45.86 -7.43 47.96
CA ILE H 330 -46.52 -7.36 49.27
C ILE H 330 -46.52 -5.97 49.87
N ASP H 331 -47.71 -5.52 50.27
CA ASP H 331 -47.90 -4.19 50.88
C ASP H 331 -47.69 -4.22 52.39
N PHE H 332 -46.53 -3.74 52.85
CA PHE H 332 -46.21 -3.71 54.28
C PHE H 332 -46.37 -2.31 54.88
N ARG H 333 -46.90 -1.37 54.10
CA ARG H 333 -47.07 0.01 54.55
C ARG H 333 -47.77 0.20 55.90
N ALA H 334 -48.59 -0.76 56.30
CA ALA H 334 -49.32 -0.67 57.57
C ALA H 334 -48.36 -0.64 58.76
N LEU H 335 -47.10 -0.98 58.53
CA LEU H 335 -46.11 -1.00 59.62
C LEU H 335 -45.57 0.36 60.04
N LYS H 336 -45.72 1.37 59.21
CA LYS H 336 -45.26 2.72 59.53
C LYS H 336 -43.74 2.83 59.72
N MET H 337 -42.98 1.97 59.05
CA MET H 337 -41.52 1.99 59.17
C MET H 337 -40.92 2.59 57.91
N ASP H 338 -39.96 3.51 58.04
CA ASP H 338 -39.37 4.06 56.82
C ASP H 338 -38.67 2.86 56.19
N HIS H 339 -38.55 2.84 54.86
CA HIS H 339 -37.95 1.70 54.18
C HIS H 339 -36.66 1.15 54.80
N LYS H 340 -35.74 2.02 55.21
CA LYS H 340 -34.50 1.54 55.80
C LYS H 340 -34.75 0.73 57.07
N ALA H 341 -35.64 1.24 57.93
CA ALA H 341 -35.98 0.57 59.18
C ALA H 341 -36.63 -0.79 58.95
N MET H 342 -37.53 -0.85 57.97
CA MET H 342 -38.24 -2.08 57.65
C MET H 342 -37.28 -3.13 57.09
N GLU H 343 -36.33 -2.68 56.27
CA GLU H 343 -35.34 -3.57 55.69
C GLU H 343 -34.50 -4.18 56.82
N GLU H 344 -34.09 -3.34 57.75
CA GLU H 344 -33.29 -3.77 58.88
C GLU H 344 -34.06 -4.85 59.65
N PHE H 345 -35.36 -4.62 59.84
CA PHE H 345 -36.21 -5.57 60.56
C PHE H 345 -36.22 -6.93 59.87
N MET H 346 -36.57 -6.93 58.58
CA MET H 346 -36.64 -8.16 57.80
C MET H 346 -35.34 -8.97 57.85
N ILE H 347 -34.24 -8.31 57.56
CA ILE H 347 -32.92 -8.94 57.54
C ILE H 347 -32.44 -9.47 58.88
N HIS H 348 -32.52 -8.65 59.93
CA HIS H 348 -32.04 -9.08 61.24
C HIS H 348 -33.02 -9.71 62.23
N LYS H 349 -34.29 -9.31 62.19
CA LYS H 349 -35.24 -9.89 63.13
C LYS H 349 -35.98 -11.11 62.59
N ALA H 350 -36.28 -11.12 61.30
CA ALA H 350 -36.98 -12.26 60.70
C ALA H 350 -36.08 -13.05 59.77
N GLN H 351 -34.92 -12.49 59.42
CA GLN H 351 -34.00 -13.17 58.52
C GLN H 351 -34.70 -13.65 57.24
N ILE H 352 -35.53 -12.78 56.68
CA ILE H 352 -36.22 -13.06 55.43
C ILE H 352 -35.65 -12.01 54.48
N PHE H 353 -35.11 -12.48 53.36
CA PHE H 353 -34.50 -11.56 52.42
C PHE H 353 -35.31 -11.33 51.16
N PHE H 354 -36.01 -10.19 51.14
CA PHE H 354 -36.83 -9.78 50.01
C PHE H 354 -36.01 -8.83 49.14
N ASP H 355 -36.65 -8.33 48.10
CA ASP H 355 -36.05 -7.31 47.26
C ASP H 355 -36.90 -6.14 47.79
N GLU H 356 -36.29 -5.33 48.65
CA GLU H 356 -36.99 -4.21 49.26
C GLU H 356 -37.65 -3.28 48.25
N GLY H 357 -38.96 -3.08 48.42
CA GLY H 357 -39.74 -2.24 47.52
C GLY H 357 -39.16 -0.91 47.08
N TYR H 358 -38.57 -0.17 48.00
CA TYR H 358 -38.02 1.15 47.67
C TYR H 358 -36.98 1.14 46.54
N ILE H 359 -36.33 0.01 46.31
CA ILE H 359 -35.33 -0.07 45.25
C ILE H 359 -35.92 0.04 43.84
N PHE H 360 -37.24 -0.11 43.74
CA PHE H 360 -37.93 -0.03 42.45
C PHE H 360 -38.54 1.35 42.24
N GLY H 361 -38.26 2.27 43.15
CA GLY H 361 -38.81 3.61 43.03
C GLY H 361 -39.55 3.98 44.30
N ASP H 362 -39.76 5.28 44.49
CA ASP H 362 -40.46 5.75 45.68
C ASP H 362 -41.84 5.11 45.85
N GLY H 363 -42.46 4.72 44.76
CA GLY H 363 -43.76 4.09 44.84
C GLY H 363 -43.67 2.69 45.42
N GLY H 364 -42.44 2.21 45.56
CA GLY H 364 -42.22 0.88 46.12
C GLY H 364 -41.95 0.96 47.61
N ILE H 365 -41.75 2.17 48.12
CA ILE H 365 -41.50 2.37 49.54
C ILE H 365 -42.65 1.79 50.33
N GLY H 366 -42.35 0.91 51.28
CA GLY H 366 -43.38 0.30 52.08
C GLY H 366 -43.78 -1.06 51.56
N PHE H 367 -43.28 -1.41 50.38
CA PHE H 367 -43.60 -2.69 49.78
C PHE H 367 -42.41 -3.66 49.87
N GLU H 368 -42.66 -4.93 49.57
CA GLU H 368 -41.64 -5.96 49.58
C GLU H 368 -41.93 -6.92 48.44
N ARG H 369 -40.91 -7.26 47.66
CA ARG H 369 -41.08 -8.19 46.55
C ARG H 369 -40.50 -9.53 46.96
N ILE H 370 -41.31 -10.58 46.92
CA ILE H 370 -40.87 -11.90 47.31
C ILE H 370 -40.69 -12.84 46.12
N ASN H 371 -39.60 -13.60 46.12
CA ASN H 371 -39.30 -14.54 45.05
C ASN H 371 -40.00 -15.87 45.36
N LEU H 372 -41.06 -16.16 44.60
CA LEU H 372 -41.85 -17.37 44.77
C LEU H 372 -41.26 -18.65 44.17
N ALA H 373 -40.24 -18.51 43.34
CA ALA H 373 -39.61 -19.68 42.71
C ALA H 373 -38.70 -20.44 43.67
N ALA H 374 -39.33 -21.18 44.57
CA ALA H 374 -38.64 -21.98 45.58
C ALA H 374 -39.61 -23.05 46.05
N PRO H 375 -39.12 -24.10 46.74
CA PRO H 375 -40.06 -25.12 47.18
C PRO H 375 -41.10 -24.49 48.11
N SER H 376 -42.33 -24.96 48.03
CA SER H 376 -43.40 -24.44 48.88
C SER H 376 -42.97 -24.52 50.34
N SER H 377 -42.31 -25.61 50.70
CA SER H 377 -41.84 -25.81 52.07
C SER H 377 -40.91 -24.69 52.50
N VAL H 378 -40.07 -24.22 51.58
CA VAL H 378 -39.14 -23.14 51.89
C VAL H 378 -39.88 -21.84 52.15
N ILE H 379 -40.90 -21.57 51.35
CA ILE H 379 -41.70 -20.36 51.50
C ILE H 379 -42.35 -20.36 52.89
N GLN H 380 -42.91 -21.50 53.27
CA GLN H 380 -43.57 -21.66 54.56
C GLN H 380 -42.59 -21.42 55.71
N GLU H 381 -41.39 -21.97 55.59
CA GLU H 381 -40.36 -21.80 56.62
C GLU H 381 -40.04 -20.33 56.79
N SER H 382 -39.91 -19.63 55.68
CA SER H 382 -39.59 -18.21 55.67
C SER H 382 -40.69 -17.39 56.32
N LEU H 383 -41.93 -17.68 55.93
CA LEU H 383 -43.10 -16.97 56.45
C LEU H 383 -43.27 -17.15 57.95
N GLU H 384 -43.05 -18.36 58.43
CA GLU H 384 -43.20 -18.64 59.85
C GLU H 384 -42.14 -17.88 60.63
N ARG H 385 -40.98 -17.70 60.02
CA ARG H 385 -39.89 -16.95 60.64
C ARG H 385 -40.35 -15.50 60.76
N LEU H 386 -41.00 -14.99 59.71
CA LEU H 386 -41.51 -13.63 59.69
C LEU H 386 -42.67 -13.51 60.68
N ASN H 387 -43.48 -14.56 60.77
CA ASN H 387 -44.63 -14.58 61.67
C ASN H 387 -44.17 -14.29 63.10
N LYS H 388 -43.09 -14.92 63.53
CA LYS H 388 -42.56 -14.70 64.87
C LYS H 388 -42.12 -13.25 65.05
N ALA H 389 -41.27 -12.79 64.14
CA ALA H 389 -40.75 -11.43 64.19
C ALA H 389 -41.88 -10.41 64.28
N LEU H 390 -42.93 -10.63 63.49
CA LEU H 390 -44.08 -9.73 63.49
C LEU H 390 -44.81 -9.75 64.82
N LYS H 391 -45.01 -10.94 65.39
CA LYS H 391 -45.69 -11.07 66.67
C LYS H 391 -44.91 -10.38 67.78
N ASP H 392 -43.58 -10.48 67.72
CA ASP H 392 -42.71 -9.86 68.72
C ASP H 392 -42.72 -8.34 68.57
N LEU H 393 -42.71 -7.88 67.32
CA LEU H 393 -42.71 -6.45 67.04
C LEU H 393 -43.89 -5.74 67.70
N LYS H 394 -44.99 -6.47 67.89
CA LYS H 394 -46.19 -5.92 68.51
C LYS H 394 -46.36 -4.43 68.21
N1 PLP I . 25.29 38.03 -70.98
C2 PLP I . 25.27 37.74 -72.36
C2A PLP I . 25.56 36.29 -72.71
C3 PLP I . 24.89 38.83 -73.25
O3 PLP I . 25.02 38.52 -74.55
C4 PLP I . 24.52 40.09 -72.71
C4A PLP I . 24.04 41.18 -73.56
C5 PLP I . 24.54 40.24 -71.22
C6 PLP I . 24.94 39.23 -70.41
C5A PLP I . 23.78 41.46 -70.68
O4P PLP I . 24.37 42.39 -69.86
P PLP I . 23.31 43.51 -69.34
O1P PLP I . 24.19 44.55 -68.82
O2P PLP I . 22.46 42.88 -68.24
O3P PLP I . 22.47 43.99 -70.45
N1 PLP J . 27.04 61.18 -49.61
C2 PLP J . 26.37 61.86 -48.59
C2A PLP J . 27.27 62.56 -47.59
C3 PLP J . 24.90 61.87 -48.66
O3 PLP J . 24.32 62.48 -47.60
C4 PLP J . 24.25 61.25 -49.75
C4A PLP J . 22.79 61.28 -49.83
C5 PLP J . 25.09 60.59 -50.79
C6 PLP J . 26.46 60.57 -50.68
C5A PLP J . 24.40 60.09 -52.06
O4P PLP J . 24.73 58.77 -52.39
P PLP J . 24.11 58.13 -53.72
O1P PLP J . 24.81 56.82 -53.76
O2P PLP J . 24.47 59.06 -54.88
O3P PLP J . 22.66 58.10 -53.57
N1 PLP K . 15.92 -83.52 -34.48
C2 PLP K . 16.70 -84.57 -34.99
C2A PLP K . 15.93 -85.83 -35.31
C3 PLP K . 18.12 -84.28 -35.21
O3 PLP K . 18.81 -85.36 -35.62
C4 PLP K . 18.63 -83.00 -34.95
C4A PLP K . 20.01 -82.64 -35.27
C5 PLP K . 17.68 -81.97 -34.43
C6 PLP K . 16.36 -82.26 -34.20
C5A PLP K . 18.19 -80.52 -34.37
O4P PLP K . 18.02 -79.83 -33.19
P PLP K . 18.43 -78.25 -33.19
O1P PLP K . 17.99 -77.88 -31.80
O2P PLP K . 17.57 -77.60 -34.26
O3P PLP K . 19.85 -78.15 -33.54
N1 PLP L . 16.03 -57.11 -18.16
C2 PLP L . 15.75 -55.71 -18.20
C2A PLP L . 15.48 -55.07 -16.86
C3 PLP L . 15.85 -55.07 -19.51
O3 PLP L . 15.51 -53.77 -19.49
C4 PLP L . 16.25 -55.81 -20.62
C4A PLP L . 16.34 -55.15 -21.93
C5 PLP L . 16.58 -57.26 -20.45
C6 PLP L . 16.42 -57.88 -19.22
C5A PLP L . 17.39 -57.91 -21.56
O4P PLP L . 16.85 -58.86 -22.36
P PLP L . 17.87 -59.53 -23.43
O1P PLP L . 16.87 -59.80 -24.47
O2P PLP L . 18.44 -60.75 -22.74
O3P PLP L . 18.89 -58.62 -23.99
N1 PLP M . -5.90 25.28 56.93
C2 PLP M . -4.87 24.47 57.44
C2A PLP M . -3.69 24.30 56.50
C3 PLP M . -5.02 24.01 58.83
O3 PLP M . -4.05 23.16 59.19
C4 PLP M . -6.13 24.41 59.57
C4A PLP M . -6.27 24.02 60.99
C5 PLP M . -7.15 25.30 58.94
C6 PLP M . -7.02 25.70 57.62
C5A PLP M . -8.21 25.93 59.87
O4P PLP M . -9.55 25.81 59.57
P PLP M . -10.57 26.59 60.57
O1P PLP M . -11.86 26.13 60.00
O2P PLP M . -10.35 28.09 60.37
O3P PLP M . -10.27 26.19 61.94
N1 PLP N . -36.59 33.03 60.68
C2 PLP N . -37.49 34.00 61.13
C2A PLP N . -38.93 33.79 60.67
C3 PLP N . -36.96 35.02 62.03
O3 PLP N . -37.86 35.98 62.33
C4 PLP N . -35.61 34.97 62.46
C4A PLP N . -35.09 35.98 63.39
C5 PLP N . -34.76 33.86 61.93
C6 PLP N . -35.26 32.94 61.04
C5A PLP N . -33.38 33.65 62.59
O4P PLP N . -32.32 33.45 61.69
P PLP N . -30.85 33.23 62.30
O1P PLP N . -30.05 33.04 61.07
O2P PLP N . -30.99 32.01 63.21
O3P PLP N . -30.50 34.41 63.11
N1 PLP O . -5.95 -10.36 22.18
C2 PLP O . -5.10 -10.96 21.25
C2A PLP O . -3.76 -10.28 21.07
C3 PLP O . -5.59 -12.19 20.62
O3 PLP O . -4.73 -12.67 19.71
C4 PLP O . -6.86 -12.73 20.99
C4A PLP O . -7.29 -14.01 20.41
C5 PLP O . -7.65 -11.99 22.01
C6 PLP O . -7.18 -10.82 22.56
C5A PLP O . -8.92 -12.66 22.57
O4P PLP O . -10.02 -11.83 22.66
P PLP O . -11.34 -12.39 23.40
O1P PLP O . -12.27 -11.23 23.36
O2P PLP O . -10.88 -12.77 24.81
O3P PLP O . -11.78 -13.59 22.66
N1 PLP P . -35.59 -7.17 32.62
C2 PLP P . -36.43 -7.37 33.73
C2A PLP P . -37.68 -6.52 33.73
C3 PLP P . -36.05 -8.44 34.65
O3 PLP P . -36.86 -8.54 35.71
C4 PLP P . -34.93 -9.25 34.38
C4A PLP P . -34.59 -10.32 35.32
C5 PLP P . -34.14 -8.98 33.15
C6 PLP P . -34.47 -7.93 32.31
C5A PLP P . -33.18 -10.10 32.68
O4P PLP P . -31.88 -9.75 32.39
P PLP P . -30.92 -10.93 31.84
O1P PLP P . -29.66 -10.24 31.56
O2P PLP P . -31.53 -11.44 30.55
O3P PLP P . -30.89 -11.97 32.88
#